data_9B40
#
_entry.id   9B40
#
loop_
_entity.id
_entity.type
_entity.pdbx_description
1 polymer 'gp26 Major capsid'
2 polymer 'gp25 Decorating protein'
3 polymer 'gp24 Scaffolding protein'
#
loop_
_entity_poly.entity_id
_entity_poly.type
_entity_poly.pdbx_seq_one_letter_code
_entity_poly.pdbx_strand_id
1 'polypeptide(L)'
;MSQISKTHSRLAGRNAKPFDLKNITNDAVASLSRIGLVFDHAVVQDQIKALAKAGAFRSGSAMDSNFTAPVTTPSIPTPI
QFLQTWLPGFVKVMTAARKIDEIIGIDTVGSWEDQEIVQGIVEPAGTAVEYGDHTNIPLTSWNANFERRTIVRGELGMMV
GTLEEGRASAIRLNSAETKRQQAAIGLEIFRNAIGFYGWQSGLGNRTYGFLNDPNLPAFQTPPSQGWSTADWAGIIGDIR
EAVRQLRIQSQDQIDPKAEKITLALATSKVDYLSVTTPYGISVSDWIEQTYPKMRIVSAPELSGVQMKAQEPEDALVLFV
EDVNAAVDGSTDGGSVFSQLVQSKFITLGVEKRAKSYVEDFSNGTAGALCKRPWAVVRYLGI
;
A,B,C,D,E,N,O,P,Q,R,S
2 'polypeptide(L)'
;MFQKQVYRQYTPGFPGDLIEDGPKRARPGRIMSLSAVNPAATATGPNRISRAFGYAGDVSALGEGQPKTIAARASEVVIG
GANFFGVLGHPKHYALFGSAGDSLAPSYDLPDGAEGEFFDMATGLVVEIFNGAATALDLDYGDLVAYVPNNLPTADNALG
LPAGALVGFKAGSMPTGLVQIPNARIVNAISLPAQSAGNLVAGVTIVQLTQ
;
K,L,M
3 'polypeptide(L)'
;MAKSKRKIDENGYMTIEGCPISSYGVFQYSAGQLGLPGDPMRIVNVYRPESAVSDPEYIESLKNLPLIDEHEMLSGFDDD
DDSVAPEDKGVEGIITSNAYYEAPWARGDIRIYSRNMQNQLERGKEDLSLGYSCRYTEQPGIWNGTPYEVVQDKMRGNHI
ALVKEGRVPGARVLDGLCFDHLSFDFRPSDEGNEMSLKKAKQKPPVQRVGQAADSAVEELRALWPKLSASVQKFLGEEAQ
EPEHQEGAAAPAEPTDSEHMTEHPTLEGAQKDNEEHEEAPSVVDPAVAAAESERQESAASEMSGEGEVAELISQVKAILA
RLEGTAAEGADEEHGEGKDVVEGLEEQSSLSGSQTASDDGGEGKDNSEELPEMAQKNAQDAAIRGLYRDIAAKDRLYKRL
SSVVGAFDHRAMDSAEVAVYGVKKLNINCAKGQEALALDMYLKGVEASRGAASRQSKAQDSAGSAPQCAELDSYLKGE
;
G,F,H,I,J
#
# COMPACT_ATOMS: atom_id res chain seq x y z
N ASN A 66 -85.95 -56.59 -37.58
CA ASN A 66 -85.84 -57.76 -36.73
C ASN A 66 -84.82 -57.54 -35.61
N PHE A 67 -83.66 -57.01 -35.98
CA PHE A 67 -82.61 -56.74 -34.99
C PHE A 67 -83.04 -55.62 -34.06
N THR A 68 -82.75 -55.80 -32.78
CA THR A 68 -83.06 -54.77 -31.78
C THR A 68 -82.18 -53.55 -32.03
N ALA A 69 -82.81 -52.37 -31.94
CA ALA A 69 -82.07 -51.12 -32.15
C ALA A 69 -81.05 -50.93 -31.03
N PRO A 70 -79.79 -50.67 -31.35
CA PRO A 70 -78.78 -50.51 -30.30
C PRO A 70 -79.01 -49.24 -29.50
N VAL A 71 -78.64 -49.32 -28.21
CA VAL A 71 -78.72 -48.14 -27.35
C VAL A 71 -77.66 -47.12 -27.75
N THR A 72 -76.44 -47.58 -27.99
CA THR A 72 -75.34 -46.72 -28.38
C THR A 72 -75.21 -46.69 -29.90
N THR A 73 -74.71 -45.56 -30.39
CA THR A 73 -74.45 -45.44 -31.83
C THR A 73 -73.26 -46.32 -32.20
N PRO A 74 -73.41 -47.22 -33.17
CA PRO A 74 -72.28 -48.10 -33.52
C PRO A 74 -71.12 -47.32 -34.11
N SER A 75 -69.92 -47.67 -33.68
CA SER A 75 -68.72 -46.95 -34.08
C SER A 75 -67.50 -47.83 -33.82
N ILE A 76 -66.37 -47.41 -34.37
CA ILE A 76 -65.09 -48.07 -34.08
C ILE A 76 -64.72 -47.80 -32.62
N PRO A 77 -64.47 -48.85 -31.82
CA PRO A 77 -64.37 -48.66 -30.36
C PRO A 77 -63.21 -47.82 -29.87
N THR A 78 -61.98 -48.16 -30.25
CA THR A 78 -60.82 -47.51 -29.66
C THR A 78 -60.56 -46.18 -30.34
N PRO A 79 -60.46 -45.08 -29.59
CA PRO A 79 -60.04 -43.82 -30.18
C PRO A 79 -58.58 -43.83 -30.57
N ILE A 80 -58.22 -42.97 -31.52
CA ILE A 80 -56.83 -42.85 -31.96
C ILE A 80 -55.99 -42.16 -30.89
N GLN A 81 -56.63 -41.54 -29.89
CA GLN A 81 -55.92 -40.98 -28.74
C GLN A 81 -55.09 -42.04 -28.03
N PHE A 82 -55.69 -43.18 -27.73
CA PHE A 82 -54.93 -44.34 -27.27
C PHE A 82 -54.35 -45.05 -28.48
N LEU A 83 -53.61 -46.14 -28.25
CA LEU A 83 -52.92 -46.87 -29.36
C LEU A 83 -52.11 -45.88 -30.21
N GLN A 84 -51.56 -44.84 -29.59
CA GLN A 84 -50.74 -43.85 -30.29
C GLN A 84 -49.51 -43.60 -29.42
N THR A 85 -48.35 -44.07 -29.87
CA THR A 85 -47.13 -43.99 -29.10
C THR A 85 -46.33 -42.76 -29.52
N TRP A 86 -45.77 -42.07 -28.54
CA TRP A 86 -45.05 -40.82 -28.77
C TRP A 86 -43.56 -41.07 -28.54
N LEU A 87 -42.75 -40.70 -29.51
CA LEU A 87 -41.31 -40.93 -29.42
C LEU A 87 -40.73 -40.07 -28.30
N PRO A 88 -39.84 -40.63 -27.48
CA PRO A 88 -39.22 -39.83 -26.41
C PRO A 88 -38.31 -38.76 -26.98
N GLY A 89 -38.29 -37.62 -26.30
CA GLY A 89 -37.49 -36.50 -26.73
C GLY A 89 -38.18 -35.66 -27.79
N PHE A 90 -37.72 -34.42 -27.91
CA PHE A 90 -38.26 -33.46 -28.86
C PHE A 90 -37.13 -32.96 -29.75
N VAL A 91 -37.37 -32.93 -31.06
CA VAL A 91 -36.43 -32.31 -31.99
C VAL A 91 -36.45 -30.81 -31.79
N LYS A 92 -35.27 -30.19 -31.74
CA LYS A 92 -35.17 -28.76 -31.50
C LYS A 92 -34.59 -28.05 -32.72
N VAL A 93 -35.08 -26.84 -32.97
CA VAL A 93 -34.64 -26.07 -34.12
C VAL A 93 -33.16 -25.67 -33.97
N MET A 94 -32.42 -25.75 -35.07
CA MET A 94 -31.01 -25.43 -35.10
C MET A 94 -30.79 -24.01 -35.63
N THR A 95 -29.82 -23.32 -35.02
CA THR A 95 -29.55 -21.92 -35.42
C THR A 95 -28.09 -21.78 -35.86
N ALA A 96 -27.83 -21.97 -37.16
CA ALA A 96 -26.45 -21.83 -37.71
C ALA A 96 -25.45 -22.61 -36.86
N ALA A 97 -24.22 -22.10 -36.74
CA ALA A 97 -23.17 -22.81 -35.98
C ALA A 97 -22.32 -21.79 -35.20
N ARG A 98 -21.83 -22.18 -34.02
CA ARG A 98 -21.02 -21.28 -33.21
C ARG A 98 -19.62 -21.90 -33.12
N LYS A 99 -18.69 -21.38 -33.92
CA LYS A 99 -17.39 -21.99 -34.09
C LYS A 99 -16.24 -21.15 -33.55
N ILE A 100 -16.51 -20.01 -32.91
CA ILE A 100 -15.43 -19.23 -32.32
C ILE A 100 -14.84 -19.95 -31.12
N ASP A 101 -15.60 -20.88 -30.52
CA ASP A 101 -15.10 -21.67 -29.41
C ASP A 101 -14.00 -22.63 -29.82
N GLU A 102 -13.94 -23.01 -31.10
CA GLU A 102 -12.94 -23.95 -31.59
C GLU A 102 -11.85 -23.31 -32.44
N ILE A 103 -12.11 -22.14 -33.04
CA ILE A 103 -11.09 -21.48 -33.83
C ILE A 103 -9.99 -20.94 -32.91
N ILE A 104 -10.38 -20.24 -31.86
CA ILE A 104 -9.43 -19.57 -30.98
C ILE A 104 -9.49 -20.06 -29.55
N GLY A 105 -10.52 -20.81 -29.17
CA GLY A 105 -10.65 -21.29 -27.81
C GLY A 105 -11.17 -20.21 -26.88
N ILE A 106 -11.31 -20.59 -25.60
CA ILE A 106 -11.72 -19.66 -24.56
C ILE A 106 -10.83 -19.86 -23.34
N ASP A 107 -10.81 -18.84 -22.49
CA ASP A 107 -10.14 -18.88 -21.20
C ASP A 107 -10.97 -18.10 -20.20
N THR A 108 -11.51 -18.79 -19.21
CA THR A 108 -12.37 -18.15 -18.22
C THR A 108 -11.49 -17.24 -17.37
N VAL A 109 -11.63 -15.93 -17.59
CA VAL A 109 -10.84 -14.91 -16.91
C VAL A 109 -11.75 -13.77 -16.51
N GLY A 110 -11.45 -13.14 -15.40
CA GLY A 110 -12.20 -12.01 -14.92
C GLY A 110 -13.44 -12.41 -14.15
N SER A 111 -14.06 -11.40 -13.54
CA SER A 111 -15.30 -11.58 -12.80
C SER A 111 -16.46 -10.98 -13.58
N TRP A 112 -17.66 -11.45 -13.25
CA TRP A 112 -18.87 -10.96 -13.93
C TRP A 112 -19.08 -9.47 -13.65
N GLU A 113 -18.84 -9.04 -12.43
CA GLU A 113 -19.05 -7.64 -12.03
C GLU A 113 -17.82 -6.79 -12.27
N ASP A 114 -17.25 -6.89 -13.48
CA ASP A 114 -16.10 -6.12 -13.89
C ASP A 114 -16.46 -5.29 -15.12
N GLN A 115 -15.57 -4.38 -15.48
CA GLN A 115 -15.75 -3.57 -16.67
C GLN A 115 -14.69 -3.83 -17.72
N GLU A 116 -13.43 -4.04 -17.34
CA GLU A 116 -12.34 -4.14 -18.30
C GLU A 116 -11.41 -5.29 -17.94
N ILE A 117 -10.71 -5.77 -18.96
CA ILE A 117 -9.64 -6.75 -18.82
C ILE A 117 -8.38 -6.18 -19.47
N VAL A 118 -7.26 -6.28 -18.76
CA VAL A 118 -5.99 -5.71 -19.19
C VAL A 118 -5.00 -6.83 -19.45
N GLN A 119 -4.30 -6.75 -20.58
CA GLN A 119 -3.25 -7.68 -20.95
C GLN A 119 -1.95 -6.92 -21.11
N GLY A 120 -0.87 -7.45 -20.53
CA GLY A 120 0.42 -6.78 -20.54
C GLY A 120 1.37 -7.41 -21.54
N ILE A 121 2.09 -6.56 -22.27
CA ILE A 121 3.12 -6.95 -23.22
C ILE A 121 4.44 -6.36 -22.74
N VAL A 122 5.40 -7.21 -22.42
CA VAL A 122 6.69 -6.80 -21.89
C VAL A 122 7.74 -7.06 -22.96
N GLU A 123 8.35 -5.99 -23.46
CA GLU A 123 9.47 -6.13 -24.38
C GLU A 123 10.77 -6.09 -23.60
N PRO A 124 11.57 -7.15 -23.61
CA PRO A 124 12.88 -7.10 -22.96
C PRO A 124 13.94 -6.58 -23.92
N ALA A 125 15.13 -6.34 -23.37
CA ALA A 125 16.20 -5.74 -24.13
C ALA A 125 17.54 -6.14 -23.53
N GLY A 126 18.53 -6.31 -24.40
CA GLY A 126 19.87 -6.64 -23.98
C GLY A 126 20.66 -7.37 -25.04
N THR A 127 21.92 -6.98 -25.21
CA THR A 127 22.83 -7.63 -26.14
C THR A 127 24.08 -8.03 -25.37
N ALA A 128 24.58 -9.23 -25.65
CA ALA A 128 25.78 -9.71 -24.97
C ALA A 128 27.00 -8.96 -25.47
N VAL A 129 28.11 -9.11 -24.73
CA VAL A 129 29.42 -8.68 -25.16
C VAL A 129 30.39 -9.80 -24.87
N GLU A 130 31.57 -9.71 -25.47
CA GLU A 130 32.65 -10.64 -25.15
C GLU A 130 33.05 -10.48 -23.69
N TYR A 131 33.35 -11.59 -23.03
CA TYR A 131 33.69 -11.54 -21.62
C TYR A 131 35.05 -10.90 -21.38
N GLY A 132 35.15 -10.15 -20.30
CA GLY A 132 36.42 -9.64 -19.81
C GLY A 132 36.39 -9.49 -18.31
N ASP A 133 37.51 -9.75 -17.64
CA ASP A 133 37.55 -9.64 -16.19
C ASP A 133 37.35 -8.20 -15.73
N HIS A 134 37.98 -7.26 -16.42
CA HIS A 134 37.93 -5.86 -16.05
C HIS A 134 37.02 -5.03 -16.94
N THR A 135 36.36 -5.65 -17.92
CA THR A 135 35.45 -4.94 -18.78
C THR A 135 34.15 -4.63 -18.05
N ASN A 136 33.53 -3.50 -18.41
CA ASN A 136 32.27 -3.11 -17.80
C ASN A 136 31.14 -4.07 -18.17
N ILE A 137 30.27 -4.34 -17.20
CA ILE A 137 29.23 -5.35 -17.34
C ILE A 137 28.06 -4.81 -18.15
N PRO A 138 27.70 -5.44 -19.27
CA PRO A 138 26.47 -5.06 -19.97
C PRO A 138 25.26 -5.44 -19.13
N LEU A 139 24.18 -4.65 -19.28
CA LEU A 139 22.99 -4.86 -18.46
C LEU A 139 21.76 -4.97 -19.35
N THR A 140 20.89 -5.92 -19.00
CA THR A 140 19.60 -6.09 -19.67
C THR A 140 18.55 -5.21 -19.01
N SER A 141 17.39 -5.11 -19.67
CA SER A 141 16.29 -4.31 -19.14
C SER A 141 15.00 -4.76 -19.82
N TRP A 142 13.94 -4.00 -19.60
CA TRP A 142 12.62 -4.31 -20.16
C TRP A 142 11.74 -3.07 -20.10
N ASN A 143 10.65 -3.11 -20.85
CA ASN A 143 9.59 -2.11 -20.73
C ASN A 143 8.24 -2.81 -20.94
N ALA A 144 7.18 -2.17 -20.49
CA ALA A 144 5.86 -2.81 -20.50
C ALA A 144 4.80 -1.87 -21.07
N ASN A 145 3.91 -2.43 -21.88
CA ASN A 145 2.73 -1.76 -22.39
C ASN A 145 1.51 -2.58 -22.00
N PHE A 146 0.34 -1.93 -22.02
CA PHE A 146 -0.87 -2.60 -21.56
C PHE A 146 -2.01 -2.31 -22.52
N GLU A 147 -2.88 -3.30 -22.70
CA GLU A 147 -4.04 -3.19 -23.58
C GLU A 147 -5.29 -3.51 -22.78
N ARG A 148 -6.29 -2.64 -22.88
CA ARG A 148 -7.53 -2.76 -22.14
C ARG A 148 -8.68 -3.06 -23.09
N ARG A 149 -9.57 -3.95 -22.67
CA ARG A 149 -10.76 -4.31 -23.43
C ARG A 149 -11.95 -4.37 -22.49
N THR A 150 -13.03 -3.68 -22.83
CA THR A 150 -14.17 -3.63 -21.93
C THR A 150 -14.93 -4.95 -21.95
N ILE A 151 -15.93 -5.05 -21.09
CA ILE A 151 -16.67 -6.29 -20.86
C ILE A 151 -18.14 -6.04 -21.16
N VAL A 152 -18.75 -6.94 -21.92
CA VAL A 152 -20.16 -6.87 -22.29
C VAL A 152 -20.90 -7.96 -21.54
N ARG A 153 -21.98 -7.58 -20.85
CA ARG A 153 -22.81 -8.50 -20.10
C ARG A 153 -24.14 -8.68 -20.82
N GLY A 154 -24.44 -9.91 -21.21
CA GLY A 154 -25.72 -10.24 -21.79
C GLY A 154 -26.64 -10.86 -20.75
N GLU A 155 -27.93 -10.64 -20.93
CA GLU A 155 -28.94 -11.05 -19.97
C GLU A 155 -30.10 -11.76 -20.67
N LEU A 156 -30.63 -12.80 -20.04
CA LEU A 156 -31.76 -13.52 -20.60
C LEU A 156 -32.51 -14.23 -19.48
N GLY A 157 -33.84 -14.28 -19.58
CA GLY A 157 -34.66 -14.80 -18.50
C GLY A 157 -35.81 -15.65 -19.01
N MET A 158 -36.63 -16.08 -18.06
CA MET A 158 -37.78 -16.92 -18.37
C MET A 158 -38.83 -16.76 -17.28
N MET A 159 -40.09 -16.70 -17.68
CA MET A 159 -41.23 -16.63 -16.76
C MET A 159 -42.14 -17.82 -17.01
N VAL A 160 -42.42 -18.58 -15.97
CA VAL A 160 -43.21 -19.82 -16.09
C VAL A 160 -44.38 -19.75 -15.10
N GLY A 161 -45.58 -20.09 -15.58
CA GLY A 161 -46.76 -20.15 -14.75
C GLY A 161 -47.11 -21.57 -14.34
N THR A 162 -48.00 -21.67 -13.34
CA THR A 162 -48.38 -22.97 -12.79
C THR A 162 -49.18 -23.79 -13.79
N LEU A 163 -50.20 -23.19 -14.39
CA LEU A 163 -51.01 -23.90 -15.38
C LEU A 163 -50.17 -24.26 -16.60
N GLU A 164 -49.28 -23.36 -17.01
CA GLU A 164 -48.35 -23.66 -18.10
C GLU A 164 -47.44 -24.83 -17.74
N GLU A 165 -46.94 -24.84 -16.50
CA GLU A 165 -46.11 -25.97 -16.04
C GLU A 165 -46.86 -27.29 -16.13
N GLY A 166 -48.07 -27.34 -15.59
CA GLY A 166 -48.83 -28.59 -15.63
C GLY A 166 -49.18 -29.02 -17.04
N ARG A 167 -49.66 -28.08 -17.86
CA ARG A 167 -50.08 -28.40 -19.21
C ARG A 167 -48.90 -28.88 -20.07
N ALA A 168 -47.73 -28.26 -19.90
CA ALA A 168 -46.58 -28.70 -20.67
C ALA A 168 -45.99 -30.00 -20.13
N SER A 169 -46.00 -30.19 -18.81
CA SER A 169 -45.55 -31.46 -18.26
C SER A 169 -46.47 -32.61 -18.63
N ALA A 170 -47.71 -32.31 -19.02
CA ALA A 170 -48.60 -33.35 -19.52
C ALA A 170 -48.08 -33.97 -20.82
N ILE A 171 -47.32 -33.22 -21.63
CA ILE A 171 -46.79 -33.76 -22.87
C ILE A 171 -45.30 -34.03 -22.73
N ARG A 172 -44.86 -34.29 -21.49
CA ARG A 172 -43.51 -34.76 -21.17
C ARG A 172 -42.46 -33.72 -21.50
N LEU A 173 -42.83 -32.45 -21.48
CA LEU A 173 -41.92 -31.34 -21.68
C LEU A 173 -41.88 -30.51 -20.41
N ASN A 174 -40.67 -30.13 -19.99
CA ASN A 174 -40.50 -29.49 -18.68
C ASN A 174 -41.15 -28.10 -18.64
N SER A 175 -40.97 -27.31 -19.69
CA SER A 175 -41.34 -25.90 -19.84
C SER A 175 -40.53 -24.99 -18.93
N ALA A 176 -39.65 -25.52 -18.09
CA ALA A 176 -38.73 -24.74 -17.30
C ALA A 176 -37.28 -25.09 -17.57
N GLU A 177 -37.00 -26.37 -17.82
CA GLU A 177 -35.66 -26.76 -18.23
C GLU A 177 -35.39 -26.37 -19.68
N THR A 178 -36.40 -26.49 -20.55
CA THR A 178 -36.21 -26.09 -21.94
C THR A 178 -36.05 -24.56 -22.05
N LYS A 179 -36.78 -23.81 -21.22
CA LYS A 179 -36.57 -22.36 -21.18
C LYS A 179 -35.20 -22.03 -20.63
N ARG A 180 -34.72 -22.78 -19.64
CA ARG A 180 -33.39 -22.56 -19.09
C ARG A 180 -32.32 -22.79 -20.15
N GLN A 181 -32.41 -23.91 -20.87
CA GLN A 181 -31.39 -24.19 -21.88
C GLN A 181 -31.54 -23.29 -23.10
N GLN A 182 -32.75 -22.78 -23.37
CA GLN A 182 -32.91 -21.79 -24.42
C GLN A 182 -32.25 -20.46 -24.02
N ALA A 183 -32.36 -20.09 -22.74
CA ALA A 183 -31.64 -18.92 -22.25
C ALA A 183 -30.14 -19.13 -22.38
N ALA A 184 -29.65 -20.32 -22.04
CA ALA A 184 -28.24 -20.63 -22.20
C ALA A 184 -27.80 -20.54 -23.65
N ILE A 185 -28.60 -21.08 -24.57
CA ILE A 185 -28.25 -21.06 -25.99
C ILE A 185 -28.30 -19.65 -26.55
N GLY A 186 -29.26 -18.83 -26.10
CA GLY A 186 -29.30 -17.44 -26.52
C GLY A 186 -28.09 -16.66 -26.05
N LEU A 187 -27.68 -16.87 -24.79
CA LEU A 187 -26.46 -16.23 -24.30
C LEU A 187 -25.24 -16.75 -25.05
N GLU A 188 -25.25 -18.02 -25.46
CA GLU A 188 -24.14 -18.54 -26.26
C GLU A 188 -24.08 -17.90 -27.64
N ILE A 189 -25.24 -17.66 -28.25
CA ILE A 189 -25.29 -16.96 -29.54
C ILE A 189 -24.76 -15.54 -29.37
N PHE A 190 -25.16 -14.87 -28.29
CA PHE A 190 -24.63 -13.53 -27.99
C PHE A 190 -23.11 -13.56 -27.83
N ARG A 191 -22.61 -14.56 -27.09
CA ARG A 191 -21.16 -14.68 -26.86
C ARG A 191 -20.40 -14.94 -28.15
N ASN A 192 -20.92 -15.82 -29.00
CA ASN A 192 -20.26 -16.13 -30.27
C ASN A 192 -20.26 -14.92 -31.19
N ALA A 193 -21.37 -14.19 -31.25
CA ALA A 193 -21.41 -12.97 -32.06
C ALA A 193 -20.44 -11.93 -31.54
N ILE A 194 -20.33 -11.80 -30.21
CA ILE A 194 -19.37 -10.86 -29.63
C ILE A 194 -17.94 -11.27 -29.98
N GLY A 195 -17.65 -12.56 -29.85
CA GLY A 195 -16.31 -13.05 -30.14
C GLY A 195 -15.94 -13.00 -31.60
N PHE A 196 -16.92 -12.97 -32.50
CA PHE A 196 -16.60 -12.89 -33.92
C PHE A 196 -16.56 -11.46 -34.43
N TYR A 197 -17.56 -10.64 -34.10
CA TYR A 197 -17.65 -9.30 -34.64
C TYR A 197 -17.34 -8.19 -33.64
N GLY A 198 -17.33 -8.48 -32.35
CA GLY A 198 -17.26 -7.45 -31.34
C GLY A 198 -18.60 -6.80 -31.11
N TRP A 199 -18.70 -6.05 -30.02
CA TRP A 199 -19.94 -5.40 -29.62
C TRP A 199 -19.79 -3.90 -29.72
N GLN A 200 -20.45 -3.29 -30.70
CA GLN A 200 -20.57 -1.84 -30.85
C GLN A 200 -19.21 -1.16 -30.90
N SER A 201 -18.25 -1.81 -31.58
CA SER A 201 -16.92 -1.22 -31.72
C SER A 201 -16.93 0.05 -32.56
N GLY A 202 -17.91 0.17 -33.48
CA GLY A 202 -18.03 1.39 -34.25
C GLY A 202 -18.39 2.59 -33.40
N LEU A 203 -19.20 2.37 -32.36
CA LEU A 203 -19.60 3.46 -31.47
C LEU A 203 -18.54 3.76 -30.41
N GLY A 204 -17.48 2.95 -30.33
CA GLY A 204 -16.42 3.20 -29.37
C GLY A 204 -16.57 2.44 -28.08
N ASN A 205 -16.94 1.16 -28.18
CA ASN A 205 -17.15 0.33 -27.00
C ASN A 205 -15.89 -0.40 -26.55
N ARG A 206 -14.87 -0.47 -27.42
CA ARG A 206 -13.59 -1.15 -27.13
C ARG A 206 -13.81 -2.63 -26.82
N THR A 207 -14.70 -3.27 -27.56
CA THR A 207 -14.89 -4.72 -27.55
C THR A 207 -14.79 -5.17 -29.00
N TYR A 208 -13.61 -5.63 -29.38
CA TYR A 208 -13.35 -6.09 -30.74
C TYR A 208 -13.32 -7.61 -30.78
N GLY A 209 -13.80 -8.16 -31.90
CA GLY A 209 -13.88 -9.59 -32.08
C GLY A 209 -12.72 -10.13 -32.88
N PHE A 210 -12.91 -11.35 -33.40
CA PHE A 210 -11.89 -12.01 -34.20
C PHE A 210 -11.65 -11.30 -35.54
N LEU A 211 -12.59 -10.47 -35.98
CA LEU A 211 -12.54 -9.89 -37.32
C LEU A 211 -12.24 -8.40 -37.35
N ASN A 212 -12.47 -7.67 -36.27
CA ASN A 212 -12.31 -6.22 -36.26
C ASN A 212 -11.35 -5.76 -35.16
N ASP A 213 -10.39 -6.61 -34.80
CA ASP A 213 -9.40 -6.24 -33.79
C ASP A 213 -8.52 -5.12 -34.33
N PRO A 214 -8.22 -4.09 -33.52
CA PRO A 214 -7.39 -2.98 -34.01
C PRO A 214 -5.93 -3.38 -34.18
N ASN A 215 -5.45 -4.29 -33.34
CA ASN A 215 -4.09 -4.80 -33.44
C ASN A 215 -4.04 -6.04 -34.33
N LEU A 216 -4.50 -5.85 -35.56
CA LEU A 216 -4.37 -6.87 -36.59
C LEU A 216 -3.77 -6.22 -37.82
N PRO A 217 -3.08 -6.99 -38.66
CA PRO A 217 -2.57 -6.42 -39.91
C PRO A 217 -3.71 -6.01 -40.83
N ALA A 218 -3.43 -5.02 -41.67
CA ALA A 218 -4.44 -4.49 -42.60
C ALA A 218 -4.99 -5.59 -43.49
N PHE A 219 -6.30 -5.56 -43.69
CA PHE A 219 -6.99 -6.66 -44.36
C PHE A 219 -6.63 -6.64 -45.84
N GLN A 220 -5.80 -7.59 -46.26
CA GLN A 220 -5.22 -7.55 -47.59
C GLN A 220 -6.19 -8.09 -48.63
N THR A 221 -5.82 -7.92 -49.90
CA THR A 221 -6.54 -8.47 -51.04
C THR A 221 -5.74 -9.63 -51.63
N PRO A 222 -6.41 -10.70 -52.04
CA PRO A 222 -5.68 -11.87 -52.53
C PRO A 222 -5.05 -11.58 -53.88
N PRO A 223 -3.94 -12.24 -54.22
CA PRO A 223 -3.32 -12.04 -55.53
C PRO A 223 -4.19 -12.44 -56.70
N SER A 224 -5.08 -13.42 -56.54
CA SER A 224 -5.87 -13.95 -57.64
C SER A 224 -7.24 -13.30 -57.76
N GLN A 225 -7.49 -12.23 -57.00
CA GLN A 225 -8.81 -11.60 -56.88
C GLN A 225 -9.78 -12.66 -56.34
N GLY A 226 -11.03 -12.63 -56.78
CA GLY A 226 -12.01 -13.57 -56.26
C GLY A 226 -11.70 -15.00 -56.67
N TRP A 227 -12.01 -15.93 -55.75
CA TRP A 227 -11.82 -17.35 -56.03
C TRP A 227 -12.86 -17.89 -56.99
N SER A 228 -14.04 -17.25 -57.05
CA SER A 228 -15.11 -17.74 -57.91
C SER A 228 -14.71 -17.71 -59.37
N THR A 229 -14.07 -16.63 -59.82
CA THR A 229 -13.54 -16.57 -61.18
C THR A 229 -12.18 -17.22 -61.31
N ALA A 230 -11.50 -17.50 -60.21
CA ALA A 230 -10.16 -18.06 -60.26
C ALA A 230 -10.21 -19.56 -60.53
N ASP A 231 -9.10 -20.08 -61.04
CA ASP A 231 -8.93 -21.50 -61.29
C ASP A 231 -8.18 -22.12 -60.12
N TRP A 232 -7.73 -23.36 -60.31
CA TRP A 232 -6.97 -24.06 -59.28
C TRP A 232 -5.66 -23.36 -58.96
N ALA A 233 -4.96 -22.88 -60.00
CA ALA A 233 -3.67 -22.23 -59.82
C ALA A 233 -3.81 -20.94 -59.00
N GLY A 234 -4.91 -20.20 -59.21
CA GLY A 234 -5.11 -18.97 -58.44
C GLY A 234 -5.31 -19.24 -56.96
N ILE A 235 -6.10 -20.25 -56.63
CA ILE A 235 -6.33 -20.60 -55.23
C ILE A 235 -5.03 -21.09 -54.59
N ILE A 236 -4.27 -21.91 -55.32
CA ILE A 236 -2.97 -22.36 -54.83
C ILE A 236 -2.04 -21.18 -54.61
N GLY A 237 -2.04 -20.22 -55.53
CA GLY A 237 -1.20 -19.04 -55.37
C GLY A 237 -1.60 -18.22 -54.16
N ASP A 238 -2.91 -18.08 -53.91
CA ASP A 238 -3.37 -17.33 -52.74
C ASP A 238 -2.93 -18.00 -51.44
N ILE A 239 -3.12 -19.32 -51.35
CA ILE A 239 -2.72 -20.03 -50.13
C ILE A 239 -1.20 -19.96 -49.94
N ARG A 240 -0.46 -20.13 -51.04
CA ARG A 240 1.00 -20.05 -50.98
C ARG A 240 1.48 -18.68 -50.55
N GLU A 241 0.89 -17.61 -51.09
CA GLU A 241 1.32 -16.27 -50.72
C GLU A 241 0.96 -15.97 -49.27
N ALA A 242 -0.19 -16.43 -48.80
CA ALA A 242 -0.54 -16.26 -47.39
C ALA A 242 0.46 -16.97 -46.48
N VAL A 243 0.82 -18.21 -46.81
CA VAL A 243 1.76 -18.96 -45.98
C VAL A 243 3.14 -18.31 -46.03
N ARG A 244 3.58 -17.86 -47.20
CA ARG A 244 4.87 -17.20 -47.33
C ARG A 244 4.92 -15.91 -46.54
N GLN A 245 3.84 -15.12 -46.60
CA GLN A 245 3.79 -13.88 -45.83
C GLN A 245 3.82 -14.17 -44.33
N LEU A 246 3.10 -15.20 -43.90
CA LEU A 246 3.12 -15.58 -42.48
C LEU A 246 4.51 -15.99 -42.05
N ARG A 247 5.22 -16.77 -42.87
CA ARG A 247 6.56 -17.21 -42.51
C ARG A 247 7.54 -16.04 -42.50
N ILE A 248 7.41 -15.11 -43.43
CA ILE A 248 8.29 -13.94 -43.46
C ILE A 248 8.04 -13.03 -42.26
N GLN A 249 6.77 -12.79 -41.93
CA GLN A 249 6.45 -12.00 -40.74
C GLN A 249 6.95 -12.67 -39.48
N SER A 250 6.76 -13.99 -39.38
CA SER A 250 7.07 -14.72 -38.16
C SER A 250 8.55 -15.05 -38.02
N GLN A 251 9.36 -14.80 -39.06
CA GLN A 251 10.79 -15.14 -39.08
C GLN A 251 11.01 -16.62 -38.77
N ASP A 252 10.22 -17.46 -39.43
CA ASP A 252 10.36 -18.92 -39.40
C ASP A 252 10.12 -19.49 -38.00
N GLN A 253 9.12 -18.95 -37.30
CA GLN A 253 8.62 -19.54 -36.06
C GLN A 253 7.41 -20.43 -36.32
N ILE A 254 7.37 -21.08 -37.48
CA ILE A 254 6.28 -21.98 -37.85
C ILE A 254 6.78 -23.41 -37.65
N ASP A 255 5.95 -24.24 -37.02
CA ASP A 255 6.30 -25.63 -36.76
C ASP A 255 6.42 -26.42 -38.08
N PRO A 256 7.07 -27.61 -38.05
CA PRO A 256 7.16 -28.46 -39.23
C PRO A 256 5.78 -28.78 -39.83
N LYS A 257 5.71 -28.77 -41.16
CA LYS A 257 4.47 -29.09 -41.88
C LYS A 257 3.31 -28.18 -41.52
N ALA A 258 3.61 -26.96 -41.00
CA ALA A 258 2.59 -26.01 -40.57
C ALA A 258 1.64 -26.64 -39.55
N GLU A 259 2.23 -27.15 -38.47
CA GLU A 259 1.48 -27.89 -37.47
C GLU A 259 0.42 -27.02 -36.79
N LYS A 260 0.87 -25.99 -36.07
CA LYS A 260 -0.05 -25.13 -35.32
C LYS A 260 -0.42 -23.90 -36.15
N ILE A 261 -0.94 -24.15 -37.35
CA ILE A 261 -1.39 -23.10 -38.26
C ILE A 261 -2.84 -23.40 -38.62
N THR A 262 -3.74 -22.46 -38.31
CA THR A 262 -5.14 -22.59 -38.66
C THR A 262 -5.47 -21.65 -39.80
N LEU A 263 -6.06 -22.21 -40.86
CA LEU A 263 -6.60 -21.49 -41.99
C LEU A 263 -8.11 -21.48 -41.85
N ALA A 264 -8.66 -20.34 -41.45
CA ALA A 264 -10.09 -20.16 -41.28
C ALA A 264 -10.67 -19.48 -42.51
N LEU A 265 -11.74 -20.03 -43.05
CA LEU A 265 -12.32 -19.61 -44.31
C LEU A 265 -13.74 -19.13 -44.10
N ALA A 266 -14.22 -18.34 -45.05
CA ALA A 266 -15.66 -18.16 -45.19
C ALA A 266 -16.33 -19.49 -45.48
N THR A 267 -17.50 -19.72 -44.89
CA THR A 267 -18.21 -20.98 -45.10
C THR A 267 -18.72 -21.13 -46.53
N SER A 268 -18.85 -20.04 -47.28
CA SER A 268 -19.28 -20.13 -48.67
C SER A 268 -18.13 -20.36 -49.63
N LYS A 269 -16.89 -20.33 -49.15
CA LYS A 269 -15.72 -20.53 -50.00
C LYS A 269 -14.90 -21.75 -49.64
N VAL A 270 -15.24 -22.48 -48.58
CA VAL A 270 -14.48 -23.67 -48.21
C VAL A 270 -14.65 -24.76 -49.26
N ASP A 271 -15.83 -24.82 -49.89
CA ASP A 271 -16.07 -25.79 -50.95
C ASP A 271 -15.16 -25.57 -52.14
N TYR A 272 -14.64 -24.36 -52.32
CA TYR A 272 -13.66 -24.07 -53.36
C TYR A 272 -12.33 -24.77 -53.10
N LEU A 273 -12.11 -25.30 -51.90
CA LEU A 273 -10.96 -26.19 -51.68
C LEU A 273 -11.12 -27.52 -52.40
N SER A 274 -12.31 -27.83 -52.91
CA SER A 274 -12.52 -29.00 -53.74
C SER A 274 -12.30 -28.71 -55.21
N VAL A 275 -12.04 -27.46 -55.59
CA VAL A 275 -11.82 -27.13 -56.99
C VAL A 275 -10.53 -27.77 -57.48
N THR A 276 -10.61 -28.41 -58.64
CA THR A 276 -9.51 -29.19 -59.17
C THR A 276 -8.92 -28.55 -60.42
N THR A 277 -7.65 -28.82 -60.63
CA THR A 277 -7.07 -28.69 -61.96
C THR A 277 -7.80 -29.68 -62.88
N PRO A 278 -7.89 -29.39 -64.19
CA PRO A 278 -8.59 -30.30 -65.09
C PRO A 278 -8.02 -31.71 -65.17
N TYR A 279 -6.96 -32.03 -64.42
CA TYR A 279 -6.30 -33.31 -64.49
C TYR A 279 -6.46 -34.12 -63.20
N GLY A 280 -7.23 -33.62 -62.24
CA GLY A 280 -7.62 -34.39 -61.07
C GLY A 280 -6.80 -34.20 -59.82
N ILE A 281 -6.48 -32.96 -59.47
CA ILE A 281 -5.79 -32.64 -58.21
C ILE A 281 -6.50 -31.46 -57.59
N SER A 282 -7.15 -31.68 -56.44
CA SER A 282 -7.89 -30.63 -55.78
C SER A 282 -6.97 -29.74 -54.94
N VAL A 283 -7.52 -28.61 -54.49
CA VAL A 283 -6.79 -27.72 -53.60
C VAL A 283 -6.52 -28.42 -52.27
N SER A 284 -7.47 -29.23 -51.80
CA SER A 284 -7.27 -30.00 -50.58
C SER A 284 -6.12 -30.98 -50.71
N ASP A 285 -5.99 -31.63 -51.88
CA ASP A 285 -4.86 -32.53 -52.11
C ASP A 285 -3.55 -31.76 -52.09
N TRP A 286 -3.52 -30.57 -52.69
CA TRP A 286 -2.31 -29.74 -52.66
C TRP A 286 -1.93 -29.36 -51.24
N ILE A 287 -2.92 -28.98 -50.42
CA ILE A 287 -2.65 -28.64 -49.02
C ILE A 287 -2.13 -29.86 -48.27
N GLU A 288 -2.74 -31.02 -48.51
CA GLU A 288 -2.32 -32.24 -47.83
C GLU A 288 -0.89 -32.63 -48.20
N GLN A 289 -0.53 -32.51 -49.48
CA GLN A 289 0.81 -32.86 -49.92
C GLN A 289 1.81 -31.74 -49.69
N THR A 290 1.36 -30.57 -49.26
CA THR A 290 2.24 -29.43 -49.00
C THR A 290 2.31 -29.04 -47.54
N TYR A 291 1.17 -28.81 -46.90
CA TYR A 291 1.10 -28.46 -45.48
C TYR A 291 0.19 -29.47 -44.80
N PRO A 292 0.68 -30.69 -44.57
CA PRO A 292 -0.19 -31.78 -44.12
C PRO A 292 -0.86 -31.53 -42.78
N LYS A 293 -0.22 -30.80 -41.88
CA LYS A 293 -0.73 -30.58 -40.54
C LYS A 293 -1.36 -29.21 -40.38
N MET A 294 -1.81 -28.59 -41.46
CA MET A 294 -2.45 -27.29 -41.39
C MET A 294 -3.92 -27.50 -41.02
N ARG A 295 -4.30 -27.00 -39.86
CA ARG A 295 -5.71 -27.00 -39.46
C ARG A 295 -6.52 -26.13 -40.41
N ILE A 296 -7.70 -26.59 -40.78
CA ILE A 296 -8.58 -25.89 -41.70
C ILE A 296 -9.97 -25.80 -41.10
N VAL A 297 -10.50 -24.58 -41.03
CA VAL A 297 -11.78 -24.29 -40.41
C VAL A 297 -12.59 -23.49 -41.43
N SER A 298 -13.92 -23.66 -41.39
CA SER A 298 -14.82 -22.81 -42.17
C SER A 298 -15.88 -22.26 -41.24
N ALA A 299 -15.95 -20.94 -41.12
CA ALA A 299 -16.91 -20.34 -40.22
C ALA A 299 -18.01 -19.61 -40.98
N PRO A 300 -19.26 -19.71 -40.54
CA PRO A 300 -20.32 -18.91 -41.17
C PRO A 300 -20.12 -17.41 -41.03
N GLU A 301 -19.56 -16.96 -39.90
CA GLU A 301 -19.39 -15.53 -39.67
C GLU A 301 -18.32 -14.93 -40.55
N LEU A 302 -17.41 -15.73 -41.08
CA LEU A 302 -16.34 -15.25 -41.95
C LEU A 302 -16.83 -14.97 -43.36
N SER A 303 -18.07 -15.33 -43.69
CA SER A 303 -18.65 -15.08 -45.00
C SER A 303 -19.33 -13.72 -44.99
N GLY A 304 -19.04 -12.91 -46.01
CA GLY A 304 -19.61 -11.58 -46.11
C GLY A 304 -19.17 -10.65 -45.00
N VAL A 305 -17.87 -10.60 -44.72
CA VAL A 305 -17.35 -9.74 -43.66
C VAL A 305 -17.58 -8.27 -44.01
N GLN A 306 -17.30 -7.90 -45.25
CA GLN A 306 -17.41 -6.52 -45.69
C GLN A 306 -18.26 -6.43 -46.95
N MET A 307 -18.71 -5.23 -47.24
CA MET A 307 -19.47 -4.90 -48.45
C MET A 307 -18.56 -4.06 -49.33
N LYS A 308 -18.16 -4.61 -50.48
CA LYS A 308 -17.38 -3.80 -51.43
C LYS A 308 -18.22 -2.64 -51.93
N ALA A 309 -19.24 -2.92 -52.71
CA ALA A 309 -20.30 -1.93 -52.91
C ALA A 309 -21.68 -2.52 -52.69
N GLN A 310 -21.95 -3.72 -53.22
CA GLN A 310 -23.16 -4.47 -52.93
C GLN A 310 -22.92 -5.96 -52.76
N GLU A 311 -21.68 -6.43 -52.85
CA GLU A 311 -21.41 -7.86 -52.81
C GLU A 311 -20.67 -8.22 -51.53
N PRO A 312 -21.08 -9.30 -50.86
CA PRO A 312 -20.51 -9.66 -49.56
C PRO A 312 -19.10 -10.21 -49.71
N GLU A 313 -18.12 -9.52 -49.13
CA GLU A 313 -16.73 -9.94 -49.25
C GLU A 313 -16.43 -11.08 -48.30
N ASP A 314 -16.01 -12.21 -48.85
CA ASP A 314 -15.63 -13.36 -48.05
C ASP A 314 -14.17 -13.27 -47.63
N ALA A 315 -13.83 -13.93 -46.53
CA ALA A 315 -12.56 -13.69 -45.86
C ALA A 315 -11.79 -14.98 -45.64
N LEU A 316 -10.47 -14.82 -45.54
CA LEU A 316 -9.52 -15.89 -45.24
C LEU A 316 -8.56 -15.38 -44.17
N VAL A 317 -8.39 -16.15 -43.09
CA VAL A 317 -7.49 -15.77 -42.00
C VAL A 317 -6.56 -16.95 -41.73
N LEU A 318 -5.27 -16.75 -41.93
CA LEU A 318 -4.25 -17.75 -41.67
C LEU A 318 -3.43 -17.30 -40.46
N PHE A 319 -3.49 -18.07 -39.37
CA PHE A 319 -2.84 -17.61 -38.16
C PHE A 319 -2.27 -18.78 -37.37
N VAL A 320 -1.23 -18.50 -36.60
CA VAL A 320 -0.66 -19.48 -35.68
C VAL A 320 -1.59 -19.63 -34.48
N GLU A 321 -1.90 -20.88 -34.11
CA GLU A 321 -2.75 -21.12 -32.96
C GLU A 321 -2.04 -20.74 -31.66
N ASP A 322 -0.96 -21.45 -31.34
CA ASP A 322 -0.22 -21.23 -30.12
C ASP A 322 1.27 -21.12 -30.45
N VAL A 323 1.98 -20.38 -29.62
CA VAL A 323 3.43 -20.21 -29.73
C VAL A 323 4.04 -20.70 -28.43
N ASN A 324 5.12 -21.48 -28.53
CA ASN A 324 5.74 -22.04 -27.35
C ASN A 324 6.36 -20.95 -26.48
N ALA A 325 6.44 -21.23 -25.17
CA ALA A 325 6.93 -20.26 -24.21
C ALA A 325 8.44 -20.31 -24.02
N ALA A 326 9.12 -21.27 -24.64
CA ALA A 326 10.55 -21.45 -24.38
C ALA A 326 11.39 -20.39 -25.10
N VAL A 327 11.04 -20.05 -26.33
CA VAL A 327 11.90 -19.18 -27.14
C VAL A 327 11.88 -17.74 -26.62
N ASP A 328 10.74 -17.29 -26.10
CA ASP A 328 10.60 -15.89 -25.69
C ASP A 328 10.47 -15.69 -24.19
N GLY A 329 10.15 -16.74 -23.43
CA GLY A 329 9.94 -16.58 -22.01
C GLY A 329 8.59 -16.05 -21.62
N SER A 330 7.62 -16.04 -22.54
CA SER A 330 6.29 -15.56 -22.22
C SER A 330 5.61 -16.47 -21.20
N THR A 331 4.96 -15.85 -20.21
CA THR A 331 4.22 -16.58 -19.20
C THR A 331 2.71 -16.36 -19.31
N ASP A 332 2.26 -15.82 -20.45
CA ASP A 332 0.83 -15.58 -20.64
C ASP A 332 0.05 -16.85 -20.95
N GLY A 333 0.69 -17.81 -21.61
CA GLY A 333 0.01 -19.02 -22.04
C GLY A 333 0.42 -19.43 -23.43
N GLY A 334 0.91 -18.48 -24.21
CA GLY A 334 1.44 -18.76 -25.53
C GLY A 334 0.45 -18.68 -26.67
N SER A 335 -0.84 -18.49 -26.39
CA SER A 335 -1.83 -18.40 -27.44
C SER A 335 -1.73 -17.06 -28.16
N VAL A 336 -2.08 -17.07 -29.45
CA VAL A 336 -2.11 -15.84 -30.24
C VAL A 336 -3.42 -15.11 -30.07
N PHE A 337 -4.53 -15.82 -30.17
CA PHE A 337 -5.87 -15.27 -29.98
C PHE A 337 -6.47 -15.85 -28.72
N SER A 338 -7.21 -15.03 -27.98
CA SER A 338 -7.87 -15.49 -26.76
C SER A 338 -9.24 -14.84 -26.65
N GLN A 339 -10.28 -15.66 -26.54
CA GLN A 339 -11.64 -15.14 -26.34
C GLN A 339 -11.89 -15.00 -24.85
N LEU A 340 -12.04 -13.77 -24.38
CA LEU A 340 -12.11 -13.48 -22.95
C LEU A 340 -13.56 -13.62 -22.50
N VAL A 341 -13.85 -14.70 -21.79
CA VAL A 341 -15.19 -14.98 -21.28
C VAL A 341 -15.11 -14.95 -19.76
N GLN A 342 -15.88 -14.05 -19.14
CA GLN A 342 -15.92 -14.03 -17.68
C GLN A 342 -16.69 -15.22 -17.15
N SER A 343 -17.80 -15.55 -17.79
CA SER A 343 -18.66 -16.65 -17.34
C SER A 343 -19.60 -17.02 -18.47
N LYS A 344 -19.69 -18.32 -18.75
CA LYS A 344 -20.59 -18.80 -19.80
C LYS A 344 -22.05 -18.60 -19.42
N PHE A 345 -22.41 -18.88 -18.17
CA PHE A 345 -23.81 -18.90 -17.76
C PHE A 345 -23.88 -18.84 -16.24
N ILE A 346 -24.43 -17.77 -15.70
CA ILE A 346 -24.65 -17.64 -14.25
C ILE A 346 -26.13 -17.43 -14.02
N THR A 347 -26.64 -17.98 -12.92
CA THR A 347 -28.02 -17.75 -12.50
C THR A 347 -28.06 -16.47 -11.67
N LEU A 348 -28.64 -15.41 -12.24
CA LEU A 348 -28.68 -14.14 -11.52
C LEU A 348 -29.69 -14.17 -10.39
N GLY A 349 -30.87 -14.72 -10.63
CA GLY A 349 -31.84 -14.73 -9.54
C GLY A 349 -33.12 -15.45 -9.90
N VAL A 350 -33.89 -15.74 -8.85
CA VAL A 350 -35.23 -16.31 -8.96
C VAL A 350 -36.17 -15.43 -8.15
N GLU A 351 -37.32 -15.10 -8.73
CA GLU A 351 -38.37 -14.36 -8.04
C GLU A 351 -39.65 -15.18 -8.13
N LYS A 352 -40.22 -15.50 -6.98
CA LYS A 352 -41.41 -16.33 -6.91
C LYS A 352 -42.62 -15.45 -6.64
N ARG A 353 -43.54 -15.40 -7.61
CA ARG A 353 -44.77 -14.66 -7.47
C ARG A 353 -45.88 -15.60 -7.02
N ALA A 354 -47.13 -15.13 -7.08
CA ALA A 354 -48.26 -15.91 -6.60
C ALA A 354 -48.53 -17.12 -7.49
N LYS A 355 -48.78 -16.88 -8.78
CA LYS A 355 -49.16 -17.94 -9.69
C LYS A 355 -48.14 -18.16 -10.81
N SER A 356 -46.92 -17.65 -10.64
CA SER A 356 -45.87 -17.79 -11.64
C SER A 356 -44.54 -17.47 -10.96
N TYR A 357 -43.45 -17.74 -11.68
CA TYR A 357 -42.13 -17.36 -11.18
C TYR A 357 -41.21 -17.01 -12.34
N VAL A 358 -40.27 -16.12 -12.06
CA VAL A 358 -39.30 -15.62 -13.02
C VAL A 358 -37.92 -16.08 -12.60
N GLU A 359 -37.10 -16.48 -13.57
CA GLU A 359 -35.71 -16.83 -13.34
C GLU A 359 -34.87 -16.10 -14.38
N ASP A 360 -33.83 -15.40 -13.92
CA ASP A 360 -33.02 -14.56 -14.78
C ASP A 360 -31.55 -14.96 -14.68
N PHE A 361 -30.89 -15.02 -15.84
CA PHE A 361 -29.51 -15.45 -15.99
C PHE A 361 -28.74 -14.44 -16.82
N SER A 362 -27.41 -14.50 -16.73
CA SER A 362 -26.55 -13.58 -17.46
C SER A 362 -25.25 -14.28 -17.83
N ASN A 363 -24.49 -13.59 -18.69
CA ASN A 363 -23.17 -14.04 -19.10
C ASN A 363 -22.32 -12.82 -19.42
N GLY A 364 -21.01 -13.01 -19.43
CA GLY A 364 -20.10 -11.93 -19.71
C GLY A 364 -19.04 -12.36 -20.70
N THR A 365 -18.66 -11.41 -21.57
CA THR A 365 -17.65 -11.69 -22.58
C THR A 365 -17.00 -10.37 -22.98
N ALA A 366 -15.67 -10.40 -23.15
CA ALA A 366 -14.89 -9.22 -23.49
C ALA A 366 -14.40 -9.27 -24.93
N GLY A 367 -15.06 -10.06 -25.77
CA GLY A 367 -14.63 -10.18 -27.15
C GLY A 367 -13.43 -11.10 -27.29
N ALA A 368 -12.65 -10.86 -28.35
CA ALA A 368 -11.45 -11.62 -28.63
C ALA A 368 -10.25 -10.68 -28.66
N LEU A 369 -9.13 -11.14 -28.10
CA LEU A 369 -7.91 -10.36 -28.01
C LEU A 369 -6.83 -11.05 -28.84
N CYS A 370 -6.20 -10.27 -29.72
CA CYS A 370 -5.07 -10.74 -30.51
C CYS A 370 -3.79 -10.30 -29.82
N LYS A 371 -3.09 -11.26 -29.22
CA LYS A 371 -1.88 -10.95 -28.47
C LYS A 371 -0.61 -11.05 -29.32
N ARG A 372 -0.67 -11.71 -30.47
CA ARG A 372 0.47 -11.84 -31.38
C ARG A 372 0.01 -11.48 -32.79
N PRO A 373 -0.08 -10.19 -33.10
CA PRO A 373 -0.51 -9.77 -34.45
C PRO A 373 0.43 -10.19 -35.56
N TRP A 374 1.71 -10.45 -35.26
CA TRP A 374 2.65 -10.87 -36.30
C TRP A 374 2.27 -12.21 -36.91
N ALA A 375 1.58 -13.05 -36.14
CA ALA A 375 1.19 -14.37 -36.62
C ALA A 375 -0.21 -14.39 -37.22
N VAL A 376 -0.55 -13.42 -38.07
CA VAL A 376 -1.86 -13.35 -38.70
C VAL A 376 -1.69 -12.82 -40.12
N VAL A 377 -2.36 -13.46 -41.08
CA VAL A 377 -2.46 -12.96 -42.46
C VAL A 377 -3.92 -13.02 -42.87
N ARG A 378 -4.45 -11.91 -43.36
CA ARG A 378 -5.88 -11.80 -43.69
C ARG A 378 -6.06 -11.39 -45.14
N TYR A 379 -6.98 -12.08 -45.83
CA TYR A 379 -7.34 -11.80 -47.21
C TYR A 379 -8.84 -11.53 -47.29
N LEU A 380 -9.21 -10.46 -47.98
CA LEU A 380 -10.60 -10.08 -48.18
C LEU A 380 -10.93 -10.03 -49.67
N GLY A 381 -12.07 -10.60 -50.04
CA GLY A 381 -12.49 -10.63 -51.41
C GLY A 381 -12.24 -11.93 -52.13
N ILE A 382 -11.94 -13.01 -51.42
CA ILE A 382 -11.74 -14.31 -52.05
C ILE A 382 -13.07 -14.87 -52.55
N ASN B 66 -35.29 23.05 -3.69
CA ASN B 66 -35.90 22.34 -2.57
C ASN B 66 -34.97 21.26 -2.03
N PHE B 67 -34.23 20.62 -2.92
CA PHE B 67 -33.30 19.58 -2.51
C PHE B 67 -32.10 20.19 -1.80
N THR B 68 -31.65 19.53 -0.73
CA THR B 68 -30.48 19.99 0.01
C THR B 68 -29.23 19.82 -0.85
N ALA B 69 -28.36 20.82 -0.81
CA ALA B 69 -27.13 20.78 -1.59
C ALA B 69 -26.21 19.68 -1.06
N PRO B 70 -25.72 18.78 -1.91
CA PRO B 70 -24.84 17.71 -1.43
C PRO B 70 -23.50 18.25 -0.96
N VAL B 71 -22.95 17.58 0.05
CA VAL B 71 -21.62 17.92 0.53
C VAL B 71 -20.56 17.52 -0.50
N THR B 72 -20.70 16.34 -1.07
CA THR B 72 -19.75 15.84 -2.06
C THR B 72 -20.27 16.09 -3.47
N THR B 73 -19.35 16.12 -4.42
CA THR B 73 -19.71 16.31 -5.82
C THR B 73 -20.36 15.04 -6.35
N PRO B 74 -21.53 15.13 -6.99
CA PRO B 74 -22.15 13.93 -7.57
C PRO B 74 -21.31 13.35 -8.69
N SER B 75 -21.05 12.04 -8.60
CA SER B 75 -20.19 11.36 -9.56
C SER B 75 -20.48 9.87 -9.53
N ILE B 76 -20.01 9.19 -10.56
CA ILE B 76 -20.09 7.72 -10.60
C ILE B 76 -19.21 7.17 -9.48
N PRO B 77 -19.74 6.30 -8.61
CA PRO B 77 -19.01 5.97 -7.37
C PRO B 77 -17.70 5.22 -7.55
N THR B 78 -17.73 4.10 -8.24
CA THR B 78 -16.60 3.18 -8.29
C THR B 78 -15.63 3.56 -9.40
N PRO B 79 -14.32 3.63 -9.10
CA PRO B 79 -13.34 3.93 -10.14
C PRO B 79 -13.09 2.73 -11.04
N ILE B 80 -12.61 3.03 -12.25
CA ILE B 80 -12.21 1.99 -13.19
C ILE B 80 -10.92 1.31 -12.73
N GLN B 81 -10.24 1.88 -11.74
CA GLN B 81 -9.06 1.29 -11.13
C GLN B 81 -9.32 -0.12 -10.62
N PHE B 82 -10.37 -0.30 -9.84
CA PHE B 82 -10.81 -1.62 -9.40
C PHE B 82 -11.67 -2.18 -10.52
N LEU B 83 -12.41 -3.27 -10.23
CA LEU B 83 -13.32 -3.92 -11.20
C LEU B 83 -12.66 -4.14 -12.56
N GLN B 84 -11.36 -4.42 -12.52
CA GLN B 84 -10.50 -4.44 -13.70
C GLN B 84 -9.55 -5.62 -13.53
N THR B 85 -9.84 -6.72 -14.22
CA THR B 85 -9.05 -7.93 -14.05
C THR B 85 -7.83 -7.88 -14.96
N TRP B 86 -6.66 -8.12 -14.38
CA TRP B 86 -5.40 -8.16 -15.12
C TRP B 86 -5.04 -9.62 -15.37
N LEU B 87 -4.87 -9.98 -16.64
CA LEU B 87 -4.62 -11.36 -17.00
C LEU B 87 -3.27 -11.83 -16.44
N PRO B 88 -3.19 -13.06 -15.94
CA PRO B 88 -1.91 -13.57 -15.44
C PRO B 88 -0.90 -13.73 -16.58
N GLY B 89 0.35 -13.47 -16.24
CA GLY B 89 1.42 -13.55 -17.21
C GLY B 89 1.48 -12.32 -18.10
N PHE B 90 2.63 -12.17 -18.75
CA PHE B 90 2.88 -11.08 -19.69
C PHE B 90 3.33 -11.65 -21.01
N VAL B 91 2.71 -11.20 -22.10
CA VAL B 91 3.22 -11.51 -23.43
C VAL B 91 4.59 -10.87 -23.57
N LYS B 92 5.53 -11.60 -24.17
CA LYS B 92 6.88 -11.12 -24.34
C LYS B 92 7.22 -11.04 -25.82
N VAL B 93 7.83 -9.93 -26.22
CA VAL B 93 8.28 -9.77 -27.60
C VAL B 93 9.29 -10.85 -27.92
N MET B 94 9.14 -11.47 -29.09
CA MET B 94 10.00 -12.56 -29.52
C MET B 94 10.86 -12.13 -30.70
N THR B 95 11.94 -12.86 -30.91
CA THR B 95 12.84 -12.64 -32.03
C THR B 95 12.78 -13.84 -32.98
N ALA B 96 13.65 -13.81 -33.98
CA ALA B 96 13.68 -14.85 -35.00
C ALA B 96 14.05 -16.20 -34.40
N ALA B 97 13.67 -17.26 -35.09
CA ALA B 97 13.88 -18.60 -34.58
C ALA B 97 15.36 -18.96 -34.57
N ARG B 98 15.81 -19.51 -33.46
CA ARG B 98 17.17 -20.01 -33.31
C ARG B 98 17.12 -21.51 -33.58
N LYS B 99 17.63 -21.91 -34.75
CA LYS B 99 17.47 -23.29 -35.21
C LYS B 99 18.77 -24.04 -35.39
N ILE B 100 19.91 -23.48 -34.96
CA ILE B 100 21.15 -24.24 -35.05
C ILE B 100 21.14 -25.39 -34.05
N ASP B 101 20.36 -25.26 -32.97
CA ASP B 101 20.27 -26.32 -31.97
C ASP B 101 19.52 -27.55 -32.48
N GLU B 102 18.73 -27.41 -33.55
CA GLU B 102 18.01 -28.54 -34.11
C GLU B 102 18.58 -29.06 -35.42
N ILE B 103 19.25 -28.20 -36.18
CA ILE B 103 19.86 -28.66 -37.44
C ILE B 103 21.04 -29.57 -37.17
N ILE B 104 21.92 -29.19 -36.24
CA ILE B 104 23.12 -29.94 -35.95
C ILE B 104 23.21 -30.42 -34.51
N GLY B 105 22.42 -29.87 -33.61
CA GLY B 105 22.49 -30.26 -32.21
C GLY B 105 23.64 -29.59 -31.50
N ILE B 106 23.74 -29.87 -30.19
CA ILE B 106 24.81 -29.34 -29.36
C ILE B 106 25.38 -30.48 -28.52
N ASP B 107 26.60 -30.27 -28.04
CA ASP B 107 27.25 -31.18 -27.09
C ASP B 107 28.05 -30.35 -26.10
N THR B 108 27.71 -30.49 -24.83
CA THR B 108 28.39 -29.73 -23.77
C THR B 108 29.76 -30.38 -23.54
N VAL B 109 30.79 -29.78 -24.12
CA VAL B 109 32.16 -30.28 -24.00
C VAL B 109 33.09 -29.10 -23.77
N GLY B 110 34.06 -29.29 -22.89
CA GLY B 110 35.03 -28.26 -22.60
C GLY B 110 34.66 -27.42 -21.39
N SER B 111 35.67 -26.76 -20.84
CA SER B 111 35.48 -25.90 -19.70
C SER B 111 35.29 -24.45 -20.14
N TRP B 112 34.64 -23.67 -19.28
CA TRP B 112 34.37 -22.27 -19.60
C TRP B 112 35.67 -21.47 -19.72
N GLU B 113 36.63 -21.74 -18.85
CA GLU B 113 37.91 -21.01 -18.85
C GLU B 113 38.95 -21.70 -19.74
N ASP B 114 38.54 -22.02 -20.96
CA ASP B 114 39.41 -22.61 -21.96
C ASP B 114 39.57 -21.64 -23.14
N GLN B 115 40.40 -22.02 -24.10
CA GLN B 115 40.63 -21.16 -25.24
C GLN B 115 40.38 -21.91 -26.55
N GLU B 116 40.61 -23.22 -26.56
CA GLU B 116 40.49 -23.98 -27.79
C GLU B 116 39.92 -25.36 -27.51
N ILE B 117 39.34 -25.94 -28.55
CA ILE B 117 38.86 -27.31 -28.56
C ILE B 117 39.52 -28.04 -29.72
N VAL B 118 40.06 -29.22 -29.45
CA VAL B 118 40.83 -29.99 -30.42
C VAL B 118 40.08 -31.28 -30.74
N GLN B 119 39.92 -31.56 -32.03
CA GLN B 119 39.30 -32.80 -32.51
C GLN B 119 40.32 -33.53 -33.37
N GLY B 120 40.50 -34.82 -33.08
CA GLY B 120 41.48 -35.64 -33.79
C GLY B 120 40.79 -36.59 -34.77
N ILE B 121 41.43 -36.75 -35.93
CA ILE B 121 41.00 -37.71 -36.95
C ILE B 121 42.13 -38.71 -37.16
N VAL B 122 41.79 -39.99 -37.12
CA VAL B 122 42.76 -41.07 -37.30
C VAL B 122 42.43 -41.78 -38.61
N GLU B 123 43.36 -41.73 -39.56
CA GLU B 123 43.23 -42.50 -40.78
C GLU B 123 43.99 -43.81 -40.62
N PRO B 124 43.32 -44.95 -40.64
CA PRO B 124 44.02 -46.23 -40.57
C PRO B 124 44.34 -46.76 -41.97
N ALA B 125 45.26 -47.72 -42.01
CA ALA B 125 45.74 -48.25 -43.27
C ALA B 125 46.10 -49.72 -43.10
N GLY B 126 45.90 -50.48 -44.17
CA GLY B 126 46.20 -51.90 -44.17
C GLY B 126 45.38 -52.67 -45.18
N THR B 127 46.02 -53.59 -45.90
CA THR B 127 45.36 -54.42 -46.89
C THR B 127 45.65 -55.88 -46.59
N ALA B 128 44.61 -56.71 -46.66
CA ALA B 128 44.78 -58.12 -46.39
C ALA B 128 45.48 -58.82 -47.56
N VAL B 129 46.15 -59.93 -47.23
CA VAL B 129 46.79 -60.77 -48.23
C VAL B 129 46.34 -62.20 -47.99
N GLU B 130 46.58 -63.05 -48.99
CA GLU B 130 46.28 -64.47 -48.86
C GLU B 130 47.13 -65.09 -47.76
N TYR B 131 46.55 -66.03 -47.03
CA TYR B 131 47.22 -66.64 -45.89
C TYR B 131 48.25 -67.67 -46.34
N GLY B 132 49.37 -67.69 -45.62
CA GLY B 132 50.35 -68.75 -45.76
C GLY B 132 51.04 -68.95 -44.44
N ASP B 133 51.46 -70.19 -44.18
CA ASP B 133 52.12 -70.49 -42.91
C ASP B 133 53.47 -69.79 -42.80
N HIS B 134 54.24 -69.77 -43.89
CA HIS B 134 55.58 -69.21 -43.87
C HIS B 134 55.68 -67.87 -44.59
N THR B 135 54.58 -67.36 -45.12
CA THR B 135 54.60 -66.05 -45.75
C THR B 135 54.73 -64.96 -44.70
N ASN B 136 55.39 -63.86 -45.06
CA ASN B 136 55.57 -62.76 -44.12
C ASN B 136 54.24 -62.08 -43.81
N ILE B 137 54.11 -61.61 -42.57
CA ILE B 137 52.84 -61.11 -42.06
C ILE B 137 52.67 -59.65 -42.50
N PRO B 138 51.58 -59.31 -43.17
CA PRO B 138 51.28 -57.90 -43.43
C PRO B 138 50.88 -57.18 -42.15
N LEU B 139 51.10 -55.88 -42.13
CA LEU B 139 50.87 -55.09 -40.93
C LEU B 139 49.98 -53.90 -41.25
N THR B 140 49.12 -53.55 -40.30
CA THR B 140 48.29 -52.36 -40.36
C THR B 140 48.98 -51.22 -39.62
N SER B 141 48.55 -50.00 -39.91
CA SER B 141 49.10 -48.83 -39.24
C SER B 141 48.03 -47.74 -39.20
N TRP B 142 48.41 -46.57 -38.70
CA TRP B 142 47.49 -45.45 -38.62
C TRP B 142 48.30 -44.16 -38.59
N ASN B 143 47.63 -43.06 -38.93
CA ASN B 143 48.19 -41.73 -38.76
C ASN B 143 47.10 -40.80 -38.23
N ALA B 144 47.51 -39.72 -37.57
CA ALA B 144 46.56 -38.86 -36.90
C ALA B 144 46.78 -37.40 -37.27
N ASN B 145 45.67 -36.68 -37.45
CA ASN B 145 45.67 -35.25 -37.69
C ASN B 145 44.75 -34.60 -36.66
N PHE B 146 44.94 -33.31 -36.43
CA PHE B 146 44.19 -32.61 -35.40
C PHE B 146 43.70 -31.27 -35.95
N GLU B 147 42.53 -30.85 -35.47
CA GLU B 147 41.92 -29.57 -35.83
C GLU B 147 41.53 -28.84 -34.56
N ARG B 148 41.86 -27.56 -34.49
CA ARG B 148 41.61 -26.74 -33.31
C ARG B 148 40.68 -25.60 -33.66
N ARG B 149 39.73 -25.33 -32.77
CA ARG B 149 38.77 -24.23 -32.92
C ARG B 149 38.75 -23.42 -31.64
N THR B 150 38.86 -22.10 -31.75
CA THR B 150 38.93 -21.26 -30.57
C THR B 150 37.55 -21.10 -29.93
N ILE B 151 37.55 -20.64 -28.69
CA ILE B 151 36.36 -20.53 -27.85
C ILE B 151 36.04 -19.07 -27.61
N VAL B 152 34.77 -18.70 -27.77
CA VAL B 152 34.29 -17.35 -27.58
C VAL B 152 33.35 -17.33 -26.38
N ARG B 153 33.59 -16.39 -25.48
CA ARG B 153 32.78 -16.23 -24.27
C ARG B 153 31.93 -14.98 -24.40
N GLY B 154 30.63 -15.14 -24.25
CA GLY B 154 29.71 -14.01 -24.20
C GLY B 154 29.33 -13.69 -22.77
N GLU B 155 29.15 -12.41 -22.49
CA GLU B 155 28.90 -11.91 -21.15
C GLU B 155 27.66 -11.02 -21.17
N LEU B 156 26.76 -11.23 -20.21
CA LEU B 156 25.57 -10.41 -20.10
C LEU B 156 25.13 -10.35 -18.65
N GLY B 157 24.62 -9.20 -18.23
CA GLY B 157 24.31 -8.97 -16.84
C GLY B 157 23.02 -8.21 -16.65
N MET B 158 22.74 -7.91 -15.38
CA MET B 158 21.55 -7.17 -14.99
C MET B 158 21.87 -6.39 -13.72
N MET B 159 21.14 -5.30 -13.51
CA MET B 159 21.29 -4.47 -12.32
C MET B 159 19.92 -4.03 -11.86
N VAL B 160 19.57 -4.38 -10.62
CA VAL B 160 18.24 -4.14 -10.07
C VAL B 160 18.37 -3.29 -8.83
N GLY B 161 17.59 -2.21 -8.77
CA GLY B 161 17.49 -1.39 -7.58
C GLY B 161 16.33 -1.82 -6.71
N THR B 162 16.35 -1.37 -5.45
CA THR B 162 15.32 -1.77 -4.50
C THR B 162 13.95 -1.22 -4.89
N LEU B 163 13.88 0.08 -5.19
CA LEU B 163 12.62 0.68 -5.62
C LEU B 163 12.15 0.09 -6.94
N GLU B 164 13.06 -0.13 -7.88
CA GLU B 164 12.69 -0.74 -9.16
C GLU B 164 12.11 -2.13 -8.94
N GLU B 165 12.75 -2.92 -8.08
CA GLU B 165 12.28 -4.27 -7.78
C GLU B 165 10.88 -4.23 -7.16
N GLY B 166 10.68 -3.33 -6.19
CA GLY B 166 9.37 -3.25 -5.55
C GLY B 166 8.27 -2.78 -6.50
N ARG B 167 8.56 -1.76 -7.30
CA ARG B 167 7.58 -1.25 -8.26
C ARG B 167 7.21 -2.33 -9.27
N ALA B 168 8.21 -3.05 -9.80
CA ALA B 168 7.92 -4.11 -10.74
C ALA B 168 7.12 -5.24 -10.08
N SER B 169 7.46 -5.59 -8.85
CA SER B 169 6.72 -6.63 -8.14
C SER B 169 5.28 -6.21 -7.89
N ALA B 170 5.01 -4.91 -7.86
CA ALA B 170 3.62 -4.46 -7.70
C ALA B 170 2.72 -4.87 -8.86
N ILE B 171 3.27 -5.03 -10.07
CA ILE B 171 2.44 -5.40 -11.22
C ILE B 171 2.63 -6.87 -11.56
N ARG B 172 2.98 -7.68 -10.55
CA ARG B 172 3.17 -9.12 -10.65
C ARG B 172 4.31 -9.49 -11.60
N LEU B 173 5.28 -8.61 -11.77
CA LEU B 173 6.46 -8.89 -12.59
C LEU B 173 7.70 -8.90 -11.71
N ASN B 174 8.46 -9.98 -11.78
CA ASN B 174 9.73 -10.06 -11.06
C ASN B 174 10.81 -9.46 -11.95
N SER B 175 11.24 -8.23 -11.62
CA SER B 175 12.21 -7.53 -12.45
C SER B 175 13.53 -8.29 -12.53
N ALA B 176 13.98 -8.83 -11.40
CA ALA B 176 15.20 -9.63 -11.39
C ALA B 176 15.05 -10.86 -12.27
N GLU B 177 13.90 -11.55 -12.18
CA GLU B 177 13.72 -12.78 -12.95
C GLU B 177 13.60 -12.50 -14.44
N THR B 178 12.84 -11.48 -14.82
CA THR B 178 12.72 -11.17 -16.25
C THR B 178 14.04 -10.66 -16.82
N LYS B 179 14.79 -9.88 -16.04
CA LYS B 179 16.11 -9.43 -16.50
C LYS B 179 17.07 -10.60 -16.63
N ARG B 180 17.02 -11.56 -15.71
CA ARG B 180 17.92 -12.71 -15.77
C ARG B 180 17.58 -13.62 -16.95
N GLN B 181 16.29 -13.85 -17.20
CA GLN B 181 15.93 -14.67 -18.35
C GLN B 181 16.18 -13.94 -19.67
N GLN B 182 16.10 -12.60 -19.66
CA GLN B 182 16.50 -11.85 -20.85
C GLN B 182 18.00 -11.97 -21.08
N ALA B 183 18.79 -11.97 -20.01
CA ALA B 183 20.23 -12.21 -20.14
C ALA B 183 20.48 -13.60 -20.74
N ALA B 184 19.75 -14.60 -20.27
CA ALA B 184 19.88 -15.95 -20.82
C ALA B 184 19.51 -15.99 -22.30
N ILE B 185 18.43 -15.32 -22.68
CA ILE B 185 17.97 -15.33 -24.06
C ILE B 185 18.95 -14.57 -24.97
N GLY B 186 19.52 -13.47 -24.46
CA GLY B 186 20.53 -12.76 -25.23
C GLY B 186 21.79 -13.58 -25.44
N LEU B 187 22.23 -14.30 -24.41
CA LEU B 187 23.34 -15.21 -24.58
C LEU B 187 22.99 -16.34 -25.55
N GLU B 188 21.73 -16.77 -25.58
CA GLU B 188 21.29 -17.77 -26.54
C GLU B 188 21.34 -17.24 -27.97
N ILE B 189 20.94 -15.98 -28.17
CA ILE B 189 21.03 -15.36 -29.49
C ILE B 189 22.50 -15.28 -29.92
N PHE B 190 23.37 -14.87 -29.01
CA PHE B 190 24.81 -14.84 -29.28
C PHE B 190 25.32 -16.22 -29.68
N ARG B 191 24.93 -17.25 -28.93
CA ARG B 191 25.39 -18.62 -29.21
C ARG B 191 24.89 -19.11 -30.56
N ASN B 192 23.62 -18.84 -30.88
CA ASN B 192 23.06 -19.30 -32.15
C ASN B 192 23.73 -18.60 -33.33
N ALA B 193 23.98 -17.29 -33.21
CA ALA B 193 24.63 -16.57 -34.29
C ALA B 193 26.08 -17.01 -34.46
N ILE B 194 26.77 -17.31 -33.36
CA ILE B 194 28.13 -17.86 -33.46
C ILE B 194 28.10 -19.22 -34.14
N GLY B 195 27.14 -20.06 -33.76
CA GLY B 195 27.03 -21.37 -34.37
C GLY B 195 26.69 -21.31 -35.86
N PHE B 196 25.97 -20.28 -36.28
CA PHE B 196 25.59 -20.21 -37.68
C PHE B 196 26.68 -19.54 -38.54
N TYR B 197 27.22 -18.41 -38.10
CA TYR B 197 28.14 -17.65 -38.93
C TYR B 197 29.59 -17.68 -38.44
N GLY B 198 29.84 -18.10 -37.21
CA GLY B 198 31.16 -17.97 -36.63
C GLY B 198 31.38 -16.56 -36.07
N TRP B 199 32.45 -16.43 -35.31
CA TRP B 199 32.82 -15.16 -34.69
C TRP B 199 34.13 -14.66 -35.26
N GLN B 200 34.07 -13.60 -36.05
CA GLN B 200 35.25 -12.87 -36.53
C GLN B 200 36.22 -13.77 -37.28
N SER B 201 35.67 -14.68 -38.08
CA SER B 201 36.52 -15.56 -38.90
C SER B 201 37.25 -14.78 -39.98
N GLY B 202 36.71 -13.63 -40.40
CA GLY B 202 37.40 -12.78 -41.35
C GLY B 202 38.69 -12.21 -40.80
N LEU B 203 38.73 -11.93 -39.50
CA LEU B 203 39.93 -11.44 -38.86
C LEU B 203 40.90 -12.55 -38.46
N GLY B 204 40.53 -13.81 -38.68
CA GLY B 204 41.42 -14.93 -38.40
C GLY B 204 41.36 -15.39 -36.97
N ASN B 205 40.14 -15.49 -36.41
CA ASN B 205 39.96 -15.84 -35.01
C ASN B 205 39.71 -17.33 -34.82
N ARG B 206 39.44 -18.07 -35.90
CA ARG B 206 39.42 -19.54 -35.92
C ARG B 206 38.29 -20.12 -35.09
N THR B 207 37.10 -19.56 -35.25
CA THR B 207 35.86 -20.18 -34.78
C THR B 207 34.80 -19.95 -35.87
N TYR B 208 34.57 -20.98 -36.67
CA TYR B 208 33.70 -20.90 -37.82
C TYR B 208 32.33 -21.46 -37.48
N GLY B 209 31.40 -21.37 -38.43
CA GLY B 209 30.04 -21.82 -38.17
C GLY B 209 29.55 -22.87 -39.14
N PHE B 210 28.24 -23.08 -39.14
CA PHE B 210 27.63 -24.01 -40.08
C PHE B 210 27.74 -23.53 -41.52
N LEU B 211 27.97 -22.23 -41.73
CA LEU B 211 27.96 -21.64 -43.05
C LEU B 211 29.33 -21.25 -43.58
N ASN B 212 30.38 -21.24 -42.74
CA ASN B 212 31.67 -20.75 -43.19
C ASN B 212 32.83 -21.60 -42.65
N ASP B 213 32.61 -22.88 -42.42
CA ASP B 213 33.68 -23.75 -41.98
C ASP B 213 34.72 -23.91 -43.09
N PRO B 214 36.01 -23.99 -42.74
CA PRO B 214 37.04 -24.09 -43.78
C PRO B 214 37.09 -25.45 -44.44
N ASN B 215 36.79 -26.50 -43.68
CA ASN B 215 36.75 -27.86 -44.23
C ASN B 215 35.33 -28.23 -44.67
N LEU B 216 34.82 -27.43 -45.61
CA LEU B 216 33.56 -27.72 -46.26
C LEU B 216 33.79 -27.67 -47.76
N PRO B 217 32.99 -28.41 -48.54
CA PRO B 217 33.15 -28.33 -50.00
C PRO B 217 32.79 -26.95 -50.52
N ALA B 218 33.39 -26.60 -51.66
CA ALA B 218 33.19 -25.29 -52.25
C ALA B 218 31.72 -25.05 -52.55
N PHE B 219 31.26 -23.83 -52.27
CA PHE B 219 29.84 -23.50 -52.35
C PHE B 219 29.40 -23.50 -53.80
N GLN B 220 28.69 -24.53 -54.21
CA GLN B 220 28.35 -24.72 -55.61
C GLN B 220 27.18 -23.84 -56.03
N THR B 221 26.99 -23.73 -57.35
CA THR B 221 25.84 -23.06 -57.93
C THR B 221 24.87 -24.08 -58.49
N PRO B 222 23.57 -23.91 -58.28
CA PRO B 222 22.61 -24.93 -58.70
C PRO B 222 22.50 -24.98 -60.21
N PRO B 223 22.13 -26.13 -60.77
CA PRO B 223 21.98 -26.23 -62.23
C PRO B 223 20.90 -25.34 -62.81
N SER B 224 19.84 -25.07 -62.07
CA SER B 224 18.70 -24.32 -62.57
C SER B 224 18.82 -22.83 -62.32
N GLN B 225 19.96 -22.35 -61.82
CA GLN B 225 20.17 -20.98 -61.37
C GLN B 225 19.17 -20.72 -60.23
N GLY B 226 18.65 -19.51 -60.13
CA GLY B 226 17.73 -19.19 -59.05
C GLY B 226 16.41 -19.92 -59.17
N TRP B 227 15.83 -20.25 -58.01
CA TRP B 227 14.53 -20.90 -57.96
C TRP B 227 13.39 -19.94 -58.26
N SER B 228 13.60 -18.64 -58.11
CA SER B 228 12.55 -17.67 -58.35
C SER B 228 12.09 -17.68 -59.80
N THR B 229 13.05 -17.77 -60.73
CA THR B 229 12.72 -17.87 -62.15
C THR B 229 12.56 -19.31 -62.61
N ALA B 230 12.85 -20.29 -61.76
CA ALA B 230 12.79 -21.69 -62.13
C ALA B 230 11.38 -22.23 -61.97
N ASP B 231 11.09 -23.29 -62.71
CA ASP B 231 9.82 -23.99 -62.63
C ASP B 231 9.96 -25.20 -61.71
N TRP B 232 8.96 -26.08 -61.74
CA TRP B 232 9.00 -27.28 -60.91
C TRP B 232 10.15 -28.20 -61.31
N ALA B 233 10.37 -28.35 -62.61
CA ALA B 233 11.43 -29.23 -63.10
C ALA B 233 12.81 -28.76 -62.66
N GLY B 234 13.03 -27.44 -62.63
CA GLY B 234 14.32 -26.93 -62.19
C GLY B 234 14.61 -27.22 -60.74
N ILE B 235 13.62 -27.02 -59.87
CA ILE B 235 13.78 -27.31 -58.44
C ILE B 235 14.01 -28.80 -58.23
N ILE B 236 13.25 -29.64 -58.94
CA ILE B 236 13.44 -31.08 -58.87
C ILE B 236 14.86 -31.46 -59.33
N GLY B 237 15.33 -30.84 -60.41
CA GLY B 237 16.67 -31.12 -60.88
C GLY B 237 17.74 -30.71 -59.89
N ASP B 238 17.55 -29.56 -59.22
CA ASP B 238 18.50 -29.13 -58.20
C ASP B 238 18.56 -30.12 -57.04
N ILE B 239 17.40 -30.54 -56.54
CA ILE B 239 17.38 -31.49 -55.42
C ILE B 239 18.00 -32.82 -55.85
N ARG B 240 17.66 -33.28 -57.06
CA ARG B 240 18.21 -34.54 -57.57
C ARG B 240 19.72 -34.47 -57.73
N GLU B 241 20.24 -33.38 -58.26
CA GLU B 241 21.69 -33.26 -58.44
C GLU B 241 22.40 -33.18 -57.10
N ALA B 242 21.81 -32.49 -56.12
CA ALA B 242 22.40 -32.45 -54.78
C ALA B 242 22.45 -33.83 -54.17
N VAL B 243 21.36 -34.59 -54.26
CA VAL B 243 21.32 -35.93 -53.68
C VAL B 243 22.28 -36.86 -54.39
N ARG B 244 22.35 -36.77 -55.73
CA ARG B 244 23.28 -37.60 -56.48
C ARG B 244 24.73 -37.28 -56.14
N GLN B 245 25.05 -35.99 -55.99
CA GLN B 245 26.40 -35.60 -55.59
C GLN B 245 26.73 -36.13 -54.20
N LEU B 246 25.79 -36.05 -53.27
CA LEU B 246 26.02 -36.57 -51.93
C LEU B 246 26.24 -38.08 -51.96
N ARG B 247 25.45 -38.80 -52.75
CA ARG B 247 25.61 -40.24 -52.83
C ARG B 247 26.94 -40.63 -53.48
N ILE B 248 27.37 -39.90 -54.50
CA ILE B 248 28.64 -40.20 -55.16
C ILE B 248 29.81 -39.89 -54.24
N GLN B 249 29.76 -38.76 -53.53
CA GLN B 249 30.81 -38.42 -52.58
C GLN B 249 30.87 -39.43 -51.44
N SER B 250 29.71 -39.83 -50.92
CA SER B 250 29.66 -40.73 -49.78
C SER B 250 29.87 -42.19 -50.15
N GLN B 251 29.91 -42.51 -51.45
CA GLN B 251 30.04 -43.88 -51.95
C GLN B 251 28.95 -44.78 -51.36
N ASP B 252 27.71 -44.32 -51.49
CA ASP B 252 26.51 -45.04 -51.06
C ASP B 252 26.49 -45.25 -49.55
N GLN B 253 26.84 -44.21 -48.79
CA GLN B 253 26.75 -44.21 -47.34
C GLN B 253 25.44 -43.63 -46.84
N ILE B 254 24.37 -43.75 -47.63
CA ILE B 254 23.07 -43.19 -47.32
C ILE B 254 22.13 -44.32 -46.91
N ASP B 255 21.40 -44.13 -45.82
CA ASP B 255 20.44 -45.10 -45.37
C ASP B 255 19.26 -45.18 -46.35
N PRO B 256 18.45 -46.26 -46.24
CA PRO B 256 17.27 -46.42 -47.09
C PRO B 256 16.35 -45.20 -47.07
N LYS B 257 15.91 -44.79 -48.25
CA LYS B 257 14.98 -43.67 -48.39
C LYS B 257 15.53 -42.36 -47.86
N ALA B 258 16.87 -42.24 -47.79
CA ALA B 258 17.57 -41.05 -47.31
C ALA B 258 17.10 -40.67 -45.91
N GLU B 259 17.31 -41.59 -44.96
CA GLU B 259 16.77 -41.42 -43.63
C GLU B 259 17.51 -40.33 -42.86
N LYS B 260 18.80 -40.52 -42.64
CA LYS B 260 19.59 -39.59 -41.84
C LYS B 260 20.23 -38.52 -42.72
N ILE B 261 19.38 -37.84 -43.49
CA ILE B 261 19.79 -36.74 -44.35
C ILE B 261 18.93 -35.53 -44.04
N THR B 262 19.56 -34.40 -43.78
CA THR B 262 18.89 -33.14 -43.51
C THR B 262 19.15 -32.16 -44.64
N LEU B 263 18.07 -31.53 -45.11
CA LEU B 263 18.11 -30.52 -46.15
C LEU B 263 17.75 -29.21 -45.47
N ALA B 264 18.75 -28.38 -45.20
CA ALA B 264 18.54 -27.05 -44.65
C ALA B 264 18.40 -26.05 -45.79
N LEU B 265 17.39 -25.19 -45.70
CA LEU B 265 17.09 -24.22 -46.74
C LEU B 265 17.09 -22.82 -46.17
N ALA B 266 17.27 -21.85 -47.06
CA ALA B 266 16.94 -20.47 -46.73
C ALA B 266 15.47 -20.35 -46.37
N THR B 267 15.16 -19.53 -45.38
CA THR B 267 13.78 -19.40 -44.93
C THR B 267 12.89 -18.75 -45.99
N SER B 268 13.47 -18.00 -46.91
CA SER B 268 12.69 -17.36 -47.97
C SER B 268 12.46 -18.27 -49.16
N LYS B 269 13.03 -19.47 -49.16
CA LYS B 269 12.88 -20.41 -50.26
C LYS B 269 12.18 -21.71 -49.88
N VAL B 270 11.84 -21.92 -48.62
CA VAL B 270 11.15 -23.14 -48.22
C VAL B 270 9.76 -23.20 -48.86
N ASP B 271 9.19 -22.02 -49.08
CA ASP B 271 7.82 -21.94 -49.67
C ASP B 271 7.90 -22.29 -51.16
N TYR B 272 9.08 -22.33 -51.74
CA TYR B 272 9.24 -22.82 -53.10
C TYR B 272 9.14 -24.34 -53.19
N LEU B 273 9.18 -25.04 -52.05
CA LEU B 273 8.83 -26.46 -52.05
C LEU B 273 7.35 -26.67 -52.31
N SER B 274 6.56 -25.60 -52.27
CA SER B 274 5.11 -25.71 -52.56
C SER B 274 4.84 -25.36 -54.01
N VAL B 275 5.87 -25.04 -54.78
CA VAL B 275 5.69 -24.77 -56.21
C VAL B 275 5.37 -26.06 -56.93
N THR B 276 4.37 -26.01 -57.82
CA THR B 276 3.85 -27.19 -58.48
C THR B 276 4.05 -27.11 -59.99
N THR B 277 4.10 -28.29 -60.60
CA THR B 277 3.84 -28.42 -62.02
C THR B 277 2.40 -27.97 -62.28
N PRO B 278 2.10 -27.46 -63.48
CA PRO B 278 0.72 -27.02 -63.77
C PRO B 278 -0.34 -28.10 -63.67
N TYR B 279 0.02 -29.34 -63.34
CA TYR B 279 -0.92 -30.45 -63.31
C TYR B 279 -1.15 -30.95 -61.89
N GLY B 280 -0.62 -30.25 -60.88
CA GLY B 280 -0.93 -30.50 -59.49
C GLY B 280 -0.03 -31.49 -58.76
N ILE B 281 1.28 -31.33 -58.88
CA ILE B 281 2.25 -32.10 -58.10
C ILE B 281 3.29 -31.13 -57.56
N SER B 282 3.42 -31.08 -56.24
CA SER B 282 4.35 -30.15 -55.60
C SER B 282 5.74 -30.74 -55.53
N VAL B 283 6.71 -29.86 -55.27
CA VAL B 283 8.07 -30.30 -54.97
C VAL B 283 8.08 -31.12 -53.69
N SER B 284 7.27 -30.72 -52.71
CA SER B 284 7.15 -31.49 -51.47
C SER B 284 6.57 -32.88 -51.74
N ASP B 285 5.61 -32.97 -52.66
CA ASP B 285 5.07 -34.27 -53.05
C ASP B 285 6.14 -35.13 -53.71
N TRP B 286 6.99 -34.51 -54.53
CA TRP B 286 8.08 -35.25 -55.17
C TRP B 286 9.08 -35.77 -54.14
N ILE B 287 9.39 -34.95 -53.13
CA ILE B 287 10.27 -35.40 -52.05
C ILE B 287 9.61 -36.52 -51.26
N GLU B 288 8.31 -36.39 -51.00
CA GLU B 288 7.55 -37.44 -50.32
C GLU B 288 7.61 -38.77 -51.07
N GLN B 289 7.44 -38.72 -52.38
CA GLN B 289 7.40 -39.94 -53.17
C GLN B 289 8.79 -40.43 -53.57
N THR B 290 9.82 -39.64 -53.33
CA THR B 290 11.19 -39.99 -53.71
C THR B 290 12.10 -40.23 -52.51
N TYR B 291 12.19 -39.28 -51.58
CA TYR B 291 13.01 -39.41 -50.39
C TYR B 291 12.11 -39.17 -49.17
N PRO B 292 11.27 -40.15 -48.83
CA PRO B 292 10.24 -39.92 -47.79
C PRO B 292 10.80 -39.59 -46.43
N LYS B 293 11.98 -40.12 -46.07
CA LYS B 293 12.55 -39.92 -44.76
C LYS B 293 13.61 -38.82 -44.74
N MET B 294 13.66 -37.98 -45.77
CA MET B 294 14.61 -36.88 -45.78
C MET B 294 14.07 -35.75 -44.91
N ARG B 295 14.82 -35.42 -43.86
CA ARG B 295 14.47 -34.29 -43.02
C ARG B 295 14.60 -32.99 -43.79
N ILE B 296 13.63 -32.10 -43.64
CA ILE B 296 13.62 -30.81 -44.31
C ILE B 296 13.45 -29.72 -43.26
N VAL B 297 14.42 -28.81 -43.18
CA VAL B 297 14.34 -27.69 -42.25
C VAL B 297 14.67 -26.41 -43.02
N SER B 298 14.17 -25.29 -42.51
CA SER B 298 14.42 -23.98 -43.08
C SER B 298 14.89 -23.05 -41.98
N ALA B 299 16.00 -22.36 -42.22
CA ALA B 299 16.57 -21.51 -41.20
C ALA B 299 16.58 -20.05 -41.64
N PRO B 300 16.25 -19.11 -40.75
CA PRO B 300 16.36 -17.68 -41.12
C PRO B 300 17.77 -17.26 -41.45
N GLU B 301 18.76 -17.84 -40.78
CA GLU B 301 20.15 -17.46 -40.98
C GLU B 301 20.71 -18.00 -42.29
N LEU B 302 20.03 -18.93 -42.94
CA LEU B 302 20.49 -19.49 -44.20
C LEU B 302 20.02 -18.67 -45.41
N SER B 303 19.32 -17.57 -45.18
CA SER B 303 18.88 -16.69 -46.24
C SER B 303 19.80 -15.47 -46.31
N GLY B 304 20.18 -15.10 -47.54
CA GLY B 304 21.12 -14.02 -47.74
C GLY B 304 22.50 -14.33 -47.21
N VAL B 305 23.00 -15.54 -47.51
CA VAL B 305 24.30 -15.95 -47.01
C VAL B 305 25.42 -15.13 -47.65
N GLN B 306 25.34 -14.91 -48.96
CA GLN B 306 26.39 -14.17 -49.65
C GLN B 306 25.83 -13.05 -50.49
N MET B 307 26.70 -12.40 -51.27
CA MET B 307 26.31 -11.31 -52.16
C MET B 307 26.84 -11.62 -53.55
N LYS B 308 25.97 -11.54 -54.56
CA LYS B 308 26.45 -11.60 -55.94
C LYS B 308 27.02 -10.25 -56.34
N ALA B 309 26.17 -9.24 -56.43
CA ALA B 309 26.61 -7.86 -56.36
C ALA B 309 25.78 -7.04 -55.38
N GLN B 310 24.46 -7.22 -55.39
CA GLN B 310 23.58 -6.63 -54.38
C GLN B 310 22.42 -7.54 -54.01
N GLU B 311 22.35 -8.75 -54.56
CA GLU B 311 21.20 -9.62 -54.37
C GLU B 311 21.54 -10.69 -53.34
N PRO B 312 20.83 -10.73 -52.20
CA PRO B 312 21.18 -11.67 -51.13
C PRO B 312 21.07 -13.12 -51.54
N GLU B 313 22.20 -13.81 -51.63
CA GLU B 313 22.22 -15.17 -52.15
C GLU B 313 21.66 -16.13 -51.11
N ASP B 314 20.72 -16.97 -51.52
CA ASP B 314 20.04 -17.91 -50.65
C ASP B 314 20.61 -19.31 -50.85
N ALA B 315 20.72 -20.05 -49.75
CA ALA B 315 21.52 -21.26 -49.70
C ALA B 315 20.68 -22.50 -49.43
N LEU B 316 21.25 -23.62 -49.87
CA LEU B 316 20.73 -24.96 -49.66
C LEU B 316 21.88 -25.84 -49.21
N VAL B 317 21.72 -26.53 -48.08
CA VAL B 317 22.74 -27.42 -47.56
C VAL B 317 22.12 -28.79 -47.35
N LEU B 318 22.62 -29.79 -48.08
CA LEU B 318 22.19 -31.18 -47.92
C LEU B 318 23.32 -31.95 -47.25
N PHE B 319 23.03 -32.54 -46.08
CA PHE B 319 24.10 -33.22 -45.37
C PHE B 319 23.56 -34.41 -44.58
N VAL B 320 24.44 -35.39 -44.37
CA VAL B 320 24.12 -36.52 -43.51
C VAL B 320 24.18 -36.08 -42.06
N GLU B 321 23.15 -36.42 -41.29
CA GLU B 321 23.12 -36.07 -39.88
C GLU B 321 24.18 -36.85 -39.10
N ASP B 322 24.02 -38.17 -39.05
CA ASP B 322 24.89 -39.04 -38.28
C ASP B 322 25.31 -40.22 -39.13
N VAL B 323 26.50 -40.73 -38.87
CA VAL B 323 27.03 -41.92 -39.54
C VAL B 323 27.29 -42.96 -38.47
N ASN B 324 26.83 -44.18 -38.70
CA ASN B 324 27.02 -45.25 -37.72
C ASN B 324 28.49 -45.57 -37.56
N ALA B 325 28.88 -45.90 -36.33
CA ALA B 325 30.29 -46.13 -36.01
C ALA B 325 30.76 -47.55 -36.31
N ALA B 326 29.84 -48.47 -36.61
CA ALA B 326 30.24 -49.86 -36.85
C ALA B 326 31.07 -49.99 -38.12
N VAL B 327 30.74 -49.20 -39.15
CA VAL B 327 31.39 -49.35 -40.45
C VAL B 327 32.85 -48.89 -40.38
N ASP B 328 33.13 -47.82 -39.63
CA ASP B 328 34.47 -47.25 -39.60
C ASP B 328 35.21 -47.42 -38.27
N GLY B 329 34.51 -47.72 -37.19
CA GLY B 329 35.16 -47.82 -35.90
C GLY B 329 35.41 -46.50 -35.21
N SER B 330 34.72 -45.44 -35.61
CA SER B 330 34.92 -44.13 -35.00
C SER B 330 34.43 -44.14 -33.55
N THR B 331 35.26 -43.63 -32.64
CA THR B 331 34.89 -43.43 -31.25
C THR B 331 34.36 -42.03 -30.99
N ASP B 332 34.22 -41.21 -32.04
CA ASP B 332 33.74 -39.85 -31.89
C ASP B 332 32.27 -39.81 -31.48
N GLY B 333 31.43 -40.57 -32.18
CA GLY B 333 30.01 -40.51 -31.95
C GLY B 333 29.21 -40.59 -33.23
N GLY B 334 29.82 -40.18 -34.34
CA GLY B 334 29.24 -40.33 -35.65
C GLY B 334 28.58 -39.10 -36.23
N SER B 335 28.40 -38.05 -35.44
CA SER B 335 27.79 -36.84 -35.96
C SER B 335 28.71 -36.15 -36.96
N VAL B 336 28.15 -35.70 -38.07
CA VAL B 336 28.93 -34.98 -39.08
C VAL B 336 29.25 -33.57 -38.60
N PHE B 337 28.25 -32.86 -38.10
CA PHE B 337 28.38 -31.53 -37.54
C PHE B 337 28.25 -31.58 -36.04
N SER B 338 28.90 -30.64 -35.35
CA SER B 338 28.76 -30.55 -33.90
C SER B 338 28.97 -29.13 -33.46
N GLN B 339 27.99 -28.55 -32.78
CA GLN B 339 28.11 -27.20 -32.23
C GLN B 339 28.77 -27.31 -30.86
N LEU B 340 30.04 -26.91 -30.78
CA LEU B 340 30.82 -27.07 -29.56
C LEU B 340 30.43 -25.98 -28.57
N VAL B 341 29.67 -26.35 -27.55
CA VAL B 341 29.20 -25.44 -26.52
C VAL B 341 29.88 -25.81 -25.22
N GLN B 342 30.61 -24.85 -24.64
CA GLN B 342 31.20 -25.09 -23.32
C GLN B 342 30.15 -25.07 -22.24
N SER B 343 29.23 -24.09 -22.30
CA SER B 343 28.18 -23.94 -21.32
C SER B 343 27.08 -23.01 -21.83
N LYS B 344 25.83 -23.43 -21.70
CA LYS B 344 24.72 -22.61 -22.17
C LYS B 344 24.57 -21.35 -21.33
N PHE B 345 24.73 -21.46 -20.01
CA PHE B 345 24.42 -20.35 -19.11
C PHE B 345 25.09 -20.61 -17.78
N ILE B 346 26.07 -19.78 -17.41
CA ILE B 346 26.70 -19.85 -16.10
C ILE B 346 26.54 -18.50 -15.42
N THR B 347 26.44 -18.53 -14.10
CA THR B 347 26.33 -17.31 -13.29
C THR B 347 27.72 -16.88 -12.88
N LEU B 348 28.21 -15.78 -13.47
CA LEU B 348 29.54 -15.29 -13.15
C LEU B 348 29.61 -14.82 -11.70
N GLY B 349 28.61 -14.09 -11.25
CA GLY B 349 28.61 -13.68 -9.85
C GLY B 349 27.57 -12.63 -9.55
N VAL B 350 27.55 -12.24 -8.28
CA VAL B 350 26.65 -11.22 -7.75
C VAL B 350 27.48 -10.21 -6.98
N GLU B 351 27.23 -8.92 -7.24
CA GLU B 351 27.86 -7.82 -6.53
C GLU B 351 26.76 -6.98 -5.90
N LYS B 352 26.67 -7.02 -4.58
CA LYS B 352 25.56 -6.41 -3.85
C LYS B 352 25.99 -5.05 -3.34
N ARG B 353 25.26 -4.00 -3.72
CA ARG B 353 25.54 -2.64 -3.31
C ARG B 353 24.55 -2.20 -2.24
N ALA B 354 24.65 -0.94 -1.84
CA ALA B 354 23.81 -0.44 -0.75
C ALA B 354 22.34 -0.42 -1.15
N LYS B 355 22.03 0.06 -2.34
CA LYS B 355 20.65 0.25 -2.75
C LYS B 355 20.32 -0.43 -4.08
N SER B 356 21.19 -1.32 -4.54
CA SER B 356 20.98 -2.06 -5.78
C SER B 356 21.91 -3.26 -5.76
N TYR B 357 21.75 -4.13 -6.75
CA TYR B 357 22.67 -5.24 -6.89
C TYR B 357 22.80 -5.61 -8.36
N VAL B 358 24.00 -6.08 -8.71
CA VAL B 358 24.35 -6.46 -10.07
C VAL B 358 24.57 -7.97 -10.11
N GLU B 359 24.08 -8.61 -11.17
CA GLU B 359 24.29 -10.03 -11.38
C GLU B 359 24.84 -10.23 -12.77
N ASP B 360 25.94 -10.95 -12.88
CA ASP B 360 26.63 -11.16 -14.14
C ASP B 360 26.61 -12.64 -14.49
N PHE B 361 26.27 -12.94 -15.75
CA PHE B 361 26.24 -14.29 -16.28
C PHE B 361 27.06 -14.33 -17.57
N SER B 362 27.46 -15.55 -17.95
CA SER B 362 28.27 -15.74 -19.15
C SER B 362 27.93 -17.08 -19.79
N ASN B 363 28.42 -17.24 -21.02
CA ASN B 363 28.29 -18.48 -21.75
C ASN B 363 29.50 -18.63 -22.67
N GLY B 364 29.75 -19.86 -23.12
CA GLY B 364 30.86 -20.13 -24.00
C GLY B 364 30.44 -21.01 -25.16
N THR B 365 31.07 -20.77 -26.30
CA THR B 365 30.76 -21.54 -27.51
C THR B 365 31.93 -21.44 -28.48
N ALA B 366 32.22 -22.55 -29.15
CA ALA B 366 33.32 -22.62 -30.10
C ALA B 366 32.84 -22.76 -31.53
N GLY B 367 31.62 -22.30 -31.81
CA GLY B 367 31.08 -22.40 -33.15
C GLY B 367 30.65 -23.82 -33.46
N ALA B 368 30.61 -24.11 -34.76
CA ALA B 368 30.25 -25.43 -35.27
C ALA B 368 31.45 -26.05 -35.98
N LEU B 369 31.70 -27.32 -35.69
CA LEU B 369 32.78 -28.08 -36.29
C LEU B 369 32.21 -29.11 -37.24
N CYS B 370 32.76 -29.16 -38.45
CA CYS B 370 32.39 -30.15 -39.46
C CYS B 370 33.48 -31.23 -39.46
N LYS B 371 33.12 -32.42 -38.98
CA LYS B 371 34.07 -33.52 -38.90
C LYS B 371 34.03 -34.45 -40.09
N ARG B 372 32.98 -34.41 -40.89
CA ARG B 372 32.84 -35.25 -42.08
C ARG B 372 32.48 -34.36 -43.27
N PRO B 373 33.48 -33.73 -43.88
CA PRO B 373 33.21 -32.84 -45.03
C PRO B 373 32.62 -33.56 -46.23
N TRP B 374 32.92 -34.84 -46.41
CA TRP B 374 32.40 -35.60 -47.55
C TRP B 374 30.88 -35.70 -47.54
N ALA B 375 30.27 -35.66 -46.35
CA ALA B 375 28.81 -35.79 -46.26
C ALA B 375 28.11 -34.44 -46.27
N VAL B 376 28.49 -33.56 -47.18
CA VAL B 376 27.90 -32.23 -47.28
C VAL B 376 27.86 -31.81 -48.74
N VAL B 377 26.70 -31.32 -49.19
CA VAL B 377 26.57 -30.67 -50.49
C VAL B 377 25.88 -29.34 -50.27
N ARG B 378 26.46 -28.26 -50.82
CA ARG B 378 25.94 -26.92 -50.62
C ARG B 378 25.70 -26.24 -51.95
N TYR B 379 24.55 -25.59 -52.08
CA TYR B 379 24.20 -24.77 -53.23
C TYR B 379 24.01 -23.33 -52.79
N LEU B 380 24.55 -22.39 -53.55
CA LEU B 380 24.46 -20.98 -53.24
C LEU B 380 23.71 -20.25 -54.35
N GLY B 381 22.87 -19.30 -53.95
CA GLY B 381 22.16 -18.50 -54.92
C GLY B 381 20.97 -19.18 -55.56
N ILE B 382 20.22 -19.98 -54.79
CA ILE B 382 19.01 -20.57 -55.33
C ILE B 382 17.92 -19.50 -55.38
N ASN C 66 62.69 3.96 -13.48
CA ASN C 66 62.28 3.91 -12.08
C ASN C 66 61.93 2.49 -11.64
N PHE C 67 61.14 1.80 -12.47
CA PHE C 67 60.73 0.44 -12.13
C PHE C 67 61.93 -0.51 -12.18
N THR C 68 61.96 -1.43 -11.22
CA THR C 68 63.00 -2.44 -11.18
C THR C 68 62.88 -3.38 -12.37
N ALA C 69 64.01 -3.74 -12.96
CA ALA C 69 64.02 -4.66 -14.09
C ALA C 69 63.56 -6.04 -13.64
N PRO C 70 62.61 -6.66 -14.33
CA PRO C 70 62.14 -7.98 -13.92
C PRO C 70 63.21 -9.05 -14.12
N VAL C 71 63.18 -10.04 -13.23
CA VAL C 71 64.10 -11.17 -13.36
C VAL C 71 63.73 -12.01 -14.57
N THR C 72 62.45 -12.32 -14.72
CA THR C 72 61.95 -13.12 -15.84
C THR C 72 61.47 -12.22 -16.95
N THR C 73 61.49 -12.75 -18.17
CA THR C 73 60.97 -12.02 -19.31
C THR C 73 59.46 -11.90 -19.18
N PRO C 74 58.87 -10.70 -19.25
CA PRO C 74 57.42 -10.58 -19.16
C PRO C 74 56.72 -11.27 -20.31
N SER C 75 55.69 -12.05 -19.99
CA SER C 75 55.04 -12.87 -20.99
C SER C 75 53.62 -13.19 -20.53
N ILE C 76 52.82 -13.66 -21.47
CA ILE C 76 51.49 -14.18 -21.15
C ILE C 76 51.66 -15.47 -20.34
N PRO C 77 51.05 -15.57 -19.15
CA PRO C 77 51.42 -16.65 -18.23
C PRO C 77 51.07 -18.07 -18.67
N THR C 78 49.81 -18.32 -19.03
CA THR C 78 49.35 -19.69 -19.23
C THR C 78 49.59 -20.14 -20.67
N PRO C 79 50.28 -21.26 -20.89
CA PRO C 79 50.42 -21.79 -22.24
C PRO C 79 49.09 -22.31 -22.79
N ILE C 80 49.00 -22.32 -24.12
CA ILE C 80 47.83 -22.89 -24.79
C ILE C 80 47.82 -24.41 -24.68
N GLN C 81 48.93 -25.02 -24.24
CA GLN C 81 48.96 -26.44 -23.93
C GLN C 81 47.90 -26.81 -22.90
N PHE C 82 47.84 -26.06 -21.81
CA PHE C 82 46.73 -26.15 -20.88
C PHE C 82 45.57 -25.31 -21.39
N LEU C 83 44.48 -25.23 -20.63
CA LEU C 83 43.23 -24.55 -21.09
C LEU C 83 42.91 -24.96 -22.54
N GLN C 84 43.03 -26.25 -22.84
CA GLN C 84 42.72 -26.76 -24.17
C GLN C 84 42.02 -28.09 -24.00
N THR C 85 40.79 -28.19 -24.48
CA THR C 85 39.99 -29.40 -24.33
C THR C 85 40.10 -30.26 -25.59
N TRP C 86 40.32 -31.56 -25.40
CA TRP C 86 40.38 -32.51 -26.49
C TRP C 86 39.11 -33.35 -26.48
N LEU C 87 38.39 -33.35 -27.58
CA LEU C 87 37.13 -34.08 -27.64
C LEU C 87 37.38 -35.58 -27.53
N PRO C 88 36.56 -36.30 -26.77
CA PRO C 88 36.74 -37.75 -26.65
C PRO C 88 36.47 -38.45 -27.96
N GLY C 89 37.22 -39.52 -28.20
CA GLY C 89 37.10 -40.29 -29.41
C GLY C 89 37.85 -39.65 -30.58
N PHE C 90 37.98 -40.42 -31.65
CA PHE C 90 38.65 -40.00 -32.86
C PHE C 90 37.77 -40.30 -34.06
N VAL C 91 37.74 -39.38 -35.01
CA VAL C 91 37.06 -39.61 -36.28
C VAL C 91 37.91 -40.55 -37.11
N LYS C 92 37.29 -41.57 -37.70
CA LYS C 92 37.99 -42.55 -38.51
C LYS C 92 37.62 -42.38 -39.98
N VAL C 93 38.64 -42.40 -40.84
CA VAL C 93 38.40 -42.38 -42.28
C VAL C 93 37.71 -43.67 -42.69
N MET C 94 36.57 -43.54 -43.38
CA MET C 94 35.77 -44.78 -43.68
C MET C 94 36.13 -45.33 -45.06
N THR C 95 35.63 -46.53 -45.37
CA THR C 95 35.93 -47.17 -46.68
C THR C 95 34.61 -47.65 -47.30
N ALA C 96 33.82 -46.73 -47.85
CA ALA C 96 32.53 -47.08 -48.49
C ALA C 96 31.71 -47.97 -47.56
N ALA C 97 31.00 -48.95 -48.12
CA ALA C 97 30.13 -49.83 -47.30
C ALA C 97 30.10 -51.23 -47.90
N ARG C 98 30.41 -52.22 -47.09
CA ARG C 98 30.29 -53.59 -47.60
C ARG C 98 28.79 -53.92 -47.61
N LYS C 99 28.12 -53.71 -48.74
CA LYS C 99 26.69 -53.94 -48.77
C LYS C 99 26.31 -55.36 -49.18
N ILE C 100 27.28 -56.26 -49.38
CA ILE C 100 26.94 -57.63 -49.72
C ILE C 100 26.32 -58.36 -48.54
N ASP C 101 26.60 -57.90 -47.32
CA ASP C 101 26.04 -58.53 -46.12
C ASP C 101 24.55 -58.34 -45.98
N GLU C 102 23.98 -57.32 -46.62
CA GLU C 102 22.54 -57.09 -46.53
C GLU C 102 21.79 -57.49 -47.80
N ILE C 103 22.45 -57.51 -48.95
CA ILE C 103 21.80 -57.94 -50.18
C ILE C 103 21.51 -59.44 -50.14
N ILE C 104 22.48 -60.24 -49.75
CA ILE C 104 22.34 -61.69 -49.76
C ILE C 104 22.48 -62.32 -48.39
N GLY C 105 23.03 -61.61 -47.40
CA GLY C 105 23.24 -62.18 -46.09
C GLY C 105 24.49 -63.05 -46.06
N ILE C 106 24.79 -63.56 -44.86
CA ILE C 106 25.92 -64.46 -44.65
C ILE C 106 25.45 -65.65 -43.83
N ASP C 107 26.23 -66.73 -43.90
CA ASP C 107 26.03 -67.89 -43.05
C ASP C 107 27.36 -68.47 -42.61
N THR C 108 27.59 -68.47 -41.30
CA THR C 108 28.82 -69.03 -40.73
C THR C 108 28.76 -70.55 -40.87
N VAL C 109 29.49 -71.08 -41.84
CA VAL C 109 29.48 -72.50 -42.15
C VAL C 109 30.86 -72.91 -42.64
N GLY C 110 31.25 -74.14 -42.31
CA GLY C 110 32.57 -74.63 -42.65
C GLY C 110 33.60 -74.29 -41.60
N SER C 111 34.83 -74.71 -41.87
CA SER C 111 35.95 -74.48 -40.98
C SER C 111 37.01 -73.66 -41.70
N TRP C 112 37.83 -72.97 -40.90
CA TRP C 112 38.88 -72.12 -41.45
C TRP C 112 39.90 -72.95 -42.21
N GLU C 113 40.28 -74.10 -41.69
CA GLU C 113 41.29 -74.96 -42.32
C GLU C 113 40.66 -75.94 -43.31
N ASP C 114 39.83 -75.41 -44.20
CA ASP C 114 39.18 -76.17 -45.26
C ASP C 114 39.58 -75.61 -46.61
N GLN C 115 39.14 -76.29 -47.66
CA GLN C 115 39.43 -75.86 -49.03
C GLN C 115 38.19 -75.61 -49.86
N GLU C 116 37.14 -76.42 -49.69
CA GLU C 116 35.97 -76.32 -50.56
C GLU C 116 34.69 -76.46 -49.74
N ILE C 117 33.63 -75.86 -50.29
CA ILE C 117 32.28 -75.94 -49.74
C ILE C 117 31.40 -76.56 -50.81
N VAL C 118 30.62 -77.57 -50.42
CA VAL C 118 29.83 -78.36 -51.35
C VAL C 118 28.35 -78.18 -51.03
N GLN C 119 27.57 -77.85 -52.05
CA GLN C 119 26.12 -77.75 -51.97
C GLN C 119 25.50 -78.80 -52.87
N GLY C 120 24.57 -79.59 -52.33
CA GLY C 120 23.88 -80.61 -53.08
C GLY C 120 22.47 -80.20 -53.43
N ILE C 121 22.07 -80.50 -54.66
CA ILE C 121 20.72 -80.24 -55.14
C ILE C 121 20.10 -81.58 -55.55
N VAL C 122 18.93 -81.89 -54.99
CA VAL C 122 18.23 -83.13 -55.25
C VAL C 122 17.01 -82.83 -56.10
N GLU C 123 16.96 -83.42 -57.29
CA GLU C 123 15.78 -83.32 -58.14
C GLU C 123 14.96 -84.59 -57.96
N PRO C 124 13.76 -84.52 -57.41
CA PRO C 124 12.91 -85.71 -57.30
C PRO C 124 12.04 -85.87 -58.54
N ALA C 125 11.35 -87.01 -58.60
CA ALA C 125 10.53 -87.33 -59.75
C ALA C 125 9.43 -88.30 -59.34
N GLY C 126 8.25 -88.13 -59.93
CA GLY C 126 7.12 -88.99 -59.68
C GLY C 126 5.81 -88.35 -60.09
N THR C 127 4.93 -89.15 -60.72
CA THR C 127 3.60 -88.69 -61.13
C THR C 127 2.55 -89.66 -60.61
N ALA C 128 1.46 -89.11 -60.10
CA ALA C 128 0.39 -89.93 -59.55
C ALA C 128 -0.45 -90.53 -60.68
N VAL C 129 -1.09 -91.66 -60.36
CA VAL C 129 -2.01 -92.33 -61.26
C VAL C 129 -3.31 -92.58 -60.49
N GLU C 130 -4.35 -92.93 -61.23
CA GLU C 130 -5.62 -93.27 -60.62
C GLU C 130 -5.49 -94.54 -59.79
N TYR C 131 -6.15 -94.56 -58.65
CA TYR C 131 -6.00 -95.69 -57.73
C TYR C 131 -6.73 -96.93 -58.25
N GLY C 132 -6.11 -98.08 -58.03
CA GLY C 132 -6.72 -99.37 -58.29
C GLY C 132 -6.18 -100.40 -57.31
N ASP C 133 -7.04 -101.33 -56.89
CA ASP C 133 -6.61 -102.34 -55.92
C ASP C 133 -5.56 -103.26 -56.51
N HIS C 134 -5.73 -103.68 -57.76
CA HIS C 134 -4.82 -104.62 -58.40
C HIS C 134 -3.91 -103.97 -59.43
N THR C 135 -4.02 -102.67 -59.64
CA THR C 135 -3.12 -101.98 -60.55
C THR C 135 -1.72 -101.89 -59.95
N ASN C 136 -0.71 -101.93 -60.82
CA ASN C 136 0.67 -101.87 -60.35
C ASN C 136 0.99 -100.51 -59.76
N ILE C 137 1.83 -100.51 -58.74
CA ILE C 137 2.11 -99.31 -57.95
C ILE C 137 3.10 -98.43 -58.70
N PRO C 138 2.78 -97.16 -58.94
CA PRO C 138 3.80 -96.23 -59.44
C PRO C 138 4.79 -95.88 -58.33
N LEU C 139 6.00 -95.54 -58.73
CA LEU C 139 7.07 -95.29 -57.78
C LEU C 139 7.72 -93.94 -58.05
N THR C 140 8.22 -93.32 -56.98
CA THR C 140 8.97 -92.08 -57.05
C THR C 140 10.45 -92.34 -56.94
N SER C 141 11.25 -91.38 -57.40
CA SER C 141 12.70 -91.51 -57.35
C SER C 141 13.31 -90.12 -57.22
N TRP C 142 14.63 -90.06 -57.26
CA TRP C 142 15.36 -88.81 -57.15
C TRP C 142 16.75 -88.99 -57.72
N ASN C 143 17.40 -87.86 -58.02
CA ASN C 143 18.82 -87.83 -58.31
C ASN C 143 19.45 -86.60 -57.68
N ALA C 144 20.77 -86.61 -57.53
CA ALA C 144 21.46 -85.53 -56.84
C ALA C 144 22.65 -85.05 -57.64
N ASN C 145 22.87 -83.74 -57.62
CA ASN C 145 24.02 -83.09 -58.22
C ASN C 145 24.70 -82.26 -57.15
N PHE C 146 25.98 -81.95 -57.37
CA PHE C 146 26.77 -81.26 -56.36
C PHE C 146 27.57 -80.14 -57.01
N GLU C 147 27.71 -79.04 -56.28
CA GLU C 147 28.51 -77.89 -56.71
C GLU C 147 29.52 -77.56 -55.62
N ARG C 148 30.78 -77.40 -56.02
CA ARG C 148 31.87 -77.13 -55.09
C ARG C 148 32.47 -75.76 -55.37
N ARG C 149 32.72 -75.00 -54.31
CA ARG C 149 33.34 -73.68 -54.41
C ARG C 149 34.54 -73.63 -53.48
N THR C 150 35.67 -73.16 -53.99
CA THR C 150 36.89 -73.15 -53.19
C THR C 150 36.84 -72.04 -52.15
N ILE C 151 37.80 -72.10 -51.22
CA ILE C 151 37.83 -71.24 -50.05
C ILE C 151 39.05 -70.34 -50.11
N VAL C 152 38.85 -69.05 -49.84
CA VAL C 152 39.89 -68.04 -49.84
C VAL C 152 40.09 -67.55 -48.42
N ARG C 153 41.35 -67.57 -47.97
CA ARG C 153 41.71 -67.12 -46.62
C ARG C 153 42.50 -65.83 -46.74
N GLY C 154 42.04 -64.79 -46.04
CA GLY C 154 42.74 -63.52 -45.96
C GLY C 154 43.45 -63.39 -44.63
N GLU C 155 44.66 -62.83 -44.68
CA GLU C 155 45.52 -62.70 -43.52
C GLU C 155 45.89 -61.24 -43.31
N LEU C 156 45.83 -60.77 -42.06
CA LEU C 156 46.22 -59.40 -41.76
C LEU C 156 46.71 -59.35 -40.31
N GLY C 157 47.77 -58.58 -40.08
CA GLY C 157 48.41 -58.55 -38.78
C GLY C 157 48.72 -57.13 -38.33
N MET C 158 49.41 -57.06 -37.18
CA MET C 158 49.85 -55.79 -36.64
C MET C 158 51.13 -56.01 -35.82
N MET C 159 52.01 -55.02 -35.86
CA MET C 159 53.23 -54.97 -35.05
C MET C 159 53.19 -53.72 -34.18
N VAL C 160 53.29 -53.91 -32.87
CA VAL C 160 53.18 -52.81 -31.92
C VAL C 160 54.39 -52.83 -31.01
N GLY C 161 55.05 -51.68 -30.88
CA GLY C 161 56.22 -51.54 -30.04
C GLY C 161 55.93 -50.91 -28.69
N THR C 162 56.90 -51.01 -27.78
CA THR C 162 56.70 -50.50 -26.42
C THR C 162 56.65 -48.97 -26.40
N LEU C 163 57.62 -48.31 -27.03
CA LEU C 163 57.64 -46.86 -27.06
C LEU C 163 56.46 -46.31 -27.84
N GLU C 164 56.08 -46.99 -28.93
CA GLU C 164 54.90 -46.60 -29.70
C GLU C 164 53.64 -46.69 -28.85
N GLU C 165 53.49 -47.76 -28.08
CA GLU C 165 52.34 -47.89 -27.17
C GLU C 165 52.34 -46.77 -26.13
N GLY C 166 53.48 -46.53 -25.50
CA GLY C 166 53.55 -45.51 -24.47
C GLY C 166 53.25 -44.11 -25.00
N ARG C 167 53.78 -43.80 -26.18
CA ARG C 167 53.57 -42.47 -26.74
C ARG C 167 52.14 -42.30 -27.25
N ALA C 168 51.55 -43.35 -27.83
CA ALA C 168 50.21 -43.23 -28.35
C ALA C 168 49.14 -43.25 -27.27
N SER C 169 49.38 -43.94 -26.15
CA SER C 169 48.42 -43.94 -25.06
C SER C 169 48.30 -42.57 -24.39
N ALA C 170 49.26 -41.66 -24.62
CA ALA C 170 49.18 -40.33 -24.06
C ALA C 170 48.12 -39.47 -24.73
N ILE C 171 47.77 -39.76 -25.98
CA ILE C 171 46.72 -39.01 -26.68
C ILE C 171 45.40 -39.78 -26.68
N ARG C 172 45.20 -40.67 -25.70
CA ARG C 172 43.96 -41.44 -25.51
C ARG C 172 43.66 -42.33 -26.71
N LEU C 173 44.70 -42.81 -27.38
CA LEU C 173 44.57 -43.77 -28.47
C LEU C 173 45.31 -45.04 -28.07
N ASN C 174 44.66 -46.18 -28.30
CA ASN C 174 45.21 -47.45 -27.80
C ASN C 174 46.49 -47.84 -28.54
N SER C 175 46.52 -47.64 -29.86
CA SER C 175 47.55 -48.07 -30.81
C SER C 175 47.62 -49.58 -30.97
N ALA C 176 46.82 -50.34 -30.23
CA ALA C 176 46.71 -51.77 -30.41
C ALA C 176 45.28 -52.21 -30.68
N GLU C 177 44.30 -51.59 -30.02
CA GLU C 177 42.91 -51.87 -30.34
C GLU C 177 42.52 -51.25 -31.68
N THR C 178 43.03 -50.05 -31.97
CA THR C 178 42.74 -49.44 -33.27
C THR C 178 43.38 -50.23 -34.40
N LYS C 179 44.57 -50.78 -34.17
CA LYS C 179 45.17 -51.66 -35.17
C LYS C 179 44.38 -52.95 -35.31
N ARG C 180 43.84 -53.47 -34.19
CA ARG C 180 43.02 -54.68 -34.25
C ARG C 180 41.76 -54.44 -35.08
N GLN C 181 41.06 -53.34 -34.81
CA GLN C 181 39.83 -53.09 -35.55
C GLN C 181 40.11 -52.67 -36.98
N GLN C 182 41.28 -52.07 -37.25
CA GLN C 182 41.66 -51.82 -38.64
C GLN C 182 41.93 -53.12 -39.38
N ALA C 183 42.57 -54.10 -38.71
CA ALA C 183 42.73 -55.41 -39.31
C ALA C 183 41.38 -56.06 -39.58
N ALA C 184 40.45 -55.93 -38.64
CA ALA C 184 39.11 -56.47 -38.84
C ALA C 184 38.41 -55.80 -40.02
N ILE C 185 38.52 -54.48 -40.15
CA ILE C 185 37.87 -53.76 -41.23
C ILE C 185 38.51 -54.10 -42.58
N GLY C 186 39.84 -54.26 -42.59
CA GLY C 186 40.51 -54.67 -43.82
C GLY C 186 40.08 -56.06 -44.26
N LEU C 187 39.97 -57.00 -43.32
CA LEU C 187 39.44 -58.31 -43.65
C LEU C 187 37.99 -58.24 -44.10
N GLU C 188 37.21 -57.31 -43.54
CA GLU C 188 35.83 -57.13 -43.99
C GLU C 188 35.76 -56.60 -45.42
N ILE C 189 36.65 -55.68 -45.77
CA ILE C 189 36.73 -55.18 -47.13
C ILE C 189 37.10 -56.32 -48.08
N PHE C 190 38.08 -57.13 -47.69
CA PHE C 190 38.46 -58.30 -48.48
C PHE C 190 37.28 -59.25 -48.66
N ARG C 191 36.54 -59.51 -47.58
CA ARG C 191 35.40 -60.42 -47.64
C ARG C 191 34.30 -59.89 -48.55
N ASN C 192 34.01 -58.59 -48.46
CA ASN C 192 32.98 -57.99 -49.31
C ASN C 192 33.40 -58.03 -50.78
N ALA C 193 34.69 -57.78 -51.05
CA ALA C 193 35.17 -57.87 -52.43
C ALA C 193 35.06 -59.29 -52.96
N ILE C 194 35.39 -60.29 -52.13
CA ILE C 194 35.22 -61.69 -52.54
C ILE C 194 33.76 -61.99 -52.81
N GLY C 195 32.87 -61.54 -51.92
CA GLY C 195 31.46 -61.82 -52.09
C GLY C 195 30.84 -61.13 -53.28
N PHE C 196 31.42 -60.03 -53.73
CA PHE C 196 30.84 -59.31 -54.85
C PHE C 196 31.44 -59.73 -56.20
N TYR C 197 32.76 -59.82 -56.29
CA TYR C 197 33.40 -60.15 -57.56
C TYR C 197 34.01 -61.54 -57.62
N GLY C 198 34.22 -62.18 -56.49
CA GLY C 198 34.97 -63.43 -56.47
C GLY C 198 36.48 -63.18 -56.52
N TRP C 199 37.23 -64.22 -56.18
CA TRP C 199 38.67 -64.14 -56.09
C TRP C 199 39.30 -64.96 -57.22
N GLN C 200 39.86 -64.25 -58.19
CA GLN C 200 40.66 -64.84 -59.27
C GLN C 200 39.90 -65.92 -60.03
N SER C 201 38.62 -65.66 -60.27
CA SER C 201 37.81 -66.59 -61.05
C SER C 201 38.26 -66.65 -62.50
N GLY C 202 38.89 -65.59 -63.01
CA GLY C 202 39.44 -65.63 -64.35
C GLY C 202 40.58 -66.61 -64.48
N LEU C 203 41.38 -66.76 -63.42
CA LEU C 203 42.47 -67.72 -63.42
C LEU C 203 42.01 -69.15 -63.14
N GLY C 204 40.74 -69.34 -62.81
CA GLY C 204 40.22 -70.66 -62.55
C GLY C 204 40.29 -71.07 -61.10
N ASN C 205 39.98 -70.14 -60.19
CA ASN C 205 40.03 -70.40 -58.76
C ASN C 205 38.75 -71.01 -58.22
N ARG C 206 37.67 -71.02 -59.00
CA ARG C 206 36.38 -71.58 -58.61
C ARG C 206 35.83 -70.92 -57.34
N THR C 207 36.04 -69.61 -57.22
CA THR C 207 35.49 -68.79 -56.13
C THR C 207 34.84 -67.59 -56.80
N TYR C 208 33.55 -67.71 -57.08
CA TYR C 208 32.80 -66.67 -57.78
C TYR C 208 32.06 -65.79 -56.78
N GLY C 209 31.37 -64.78 -57.30
CA GLY C 209 30.68 -63.85 -56.45
C GLY C 209 29.25 -63.59 -56.87
N PHE C 210 28.66 -62.52 -56.33
CA PHE C 210 27.29 -62.14 -56.67
C PHE C 210 27.15 -61.71 -58.12
N LEU C 211 28.23 -61.29 -58.76
CA LEU C 211 28.16 -60.71 -60.10
C LEU C 211 28.72 -61.60 -61.19
N ASN C 212 29.43 -62.69 -60.84
CA ASN C 212 30.05 -63.53 -61.86
C ASN C 212 29.90 -65.01 -61.57
N ASP C 213 28.81 -65.40 -60.90
CA ASP C 213 28.54 -66.81 -60.66
C ASP C 213 28.28 -67.52 -61.99
N PRO C 214 28.77 -68.76 -62.14
CA PRO C 214 28.54 -69.46 -63.41
C PRO C 214 27.10 -69.90 -63.60
N ASN C 215 26.44 -70.34 -62.53
CA ASN C 215 25.04 -70.74 -62.60
C ASN C 215 24.13 -69.52 -62.40
N LEU C 216 24.28 -68.56 -63.30
CA LEU C 216 23.42 -67.40 -63.35
C LEU C 216 22.98 -67.21 -64.79
N PRO C 217 21.80 -66.61 -65.02
CA PRO C 217 21.40 -66.34 -66.41
C PRO C 217 22.29 -65.29 -67.04
N ALA C 218 22.32 -65.32 -68.38
CA ALA C 218 23.19 -64.42 -69.13
C ALA C 218 22.82 -62.97 -68.88
N PHE C 219 23.85 -62.11 -68.84
CA PHE C 219 23.66 -60.69 -68.60
C PHE C 219 22.92 -60.07 -69.79
N GLN C 220 21.65 -59.75 -69.59
CA GLN C 220 20.82 -59.24 -70.69
C GLN C 220 21.01 -57.73 -70.84
N THR C 221 20.61 -57.24 -72.00
CA THR C 221 20.58 -55.80 -72.24
C THR C 221 19.17 -55.27 -72.04
N PRO C 222 19.02 -54.12 -71.39
CA PRO C 222 17.68 -53.60 -71.11
C PRO C 222 16.98 -53.18 -72.38
N PRO C 223 15.65 -53.24 -72.43
CA PRO C 223 14.92 -52.83 -73.64
C PRO C 223 15.09 -51.36 -73.99
N SER C 224 15.31 -50.49 -73.01
CA SER C 224 15.41 -49.06 -73.25
C SER C 224 16.83 -48.59 -73.51
N GLN C 225 17.78 -49.50 -73.63
CA GLN C 225 19.22 -49.20 -73.73
C GLN C 225 19.61 -48.47 -72.43
N GLY C 226 20.50 -47.49 -72.52
CA GLY C 226 20.95 -46.79 -71.34
C GLY C 226 19.84 -45.98 -70.69
N TRP C 227 19.86 -45.96 -69.36
CA TRP C 227 18.88 -45.19 -68.60
C TRP C 227 19.17 -43.70 -68.65
N SER C 228 20.43 -43.32 -68.86
CA SER C 228 20.78 -41.89 -68.90
C SER C 228 20.09 -41.19 -70.06
N THR C 229 20.06 -41.83 -71.23
CA THR C 229 19.34 -41.27 -72.37
C THR C 229 17.85 -41.59 -72.35
N ALA C 230 17.43 -42.54 -71.52
CA ALA C 230 16.04 -42.93 -71.47
C ALA C 230 15.22 -41.95 -70.64
N ASP C 231 13.92 -41.93 -70.90
CA ASP C 231 12.97 -41.12 -70.15
C ASP C 231 12.35 -41.96 -69.05
N TRP C 232 11.28 -41.43 -68.44
CA TRP C 232 10.58 -42.15 -67.38
C TRP C 232 9.97 -43.44 -67.90
N ALA C 233 9.37 -43.39 -69.09
CA ALA C 233 8.71 -44.55 -69.67
C ALA C 233 9.69 -45.68 -69.95
N GLY C 234 10.92 -45.33 -70.38
CA GLY C 234 11.91 -46.36 -70.63
C GLY C 234 12.34 -47.09 -69.37
N ILE C 235 12.54 -46.35 -68.28
CA ILE C 235 12.91 -46.97 -67.01
C ILE C 235 11.77 -47.85 -66.50
N ILE C 236 10.55 -47.35 -66.62
CA ILE C 236 9.37 -48.15 -66.24
C ILE C 236 9.29 -49.42 -67.06
N GLY C 237 9.53 -49.31 -68.37
CA GLY C 237 9.51 -50.49 -69.22
C GLY C 237 10.58 -51.49 -68.86
N ASP C 238 11.78 -51.02 -68.50
CA ASP C 238 12.85 -51.92 -68.10
C ASP C 238 12.49 -52.67 -66.81
N ILE C 239 11.98 -51.95 -65.82
CA ILE C 239 11.60 -52.61 -64.56
C ILE C 239 10.46 -53.58 -64.79
N ARG C 240 9.47 -53.18 -65.61
CA ARG C 240 8.34 -54.06 -65.91
C ARG C 240 8.78 -55.32 -66.64
N GLU C 241 9.68 -55.18 -67.62
CA GLU C 241 10.14 -56.36 -68.34
C GLU C 241 10.97 -57.28 -67.46
N ALA C 242 11.78 -56.71 -66.57
CA ALA C 242 12.53 -57.53 -65.63
C ALA C 242 11.60 -58.32 -64.71
N VAL C 243 10.57 -57.65 -64.18
CA VAL C 243 9.64 -58.34 -63.27
C VAL C 243 8.84 -59.39 -64.02
N ARG C 244 8.42 -59.09 -65.25
CA ARG C 244 7.68 -60.07 -66.05
C ARG C 244 8.54 -61.28 -66.37
N GLN C 245 9.81 -61.06 -66.72
CA GLN C 245 10.72 -62.17 -66.97
C GLN C 245 10.92 -63.01 -65.72
N LEU C 246 11.06 -62.36 -64.56
CA LEU C 246 11.21 -63.11 -63.32
C LEU C 246 9.98 -63.95 -63.03
N ARG C 247 8.79 -63.39 -63.26
CA ARG C 247 7.55 -64.12 -63.00
C ARG C 247 7.40 -65.30 -63.96
N ILE C 248 7.78 -65.12 -65.23
CA ILE C 248 7.65 -66.20 -66.20
C ILE C 248 8.66 -67.31 -65.90
N GLN C 249 9.90 -66.93 -65.56
CA GLN C 249 10.90 -67.93 -65.17
C GLN C 249 10.48 -68.69 -63.92
N SER C 250 9.96 -67.97 -62.93
CA SER C 250 9.60 -68.57 -61.65
C SER C 250 8.27 -69.31 -61.71
N GLN C 251 7.46 -69.11 -62.76
CA GLN C 251 6.12 -69.69 -62.90
C GLN C 251 5.26 -69.34 -61.68
N ASP C 252 5.24 -68.05 -61.35
CA ASP C 252 4.37 -67.47 -60.33
C ASP C 252 4.68 -67.97 -58.93
N GLN C 253 5.97 -68.10 -58.61
CA GLN C 253 6.39 -68.27 -57.23
C GLN C 253 6.75 -66.95 -56.57
N ILE C 254 6.14 -65.86 -57.04
CA ILE C 254 6.50 -64.51 -56.55
C ILE C 254 5.44 -64.06 -55.55
N ASP C 255 5.87 -63.60 -54.37
CA ASP C 255 4.90 -63.20 -53.31
C ASP C 255 4.07 -62.01 -53.77
N PRO C 256 2.85 -61.80 -53.22
CA PRO C 256 2.04 -60.63 -53.56
C PRO C 256 2.80 -59.32 -53.32
N LYS C 257 2.69 -58.36 -54.24
CA LYS C 257 3.38 -57.05 -54.12
C LYS C 257 4.90 -57.26 -54.14
N ALA C 258 5.37 -58.32 -54.79
CA ALA C 258 6.82 -58.56 -54.91
C ALA C 258 7.46 -58.49 -53.53
N GLU C 259 6.84 -59.12 -52.53
CA GLU C 259 7.34 -58.99 -51.16
C GLU C 259 8.80 -59.40 -51.06
N LYS C 260 9.10 -60.68 -51.28
CA LYS C 260 10.45 -61.19 -51.08
C LYS C 260 11.29 -61.06 -52.34
N ILE C 261 11.34 -59.86 -52.90
CA ILE C 261 12.05 -59.57 -54.14
C ILE C 261 12.96 -58.38 -53.90
N THR C 262 14.23 -58.49 -54.30
CA THR C 262 15.20 -57.43 -54.16
C THR C 262 15.67 -56.96 -55.52
N LEU C 263 15.65 -55.64 -55.71
CA LEU C 263 16.17 -54.95 -56.89
C LEU C 263 17.46 -54.27 -56.46
N ALA C 264 18.59 -54.89 -56.82
CA ALA C 264 19.90 -54.31 -56.57
C ALA C 264 20.32 -53.48 -57.77
N LEU C 265 20.74 -52.25 -57.51
CA LEU C 265 21.09 -51.30 -58.56
C LEU C 265 22.54 -50.87 -58.43
N ALA C 266 23.10 -50.40 -59.53
CA ALA C 266 24.32 -49.60 -59.44
C ALA C 266 24.05 -48.33 -58.63
N THR C 267 25.04 -47.91 -57.85
CA THR C 267 24.92 -46.66 -57.09
C THR C 267 24.78 -45.46 -58.00
N SER C 268 25.48 -45.45 -59.14
CA SER C 268 25.38 -44.34 -60.08
C SER C 268 24.04 -44.28 -60.79
N LYS C 269 23.20 -45.30 -60.66
CA LYS C 269 21.91 -45.34 -61.33
C LYS C 269 20.71 -45.35 -60.39
N VAL C 270 20.92 -45.42 -59.07
CA VAL C 270 19.78 -45.45 -58.15
C VAL C 270 19.05 -44.12 -58.17
N ASP C 271 19.78 -43.02 -58.36
CA ASP C 271 19.15 -41.70 -58.41
C ASP C 271 18.24 -41.54 -59.61
N TYR C 272 18.43 -42.35 -60.65
CA TYR C 272 17.52 -42.37 -61.79
C TYR C 272 16.14 -42.89 -61.42
N LEU C 273 15.98 -43.52 -60.25
CA LEU C 273 14.65 -43.83 -59.75
C LEU C 273 13.87 -42.57 -59.37
N SER C 274 14.54 -41.43 -59.30
CA SER C 274 13.89 -40.14 -59.05
C SER C 274 13.48 -39.44 -60.33
N VAL C 275 13.80 -40.02 -61.49
CA VAL C 275 13.39 -39.40 -62.79
C VAL C 275 11.87 -39.34 -62.80
N THR C 276 11.30 -38.20 -63.18
CA THR C 276 9.83 -38.03 -63.13
C THR C 276 9.29 -37.76 -64.52
N THR C 277 8.12 -38.32 -64.83
CA THR C 277 7.47 -37.97 -66.10
C THR C 277 7.18 -36.49 -65.99
N PRO C 278 6.94 -35.72 -67.09
CA PRO C 278 6.77 -34.27 -67.01
C PRO C 278 5.59 -33.80 -66.14
N TYR C 279 4.90 -34.72 -65.49
CA TYR C 279 3.70 -34.31 -64.71
C TYR C 279 3.96 -34.52 -63.23
N GLY C 280 5.04 -35.24 -62.88
CA GLY C 280 5.39 -35.35 -61.45
C GLY C 280 5.29 -36.75 -60.87
N ILE C 281 5.34 -37.80 -61.68
CA ILE C 281 5.33 -39.16 -61.05
C ILE C 281 6.72 -39.79 -61.23
N SER C 282 7.43 -40.03 -60.14
CA SER C 282 8.81 -40.57 -60.20
C SER C 282 8.78 -42.08 -60.45
N VAL C 283 9.91 -42.64 -60.88
CA VAL C 283 9.99 -44.12 -61.03
C VAL C 283 9.75 -44.74 -59.66
N SER C 284 10.17 -44.07 -58.58
CA SER C 284 9.94 -44.58 -57.23
C SER C 284 8.45 -44.60 -56.90
N ASP C 285 7.71 -43.58 -57.32
CA ASP C 285 6.26 -43.57 -57.13
C ASP C 285 5.61 -44.71 -57.90
N TRP C 286 6.09 -44.97 -59.12
CA TRP C 286 5.56 -46.08 -59.91
C TRP C 286 5.80 -47.42 -59.22
N ILE C 287 6.99 -47.60 -58.65
CA ILE C 287 7.28 -48.82 -57.91
C ILE C 287 6.39 -48.92 -56.67
N GLU C 288 6.20 -47.80 -55.97
CA GLU C 288 5.37 -47.80 -54.76
C GLU C 288 3.92 -48.16 -55.08
N GLN C 289 3.39 -47.63 -56.18
CA GLN C 289 2.02 -47.91 -56.56
C GLN C 289 1.88 -49.20 -57.34
N THR C 290 2.98 -49.85 -57.72
CA THR C 290 2.95 -51.08 -58.49
C THR C 290 3.46 -52.27 -57.71
N TYR C 291 4.66 -52.18 -57.12
CA TYR C 291 5.25 -53.25 -56.32
C TYR C 291 5.57 -52.67 -54.95
N PRO C 292 4.55 -52.52 -54.09
CA PRO C 292 4.76 -51.80 -52.82
C PRO C 292 5.79 -52.42 -51.90
N LYS C 293 5.87 -53.74 -51.84
CA LYS C 293 6.81 -54.42 -50.94
C LYS C 293 8.09 -54.82 -51.65
N MET C 294 8.43 -54.15 -52.75
CA MET C 294 9.63 -54.47 -53.49
C MET C 294 10.83 -53.91 -52.74
N ARG C 295 11.73 -54.80 -52.30
CA ARG C 295 12.96 -54.35 -51.68
C ARG C 295 13.87 -53.73 -52.73
N ILE C 296 14.43 -52.56 -52.43
CA ILE C 296 15.28 -51.84 -53.37
C ILE C 296 16.58 -51.48 -52.66
N VAL C 297 17.70 -51.92 -53.20
CA VAL C 297 19.01 -51.59 -52.64
C VAL C 297 19.91 -51.13 -53.77
N SER C 298 20.93 -50.37 -53.41
CA SER C 298 21.92 -49.88 -54.35
C SER C 298 23.30 -50.18 -53.79
N ALA C 299 24.17 -50.74 -54.64
CA ALA C 299 25.49 -51.14 -54.19
C ALA C 299 26.58 -50.50 -55.05
N PRO C 300 27.67 -50.01 -54.44
CA PRO C 300 28.75 -49.43 -55.25
C PRO C 300 29.41 -50.42 -56.18
N GLU C 301 29.46 -51.69 -55.79
CA GLU C 301 30.13 -52.69 -56.61
C GLU C 301 29.35 -53.05 -57.85
N LEU C 302 28.05 -52.74 -57.90
CA LEU C 302 27.24 -52.98 -59.08
C LEU C 302 27.41 -51.91 -60.14
N SER C 303 28.16 -50.85 -59.86
CA SER C 303 28.44 -49.79 -60.82
C SER C 303 29.74 -50.09 -61.55
N GLY C 304 29.70 -50.00 -62.87
CA GLY C 304 30.87 -50.33 -63.66
C GLY C 304 31.23 -51.80 -63.63
N VAL C 305 30.24 -52.69 -63.73
CA VAL C 305 30.52 -54.13 -63.69
C VAL C 305 31.33 -54.56 -64.90
N GLN C 306 30.97 -54.07 -66.08
CA GLN C 306 31.68 -54.40 -67.31
C GLN C 306 32.05 -53.11 -68.04
N MET C 307 32.92 -53.26 -69.03
CA MET C 307 33.31 -52.16 -69.91
C MET C 307 32.95 -52.55 -71.33
N LYS C 308 32.08 -51.78 -71.97
CA LYS C 308 31.74 -52.03 -73.36
C LYS C 308 32.98 -51.83 -74.25
N ALA C 309 33.44 -50.61 -74.34
CA ALA C 309 34.79 -50.34 -74.82
C ALA C 309 35.58 -49.45 -73.88
N GLN C 310 34.96 -48.38 -73.37
CA GLN C 310 35.56 -47.54 -72.35
C GLN C 310 34.51 -47.06 -71.37
N GLU C 311 33.24 -47.41 -71.56
CA GLU C 311 32.14 -46.90 -70.74
C GLU C 311 31.76 -47.93 -69.71
N PRO C 312 31.83 -47.63 -68.41
CA PRO C 312 31.64 -48.66 -67.39
C PRO C 312 30.19 -49.08 -67.24
N GLU C 313 29.87 -50.30 -67.69
CA GLU C 313 28.49 -50.75 -67.74
C GLU C 313 27.95 -50.97 -66.33
N ASP C 314 26.80 -50.36 -66.05
CA ASP C 314 26.15 -50.49 -64.76
C ASP C 314 25.15 -51.64 -64.79
N ALA C 315 24.77 -52.11 -63.60
CA ALA C 315 24.06 -53.36 -63.48
C ALA C 315 22.77 -53.20 -62.68
N LEU C 316 21.80 -54.04 -63.05
CA LEU C 316 20.55 -54.20 -62.31
C LEU C 316 20.34 -55.70 -62.09
N VAL C 317 20.07 -56.09 -60.86
CA VAL C 317 19.83 -57.49 -60.53
C VAL C 317 18.50 -57.59 -59.79
N LEU C 318 17.55 -58.33 -60.35
CA LEU C 318 16.25 -58.54 -59.74
C LEU C 318 16.15 -60.00 -59.32
N PHE C 319 16.06 -60.25 -58.02
CA PHE C 319 16.10 -61.63 -57.57
C PHE C 319 15.21 -61.84 -56.35
N VAL C 320 14.67 -63.04 -56.24
CA VAL C 320 13.94 -63.44 -55.05
C VAL C 320 14.94 -63.70 -53.93
N GLU C 321 14.67 -63.15 -52.75
CA GLU C 321 15.57 -63.31 -51.61
C GLU C 321 15.52 -64.74 -51.09
N ASP C 322 14.36 -65.15 -50.59
CA ASP C 322 14.16 -66.46 -50.02
C ASP C 322 12.91 -67.09 -50.62
N VAL C 323 12.93 -68.41 -50.73
CA VAL C 323 11.79 -69.18 -51.20
C VAL C 323 11.37 -70.10 -50.08
N ASN C 324 10.06 -70.21 -49.84
CA ASN C 324 9.57 -71.04 -48.76
C ASN C 324 9.88 -72.52 -49.01
N ALA C 325 10.08 -73.26 -47.93
CA ALA C 325 10.46 -74.65 -48.01
C ALA C 325 9.28 -75.61 -48.06
N ALA C 326 8.05 -75.09 -47.98
CA ALA C 326 6.88 -75.96 -47.91
C ALA C 326 6.55 -76.55 -49.28
N VAL C 327 6.67 -75.76 -50.34
CA VAL C 327 6.20 -76.18 -51.66
C VAL C 327 7.11 -77.25 -52.26
N ASP C 328 8.41 -77.20 -51.98
CA ASP C 328 9.37 -78.11 -52.59
C ASP C 328 10.03 -79.06 -51.60
N GLY C 329 9.93 -78.80 -50.30
CA GLY C 329 10.59 -79.65 -49.33
C GLY C 329 12.07 -79.44 -49.19
N SER C 330 12.58 -78.27 -49.57
CA SER C 330 14.00 -77.99 -49.47
C SER C 330 14.43 -77.88 -48.02
N THR C 331 15.54 -78.53 -47.68
CA THR C 331 16.12 -78.46 -46.35
C THR C 331 17.33 -77.53 -46.29
N ASP C 332 17.65 -76.84 -47.39
CA ASP C 332 18.82 -75.97 -47.40
C ASP C 332 18.62 -74.72 -46.56
N GLY C 333 17.39 -74.20 -46.54
CA GLY C 333 17.12 -72.96 -45.83
C GLY C 333 16.19 -72.06 -46.63
N GLY C 334 16.18 -72.23 -47.95
CA GLY C 334 15.28 -71.50 -48.81
C GLY C 334 15.87 -70.26 -49.46
N SER C 335 17.06 -69.84 -49.08
CA SER C 335 17.66 -68.66 -49.66
C SER C 335 18.14 -68.95 -51.09
N VAL C 336 17.97 -67.97 -51.97
CA VAL C 336 18.44 -68.11 -53.34
C VAL C 336 19.95 -67.89 -53.41
N PHE C 337 20.42 -66.81 -52.82
CA PHE C 337 21.84 -66.50 -52.73
C PHE C 337 22.33 -66.75 -51.32
N SER C 338 23.60 -67.14 -51.20
CA SER C 338 24.19 -67.36 -49.89
C SER C 338 25.67 -67.05 -49.95
N GLN C 339 26.13 -66.13 -49.12
CA GLN C 339 27.55 -65.83 -49.01
C GLN C 339 28.18 -66.77 -47.99
N LEU C 340 29.07 -67.64 -48.45
CA LEU C 340 29.66 -68.69 -47.62
C LEU C 340 30.85 -68.09 -46.89
N VAL C 341 30.67 -67.78 -45.62
CA VAL C 341 31.72 -67.23 -44.77
C VAL C 341 32.05 -68.27 -43.71
N GLN C 342 33.32 -68.70 -43.68
CA GLN C 342 33.74 -69.65 -42.66
C GLN C 342 33.89 -68.97 -41.32
N SER C 343 34.46 -67.77 -41.30
CA SER C 343 34.67 -67.02 -40.08
C SER C 343 34.98 -65.57 -40.44
N LYS C 344 34.30 -64.64 -39.77
CA LYS C 344 34.52 -63.22 -40.05
C LYS C 344 35.89 -62.76 -39.59
N PHE C 345 36.36 -63.27 -38.45
CA PHE C 345 37.58 -62.75 -37.84
C PHE C 345 38.06 -63.77 -36.81
N ILE C 346 39.23 -64.36 -37.03
CA ILE C 346 39.85 -65.26 -36.07
C ILE C 346 41.23 -64.70 -35.74
N THR C 347 41.69 -64.96 -34.52
CA THR C 347 43.01 -64.56 -34.08
C THR C 347 43.97 -65.72 -34.35
N LEU C 348 44.83 -65.56 -35.36
CA LEU C 348 45.77 -66.61 -35.71
C LEU C 348 46.79 -66.83 -34.60
N GLY C 349 47.34 -65.75 -34.05
CA GLY C 349 48.27 -65.92 -32.96
C GLY C 349 48.98 -64.65 -32.57
N VAL C 350 49.81 -64.78 -31.55
CA VAL C 350 50.62 -63.68 -31.01
C VAL C 350 52.07 -64.17 -30.92
N GLU C 351 52.99 -63.37 -31.44
CA GLU C 351 54.43 -63.62 -31.30
C GLU C 351 55.03 -62.44 -30.56
N LYS C 352 55.45 -62.66 -29.32
CA LYS C 352 55.93 -61.60 -28.45
C LYS C 352 57.45 -61.56 -28.50
N ARG C 353 57.99 -60.42 -28.93
CA ARG C 353 59.42 -60.19 -28.98
C ARG C 353 59.85 -59.34 -27.79
N ALA C 354 61.11 -58.88 -27.81
CA ALA C 354 61.69 -58.18 -26.67
C ALA C 354 61.04 -56.81 -26.46
N LYS C 355 61.11 -55.95 -27.47
CA LYS C 355 60.60 -54.58 -27.35
C LYS C 355 59.39 -54.34 -28.25
N SER C 356 58.75 -55.39 -28.74
CA SER C 356 57.57 -55.27 -29.58
C SER C 356 56.84 -56.61 -29.58
N TYR C 357 55.64 -56.61 -30.16
CA TYR C 357 54.91 -57.86 -30.34
C TYR C 357 54.05 -57.78 -31.59
N VAL C 358 53.79 -58.96 -32.16
CA VAL C 358 53.03 -59.12 -33.39
C VAL C 358 51.77 -59.89 -33.06
N GLU C 359 50.64 -59.43 -33.61
CA GLU C 359 49.40 -60.17 -33.51
C GLU C 359 48.84 -60.36 -34.91
N ASP C 360 48.57 -61.61 -35.28
CA ASP C 360 48.12 -61.98 -36.61
C ASP C 360 46.71 -62.55 -36.55
N PHE C 361 45.84 -62.08 -37.45
CA PHE C 361 44.47 -62.51 -37.58
C PHE C 361 44.18 -62.94 -39.01
N SER C 362 43.10 -63.69 -39.18
CA SER C 362 42.72 -64.19 -40.49
C SER C 362 41.21 -64.33 -40.58
N ASN C 363 40.73 -64.52 -41.81
CA ASN C 363 39.32 -64.75 -42.08
C ASN C 363 39.23 -65.65 -43.32
N GLY C 364 38.07 -66.27 -43.49
CA GLY C 364 37.85 -67.15 -44.61
C GLY C 364 36.50 -66.93 -45.24
N THR C 365 36.45 -67.08 -46.56
CA THR C 365 35.20 -66.90 -47.29
C THR C 365 35.28 -67.64 -48.61
N ALA C 366 34.16 -68.22 -49.04
CA ALA C 366 34.09 -68.96 -50.29
C ALA C 366 33.28 -68.22 -51.36
N GLY C 367 33.12 -66.91 -51.21
CA GLY C 367 32.37 -66.15 -52.19
C GLY C 367 30.88 -66.23 -51.95
N ALA C 368 30.12 -66.16 -53.05
CA ALA C 368 28.67 -66.22 -53.01
C ALA C 368 28.19 -67.34 -53.93
N LEU C 369 27.21 -68.09 -53.45
CA LEU C 369 26.65 -69.23 -54.16
C LEU C 369 25.20 -68.94 -54.53
N CYS C 370 24.86 -69.14 -55.80
CA CYS C 370 23.49 -69.00 -56.28
C CYS C 370 22.88 -70.39 -56.36
N LYS C 371 21.90 -70.65 -55.49
CA LYS C 371 21.26 -71.96 -55.42
C LYS C 371 19.99 -72.05 -56.24
N ARG C 372 19.37 -70.94 -56.58
CA ARG C 372 18.14 -70.90 -57.38
C ARG C 372 18.34 -69.92 -58.53
N PRO C 373 19.02 -70.35 -59.59
CA PRO C 373 19.27 -69.43 -60.74
C PRO C 373 17.99 -68.97 -61.43
N TRP C 374 16.91 -69.72 -61.34
CA TRP C 374 15.65 -69.33 -61.98
C TRP C 374 15.09 -68.05 -61.40
N ALA C 375 15.39 -67.75 -60.14
CA ALA C 375 14.88 -66.53 -59.52
C ALA C 375 15.87 -65.37 -59.63
N VAL C 376 16.43 -65.15 -60.81
CA VAL C 376 17.39 -64.07 -61.03
C VAL C 376 17.19 -63.53 -62.44
N VAL C 377 17.12 -62.20 -62.56
CA VAL C 377 17.09 -61.51 -63.85
C VAL C 377 18.13 -60.40 -63.79
N ARG C 378 19.07 -60.40 -64.73
CA ARG C 378 20.17 -59.45 -64.73
C ARG C 378 20.15 -58.60 -65.99
N TYR C 379 20.31 -57.29 -65.81
CA TYR C 379 20.41 -56.34 -66.89
C TYR C 379 21.75 -55.61 -66.80
N LEU C 380 22.43 -55.52 -67.93
CA LEU C 380 23.73 -54.87 -68.03
C LEU C 380 23.67 -53.74 -69.04
N GLY C 381 24.24 -52.60 -68.69
CA GLY C 381 24.25 -51.46 -69.57
C GLY C 381 23.17 -50.43 -69.33
N ILE C 382 22.52 -50.45 -68.17
CA ILE C 382 21.49 -49.46 -67.88
C ILE C 382 22.12 -48.09 -67.68
N ASN D 66 72.70 -87.37 -53.45
CA ASN D 66 73.07 -87.37 -52.04
C ASN D 66 71.90 -87.74 -51.15
N PHE D 67 70.73 -87.15 -51.44
CA PHE D 67 69.54 -87.44 -50.65
C PHE D 67 69.09 -88.88 -50.84
N THR D 68 68.68 -89.51 -49.74
CA THR D 68 68.16 -90.86 -49.81
C THR D 68 66.83 -90.87 -50.55
N ALA D 69 66.65 -91.86 -51.41
CA ALA D 69 65.42 -91.97 -52.18
C ALA D 69 64.25 -92.28 -51.26
N PRO D 70 63.14 -91.56 -51.36
CA PRO D 70 62.00 -91.83 -50.48
C PRO D 70 61.36 -93.17 -50.79
N VAL D 71 60.85 -93.82 -49.74
CA VAL D 71 60.11 -95.07 -49.91
C VAL D 71 58.78 -94.81 -50.60
N THR D 72 58.06 -93.79 -50.17
CA THR D 72 56.78 -93.43 -50.73
C THR D 72 56.95 -92.35 -51.80
N THR D 73 55.98 -92.30 -52.72
CA THR D 73 55.97 -91.28 -53.75
C THR D 73 55.63 -89.94 -53.12
N PRO D 74 56.47 -88.91 -53.30
CA PRO D 74 56.15 -87.60 -52.70
C PRO D 74 54.91 -86.99 -53.33
N SER D 75 54.03 -86.47 -52.48
CA SER D 75 52.76 -85.92 -52.93
C SER D 75 52.22 -84.99 -51.86
N ILE D 76 51.21 -84.21 -52.24
CA ILE D 76 50.48 -83.39 -51.27
C ILE D 76 49.73 -84.30 -50.30
N PRO D 77 49.93 -84.16 -48.99
CA PRO D 77 49.44 -85.18 -48.05
C PRO D 77 47.93 -85.33 -47.95
N THR D 78 47.21 -84.24 -47.67
CA THR D 78 45.79 -84.35 -47.34
C THR D 78 44.94 -84.41 -48.61
N PRO D 79 44.10 -85.43 -48.77
CA PRO D 79 43.19 -85.46 -49.91
C PRO D 79 42.09 -84.41 -49.77
N ILE D 80 41.53 -84.02 -50.92
CA ILE D 80 40.44 -83.05 -50.94
C ILE D 80 39.15 -83.66 -50.42
N GLN D 81 39.10 -85.00 -50.26
CA GLN D 81 37.95 -85.66 -49.65
C GLN D 81 37.69 -85.13 -48.23
N PHE D 82 38.74 -85.03 -47.43
CA PHE D 82 38.65 -84.34 -46.16
C PHE D 82 38.81 -82.84 -46.39
N LEU D 83 38.80 -82.04 -45.31
CA LEU D 83 38.83 -80.55 -45.44
C LEU D 83 37.91 -80.10 -46.57
N GLN D 84 36.71 -80.67 -46.61
CA GLN D 84 35.70 -80.30 -47.62
C GLN D 84 34.34 -80.37 -46.92
N THR D 85 33.90 -79.25 -46.38
CA THR D 85 32.63 -79.23 -45.66
C THR D 85 31.47 -79.30 -46.64
N TRP D 86 30.35 -79.87 -46.19
CA TRP D 86 29.15 -80.00 -46.99
C TRP D 86 28.02 -79.22 -46.32
N LEU D 87 27.36 -78.37 -47.09
CA LEU D 87 26.28 -77.56 -46.55
C LEU D 87 25.13 -78.46 -46.10
N PRO D 88 24.55 -78.19 -44.93
CA PRO D 88 23.40 -78.99 -44.49
C PRO D 88 22.19 -78.72 -45.36
N GLY D 89 21.40 -79.77 -45.56
CA GLY D 89 20.22 -79.68 -46.40
C GLY D 89 20.54 -79.80 -47.87
N PHE D 90 19.50 -80.07 -48.65
CA PHE D 90 19.61 -80.21 -50.10
C PHE D 90 18.61 -79.28 -50.77
N VAL D 91 19.06 -78.62 -51.83
CA VAL D 91 18.16 -77.79 -52.63
C VAL D 91 17.27 -78.70 -53.48
N LYS D 92 15.96 -78.48 -53.42
CA LYS D 92 15.08 -79.40 -54.17
C LYS D 92 14.43 -78.62 -55.32
N VAL D 93 14.38 -79.21 -56.50
CA VAL D 93 13.74 -78.55 -57.68
C VAL D 93 12.29 -78.19 -57.33
N MET D 94 11.81 -77.02 -57.76
CA MET D 94 10.44 -76.58 -57.44
C MET D 94 9.59 -76.62 -58.70
N THR D 95 8.27 -76.58 -58.60
CA THR D 95 7.47 -76.73 -59.85
C THR D 95 6.31 -75.74 -59.86
N ALA D 96 6.26 -74.90 -60.89
CA ALA D 96 5.15 -73.93 -61.06
C ALA D 96 4.69 -73.45 -59.68
N ALA D 97 3.38 -73.38 -59.48
CA ALA D 97 2.85 -72.89 -58.19
C ALA D 97 1.42 -73.40 -58.05
N ARG D 98 1.14 -74.09 -56.96
CA ARG D 98 -0.23 -74.63 -56.73
C ARG D 98 -1.02 -73.55 -55.99
N LYS D 99 -1.85 -72.80 -56.72
CA LYS D 99 -2.55 -71.67 -56.07
C LYS D 99 -4.06 -71.89 -55.98
N ILE D 100 -4.55 -73.10 -56.20
CA ILE D 100 -5.98 -73.31 -56.06
C ILE D 100 -6.36 -73.34 -54.58
N ASP D 101 -5.42 -73.69 -53.70
CA ASP D 101 -5.71 -73.74 -52.28
C ASP D 101 -5.93 -72.36 -51.67
N GLU D 102 -5.42 -71.30 -52.30
CA GLU D 102 -5.59 -69.96 -51.77
C GLU D 102 -6.66 -69.15 -52.50
N ILE D 103 -6.93 -69.48 -53.77
CA ILE D 103 -7.97 -68.75 -54.50
C ILE D 103 -9.35 -69.08 -53.97
N ILE D 104 -9.63 -70.36 -53.78
CA ILE D 104 -10.97 -70.81 -53.38
C ILE D 104 -10.99 -71.48 -52.03
N GLY D 105 -9.84 -71.84 -51.47
CA GLY D 105 -9.80 -72.58 -50.22
C GLY D 105 -10.14 -74.05 -50.44
N ILE D 106 -10.05 -74.81 -49.35
CA ILE D 106 -10.37 -76.22 -49.36
C ILE D 106 -11.25 -76.53 -48.16
N ASP D 107 -11.92 -77.69 -48.23
CA ASP D 107 -12.63 -78.25 -47.09
C ASP D 107 -12.46 -79.76 -47.07
N THR D 108 -12.24 -80.30 -45.88
CA THR D 108 -12.09 -81.74 -45.72
C THR D 108 -13.49 -82.31 -45.55
N VAL D 109 -14.02 -82.88 -46.63
CA VAL D 109 -15.38 -83.42 -46.65
C VAL D 109 -15.35 -84.79 -47.31
N GLY D 110 -16.22 -85.67 -46.84
CA GLY D 110 -16.33 -86.99 -47.42
C GLY D 110 -15.27 -87.94 -46.92
N SER D 111 -15.29 -89.15 -47.49
CA SER D 111 -14.36 -90.20 -47.14
C SER D 111 -13.62 -90.67 -48.38
N TRP D 112 -12.46 -91.29 -48.16
CA TRP D 112 -11.64 -91.76 -49.26
C TRP D 112 -12.36 -92.83 -50.07
N GLU D 113 -13.05 -93.75 -49.42
CA GLU D 113 -13.76 -94.84 -50.10
C GLU D 113 -15.18 -94.44 -50.46
N ASP D 114 -15.32 -93.29 -51.12
CA ASP D 114 -16.59 -92.78 -51.61
C ASP D 114 -16.52 -92.64 -53.13
N GLN D 115 -17.62 -92.21 -53.73
CA GLN D 115 -17.66 -92.05 -55.17
C GLN D 115 -18.15 -90.65 -55.55
N GLU D 116 -19.01 -90.07 -54.74
CA GLU D 116 -19.62 -88.79 -55.10
C GLU D 116 -19.78 -87.90 -53.88
N ILE D 117 -19.88 -86.60 -54.16
CA ILE D 117 -20.19 -85.56 -53.18
C ILE D 117 -21.47 -84.87 -53.65
N VAL D 118 -22.43 -84.73 -52.74
CA VAL D 118 -23.73 -84.16 -53.05
C VAL D 118 -23.90 -82.87 -52.27
N GLN D 119 -24.23 -81.79 -52.97
CA GLN D 119 -24.52 -80.49 -52.38
C GLN D 119 -25.95 -80.12 -52.70
N GLY D 120 -26.70 -79.74 -51.67
CA GLY D 120 -28.11 -79.40 -51.81
C GLY D 120 -28.33 -77.90 -51.73
N ILE D 121 -29.22 -77.41 -52.57
CA ILE D 121 -29.66 -76.01 -52.56
C ILE D 121 -31.14 -75.97 -52.27
N VAL D 122 -31.55 -75.08 -51.37
CA VAL D 122 -32.94 -74.94 -50.97
C VAL D 122 -33.41 -73.55 -51.38
N GLU D 123 -34.43 -73.50 -52.23
CA GLU D 123 -35.06 -72.24 -52.58
C GLU D 123 -36.32 -72.09 -51.74
N PRO D 124 -36.38 -71.12 -50.83
CA PRO D 124 -37.60 -70.88 -50.07
C PRO D 124 -38.51 -69.90 -50.81
N ALA D 125 -39.75 -69.79 -50.32
CA ALA D 125 -40.75 -68.97 -50.96
C ALA D 125 -41.77 -68.49 -49.94
N GLY D 126 -42.24 -67.27 -50.13
CA GLY D 126 -43.26 -66.70 -49.28
C GLY D 126 -43.24 -65.18 -49.26
N THR D 127 -44.41 -64.56 -49.35
CA THR D 127 -44.56 -63.12 -49.30
C THR D 127 -45.51 -62.74 -48.19
N ALA D 128 -45.17 -61.69 -47.44
CA ALA D 128 -46.00 -61.25 -46.33
C ALA D 128 -47.23 -60.51 -46.84
N VAL D 129 -48.27 -60.48 -46.00
CA VAL D 129 -49.49 -59.72 -46.27
C VAL D 129 -49.80 -58.88 -45.04
N GLU D 130 -50.71 -57.94 -45.22
CA GLU D 130 -51.19 -57.13 -44.10
C GLU D 130 -51.91 -58.01 -43.09
N TYR D 131 -51.66 -57.75 -41.82
CA TYR D 131 -52.25 -58.56 -40.76
C TYR D 131 -53.75 -58.29 -40.65
N GLY D 132 -54.50 -59.35 -40.35
CA GLY D 132 -55.90 -59.26 -40.02
C GLY D 132 -56.28 -60.35 -39.05
N ASP D 133 -57.21 -60.06 -38.12
CA ASP D 133 -57.61 -61.06 -37.15
C ASP D 133 -58.29 -62.25 -37.80
N HIS D 134 -59.16 -61.99 -38.77
CA HIS D 134 -59.93 -63.05 -39.43
C HIS D 134 -59.47 -63.32 -40.84
N THR D 135 -58.42 -62.67 -41.31
CA THR D 135 -57.88 -62.93 -42.64
C THR D 135 -57.14 -64.27 -42.65
N ASN D 136 -57.19 -64.94 -43.80
CA ASN D 136 -56.52 -66.23 -43.92
C ASN D 136 -55.00 -66.06 -43.88
N ILE D 137 -54.34 -67.00 -43.23
CA ILE D 137 -52.90 -66.89 -42.97
C ILE D 137 -52.14 -67.28 -44.23
N PRO D 138 -51.24 -66.43 -44.73
CA PRO D 138 -50.35 -66.86 -45.80
C PRO D 138 -49.32 -67.85 -45.29
N LEU D 139 -48.81 -68.69 -46.18
CA LEU D 139 -47.89 -69.75 -45.80
C LEU D 139 -46.64 -69.70 -46.65
N THR D 140 -45.52 -70.06 -46.04
CA THR D 140 -44.24 -70.18 -46.71
C THR D 140 -44.02 -71.63 -47.14
N SER D 141 -43.05 -71.82 -48.03
CA SER D 141 -42.71 -73.15 -48.52
C SER D 141 -41.26 -73.15 -48.97
N TRP D 142 -40.82 -74.29 -49.50
CA TRP D 142 -39.46 -74.42 -50.01
C TRP D 142 -39.42 -75.57 -50.99
N ASN D 143 -38.36 -75.59 -51.80
CA ASN D 143 -38.05 -76.75 -52.62
C ASN D 143 -36.55 -76.95 -52.66
N ALA D 144 -36.13 -78.16 -53.01
CA ALA D 144 -34.71 -78.52 -52.93
C ALA D 144 -34.23 -79.12 -54.24
N ASN D 145 -33.00 -78.78 -54.60
CA ASN D 145 -32.30 -79.37 -55.73
C ASN D 145 -30.95 -79.87 -55.25
N PHE D 146 -30.36 -80.81 -55.99
CA PHE D 146 -29.11 -81.43 -55.56
C PHE D 146 -28.16 -81.52 -56.74
N GLU D 147 -26.86 -81.39 -56.44
CA GLU D 147 -25.80 -81.50 -57.44
C GLU D 147 -24.77 -82.49 -56.94
N ARG D 148 -24.40 -83.45 -57.80
CA ARG D 148 -23.45 -84.49 -57.45
C ARG D 148 -22.18 -84.34 -58.29
N ARG D 149 -21.03 -84.60 -57.67
CA ARG D 149 -19.75 -84.53 -58.34
C ARG D 149 -18.90 -85.73 -57.93
N THR D 150 -18.31 -86.42 -58.90
CA THR D 150 -17.60 -87.64 -58.61
C THR D 150 -16.26 -87.37 -57.95
N ILE D 151 -15.69 -88.41 -57.36
CA ILE D 151 -14.46 -88.33 -56.59
C ILE D 151 -13.35 -89.06 -57.36
N VAL D 152 -12.21 -88.40 -57.49
CA VAL D 152 -11.03 -88.95 -58.16
C VAL D 152 -9.98 -89.29 -57.11
N ARG D 153 -9.48 -90.51 -57.16
CA ARG D 153 -8.46 -90.99 -56.24
C ARG D 153 -7.14 -91.11 -56.99
N GLY D 154 -6.12 -90.41 -56.50
CA GLY D 154 -4.78 -90.53 -57.03
C GLY D 154 -3.92 -91.40 -56.12
N GLU D 155 -3.01 -92.15 -56.74
CA GLU D 155 -2.19 -93.13 -56.03
C GLU D 155 -0.73 -92.95 -56.40
N LEU D 156 0.14 -92.87 -55.40
CA LEU D 156 1.57 -92.74 -55.62
C LEU D 156 2.32 -93.54 -54.57
N GLY D 157 3.45 -94.12 -54.96
CA GLY D 157 4.17 -95.02 -54.08
C GLY D 157 5.67 -94.82 -54.15
N MET D 158 6.37 -95.65 -53.39
CA MET D 158 7.83 -95.65 -53.37
C MET D 158 8.32 -97.04 -53.03
N MET D 159 9.46 -97.41 -53.60
CA MET D 159 10.13 -98.67 -53.30
C MET D 159 11.57 -98.38 -52.92
N VAL D 160 11.98 -98.84 -51.74
CA VAL D 160 13.29 -98.50 -51.19
C VAL D 160 14.01 -99.79 -50.83
N GLY D 161 15.26 -99.92 -51.27
CA GLY D 161 16.07 -101.08 -50.98
C GLY D 161 17.07 -100.84 -49.86
N THR D 162 17.64 -101.96 -49.37
CA THR D 162 18.56 -101.89 -48.23
C THR D 162 19.87 -101.22 -48.61
N LEU D 163 20.48 -101.64 -49.72
CA LEU D 163 21.72 -101.03 -50.17
C LEU D 163 21.52 -99.57 -50.55
N GLU D 164 20.37 -99.26 -51.16
CA GLU D 164 20.04 -97.87 -51.49
C GLU D 164 19.93 -97.02 -50.23
N GLU D 165 19.26 -97.53 -49.20
CA GLU D 165 19.16 -96.81 -47.94
C GLU D 165 20.53 -96.59 -47.31
N GLY D 166 21.34 -97.65 -47.24
CA GLY D 166 22.66 -97.52 -46.64
C GLY D 166 23.56 -96.55 -47.39
N ARG D 167 23.52 -96.60 -48.72
CA ARG D 167 24.37 -95.73 -49.51
C ARG D 167 23.91 -94.27 -49.46
N ALA D 168 22.59 -94.04 -49.47
CA ALA D 168 22.09 -92.68 -49.46
C ALA D 168 22.16 -92.04 -48.08
N SER D 169 22.11 -92.83 -47.01
CA SER D 169 22.27 -92.27 -45.67
C SER D 169 23.68 -91.75 -45.43
N ALA D 170 24.66 -92.15 -46.26
CA ALA D 170 26.01 -91.65 -46.11
C ALA D 170 26.15 -90.21 -46.55
N ILE D 171 25.31 -89.76 -47.47
CA ILE D 171 25.34 -88.37 -47.94
C ILE D 171 24.31 -87.51 -47.20
N ARG D 172 23.89 -87.94 -46.01
CA ARG D 172 22.94 -87.24 -45.14
C ARG D 172 21.57 -87.09 -45.79
N LEU D 173 21.20 -88.01 -46.66
CA LEU D 173 19.90 -88.02 -47.31
C LEU D 173 19.15 -89.28 -46.89
N ASN D 174 17.85 -89.13 -46.62
CA ASN D 174 17.09 -90.23 -46.06
C ASN D 174 16.87 -91.35 -47.08
N SER D 175 16.51 -90.97 -48.32
CA SER D 175 16.11 -91.83 -49.43
C SER D 175 14.77 -92.50 -49.20
N ALA D 176 14.15 -92.31 -48.06
CA ALA D 176 12.81 -92.80 -47.77
C ALA D 176 11.87 -91.69 -47.35
N GLU D 177 12.36 -90.71 -46.60
CA GLU D 177 11.54 -89.54 -46.29
C GLU D 177 11.41 -88.62 -47.49
N THR D 178 12.48 -88.47 -48.27
CA THR D 178 12.40 -87.65 -49.47
C THR D 178 11.47 -88.27 -50.51
N LYS D 179 11.47 -89.59 -50.63
CA LYS D 179 10.50 -90.25 -51.50
C LYS D 179 9.08 -90.09 -50.97
N ARG D 180 8.90 -90.12 -49.65
CA ARG D 180 7.58 -89.91 -49.06
C ARG D 180 7.06 -88.52 -49.37
N GLN D 181 7.89 -87.50 -49.17
CA GLN D 181 7.43 -86.13 -49.44
C GLN D 181 7.33 -85.86 -50.94
N GLN D 182 8.11 -86.57 -51.77
CA GLN D 182 7.90 -86.47 -53.21
C GLN D 182 6.56 -87.07 -53.62
N ALA D 183 6.18 -88.19 -53.00
CA ALA D 183 4.85 -88.74 -53.24
C ALA D 183 3.76 -87.77 -52.81
N ALA D 184 3.96 -87.12 -51.65
CA ALA D 184 3.01 -86.12 -51.19
C ALA D 184 2.90 -84.95 -52.16
N ILE D 185 4.04 -84.46 -52.66
CA ILE D 185 4.03 -83.33 -53.58
C ILE D 185 3.43 -83.71 -54.93
N GLY D 186 3.68 -84.94 -55.38
CA GLY D 186 3.05 -85.40 -56.61
C GLY D 186 1.53 -85.50 -56.49
N LEU D 187 1.05 -86.04 -55.36
CA LEU D 187 -0.39 -86.04 -55.12
C LEU D 187 -0.94 -84.63 -54.98
N GLU D 188 -0.14 -83.69 -54.45
CA GLU D 188 -0.58 -82.30 -54.37
C GLU D 188 -0.69 -81.67 -55.75
N ILE D 189 0.25 -81.99 -56.65
CA ILE D 189 0.17 -81.52 -58.02
C ILE D 189 -1.07 -82.08 -58.71
N PHE D 190 -1.33 -83.37 -58.48
CA PHE D 190 -2.55 -83.99 -59.00
C PHE D 190 -3.79 -83.29 -58.47
N ARG D 191 -3.83 -83.01 -57.17
CA ARG D 191 -4.98 -82.34 -56.56
C ARG D 191 -5.18 -80.94 -57.11
N ASN D 192 -4.10 -80.18 -57.28
CA ASN D 192 -4.21 -78.83 -57.81
C ASN D 192 -4.67 -78.83 -59.27
N ALA D 193 -4.14 -79.76 -60.07
CA ALA D 193 -4.58 -79.86 -61.46
C ALA D 193 -6.06 -80.24 -61.55
N ILE D 194 -6.51 -81.16 -60.70
CA ILE D 194 -7.92 -81.53 -60.66
C ILE D 194 -8.76 -80.32 -60.23
N GLY D 195 -8.31 -79.61 -59.21
CA GLY D 195 -9.06 -78.46 -58.73
C GLY D 195 -9.14 -77.33 -59.73
N PHE D 196 -8.14 -77.19 -60.59
CA PHE D 196 -8.16 -76.10 -61.57
C PHE D 196 -8.89 -76.49 -62.85
N TYR D 197 -8.61 -77.67 -63.40
CA TYR D 197 -9.18 -78.06 -64.69
C TYR D 197 -10.25 -79.15 -64.60
N GLY D 198 -10.27 -79.95 -63.54
CA GLY D 198 -11.11 -81.12 -63.49
C GLY D 198 -10.44 -82.32 -64.13
N TRP D 199 -11.02 -83.49 -63.87
CA TRP D 199 -10.47 -84.76 -64.35
C TRP D 199 -11.41 -85.39 -65.37
N GLN D 200 -10.98 -85.37 -66.63
CA GLN D 200 -11.65 -86.07 -67.73
C GLN D 200 -13.12 -85.64 -67.87
N SER D 201 -13.38 -84.35 -67.66
CA SER D 201 -14.73 -83.83 -67.79
C SER D 201 -15.23 -83.91 -69.23
N GLY D 202 -14.31 -83.90 -70.20
CA GLY D 202 -14.71 -84.07 -71.59
C GLY D 202 -15.23 -85.46 -71.90
N LEU D 203 -14.82 -86.45 -71.11
CA LEU D 203 -15.31 -87.81 -71.25
C LEU D 203 -16.57 -88.07 -70.43
N GLY D 204 -17.08 -87.06 -69.72
CA GLY D 204 -18.26 -87.24 -68.90
C GLY D 204 -17.99 -87.76 -67.50
N ASN D 205 -16.78 -87.59 -66.98
CA ASN D 205 -16.44 -88.15 -65.68
C ASN D 205 -17.12 -87.42 -64.53
N ARG D 206 -17.64 -86.21 -64.78
CA ARG D 206 -18.46 -85.44 -63.85
C ARG D 206 -17.68 -85.00 -62.61
N THR D 207 -16.46 -84.53 -62.83
CA THR D 207 -15.72 -83.73 -61.86
C THR D 207 -15.09 -82.56 -62.61
N TYR D 208 -15.35 -81.35 -62.13
CA TYR D 208 -14.94 -80.13 -62.80
C TYR D 208 -14.05 -79.31 -61.87
N GLY D 209 -13.37 -78.32 -62.47
CA GLY D 209 -12.47 -77.46 -61.75
C GLY D 209 -12.97 -76.03 -61.63
N PHE D 210 -12.06 -75.15 -61.25
CA PHE D 210 -12.35 -73.73 -61.13
C PHE D 210 -12.65 -73.10 -62.48
N LEU D 211 -12.26 -73.74 -63.58
CA LEU D 211 -12.30 -73.13 -64.89
C LEU D 211 -13.37 -73.71 -65.80
N ASN D 212 -13.96 -74.87 -65.48
CA ASN D 212 -14.90 -75.50 -66.40
C ASN D 212 -16.11 -76.08 -65.67
N ASP D 213 -16.53 -75.45 -64.57
CA ASP D 213 -17.73 -75.90 -63.88
C ASP D 213 -18.95 -75.68 -64.77
N PRO D 214 -19.90 -76.63 -64.78
CA PRO D 214 -21.07 -76.45 -65.66
C PRO D 214 -22.00 -75.35 -65.20
N ASN D 215 -22.10 -75.12 -63.89
CA ASN D 215 -22.92 -74.04 -63.35
C ASN D 215 -22.10 -72.77 -63.18
N LEU D 216 -21.49 -72.32 -64.26
CA LEU D 216 -20.79 -71.04 -64.28
C LEU D 216 -21.33 -70.23 -65.44
N PRO D 217 -21.29 -68.90 -65.34
CA PRO D 217 -21.75 -68.08 -66.47
C PRO D 217 -20.88 -68.28 -67.70
N ALA D 218 -21.48 -68.09 -68.87
CA ALA D 218 -20.79 -68.26 -70.14
C ALA D 218 -19.56 -67.36 -70.21
N PHE D 219 -18.47 -67.92 -70.71
CA PHE D 219 -17.17 -67.25 -70.65
C PHE D 219 -17.19 -66.06 -71.62
N GLN D 220 -17.26 -64.86 -71.07
CA GLN D 220 -17.44 -63.66 -71.89
C GLN D 220 -16.12 -63.21 -72.51
N THR D 221 -16.24 -62.27 -73.44
CA THR D 221 -15.10 -61.61 -74.04
C THR D 221 -14.99 -60.17 -73.51
N PRO D 222 -13.78 -59.69 -73.25
CA PRO D 222 -13.63 -58.37 -72.65
C PRO D 222 -13.99 -57.28 -73.65
N PRO D 223 -14.42 -56.11 -73.16
CA PRO D 223 -14.77 -55.01 -74.08
C PRO D 223 -13.60 -54.49 -74.90
N SER D 224 -12.37 -54.58 -74.40
CA SER D 224 -11.22 -54.00 -75.07
C SER D 224 -10.44 -55.01 -75.89
N GLN D 225 -10.97 -56.21 -76.09
CA GLN D 225 -10.29 -57.34 -76.74
C GLN D 225 -9.05 -57.65 -75.89
N GLY D 226 -7.92 -58.02 -76.51
CA GLY D 226 -6.76 -58.37 -75.72
C GLY D 226 -6.13 -57.16 -75.04
N TRP D 227 -5.56 -57.41 -73.86
CA TRP D 227 -4.86 -56.37 -73.12
C TRP D 227 -3.50 -56.05 -73.72
N SER D 228 -2.93 -56.96 -74.50
CA SER D 228 -1.61 -56.73 -75.08
C SER D 228 -1.61 -55.53 -76.03
N THR D 229 -2.65 -55.42 -76.86
CA THR D 229 -2.80 -54.26 -77.73
C THR D 229 -3.56 -53.12 -77.06
N ALA D 230 -4.14 -53.35 -75.89
CA ALA D 230 -4.92 -52.33 -75.21
C ALA D 230 -4.01 -51.40 -74.42
N ASP D 231 -4.52 -50.20 -74.17
CA ASP D 231 -3.84 -49.20 -73.37
C ASP D 231 -4.37 -49.25 -71.94
N TRP D 232 -4.03 -48.24 -71.14
CA TRP D 232 -4.49 -48.16 -69.76
C TRP D 232 -6.01 -48.05 -69.69
N ALA D 233 -6.60 -47.24 -70.57
CA ALA D 233 -8.04 -47.03 -70.56
C ALA D 233 -8.80 -48.32 -70.86
N GLY D 234 -8.28 -49.15 -71.77
CA GLY D 234 -8.95 -50.41 -72.08
C GLY D 234 -8.96 -51.37 -70.92
N ILE D 235 -7.83 -51.50 -70.22
CA ILE D 235 -7.75 -52.38 -69.06
C ILE D 235 -8.67 -51.89 -67.95
N ILE D 236 -8.68 -50.57 -67.73
CA ILE D 236 -9.59 -49.97 -66.75
C ILE D 236 -11.03 -50.25 -67.14
N GLY D 237 -11.36 -50.13 -68.42
CA GLY D 237 -12.71 -50.41 -68.87
C GLY D 237 -13.12 -51.86 -68.67
N ASP D 238 -12.19 -52.79 -68.92
CA ASP D 238 -12.49 -54.20 -68.72
C ASP D 238 -12.76 -54.50 -67.25
N ILE D 239 -11.89 -54.00 -66.36
CA ILE D 239 -12.09 -54.24 -64.93
C ILE D 239 -13.37 -53.59 -64.44
N ARG D 240 -13.65 -52.36 -64.91
CA ARG D 240 -14.87 -51.67 -64.52
C ARG D 240 -16.12 -52.41 -64.99
N GLU D 241 -16.12 -52.89 -66.23
CA GLU D 241 -17.28 -53.61 -66.74
C GLU D 241 -17.48 -54.93 -66.01
N ALA D 242 -16.39 -55.62 -65.69
CA ALA D 242 -16.52 -56.85 -64.91
C ALA D 242 -17.12 -56.59 -63.53
N VAL D 243 -16.64 -55.54 -62.86
CA VAL D 243 -17.15 -55.22 -61.53
C VAL D 243 -18.61 -54.77 -61.60
N ARG D 244 -18.96 -53.99 -62.63
CA ARG D 244 -20.34 -53.56 -62.80
C ARG D 244 -21.26 -54.74 -63.08
N GLN D 245 -20.82 -55.69 -63.90
CA GLN D 245 -21.61 -56.89 -64.15
C GLN D 245 -21.80 -57.69 -62.87
N LEU D 246 -20.74 -57.82 -62.07
CA LEU D 246 -20.85 -58.53 -60.80
C LEU D 246 -21.85 -57.84 -59.87
N ARG D 247 -21.80 -56.52 -59.81
CA ARG D 247 -22.71 -55.79 -58.93
C ARG D 247 -24.16 -55.89 -59.40
N ILE D 248 -24.38 -55.86 -60.73
CA ILE D 248 -25.74 -55.96 -61.24
C ILE D 248 -26.29 -57.36 -61.06
N GLN D 249 -25.47 -58.39 -61.32
CA GLN D 249 -25.89 -59.76 -61.07
C GLN D 249 -26.17 -60.00 -59.59
N SER D 250 -25.32 -59.46 -58.72
CA SER D 250 -25.44 -59.68 -57.29
C SER D 250 -26.59 -58.91 -56.67
N GLN D 251 -27.14 -57.92 -57.37
CA GLN D 251 -28.12 -56.98 -56.81
C GLN D 251 -27.56 -56.32 -55.55
N ASP D 252 -26.30 -55.87 -55.65
CA ASP D 252 -25.59 -55.11 -54.61
C ASP D 252 -25.37 -55.95 -53.35
N GLN D 253 -25.02 -57.23 -53.52
CA GLN D 253 -24.51 -58.05 -52.44
C GLN D 253 -23.00 -57.99 -52.33
N ILE D 254 -22.39 -56.91 -52.80
CA ILE D 254 -20.96 -56.70 -52.67
C ILE D 254 -20.69 -55.90 -51.41
N ASP D 255 -19.71 -56.35 -50.62
CA ASP D 255 -19.30 -55.67 -49.41
C ASP D 255 -18.76 -54.29 -49.77
N PRO D 256 -18.87 -53.30 -48.87
CA PRO D 256 -18.29 -51.97 -49.17
C PRO D 256 -16.79 -52.07 -49.39
N LYS D 257 -16.29 -51.24 -50.30
CA LYS D 257 -14.90 -51.18 -50.76
C LYS D 257 -14.49 -52.40 -51.57
N ALA D 258 -15.45 -53.23 -51.99
CA ALA D 258 -15.18 -54.50 -52.68
C ALA D 258 -14.25 -55.37 -51.84
N GLU D 259 -14.69 -55.67 -50.62
CA GLU D 259 -13.83 -56.33 -49.65
C GLU D 259 -13.63 -57.80 -50.01
N LYS D 260 -14.70 -58.58 -50.01
CA LYS D 260 -14.59 -60.03 -50.23
C LYS D 260 -14.74 -60.36 -51.71
N ILE D 261 -13.91 -59.74 -52.54
CA ILE D 261 -13.91 -59.94 -53.98
C ILE D 261 -12.50 -60.31 -54.41
N THR D 262 -12.38 -61.36 -55.20
CA THR D 262 -11.10 -61.82 -55.73
C THR D 262 -11.10 -61.69 -57.24
N LEU D 263 -10.06 -61.03 -57.75
CA LEU D 263 -9.71 -60.98 -59.17
C LEU D 263 -8.57 -61.96 -59.38
N ALA D 264 -8.88 -63.11 -60.00
CA ALA D 264 -7.89 -64.10 -60.36
C ALA D 264 -7.53 -63.91 -61.82
N LEU D 265 -6.22 -63.79 -62.10
CA LEU D 265 -5.74 -63.42 -63.42
C LEU D 265 -4.85 -64.52 -63.98
N ALA D 266 -4.72 -64.53 -65.31
CA ALA D 266 -3.65 -65.29 -65.93
C ALA D 266 -2.29 -64.75 -65.46
N THR D 267 -1.35 -65.67 -65.20
CA THR D 267 -0.06 -65.26 -64.68
C THR D 267 0.76 -64.45 -65.69
N SER D 268 0.45 -64.59 -66.98
CA SER D 268 1.14 -63.81 -68.00
C SER D 268 0.51 -62.44 -68.22
N LYS D 269 -0.62 -62.16 -67.56
CA LYS D 269 -1.32 -60.89 -67.73
C LYS D 269 -1.38 -60.05 -66.47
N VAL D 270 -0.90 -60.55 -65.33
CA VAL D 270 -0.94 -59.77 -64.10
C VAL D 270 0.03 -58.59 -64.19
N ASP D 271 1.14 -58.76 -64.92
CA ASP D 271 2.09 -57.66 -65.10
C ASP D 271 1.48 -56.50 -65.88
N TYR D 272 0.43 -56.76 -66.67
CA TYR D 272 -0.29 -55.68 -67.33
C TYR D 272 -1.04 -54.80 -66.35
N LEU D 273 -1.18 -55.22 -65.09
CA LEU D 273 -1.67 -54.32 -64.05
C LEU D 273 -0.68 -53.19 -63.76
N SER D 274 0.57 -53.33 -64.22
CA SER D 274 1.57 -52.30 -64.10
C SER D 274 1.55 -51.31 -65.26
N VAL D 275 0.74 -51.58 -66.29
CA VAL D 275 0.70 -50.69 -67.45
C VAL D 275 0.09 -49.36 -67.06
N THR D 276 0.84 -48.30 -67.32
CA THR D 276 0.40 -46.97 -66.83
C THR D 276 0.03 -46.05 -67.98
N THR D 277 -0.84 -45.11 -67.71
CA THR D 277 -1.17 -44.08 -68.73
C THR D 277 0.07 -43.23 -68.86
N PRO D 278 0.26 -42.43 -69.94
CA PRO D 278 1.50 -41.66 -70.15
C PRO D 278 1.85 -40.64 -69.07
N TYR D 279 1.12 -40.62 -67.97
CA TYR D 279 1.36 -39.61 -66.92
C TYR D 279 1.79 -40.31 -65.64
N GLY D 280 1.71 -41.64 -65.60
CA GLY D 280 2.24 -42.37 -64.43
C GLY D 280 1.19 -42.96 -63.52
N ILE D 281 -0.06 -43.12 -63.95
CA ILE D 281 -1.02 -43.80 -63.03
C ILE D 281 -1.24 -45.24 -63.50
N SER D 282 -0.73 -46.22 -62.74
CA SER D 282 -0.84 -47.62 -63.10
C SER D 282 -2.27 -48.11 -62.95
N VAL D 283 -2.54 -49.26 -63.55
CA VAL D 283 -3.81 -49.96 -63.32
C VAL D 283 -3.92 -50.37 -61.87
N SER D 284 -2.79 -50.77 -61.26
CA SER D 284 -2.79 -51.10 -59.83
C SER D 284 -3.14 -49.89 -58.98
N ASP D 285 -2.65 -48.71 -59.36
CA ASP D 285 -3.00 -47.49 -58.64
C ASP D 285 -4.49 -47.20 -58.78
N TRP D 286 -5.03 -47.41 -59.98
CA TRP D 286 -6.47 -47.22 -60.20
C TRP D 286 -7.29 -48.18 -59.34
N ILE D 287 -6.86 -49.44 -59.25
CA ILE D 287 -7.55 -50.41 -58.40
C ILE D 287 -7.46 -49.99 -56.94
N GLU D 288 -6.28 -49.53 -56.50
CA GLU D 288 -6.10 -49.12 -55.11
C GLU D 288 -6.97 -47.93 -54.77
N GLN D 289 -7.08 -46.96 -55.67
CA GLN D 289 -7.90 -45.79 -55.42
C GLN D 289 -9.38 -46.02 -55.71
N THR D 290 -9.74 -47.14 -56.34
CA THR D 290 -11.12 -47.44 -56.68
C THR D 290 -11.69 -48.61 -55.88
N TYR D 291 -10.98 -49.73 -55.81
CA TYR D 291 -11.39 -50.88 -55.01
C TYR D 291 -10.23 -51.25 -54.08
N PRO D 292 -10.05 -50.48 -52.99
CA PRO D 292 -8.87 -50.70 -52.13
C PRO D 292 -8.77 -52.10 -51.54
N LYS D 293 -9.89 -52.72 -51.18
CA LYS D 293 -9.87 -54.03 -50.53
C LYS D 293 -10.15 -55.16 -51.51
N MET D 294 -9.83 -54.97 -52.78
CA MET D 294 -10.03 -56.01 -53.78
C MET D 294 -8.84 -56.95 -53.77
N ARG D 295 -9.07 -58.21 -53.43
CA ARG D 295 -8.02 -59.21 -53.47
C ARG D 295 -7.61 -59.49 -54.91
N ILE D 296 -6.31 -59.49 -55.17
CA ILE D 296 -5.77 -59.71 -56.50
C ILE D 296 -4.82 -60.91 -56.45
N VAL D 297 -5.08 -61.90 -57.29
CA VAL D 297 -4.23 -63.07 -57.39
C VAL D 297 -3.97 -63.38 -58.86
N SER D 298 -2.87 -64.07 -59.11
CA SER D 298 -2.51 -64.52 -60.45
C SER D 298 -2.18 -66.00 -60.37
N ALA D 299 -2.65 -66.77 -61.33
CA ALA D 299 -2.41 -68.20 -61.31
C ALA D 299 -1.81 -68.67 -62.63
N PRO D 300 -0.83 -69.57 -62.60
CA PRO D 300 -0.29 -70.12 -63.85
C PRO D 300 -1.32 -70.90 -64.64
N GLU D 301 -2.25 -71.57 -63.97
CA GLU D 301 -3.24 -72.38 -64.67
C GLU D 301 -4.25 -71.54 -65.41
N LEU D 302 -4.41 -70.27 -65.04
CA LEU D 302 -5.34 -69.37 -65.72
C LEU D 302 -4.78 -68.82 -67.02
N SER D 303 -3.52 -69.07 -67.33
CA SER D 303 -2.91 -68.66 -68.58
C SER D 303 -3.09 -69.75 -69.61
N GLY D 304 -3.53 -69.36 -70.81
CA GLY D 304 -3.79 -70.33 -71.85
C GLY D 304 -4.94 -71.27 -71.57
N VAL D 305 -6.05 -70.73 -71.07
CA VAL D 305 -7.21 -71.57 -70.75
C VAL D 305 -7.79 -72.18 -72.02
N GLN D 306 -7.94 -71.38 -73.06
CA GLN D 306 -8.49 -71.84 -74.33
C GLN D 306 -7.57 -71.41 -75.46
N MET D 307 -7.76 -72.02 -76.62
CA MET D 307 -7.04 -71.67 -77.84
C MET D 307 -8.05 -71.21 -78.87
N LYS D 308 -7.92 -69.96 -79.34
CA LYS D 308 -8.79 -69.46 -80.39
C LYS D 308 -8.58 -70.26 -81.67
N ALA D 309 -7.42 -70.12 -82.29
CA ALA D 309 -6.98 -71.10 -83.28
C ALA D 309 -5.56 -71.60 -83.01
N GLN D 310 -4.65 -70.70 -82.65
CA GLN D 310 -3.32 -71.08 -82.19
C GLN D 310 -2.82 -70.19 -81.07
N GLU D 311 -3.60 -69.23 -80.60
CA GLU D 311 -3.16 -68.27 -79.60
C GLU D 311 -3.82 -68.60 -78.28
N PRO D 312 -3.05 -68.96 -77.24
CA PRO D 312 -3.64 -69.38 -75.97
C PRO D 312 -4.37 -68.23 -75.28
N GLU D 313 -5.68 -68.39 -75.17
CA GLU D 313 -6.51 -67.34 -74.57
C GLU D 313 -6.26 -67.27 -73.07
N ASP D 314 -6.01 -66.06 -72.56
CA ASP D 314 -5.76 -65.83 -71.15
C ASP D 314 -7.00 -65.28 -70.49
N ALA D 315 -7.22 -65.66 -69.24
CA ALA D 315 -8.50 -65.46 -68.58
C ALA D 315 -8.38 -64.58 -67.34
N LEU D 316 -9.53 -64.03 -66.97
CA LEU D 316 -9.72 -63.25 -65.74
C LEU D 316 -11.04 -63.72 -65.14
N VAL D 317 -11.03 -64.02 -63.84
CA VAL D 317 -12.23 -64.42 -63.12
C VAL D 317 -12.41 -63.47 -61.96
N LEU D 318 -13.56 -62.81 -61.91
CA LEU D 318 -13.92 -61.92 -60.81
C LEU D 318 -15.04 -62.58 -60.02
N PHE D 319 -14.79 -62.85 -58.74
CA PHE D 319 -15.82 -63.55 -57.98
C PHE D 319 -15.78 -63.15 -56.51
N VAL D 320 -16.95 -63.20 -55.88
CA VAL D 320 -17.04 -63.01 -54.43
C VAL D 320 -16.53 -64.27 -53.74
N GLU D 321 -15.65 -64.08 -52.76
CA GLU D 321 -15.10 -65.21 -52.01
C GLU D 321 -16.18 -65.88 -51.17
N ASP D 322 -16.69 -65.16 -50.18
CA ASP D 322 -17.71 -65.66 -49.28
C ASP D 322 -18.82 -64.62 -49.16
N VAL D 323 -20.02 -65.09 -48.90
CA VAL D 323 -21.17 -64.23 -48.66
C VAL D 323 -21.68 -64.52 -47.25
N ASN D 324 -22.19 -63.49 -46.60
CA ASN D 324 -22.72 -63.65 -45.25
C ASN D 324 -23.95 -64.56 -45.26
N ALA D 325 -23.95 -65.54 -44.37
CA ALA D 325 -25.02 -66.53 -44.30
C ALA D 325 -26.21 -66.08 -43.47
N ALA D 326 -26.12 -64.91 -42.83
CA ALA D 326 -27.22 -64.46 -41.98
C ALA D 326 -28.39 -63.94 -42.81
N VAL D 327 -28.10 -63.22 -43.89
CA VAL D 327 -29.15 -62.55 -44.65
C VAL D 327 -30.01 -63.57 -45.42
N ASP D 328 -29.39 -64.62 -45.95
CA ASP D 328 -30.14 -65.63 -46.69
C ASP D 328 -30.49 -66.86 -45.86
N GLY D 329 -29.85 -67.04 -44.70
CA GLY D 329 -30.12 -68.21 -43.89
C GLY D 329 -29.40 -69.47 -44.32
N SER D 330 -28.36 -69.34 -45.12
CA SER D 330 -27.61 -70.50 -45.60
C SER D 330 -26.89 -71.19 -44.46
N THR D 331 -26.70 -72.50 -44.60
CA THR D 331 -26.02 -73.30 -43.59
C THR D 331 -24.78 -73.99 -44.13
N ASP D 332 -24.45 -73.82 -45.41
CA ASP D 332 -23.29 -74.48 -45.97
C ASP D 332 -21.99 -73.85 -45.50
N GLY D 333 -22.00 -72.54 -45.28
CA GLY D 333 -20.80 -71.84 -44.86
C GLY D 333 -20.66 -70.48 -45.50
N GLY D 334 -21.37 -70.26 -46.60
CA GLY D 334 -21.37 -68.99 -47.28
C GLY D 334 -20.33 -68.83 -48.37
N SER D 335 -19.42 -69.79 -48.52
CA SER D 335 -18.42 -69.70 -49.57
C SER D 335 -19.05 -69.92 -50.94
N VAL D 336 -18.55 -69.20 -51.93
CA VAL D 336 -19.06 -69.34 -53.30
C VAL D 336 -18.44 -70.55 -53.98
N PHE D 337 -17.11 -70.67 -53.91
CA PHE D 337 -16.39 -71.79 -54.46
C PHE D 337 -15.86 -72.67 -53.33
N SER D 338 -15.79 -73.98 -53.59
CA SER D 338 -15.27 -74.90 -52.59
C SER D 338 -14.55 -76.04 -53.29
N GLN D 339 -13.30 -76.28 -52.90
CA GLN D 339 -12.55 -77.42 -53.42
C GLN D 339 -12.80 -78.61 -52.51
N LEU D 340 -13.49 -79.62 -53.03
CA LEU D 340 -13.90 -80.78 -52.24
C LEU D 340 -12.75 -81.77 -52.21
N VAL D 341 -12.03 -81.81 -51.09
CA VAL D 341 -10.90 -82.70 -50.89
C VAL D 341 -11.28 -83.70 -49.81
N GLN D 342 -11.26 -84.98 -50.16
CA GLN D 342 -11.54 -86.02 -49.17
C GLN D 342 -10.39 -86.16 -48.20
N SER D 343 -9.16 -86.13 -48.72
CA SER D 343 -7.96 -86.30 -47.92
C SER D 343 -6.73 -85.87 -48.70
N LYS D 344 -5.87 -85.08 -48.06
CA LYS D 344 -4.64 -84.62 -48.72
C LYS D 344 -3.69 -85.78 -48.98
N PHE D 345 -3.51 -86.66 -48.00
CA PHE D 345 -2.44 -87.66 -48.07
C PHE D 345 -2.78 -88.76 -47.07
N ILE D 346 -3.12 -89.95 -47.56
CA ILE D 346 -3.35 -91.11 -46.71
C ILE D 346 -2.29 -92.16 -47.03
N THR D 347 -1.84 -92.87 -46.00
CA THR D 347 -0.91 -93.97 -46.17
C THR D 347 -1.71 -95.24 -46.43
N LEU D 348 -1.68 -95.73 -47.68
CA LEU D 348 -2.47 -96.90 -48.01
C LEU D 348 -1.88 -98.17 -47.41
N GLY D 349 -0.57 -98.35 -47.50
CA GLY D 349 -0.01 -99.55 -46.90
C GLY D 349 1.47 -99.69 -47.12
N VAL D 350 2.02 -100.71 -46.46
CA VAL D 350 3.43 -101.08 -46.56
C VAL D 350 3.50 -102.57 -46.86
N GLU D 351 4.29 -102.94 -47.86
CA GLU D 351 4.59 -104.33 -48.18
C GLU D 351 6.09 -104.52 -48.02
N LYS D 352 6.49 -105.31 -47.04
CA LYS D 352 7.89 -105.50 -46.69
C LYS D 352 8.38 -106.77 -47.39
N ARG D 353 9.43 -106.65 -48.19
CA ARG D 353 10.01 -107.75 -48.93
C ARG D 353 11.34 -108.17 -48.30
N ALA D 354 12.04 -109.07 -49.00
CA ALA D 354 13.26 -109.64 -48.45
C ALA D 354 14.37 -108.60 -48.33
N LYS D 355 14.61 -107.83 -49.40
CA LYS D 355 15.70 -106.87 -49.43
C LYS D 355 15.24 -105.49 -49.86
N SER D 356 13.94 -105.21 -49.72
CA SER D 356 13.37 -103.92 -50.06
C SER D 356 12.01 -103.82 -49.41
N TYR D 357 11.41 -102.64 -49.50
CA TYR D 357 10.04 -102.46 -49.03
C TYR D 357 9.35 -101.42 -49.89
N VAL D 358 8.04 -101.61 -50.06
CA VAL D 358 7.21 -100.71 -50.85
C VAL D 358 6.22 -100.03 -49.92
N GLU D 359 6.07 -98.71 -50.06
CA GLU D 359 5.09 -97.95 -49.31
C GLU D 359 4.21 -97.20 -50.29
N ASP D 360 2.89 -97.39 -50.18
CA ASP D 360 1.92 -96.84 -51.11
C ASP D 360 1.01 -95.87 -50.37
N PHE D 361 0.79 -94.70 -50.98
CA PHE D 361 -0.07 -93.65 -50.45
C PHE D 361 -1.06 -93.22 -51.52
N SER D 362 -2.12 -92.54 -51.08
CA SER D 362 -3.16 -92.08 -51.98
C SER D 362 -3.75 -90.77 -51.48
N ASN D 363 -4.62 -90.20 -52.31
CA ASN D 363 -5.37 -89.00 -51.97
C ASN D 363 -6.65 -89.00 -52.78
N GLY D 364 -7.62 -88.20 -52.32
CA GLY D 364 -8.89 -88.09 -53.00
C GLY D 364 -9.31 -86.64 -53.13
N THR D 365 -9.94 -86.33 -54.26
CA THR D 365 -10.40 -84.98 -54.51
C THR D 365 -11.53 -85.02 -55.52
N ALA D 366 -12.57 -84.22 -55.28
CA ALA D 366 -13.74 -84.17 -56.15
C ALA D 366 -13.75 -82.93 -57.03
N GLY D 367 -12.64 -82.22 -57.12
CA GLY D 367 -12.55 -81.02 -57.93
C GLY D 367 -13.02 -79.79 -57.20
N ALA D 368 -13.68 -78.87 -57.91
CA ALA D 368 -14.18 -77.64 -57.34
C ALA D 368 -15.66 -77.49 -57.66
N LEU D 369 -16.39 -76.90 -56.73
CA LEU D 369 -17.83 -76.73 -56.83
C LEU D 369 -18.17 -75.26 -56.65
N CYS D 370 -18.94 -74.72 -57.60
CA CYS D 370 -19.43 -73.34 -57.53
C CYS D 370 -20.87 -73.37 -57.02
N LYS D 371 -21.05 -73.05 -55.75
CA LYS D 371 -22.37 -73.07 -55.14
C LYS D 371 -23.15 -71.79 -55.37
N ARG D 372 -22.50 -70.71 -55.79
CA ARG D 372 -23.16 -69.43 -56.05
C ARG D 372 -22.70 -68.92 -57.41
N PRO D 373 -23.32 -69.40 -58.50
CA PRO D 373 -22.91 -68.94 -59.84
C PRO D 373 -23.12 -67.46 -60.09
N TRP D 374 -24.06 -66.83 -59.36
CA TRP D 374 -24.36 -65.42 -59.59
C TRP D 374 -23.18 -64.52 -59.24
N ALA D 375 -22.34 -64.93 -58.30
CA ALA D 375 -21.20 -64.11 -57.89
C ALA D 375 -19.93 -64.47 -58.66
N VAL D 376 -20.02 -64.57 -59.98
CA VAL D 376 -18.85 -64.88 -60.82
C VAL D 376 -18.99 -64.10 -62.13
N VAL D 377 -17.91 -63.44 -62.55
CA VAL D 377 -17.81 -62.82 -63.87
C VAL D 377 -16.47 -63.25 -64.47
N ARG D 378 -16.50 -63.76 -65.71
CA ARG D 378 -15.32 -64.30 -66.36
C ARG D 378 -15.13 -63.66 -67.72
N TYR D 379 -13.87 -63.34 -68.03
CA TYR D 379 -13.46 -62.82 -69.34
C TYR D 379 -12.41 -63.76 -69.93
N LEU D 380 -12.53 -64.05 -71.22
CA LEU D 380 -11.60 -64.93 -71.91
C LEU D 380 -10.90 -64.17 -73.02
N GLY D 381 -9.60 -64.45 -73.17
CA GLY D 381 -8.85 -63.81 -74.24
C GLY D 381 -8.42 -62.40 -73.96
N ILE D 382 -8.05 -62.10 -72.71
CA ILE D 382 -7.53 -60.78 -72.39
C ILE D 382 -6.09 -60.69 -72.88
N ASN E 66 -19.15 -124.94 -68.38
CA ASN E 66 -18.46 -125.59 -67.28
C ASN E 66 -18.75 -124.91 -65.95
N PHE E 67 -18.83 -123.58 -65.98
CA PHE E 67 -19.09 -122.82 -64.76
C PHE E 67 -20.55 -122.97 -64.35
N THR E 68 -20.76 -123.19 -63.06
CA THR E 68 -22.13 -123.29 -62.53
C THR E 68 -22.84 -121.95 -62.68
N ALA E 69 -24.09 -121.99 -63.12
CA ALA E 69 -24.87 -120.78 -63.33
C ALA E 69 -25.14 -120.10 -61.99
N PRO E 70 -24.87 -118.81 -61.86
CA PRO E 70 -25.11 -118.12 -60.58
C PRO E 70 -26.60 -118.01 -60.28
N VAL E 71 -26.91 -118.09 -58.98
CA VAL E 71 -28.29 -117.92 -58.55
C VAL E 71 -28.73 -116.47 -58.73
N THR E 72 -27.88 -115.54 -58.35
CA THR E 72 -28.17 -114.11 -58.46
C THR E 72 -27.57 -113.55 -59.75
N THR E 73 -28.22 -112.52 -60.28
CA THR E 73 -27.72 -111.85 -61.47
C THR E 73 -26.42 -111.12 -61.13
N PRO E 74 -25.32 -111.38 -61.84
CA PRO E 74 -24.06 -110.70 -61.52
C PRO E 74 -24.16 -109.20 -61.78
N SER E 75 -23.66 -108.41 -60.84
CA SER E 75 -23.75 -106.96 -60.91
C SER E 75 -22.69 -106.35 -60.00
N ILE E 76 -22.48 -105.06 -60.18
CA ILE E 76 -21.61 -104.30 -59.28
C ILE E 76 -22.25 -104.27 -57.90
N PRO E 77 -21.54 -104.68 -56.84
CA PRO E 77 -22.20 -104.91 -55.55
C PRO E 77 -22.78 -103.68 -54.86
N THR E 78 -21.96 -102.64 -54.65
CA THR E 78 -22.38 -101.53 -53.81
C THR E 78 -23.20 -100.52 -54.61
N PRO E 79 -24.40 -100.16 -54.18
CA PRO E 79 -25.14 -99.09 -54.84
C PRO E 79 -24.52 -97.73 -54.60
N ILE E 80 -24.79 -96.80 -55.52
CA ILE E 80 -24.33 -95.43 -55.38
C ILE E 80 -25.08 -94.70 -54.25
N GLN E 81 -26.19 -95.28 -53.78
CA GLN E 81 -26.90 -94.74 -52.63
C GLN E 81 -25.99 -94.65 -51.40
N PHE E 82 -25.24 -95.72 -51.13
CA PHE E 82 -24.18 -95.67 -50.14
C PHE E 82 -22.91 -95.12 -50.80
N LEU E 83 -21.82 -95.00 -50.03
CA LEU E 83 -20.57 -94.36 -50.55
C LEU E 83 -20.92 -93.06 -51.29
N GLN E 84 -21.79 -92.24 -50.70
CA GLN E 84 -22.16 -90.96 -51.29
C GLN E 84 -22.33 -89.97 -50.15
N THR E 85 -21.28 -89.21 -49.86
CA THR E 85 -21.34 -88.24 -48.78
C THR E 85 -22.18 -87.04 -49.18
N TRP E 86 -22.83 -86.43 -48.20
CA TRP E 86 -23.65 -85.26 -48.40
C TRP E 86 -23.08 -84.12 -47.59
N LEU E 87 -22.83 -82.99 -48.23
CA LEU E 87 -22.24 -81.84 -47.55
C LEU E 87 -23.22 -81.29 -46.51
N PRO E 88 -22.76 -81.04 -45.28
CA PRO E 88 -23.66 -80.45 -44.27
C PRO E 88 -24.09 -79.05 -44.67
N GLY E 89 -25.33 -78.73 -44.34
CA GLY E 89 -25.90 -77.45 -44.69
C GLY E 89 -26.48 -77.44 -46.10
N PHE E 90 -27.36 -76.47 -46.34
CA PHE E 90 -28.00 -76.30 -47.63
C PHE E 90 -27.79 -74.87 -48.09
N VAL E 91 -27.43 -74.70 -49.36
CA VAL E 91 -27.31 -73.37 -49.94
C VAL E 91 -28.71 -72.78 -50.10
N LYS E 92 -28.85 -71.52 -49.70
CA LYS E 92 -30.13 -70.82 -49.81
C LYS E 92 -30.06 -69.76 -50.90
N VAL E 93 -31.20 -69.55 -51.56
CA VAL E 93 -31.28 -68.59 -52.65
C VAL E 93 -31.16 -67.18 -52.10
N MET E 94 -30.30 -66.38 -52.72
CA MET E 94 -30.07 -65.01 -52.28
C MET E 94 -31.16 -64.09 -52.83
N THR E 95 -31.24 -62.91 -52.24
CA THR E 95 -32.17 -61.87 -52.66
C THR E 95 -31.42 -60.55 -52.63
N ALA E 96 -31.96 -59.54 -53.31
CA ALA E 96 -31.34 -58.21 -53.33
C ALA E 96 -31.13 -57.68 -51.93
N ALA E 97 -29.99 -57.00 -51.73
CA ALA E 97 -29.57 -56.60 -50.40
C ALA E 97 -30.55 -55.61 -49.78
N ARG E 98 -30.92 -55.87 -48.52
CA ARG E 98 -31.76 -54.97 -47.75
C ARG E 98 -30.85 -54.03 -46.98
N LYS E 99 -30.73 -52.80 -47.46
CA LYS E 99 -29.70 -51.88 -46.98
C LYS E 99 -30.29 -50.66 -46.28
N ILE E 100 -31.59 -50.64 -46.02
CA ILE E 100 -32.19 -49.52 -45.29
C ILE E 100 -31.74 -49.54 -43.83
N ASP E 101 -31.42 -50.73 -43.31
CA ASP E 101 -30.97 -50.84 -41.93
C ASP E 101 -29.60 -50.23 -41.71
N GLU E 102 -28.79 -50.10 -42.76
CA GLU E 102 -27.45 -49.53 -42.64
C GLU E 102 -27.40 -48.07 -43.06
N ILE E 103 -28.33 -47.62 -43.90
CA ILE E 103 -28.32 -46.23 -44.34
C ILE E 103 -28.85 -45.30 -43.24
N ILE E 104 -30.01 -45.63 -42.69
CA ILE E 104 -30.65 -44.77 -41.69
C ILE E 104 -30.70 -45.41 -40.31
N GLY E 105 -30.51 -46.72 -40.20
CA GLY E 105 -30.62 -47.39 -38.92
C GLY E 105 -32.06 -47.65 -38.54
N ILE E 106 -32.23 -48.36 -37.42
CA ILE E 106 -33.54 -48.65 -36.88
C ILE E 106 -33.55 -48.35 -35.40
N ASP E 107 -34.75 -48.15 -34.87
CA ASP E 107 -34.96 -48.02 -33.43
C ASP E 107 -36.27 -48.69 -33.05
N THR E 108 -36.20 -49.61 -32.09
CA THR E 108 -37.40 -50.31 -31.63
C THR E 108 -38.20 -49.32 -30.81
N VAL E 109 -39.29 -48.81 -31.39
CA VAL E 109 -40.16 -47.84 -30.74
C VAL E 109 -41.60 -48.26 -30.93
N GLY E 110 -42.41 -48.04 -29.90
CA GLY E 110 -43.83 -48.33 -29.99
C GLY E 110 -44.15 -49.79 -29.74
N SER E 111 -45.44 -50.11 -29.90
CA SER E 111 -45.96 -51.44 -29.67
C SER E 111 -46.58 -51.97 -30.97
N TRP E 112 -46.70 -53.31 -31.03
CA TRP E 112 -47.24 -53.95 -32.22
C TRP E 112 -48.70 -53.56 -32.44
N GLU E 113 -49.50 -53.51 -31.38
CA GLU E 113 -50.92 -53.18 -31.48
C GLU E 113 -51.17 -51.68 -31.39
N ASP E 114 -50.44 -50.92 -32.18
CA ASP E 114 -50.58 -49.47 -32.27
C ASP E 114 -50.96 -49.09 -33.69
N GLN E 115 -51.17 -47.79 -33.90
CA GLN E 115 -51.59 -47.30 -35.20
C GLN E 115 -50.66 -46.21 -35.72
N GLU E 116 -50.14 -45.38 -34.82
CA GLU E 116 -49.39 -44.21 -35.25
C GLU E 116 -48.19 -43.96 -34.34
N ILE E 117 -47.14 -43.43 -34.96
CA ILE E 117 -45.95 -42.94 -34.28
C ILE E 117 -46.00 -41.43 -34.34
N VAL E 118 -45.84 -40.77 -33.19
CA VAL E 118 -45.90 -39.31 -33.11
C VAL E 118 -44.53 -38.80 -32.68
N GLN E 119 -44.02 -37.85 -33.46
CA GLN E 119 -42.75 -37.19 -33.19
C GLN E 119 -42.99 -35.70 -33.01
N GLY E 120 -42.51 -35.15 -31.91
CA GLY E 120 -42.66 -33.73 -31.63
C GLY E 120 -41.40 -32.94 -31.90
N ILE E 121 -41.59 -31.71 -32.36
CA ILE E 121 -40.50 -30.77 -32.61
C ILE E 121 -40.80 -29.48 -31.86
N VAL E 122 -39.86 -29.04 -31.04
CA VAL E 122 -40.01 -27.84 -30.23
C VAL E 122 -39.08 -26.77 -30.79
N GLU E 123 -39.65 -25.67 -31.27
CA GLU E 123 -38.86 -24.52 -31.66
C GLU E 123 -38.79 -23.55 -30.51
N PRO E 124 -37.61 -23.30 -29.94
CA PRO E 124 -37.49 -22.29 -28.89
C PRO E 124 -37.32 -20.89 -29.49
N ALA E 125 -37.40 -19.90 -28.62
CA ALA E 125 -37.30 -18.51 -29.05
C ALA E 125 -36.77 -17.66 -27.89
N GLY E 126 -35.94 -16.68 -28.23
CA GLY E 126 -35.40 -15.78 -27.24
C GLY E 126 -34.08 -15.17 -27.66
N THR E 127 -33.92 -13.86 -27.43
CA THR E 127 -32.69 -13.15 -27.75
C THR E 127 -32.21 -12.43 -26.51
N ALA E 128 -30.90 -12.48 -26.27
CA ALA E 128 -30.33 -11.82 -25.10
C ALA E 128 -30.29 -10.30 -25.32
N VAL E 129 -30.30 -9.58 -24.19
CA VAL E 129 -30.14 -8.14 -24.20
C VAL E 129 -29.03 -7.78 -23.22
N GLU E 130 -28.57 -6.53 -23.32
CA GLU E 130 -27.58 -6.02 -22.38
C GLU E 130 -28.14 -6.02 -20.96
N TYR E 131 -27.30 -6.40 -20.01
CA TYR E 131 -27.73 -6.41 -18.62
C TYR E 131 -27.75 -5.01 -18.03
N GLY E 132 -28.78 -4.74 -17.23
CA GLY E 132 -28.87 -3.55 -16.41
C GLY E 132 -29.68 -3.91 -15.18
N ASP E 133 -29.39 -3.27 -14.03
CA ASP E 133 -30.00 -3.69 -12.77
C ASP E 133 -31.52 -3.48 -12.79
N HIS E 134 -31.97 -2.34 -13.29
CA HIS E 134 -33.39 -2.01 -13.29
C HIS E 134 -34.05 -2.18 -14.64
N THR E 135 -33.33 -2.67 -15.65
CA THR E 135 -33.93 -2.93 -16.94
C THR E 135 -34.84 -4.14 -16.87
N ASN E 136 -35.92 -4.10 -17.65
CA ASN E 136 -36.90 -5.19 -17.64
C ASN E 136 -36.29 -6.47 -18.21
N ILE E 137 -36.72 -7.59 -17.65
CA ILE E 137 -36.11 -8.89 -17.96
C ILE E 137 -36.68 -9.40 -19.28
N PRO E 138 -35.83 -9.74 -20.25
CA PRO E 138 -36.31 -10.46 -21.43
C PRO E 138 -36.67 -11.89 -21.07
N LEU E 139 -37.60 -12.47 -21.84
CA LEU E 139 -38.10 -13.79 -21.56
C LEU E 139 -37.99 -14.68 -22.79
N THR E 140 -37.70 -15.95 -22.55
CA THR E 140 -37.67 -16.97 -23.59
C THR E 140 -39.00 -17.70 -23.64
N SER E 141 -39.23 -18.39 -24.76
CA SER E 141 -40.46 -19.15 -24.93
C SER E 141 -40.19 -20.30 -25.89
N TRP E 142 -41.25 -21.05 -26.20
CA TRP E 142 -41.14 -22.16 -27.14
C TRP E 142 -42.51 -22.40 -27.76
N ASN E 143 -42.50 -23.07 -28.91
CA ASN E 143 -43.72 -23.58 -29.50
C ASN E 143 -43.46 -25.00 -29.99
N ALA E 144 -44.53 -25.78 -30.13
CA ALA E 144 -44.39 -27.20 -30.44
C ALA E 144 -45.25 -27.58 -31.63
N ASN E 145 -44.71 -28.45 -32.47
CA ASN E 145 -45.42 -29.04 -33.59
C ASN E 145 -45.27 -30.55 -33.51
N PHE E 146 -46.19 -31.27 -34.14
CA PHE E 146 -46.19 -32.72 -34.06
C PHE E 146 -46.43 -33.33 -35.43
N GLU E 147 -45.84 -34.50 -35.66
CA GLU E 147 -45.98 -35.25 -36.90
C GLU E 147 -46.34 -36.69 -36.58
N ARG E 148 -47.29 -37.25 -37.33
CA ARG E 148 -47.79 -38.59 -37.09
C ARG E 148 -47.61 -39.45 -38.34
N ARG E 149 -47.19 -40.69 -38.14
CA ARG E 149 -46.95 -41.64 -39.21
C ARG E 149 -47.63 -42.97 -38.89
N THR E 150 -48.36 -43.50 -39.87
CA THR E 150 -49.16 -44.70 -39.65
C THR E 150 -48.28 -45.96 -39.59
N ILE E 151 -48.65 -46.88 -38.69
CA ILE E 151 -47.96 -48.14 -38.49
C ILE E 151 -48.55 -49.20 -39.41
N VAL E 152 -47.69 -49.97 -40.07
CA VAL E 152 -48.08 -51.03 -40.99
C VAL E 152 -47.64 -52.36 -40.40
N ARG E 153 -48.57 -53.32 -40.37
CA ARG E 153 -48.31 -54.64 -39.81
C ARG E 153 -48.30 -55.68 -40.93
N GLY E 154 -47.23 -56.43 -41.03
CA GLY E 154 -47.12 -57.54 -41.97
C GLY E 154 -47.27 -58.87 -41.26
N GLU E 155 -47.86 -59.84 -41.96
CA GLU E 155 -48.17 -61.14 -41.42
C GLU E 155 -47.66 -62.24 -42.34
N LEU E 156 -47.00 -63.25 -41.76
CA LEU E 156 -46.55 -64.39 -42.54
C LEU E 156 -46.59 -65.64 -41.66
N GLY E 157 -46.93 -66.78 -42.27
CA GLY E 157 -47.15 -67.99 -41.51
C GLY E 157 -46.53 -69.19 -42.19
N MET E 158 -46.74 -70.35 -41.55
CA MET E 158 -46.22 -71.62 -42.05
C MET E 158 -47.16 -72.73 -41.59
N MET E 159 -47.23 -73.79 -42.39
CA MET E 159 -48.01 -74.97 -42.06
C MET E 159 -47.16 -76.21 -42.30
N VAL E 160 -47.02 -77.05 -41.29
CA VAL E 160 -46.16 -78.23 -41.35
C VAL E 160 -46.98 -79.46 -41.01
N GLY E 161 -46.88 -80.49 -41.84
CA GLY E 161 -47.52 -81.76 -41.59
C GLY E 161 -46.55 -82.79 -41.02
N THR E 162 -47.10 -83.86 -40.47
CA THR E 162 -46.28 -84.88 -39.81
C THR E 162 -45.43 -85.65 -40.82
N LEU E 163 -46.07 -86.13 -41.90
CA LEU E 163 -45.33 -86.87 -42.92
C LEU E 163 -44.30 -85.98 -43.61
N GLU E 164 -44.67 -84.73 -43.88
CA GLU E 164 -43.72 -83.77 -44.44
C GLU E 164 -42.55 -83.53 -43.49
N GLU E 165 -42.83 -83.41 -42.19
CA GLU E 165 -41.78 -83.23 -41.19
C GLU E 165 -40.81 -84.41 -41.20
N GLY E 166 -41.33 -85.63 -41.16
CA GLY E 166 -40.46 -86.79 -41.15
C GLY E 166 -39.66 -86.95 -42.44
N ARG E 167 -40.32 -86.76 -43.58
CA ARG E 167 -39.65 -86.93 -44.86
C ARG E 167 -38.57 -85.87 -45.06
N ALA E 168 -38.79 -84.64 -44.60
CA ALA E 168 -37.77 -83.62 -44.74
C ALA E 168 -36.65 -83.79 -43.71
N SER E 169 -36.98 -84.26 -42.51
CA SER E 169 -35.93 -84.57 -41.54
C SER E 169 -35.08 -85.74 -41.98
N ALA E 170 -35.60 -86.59 -42.88
CA ALA E 170 -34.79 -87.67 -43.44
C ALA E 170 -33.61 -87.13 -44.25
N ILE E 171 -33.75 -85.98 -44.89
CA ILE E 171 -32.66 -85.38 -45.66
C ILE E 171 -31.97 -84.27 -44.87
N ARG E 172 -32.06 -84.31 -43.53
CA ARG E 172 -31.32 -83.40 -42.63
C ARG E 172 -31.73 -81.95 -42.85
N LEU E 173 -33.01 -81.74 -43.13
CA LEU E 173 -33.62 -80.42 -43.20
C LEU E 173 -34.79 -80.39 -42.23
N ASN E 174 -34.94 -79.27 -41.52
CA ASN E 174 -35.92 -79.22 -40.43
C ASN E 174 -37.35 -79.21 -40.97
N SER E 175 -37.61 -78.43 -42.02
CA SER E 175 -38.92 -78.12 -42.62
C SER E 175 -39.80 -77.28 -41.72
N ALA E 176 -39.38 -76.98 -40.50
CA ALA E 176 -40.07 -76.05 -39.63
C ALA E 176 -39.20 -74.87 -39.25
N GLU E 177 -37.90 -75.09 -39.02
CA GLU E 177 -37.01 -73.96 -38.77
C GLU E 177 -36.72 -73.20 -40.05
N THR E 178 -36.57 -73.90 -41.17
CA THR E 178 -36.36 -73.20 -42.44
C THR E 178 -37.57 -72.39 -42.85
N LYS E 179 -38.78 -72.91 -42.60
CA LYS E 179 -39.99 -72.13 -42.85
C LYS E 179 -40.09 -70.95 -41.89
N ARG E 180 -39.67 -71.13 -40.64
CA ARG E 180 -39.66 -70.02 -39.69
C ARG E 180 -38.73 -68.91 -40.13
N GLN E 181 -37.50 -69.26 -40.54
CA GLN E 181 -36.57 -68.22 -40.97
C GLN E 181 -36.95 -67.65 -42.33
N GLN E 182 -37.66 -68.43 -43.16
CA GLN E 182 -38.20 -67.85 -44.39
C GLN E 182 -39.29 -66.84 -44.10
N ALA E 183 -40.14 -67.13 -43.11
CA ALA E 183 -41.12 -66.13 -42.68
C ALA E 183 -40.42 -64.88 -42.15
N ALA E 184 -39.36 -65.06 -41.37
CA ALA E 184 -38.59 -63.93 -40.88
C ALA E 184 -37.99 -63.11 -42.01
N ILE E 185 -37.41 -63.78 -43.01
CA ILE E 185 -36.78 -63.09 -44.13
C ILE E 185 -37.83 -62.39 -45.00
N GLY E 186 -38.99 -63.02 -45.19
CA GLY E 186 -40.06 -62.37 -45.92
C GLY E 186 -40.56 -61.11 -45.23
N LEU E 187 -40.74 -61.18 -43.90
CA LEU E 187 -41.11 -59.99 -43.16
C LEU E 187 -40.00 -58.94 -43.20
N GLU E 188 -38.74 -59.36 -43.25
CA GLU E 188 -37.63 -58.41 -43.40
C GLU E 188 -37.66 -57.72 -44.75
N ILE E 189 -37.99 -58.46 -45.81
CA ILE E 189 -38.12 -57.88 -47.14
C ILE E 189 -39.27 -56.87 -47.15
N PHE E 190 -40.39 -57.23 -46.53
CA PHE E 190 -41.52 -56.32 -46.39
C PHE E 190 -41.10 -55.04 -45.64
N ARG E 191 -40.37 -55.21 -44.54
CA ARG E 191 -39.93 -54.06 -43.75
C ARG E 191 -38.99 -53.16 -44.53
N ASN E 192 -38.06 -53.76 -45.28
CA ASN E 192 -37.13 -52.97 -46.07
C ASN E 192 -37.84 -52.21 -47.18
N ALA E 193 -38.79 -52.86 -47.86
CA ALA E 193 -39.57 -52.18 -48.89
C ALA E 193 -40.39 -51.04 -48.30
N ILE E 194 -40.98 -51.26 -47.12
CA ILE E 194 -41.73 -50.19 -46.46
C ILE E 194 -40.81 -49.03 -46.10
N GLY E 195 -39.63 -49.35 -45.56
CA GLY E 195 -38.71 -48.30 -45.16
C GLY E 195 -38.12 -47.53 -46.32
N PHE E 196 -38.07 -48.15 -47.50
CA PHE E 196 -37.50 -47.45 -48.65
C PHE E 196 -38.55 -46.68 -49.44
N TYR E 197 -39.69 -47.31 -49.75
CA TYR E 197 -40.71 -46.67 -50.60
C TYR E 197 -41.95 -46.23 -49.84
N GLY E 198 -42.18 -46.72 -48.64
CA GLY E 198 -43.43 -46.48 -47.96
C GLY E 198 -44.53 -47.40 -48.46
N TRP E 199 -45.59 -47.50 -47.64
CA TRP E 199 -46.70 -48.40 -47.93
C TRP E 199 -47.92 -47.60 -48.34
N GLN E 200 -48.25 -47.63 -49.63
CA GLN E 200 -49.49 -47.09 -50.19
C GLN E 200 -49.66 -45.61 -49.85
N SER E 201 -48.57 -44.86 -49.90
CA SER E 201 -48.63 -43.42 -49.67
C SER E 201 -49.42 -42.71 -50.76
N GLY E 202 -49.47 -43.29 -51.97
CA GLY E 202 -50.29 -42.71 -53.02
C GLY E 202 -51.77 -42.74 -52.71
N LEU E 203 -52.22 -43.78 -52.01
CA LEU E 203 -53.60 -43.86 -51.55
C LEU E 203 -53.86 -43.04 -50.31
N GLY E 204 -52.82 -42.47 -49.69
CA GLY E 204 -52.98 -41.65 -48.51
C GLY E 204 -52.90 -42.44 -47.22
N ASN E 205 -51.95 -43.36 -47.12
CA ASN E 205 -51.81 -44.19 -45.94
C ASN E 205 -50.93 -43.56 -44.86
N ARG E 206 -50.25 -42.44 -45.17
CA ARG E 206 -49.44 -41.69 -44.20
C ARG E 206 -48.33 -42.54 -43.57
N THR E 207 -47.70 -43.37 -44.39
CA THR E 207 -46.49 -44.10 -43.98
C THR E 207 -45.51 -44.04 -45.14
N TYR E 208 -44.60 -43.07 -45.07
CA TYR E 208 -43.67 -42.78 -46.15
C TYR E 208 -42.33 -43.45 -45.88
N GLY E 209 -41.41 -43.33 -46.83
CA GLY E 209 -40.13 -43.99 -46.71
C GLY E 209 -38.95 -43.07 -46.88
N PHE E 210 -37.78 -43.65 -47.14
CA PHE E 210 -36.57 -42.87 -47.35
C PHE E 210 -36.62 -42.05 -48.63
N LEU E 211 -37.49 -42.42 -49.57
CA LEU E 211 -37.49 -41.80 -50.90
C LEU E 211 -38.72 -40.96 -51.19
N ASN E 212 -39.74 -40.98 -50.33
CA ASN E 212 -40.97 -40.25 -50.64
C ASN E 212 -41.54 -39.56 -49.41
N ASP E 213 -40.70 -39.18 -48.46
CA ASP E 213 -41.16 -38.47 -47.28
C ASP E 213 -41.69 -37.09 -47.67
N PRO E 214 -42.80 -36.63 -47.06
CA PRO E 214 -43.33 -35.32 -47.44
C PRO E 214 -42.46 -34.17 -46.96
N ASN E 215 -41.89 -34.28 -45.78
CA ASN E 215 -40.99 -33.26 -45.24
C ASN E 215 -39.56 -33.48 -45.71
N LEU E 216 -39.39 -33.53 -47.03
CA LEU E 216 -38.07 -33.60 -47.64
C LEU E 216 -37.99 -32.53 -48.72
N PRO E 217 -36.80 -32.03 -49.03
CA PRO E 217 -36.69 -31.02 -50.10
C PRO E 217 -37.00 -31.63 -51.46
N ALA E 218 -37.33 -30.75 -52.39
CA ALA E 218 -37.72 -31.18 -53.74
C ALA E 218 -36.59 -31.94 -54.42
N PHE E 219 -36.97 -32.98 -55.16
CA PHE E 219 -36.01 -33.88 -55.79
C PHE E 219 -35.37 -33.13 -56.96
N GLN E 220 -34.18 -32.59 -56.74
CA GLN E 220 -33.53 -31.71 -57.70
C GLN E 220 -32.95 -32.51 -58.87
N THR E 221 -32.55 -31.78 -59.90
CA THR E 221 -31.83 -32.32 -61.05
C THR E 221 -30.36 -31.94 -60.98
N PRO E 222 -29.45 -32.86 -61.32
CA PRO E 222 -28.02 -32.55 -61.18
C PRO E 222 -27.59 -31.52 -62.22
N PRO E 223 -26.53 -30.77 -61.94
CA PRO E 223 -26.06 -29.77 -62.90
C PRO E 223 -25.57 -30.36 -64.22
N SER E 224 -25.01 -31.57 -64.21
CA SER E 224 -24.41 -32.15 -65.40
C SER E 224 -25.36 -33.07 -66.15
N GLN E 225 -26.64 -33.05 -65.82
CA GLN E 225 -27.65 -33.99 -66.35
C GLN E 225 -27.21 -35.41 -65.96
N GLY E 226 -27.47 -36.38 -66.82
CA GLY E 226 -27.13 -37.76 -66.49
C GLY E 226 -25.63 -37.99 -66.42
N TRP E 227 -25.24 -38.92 -65.54
CA TRP E 227 -23.83 -39.27 -65.39
C TRP E 227 -23.33 -40.15 -66.52
N SER E 228 -24.23 -40.90 -67.16
CA SER E 228 -23.82 -41.82 -68.21
C SER E 228 -23.18 -41.10 -69.39
N THR E 229 -23.77 -39.97 -69.80
CA THR E 229 -23.18 -39.14 -70.83
C THR E 229 -22.15 -38.15 -70.29
N ALA E 230 -22.08 -37.98 -68.97
CA ALA E 230 -21.16 -37.02 -68.40
C ALA E 230 -19.76 -37.60 -68.28
N ASP E 231 -18.78 -36.71 -68.17
CA ASP E 231 -17.40 -37.08 -67.97
C ASP E 231 -17.05 -36.99 -66.48
N TRP E 232 -15.76 -37.08 -66.17
CA TRP E 232 -15.31 -37.00 -64.79
C TRP E 232 -15.63 -35.65 -64.17
N ALA E 233 -15.42 -34.58 -64.93
CA ALA E 233 -15.66 -33.23 -64.42
C ALA E 233 -17.13 -33.02 -64.07
N GLY E 234 -18.04 -33.60 -64.85
CA GLY E 234 -19.45 -33.47 -64.54
C GLY E 234 -19.85 -34.15 -63.24
N ILE E 235 -19.33 -35.35 -63.00
CA ILE E 235 -19.62 -36.06 -61.76
C ILE E 235 -19.03 -35.31 -60.57
N ILE E 236 -17.80 -34.81 -60.73
CA ILE E 236 -17.19 -33.99 -59.69
C ILE E 236 -18.02 -32.75 -59.41
N GLY E 237 -18.53 -32.10 -60.47
CA GLY E 237 -19.36 -30.93 -60.28
C GLY E 237 -20.65 -31.24 -59.56
N ASP E 238 -21.28 -32.37 -59.88
CA ASP E 238 -22.52 -32.75 -59.19
C ASP E 238 -22.28 -33.00 -57.71
N ILE E 239 -21.22 -33.76 -57.39
CA ILE E 239 -20.94 -34.04 -55.97
C ILE E 239 -20.59 -32.75 -55.24
N ARG E 240 -19.79 -31.88 -55.87
CA ARG E 240 -19.42 -30.61 -55.26
C ARG E 240 -20.62 -29.71 -55.02
N GLU E 241 -21.53 -29.63 -56.00
CA GLU E 241 -22.71 -28.78 -55.83
C GLU E 241 -23.63 -29.33 -54.75
N ALA E 242 -23.77 -30.66 -54.67
CA ALA E 242 -24.57 -31.25 -53.61
C ALA E 242 -23.99 -30.95 -52.25
N VAL E 243 -22.67 -31.09 -52.10
CA VAL E 243 -22.03 -30.82 -50.80
C VAL E 243 -22.13 -29.34 -50.45
N ARG E 244 -21.94 -28.46 -51.43
CA ARG E 244 -22.06 -27.02 -51.18
C ARG E 244 -23.48 -26.65 -50.77
N GLN E 245 -24.49 -27.23 -51.43
CA GLN E 245 -25.87 -26.98 -51.04
C GLN E 245 -26.15 -27.47 -49.63
N LEU E 246 -25.61 -28.64 -49.29
CA LEU E 246 -25.78 -29.16 -47.93
C LEU E 246 -25.14 -28.24 -46.90
N ARG E 247 -23.95 -27.71 -47.21
CA ARG E 247 -23.28 -26.81 -46.29
C ARG E 247 -24.04 -25.50 -46.12
N ILE E 248 -24.57 -24.96 -47.23
CA ILE E 248 -25.30 -23.70 -47.16
C ILE E 248 -26.61 -23.88 -46.40
N GLN E 249 -27.31 -25.00 -46.64
CA GLN E 249 -28.54 -25.28 -45.90
C GLN E 249 -28.25 -25.48 -44.42
N SER E 250 -27.17 -26.19 -44.10
CA SER E 250 -26.83 -26.51 -42.72
C SER E 250 -26.23 -25.33 -41.96
N GLN E 251 -25.85 -24.26 -42.66
CA GLN E 251 -25.13 -23.14 -42.07
C GLN E 251 -23.88 -23.62 -41.34
N ASP E 252 -23.12 -24.48 -42.02
CA ASP E 252 -21.84 -25.02 -41.54
C ASP E 252 -22.01 -25.90 -40.30
N GLN E 253 -23.04 -26.74 -40.30
CA GLN E 253 -23.18 -27.76 -39.27
C GLN E 253 -22.71 -29.12 -39.77
N ILE E 254 -21.67 -29.12 -40.58
CA ILE E 254 -21.03 -30.31 -41.10
C ILE E 254 -19.71 -30.52 -40.37
N ASP E 255 -19.45 -31.75 -39.95
CA ASP E 255 -18.22 -32.08 -39.26
C ASP E 255 -17.02 -31.92 -40.21
N PRO E 256 -15.83 -31.69 -39.66
CA PRO E 256 -14.63 -31.66 -40.48
C PRO E 256 -14.46 -32.95 -41.27
N LYS E 257 -13.98 -32.82 -42.52
CA LYS E 257 -13.74 -33.97 -43.43
C LYS E 257 -15.05 -34.65 -43.80
N ALA E 258 -16.17 -33.93 -43.68
CA ALA E 258 -17.49 -34.49 -43.96
C ALA E 258 -17.67 -35.85 -43.29
N GLU E 259 -17.40 -35.88 -41.97
CA GLU E 259 -17.37 -37.14 -41.23
C GLU E 259 -18.72 -37.82 -41.21
N LYS E 260 -19.72 -37.18 -40.61
CA LYS E 260 -21.03 -37.81 -40.44
C LYS E 260 -21.97 -37.48 -41.61
N ILE E 261 -21.50 -37.76 -42.82
CA ILE E 261 -22.27 -37.54 -44.04
C ILE E 261 -22.31 -38.84 -44.82
N THR E 262 -23.50 -39.26 -45.22
CA THR E 262 -23.70 -40.45 -46.04
C THR E 262 -24.16 -40.04 -47.42
N LEU E 263 -23.53 -40.65 -48.43
CA LEU E 263 -23.77 -40.42 -49.84
C LEU E 263 -24.42 -41.71 -50.36
N ALA E 264 -25.75 -41.74 -50.36
CA ALA E 264 -26.50 -42.88 -50.85
C ALA E 264 -26.70 -42.75 -52.35
N LEU E 265 -26.45 -43.85 -53.07
CA LEU E 265 -26.45 -43.83 -54.52
C LEU E 265 -27.32 -44.95 -55.05
N ALA E 266 -27.78 -44.78 -56.29
CA ALA E 266 -28.29 -45.92 -57.04
C ALA E 266 -27.19 -46.94 -57.25
N THR E 267 -27.56 -48.23 -57.19
CA THR E 267 -26.60 -49.30 -57.43
C THR E 267 -26.05 -49.26 -58.85
N SER E 268 -26.90 -48.98 -59.84
CA SER E 268 -26.45 -48.91 -61.22
C SER E 268 -25.51 -47.75 -61.47
N LYS E 269 -25.46 -46.77 -60.58
CA LYS E 269 -24.60 -45.60 -60.75
C LYS E 269 -23.40 -45.57 -59.83
N VAL E 270 -23.28 -46.51 -58.87
CA VAL E 270 -22.15 -46.48 -57.95
C VAL E 270 -20.84 -46.81 -58.66
N ASP E 271 -20.93 -47.54 -59.78
CA ASP E 271 -19.73 -47.86 -60.54
C ASP E 271 -19.20 -46.67 -61.34
N TYR E 272 -20.01 -45.61 -61.49
CA TYR E 272 -19.53 -44.38 -62.10
C TYR E 272 -18.59 -43.59 -61.20
N LEU E 273 -18.48 -43.95 -59.91
CA LEU E 273 -17.44 -43.39 -59.07
C LEU E 273 -16.06 -43.87 -59.48
N SER E 274 -15.98 -44.92 -60.30
CA SER E 274 -14.74 -45.40 -60.87
C SER E 274 -14.37 -44.71 -62.16
N VAL E 275 -15.22 -43.82 -62.67
CA VAL E 275 -14.93 -43.13 -63.92
C VAL E 275 -13.76 -42.19 -63.72
N THR E 276 -12.74 -42.35 -64.56
CA THR E 276 -11.50 -41.56 -64.35
C THR E 276 -11.33 -40.50 -65.41
N THR E 277 -10.69 -39.41 -65.05
CA THR E 277 -10.34 -38.41 -66.08
C THR E 277 -9.27 -39.07 -66.91
N PRO E 278 -9.01 -38.65 -68.18
CA PRO E 278 -8.05 -39.33 -69.05
C PRO E 278 -6.64 -39.54 -68.49
N TYR E 279 -6.35 -38.93 -67.35
CA TYR E 279 -4.98 -39.01 -66.79
C TYR E 279 -4.96 -40.01 -65.65
N GLY E 280 -6.13 -40.49 -65.24
CA GLY E 280 -6.16 -41.57 -64.23
C GLY E 280 -6.52 -41.12 -62.82
N ILE E 281 -7.44 -40.19 -62.65
CA ILE E 281 -7.82 -39.89 -61.24
C ILE E 281 -9.32 -40.14 -61.13
N SER E 282 -9.73 -41.18 -60.40
CA SER E 282 -11.15 -41.57 -60.34
C SER E 282 -11.96 -40.66 -59.42
N VAL E 283 -13.27 -40.57 -59.67
CA VAL E 283 -14.15 -39.85 -58.76
C VAL E 283 -13.93 -40.30 -57.33
N SER E 284 -13.66 -41.60 -57.13
CA SER E 284 -13.37 -42.10 -55.79
C SER E 284 -12.11 -41.46 -55.22
N ASP E 285 -11.08 -41.28 -56.04
CA ASP E 285 -9.86 -40.62 -55.58
C ASP E 285 -10.15 -39.16 -55.23
N TRP E 286 -10.99 -38.50 -56.02
CA TRP E 286 -11.35 -37.12 -55.73
C TRP E 286 -12.10 -37.01 -54.40
N ILE E 287 -13.04 -37.92 -54.15
CA ILE E 287 -13.74 -37.93 -52.87
C ILE E 287 -12.78 -38.23 -51.72
N GLU E 288 -11.86 -39.17 -51.93
CA GLU E 288 -10.90 -39.55 -50.90
C GLU E 288 -9.95 -38.40 -50.56
N GLN E 289 -9.58 -37.59 -51.54
CA GLN E 289 -8.69 -36.46 -51.31
C GLN E 289 -9.44 -35.18 -50.95
N THR E 290 -10.76 -35.17 -51.09
CA THR E 290 -11.57 -33.99 -50.79
C THR E 290 -12.43 -34.15 -49.55
N TYR E 291 -13.20 -35.24 -49.47
CA TYR E 291 -14.04 -35.54 -48.32
C TYR E 291 -13.68 -36.92 -47.82
N PRO E 292 -12.54 -37.05 -47.13
CA PRO E 292 -12.01 -38.39 -46.80
C PRO E 292 -12.93 -39.23 -45.93
N LYS E 293 -13.65 -38.61 -44.99
CA LYS E 293 -14.52 -39.34 -44.08
C LYS E 293 -15.98 -39.32 -44.52
N MET E 294 -16.23 -39.20 -45.81
CA MET E 294 -17.59 -39.24 -46.35
C MET E 294 -17.99 -40.69 -46.54
N ARG E 295 -19.00 -41.13 -45.78
CA ARG E 295 -19.56 -42.45 -45.97
C ARG E 295 -20.22 -42.54 -47.34
N ILE E 296 -19.98 -43.64 -48.05
CA ILE E 296 -20.54 -43.86 -49.38
C ILE E 296 -21.26 -45.19 -49.38
N VAL E 297 -22.54 -45.20 -49.77
CA VAL E 297 -23.31 -46.43 -49.87
C VAL E 297 -24.09 -46.42 -51.16
N SER E 298 -24.46 -47.61 -51.62
CA SER E 298 -25.31 -47.78 -52.79
C SER E 298 -26.42 -48.76 -52.44
N ALA E 299 -27.64 -48.44 -52.87
CA ALA E 299 -28.78 -49.28 -52.57
C ALA E 299 -29.54 -49.62 -53.84
N PRO E 300 -29.96 -50.87 -54.01
CA PRO E 300 -30.75 -51.24 -55.19
C PRO E 300 -32.06 -50.51 -55.29
N GLU E 301 -32.67 -50.17 -54.15
CA GLU E 301 -33.94 -49.46 -54.15
C GLU E 301 -33.80 -48.03 -54.63
N LEU E 302 -32.60 -47.46 -54.59
CA LEU E 302 -32.37 -46.10 -55.06
C LEU E 302 -32.18 -46.03 -56.56
N SER E 303 -32.21 -47.16 -57.26
CA SER E 303 -32.13 -47.20 -58.71
C SER E 303 -33.52 -47.32 -59.30
N GLY E 304 -33.77 -46.55 -60.36
CA GLY E 304 -35.11 -46.52 -60.94
C GLY E 304 -36.16 -45.94 -60.02
N VAL E 305 -35.82 -44.87 -59.30
CA VAL E 305 -36.76 -44.28 -58.35
C VAL E 305 -37.95 -43.67 -59.07
N GLN E 306 -37.71 -42.94 -60.15
CA GLN E 306 -38.77 -42.34 -60.95
C GLN E 306 -38.59 -42.73 -62.40
N MET E 307 -39.57 -42.38 -63.22
CA MET E 307 -39.52 -42.58 -64.66
C MET E 307 -39.83 -41.27 -65.34
N LYS E 308 -38.88 -40.77 -66.15
CA LYS E 308 -39.12 -39.55 -66.91
C LYS E 308 -40.25 -39.78 -67.91
N ALA E 309 -40.01 -40.63 -68.90
CA ALA E 309 -41.12 -41.19 -69.67
C ALA E 309 -41.03 -42.71 -69.77
N GLN E 310 -39.83 -43.25 -70.01
CA GLN E 310 -39.61 -44.68 -69.97
C GLN E 310 -38.24 -44.99 -69.38
N GLU E 311 -37.45 -43.98 -69.02
CA GLU E 311 -36.09 -44.20 -68.57
C GLU E 311 -36.06 -44.14 -67.05
N PRO E 312 -35.72 -45.24 -66.37
CA PRO E 312 -35.82 -45.25 -64.90
C PRO E 312 -34.83 -44.32 -64.22
N GLU E 313 -35.34 -43.25 -63.62
CA GLU E 313 -34.47 -42.24 -63.05
C GLU E 313 -33.77 -42.77 -61.80
N ASP E 314 -32.46 -42.54 -61.73
CA ASP E 314 -31.65 -43.00 -60.61
C ASP E 314 -31.39 -41.86 -59.65
N ALA E 315 -31.21 -42.21 -58.37
CA ALA E 315 -31.24 -41.23 -57.29
C ALA E 315 -29.89 -41.12 -56.60
N LEU E 316 -29.66 -39.92 -56.06
CA LEU E 316 -28.51 -39.59 -55.25
C LEU E 316 -29.00 -38.79 -54.05
N VAL E 317 -28.67 -39.25 -52.85
CA VAL E 317 -29.08 -38.59 -51.61
C VAL E 317 -27.85 -38.34 -50.76
N LEU E 318 -27.56 -37.08 -50.47
CA LEU E 318 -26.46 -36.70 -49.59
C LEU E 318 -27.05 -36.15 -48.30
N PHE E 319 -26.76 -36.79 -47.17
CA PHE E 319 -27.42 -36.36 -45.94
C PHE E 319 -26.51 -36.55 -44.74
N VAL E 320 -26.72 -35.73 -43.73
CA VAL E 320 -26.04 -35.89 -42.44
C VAL E 320 -26.70 -37.04 -41.68
N GLU E 321 -25.88 -37.98 -41.21
CA GLU E 321 -26.40 -39.13 -40.47
C GLU E 321 -26.99 -38.70 -39.14
N ASP E 322 -26.14 -38.25 -38.23
CA ASP E 322 -26.53 -37.79 -36.91
C ASP E 322 -25.96 -36.39 -36.72
N VAL E 323 -26.66 -35.58 -35.94
CA VAL E 323 -26.17 -34.25 -35.58
C VAL E 323 -26.09 -34.18 -34.07
N ASN E 324 -25.00 -33.63 -33.56
CA ASN E 324 -24.77 -33.57 -32.13
C ASN E 324 -25.85 -32.77 -31.43
N ALA E 325 -26.32 -33.29 -30.31
CA ALA E 325 -27.46 -32.72 -29.60
C ALA E 325 -27.06 -31.65 -28.58
N ALA E 326 -25.76 -31.43 -28.38
CA ALA E 326 -25.33 -30.46 -27.38
C ALA E 326 -25.58 -29.03 -27.84
N VAL E 327 -25.41 -28.77 -29.14
CA VAL E 327 -25.51 -27.41 -29.66
C VAL E 327 -26.94 -26.90 -29.60
N ASP E 328 -27.92 -27.77 -29.85
CA ASP E 328 -29.32 -27.35 -29.88
C ASP E 328 -30.12 -27.80 -28.67
N GLY E 329 -29.61 -28.75 -27.89
CA GLY E 329 -30.34 -29.25 -26.74
C GLY E 329 -31.40 -30.28 -27.06
N SER E 330 -31.37 -30.89 -28.24
CA SER E 330 -32.37 -31.87 -28.62
C SER E 330 -32.28 -33.12 -27.74
N THR E 331 -33.43 -33.68 -27.40
CA THR E 331 -33.51 -34.90 -26.61
C THR E 331 -34.00 -36.09 -27.42
N ASP E 332 -34.17 -35.94 -28.74
CA ASP E 332 -34.67 -37.03 -29.56
C ASP E 332 -33.61 -38.08 -29.84
N GLY E 333 -32.34 -37.68 -29.93
CA GLY E 333 -31.28 -38.62 -30.25
C GLY E 333 -30.27 -38.04 -31.24
N GLY E 334 -30.70 -37.03 -32.01
CA GLY E 334 -29.82 -36.36 -32.94
C GLY E 334 -29.77 -36.95 -34.33
N SER E 335 -30.47 -38.05 -34.58
CA SER E 335 -30.47 -38.67 -35.90
C SER E 335 -31.40 -37.91 -36.83
N VAL E 336 -30.92 -37.62 -38.04
CA VAL E 336 -31.74 -36.95 -39.03
C VAL E 336 -32.85 -37.87 -39.52
N PHE E 337 -32.50 -39.11 -39.83
CA PHE E 337 -33.44 -40.11 -40.32
C PHE E 337 -33.62 -41.21 -39.28
N SER E 338 -34.80 -41.83 -39.28
CA SER E 338 -35.03 -42.94 -38.35
C SER E 338 -36.09 -43.86 -38.93
N GLN E 339 -35.78 -45.13 -39.07
CA GLN E 339 -36.76 -46.12 -39.50
C GLN E 339 -37.51 -46.61 -38.27
N LEU E 340 -38.83 -46.44 -38.27
CA LEU E 340 -39.66 -46.70 -37.11
C LEU E 340 -40.15 -48.14 -37.18
N VAL E 341 -39.44 -49.03 -36.49
CA VAL E 341 -39.77 -50.45 -36.46
C VAL E 341 -40.36 -50.77 -35.09
N GLN E 342 -41.62 -51.23 -35.09
CA GLN E 342 -42.24 -51.63 -33.84
C GLN E 342 -41.65 -52.92 -33.33
N SER E 343 -41.46 -53.90 -34.21
CA SER E 343 -40.90 -55.20 -33.86
C SER E 343 -40.46 -55.89 -35.14
N LYS E 344 -39.25 -56.44 -35.12
CA LYS E 344 -38.73 -57.14 -36.29
C LYS E 344 -39.49 -58.42 -36.56
N PHE E 345 -39.85 -59.15 -35.50
CA PHE E 345 -40.42 -60.49 -35.66
C PHE E 345 -41.10 -60.88 -34.37
N ILE E 346 -42.42 -61.01 -34.39
CA ILE E 346 -43.17 -61.52 -33.25
C ILE E 346 -43.87 -62.79 -33.66
N THR E 347 -44.14 -63.65 -32.69
CA THR E 347 -44.86 -64.90 -32.91
C THR E 347 -46.33 -64.66 -32.57
N LEU E 348 -47.18 -64.61 -33.59
CA LEU E 348 -48.60 -64.41 -33.35
C LEU E 348 -49.21 -65.60 -32.62
N GLY E 349 -48.85 -66.81 -33.01
CA GLY E 349 -49.30 -67.97 -32.26
C GLY E 349 -49.17 -69.26 -33.04
N VAL E 350 -49.68 -70.33 -32.41
CA VAL E 350 -49.63 -71.68 -32.95
C VAL E 350 -51.03 -72.28 -32.87
N GLU E 351 -51.44 -72.97 -33.93
CA GLU E 351 -52.71 -73.69 -33.99
C GLU E 351 -52.40 -75.13 -34.36
N LYS E 352 -52.59 -76.05 -33.41
CA LYS E 352 -52.18 -77.44 -33.56
C LYS E 352 -53.40 -78.26 -33.95
N ARG E 353 -53.38 -78.83 -35.15
CA ARG E 353 -54.48 -79.63 -35.67
C ARG E 353 -54.18 -81.11 -35.50
N ALA E 354 -54.96 -81.96 -36.18
CA ALA E 354 -54.82 -83.41 -36.02
C ALA E 354 -53.50 -83.90 -36.57
N LYS E 355 -53.25 -83.69 -37.86
CA LYS E 355 -52.08 -84.23 -38.53
C LYS E 355 -51.15 -83.13 -39.06
N SER E 356 -51.33 -81.89 -38.60
CA SER E 356 -50.49 -80.78 -39.02
C SER E 356 -50.61 -79.68 -37.98
N TYR E 357 -49.77 -78.65 -38.15
CA TYR E 357 -49.86 -77.48 -37.28
C TYR E 357 -49.49 -76.24 -38.08
N VAL E 358 -50.09 -75.11 -37.69
CA VAL E 358 -49.86 -73.82 -38.32
C VAL E 358 -49.22 -72.90 -37.30
N GLU E 359 -48.22 -72.13 -37.73
CA GLU E 359 -47.57 -71.14 -36.89
C GLU E 359 -47.59 -69.81 -37.61
N ASP E 360 -48.06 -68.77 -36.93
CA ASP E 360 -48.26 -67.45 -37.52
C ASP E 360 -47.37 -66.45 -36.80
N PHE E 361 -46.68 -65.61 -37.59
CA PHE E 361 -45.79 -64.57 -37.11
C PHE E 361 -46.16 -63.25 -37.77
N SER E 362 -45.73 -62.15 -37.15
CA SER E 362 -46.03 -60.82 -37.65
C SER E 362 -44.90 -59.87 -37.31
N ASN E 363 -44.96 -58.69 -37.94
CA ASN E 363 -44.01 -57.62 -37.68
C ASN E 363 -44.69 -56.28 -37.92
N GLY E 364 -44.11 -55.22 -37.37
CA GLY E 364 -44.66 -53.89 -37.53
C GLY E 364 -43.58 -52.88 -37.88
N THR E 365 -43.96 -51.90 -38.70
CA THR E 365 -43.04 -50.85 -39.11
C THR E 365 -43.83 -49.66 -39.61
N ALA E 366 -43.39 -48.46 -39.23
CA ALA E 366 -44.04 -47.22 -39.61
C ALA E 366 -43.26 -46.46 -40.69
N GLY E 367 -42.43 -47.16 -41.43
CA GLY E 367 -41.65 -46.52 -42.47
C GLY E 367 -40.47 -45.75 -41.91
N ALA E 368 -40.06 -44.72 -42.64
CA ALA E 368 -38.92 -43.90 -42.27
C ALA E 368 -39.38 -42.46 -42.04
N LEU E 369 -38.83 -41.83 -41.01
CA LEU E 369 -39.17 -40.47 -40.62
C LEU E 369 -37.93 -39.60 -40.74
N CYS E 370 -38.06 -38.47 -41.43
CA CYS E 370 -37.00 -37.49 -41.57
C CYS E 370 -37.28 -36.36 -40.59
N LYS E 371 -36.43 -36.24 -39.57
CA LYS E 371 -36.64 -35.23 -38.53
C LYS E 371 -35.89 -33.94 -38.78
N ARG E 372 -34.86 -33.96 -39.64
CA ARG E 372 -34.08 -32.77 -39.96
C ARG E 372 -34.00 -32.65 -41.48
N PRO E 373 -35.04 -32.10 -42.11
CA PRO E 373 -35.03 -31.97 -43.58
C PRO E 373 -33.93 -31.07 -44.11
N TRP E 374 -33.38 -30.17 -43.29
CA TRP E 374 -32.32 -29.28 -43.75
C TRP E 374 -31.04 -30.02 -44.09
N ALA E 375 -30.82 -31.18 -43.47
CA ALA E 375 -29.61 -31.94 -43.74
C ALA E 375 -29.81 -33.01 -44.82
N VAL E 376 -30.42 -32.64 -45.94
CA VAL E 376 -30.69 -33.58 -47.03
C VAL E 376 -30.59 -32.83 -48.35
N VAL E 377 -29.88 -33.42 -49.32
CA VAL E 377 -29.84 -32.93 -50.70
C VAL E 377 -30.12 -34.12 -51.61
N ARG E 378 -31.06 -33.95 -52.54
CA ARG E 378 -31.50 -35.06 -53.39
C ARG E 378 -31.37 -34.67 -54.86
N TYR E 379 -30.78 -35.57 -55.64
CA TYR E 379 -30.62 -35.42 -57.08
C TYR E 379 -31.31 -36.59 -57.78
N LEU E 380 -32.10 -36.28 -58.81
CA LEU E 380 -32.81 -37.28 -59.59
C LEU E 380 -32.41 -37.16 -61.05
N GLY E 381 -32.26 -38.30 -61.71
CA GLY E 381 -31.89 -38.31 -63.10
C GLY E 381 -30.41 -38.32 -63.39
N ILE E 382 -29.59 -38.82 -62.46
CA ILE E 382 -28.17 -38.94 -62.70
C ILE E 382 -27.91 -40.07 -63.68
N MET F 1 -0.47 -2.77 -30.25
CA MET F 1 -0.10 -2.79 -28.81
C MET F 1 0.98 -3.84 -28.58
N PHE F 2 0.73 -5.08 -29.00
CA PHE F 2 1.72 -6.18 -28.82
C PHE F 2 2.64 -6.24 -30.04
N GLN F 3 3.58 -7.20 -30.04
CA GLN F 3 4.54 -7.30 -31.17
C GLN F 3 3.79 -7.48 -32.48
N LYS F 4 3.90 -6.51 -33.40
CA LYS F 4 3.25 -6.64 -34.72
C LYS F 4 4.30 -7.18 -35.69
N GLN F 5 5.50 -7.48 -35.18
CA GLN F 5 6.61 -7.93 -36.05
C GLN F 5 7.59 -8.80 -35.25
N VAL F 6 8.65 -9.28 -35.90
CA VAL F 6 9.68 -10.15 -35.26
C VAL F 6 11.04 -9.82 -35.87
N TYR F 7 11.98 -9.30 -35.05
CA TYR F 7 13.32 -8.92 -35.55
C TYR F 7 14.32 -10.03 -35.19
N ARG F 8 15.47 -10.07 -35.86
CA ARG F 8 16.41 -11.16 -35.60
C ARG F 8 17.05 -11.08 -34.22
N GLN F 9 16.94 -9.95 -33.53
CA GLN F 9 17.55 -9.81 -32.21
C GLN F 9 16.80 -8.74 -31.43
N TYR F 10 16.96 -8.80 -30.10
CA TYR F 10 16.38 -7.79 -29.25
C TYR F 10 17.17 -6.48 -29.36
N THR F 11 16.50 -5.38 -29.06
CA THR F 11 17.17 -4.09 -29.01
C THR F 11 18.15 -4.09 -27.83
N PRO F 12 19.30 -3.42 -27.96
CA PRO F 12 20.25 -3.37 -26.84
C PRO F 12 19.69 -2.68 -25.59
N GLY F 13 18.78 -1.73 -25.75
CA GLY F 13 18.19 -1.09 -24.59
C GLY F 13 17.18 -0.04 -25.01
N PHE F 14 16.56 0.57 -24.01
CA PHE F 14 15.59 1.64 -24.18
C PHE F 14 16.17 2.96 -23.68
N PRO F 15 15.79 4.10 -24.27
CA PRO F 15 16.41 5.37 -23.89
C PRO F 15 16.17 5.72 -22.42
N GLY F 16 17.21 6.30 -21.80
CA GLY F 16 17.21 6.60 -20.40
C GLY F 16 17.74 5.49 -19.50
N ASP F 17 18.11 4.35 -20.06
CA ASP F 17 18.55 3.20 -19.29
C ASP F 17 20.06 3.04 -19.32
N LEU F 18 20.56 2.20 -18.43
CA LEU F 18 21.98 1.90 -18.31
C LEU F 18 22.27 0.57 -18.98
N ILE F 19 23.20 0.56 -19.92
CA ILE F 19 23.69 -0.69 -20.49
C ILE F 19 24.91 -1.19 -19.75
N GLU F 20 25.92 -0.35 -19.56
CA GLU F 20 27.16 -0.81 -18.95
C GLU F 20 27.26 -0.37 -17.50
N ASP F 21 27.76 -1.29 -16.66
CA ASP F 21 27.92 -1.05 -15.23
C ASP F 21 29.35 -0.63 -14.96
N GLY F 22 29.50 0.42 -14.17
CA GLY F 22 30.80 0.97 -13.86
C GLY F 22 30.68 2.19 -12.98
N PRO F 23 31.69 3.05 -13.00
CA PRO F 23 31.62 4.30 -12.23
C PRO F 23 30.52 5.20 -12.77
N LYS F 24 29.56 5.53 -11.90
CA LYS F 24 28.43 6.36 -12.27
C LYS F 24 28.13 7.36 -11.18
N ARG F 25 27.59 8.50 -11.59
CA ARG F 25 27.18 9.58 -10.70
C ARG F 25 25.82 10.08 -11.15
N ALA F 26 24.85 10.09 -10.23
CA ALA F 26 23.51 10.57 -10.50
C ALA F 26 22.99 11.32 -9.29
N ARG F 27 22.08 12.26 -9.53
CA ARG F 27 21.52 13.10 -8.49
C ARG F 27 20.01 13.20 -8.69
N PRO F 28 19.26 13.37 -7.61
CA PRO F 28 17.81 13.59 -7.74
C PRO F 28 17.51 15.07 -7.99
N GLY F 29 16.29 15.31 -8.44
CA GLY F 29 15.87 16.68 -8.72
C GLY F 29 14.38 16.74 -9.00
N ARG F 30 13.86 17.97 -8.94
CA ARG F 30 12.46 18.25 -9.19
C ARG F 30 12.29 18.97 -10.52
N ILE F 31 11.24 18.60 -11.26
CA ILE F 31 11.15 18.89 -12.68
C ILE F 31 10.85 20.36 -12.97
N MET F 32 10.33 21.07 -11.96
CA MET F 32 9.97 22.50 -12.10
C MET F 32 8.98 22.67 -13.26
N SER F 33 9.02 23.83 -13.92
CA SER F 33 8.10 24.09 -15.06
C SER F 33 8.74 25.14 -15.99
N LEU F 34 8.67 24.90 -17.30
CA LEU F 34 9.23 25.89 -18.27
C LEU F 34 8.45 27.21 -18.13
N SER F 35 7.21 27.14 -17.65
CA SER F 35 6.42 28.38 -17.42
C SER F 35 7.04 29.16 -16.25
N ALA F 36 7.47 28.44 -15.22
CA ALA F 36 8.08 29.10 -14.03
C ALA F 36 9.42 29.73 -14.43
N VAL F 37 10.06 29.23 -15.49
CA VAL F 37 11.33 29.83 -15.98
C VAL F 37 11.12 31.34 -16.12
N ASN F 38 11.87 32.14 -15.36
CA ASN F 38 11.73 33.62 -15.40
C ASN F 38 11.95 34.14 -16.84
N PRO F 39 13.11 33.89 -17.49
CA PRO F 39 13.37 34.44 -18.83
C PRO F 39 12.45 33.87 -19.92
N ALA F 40 12.58 34.38 -21.15
CA ALA F 40 11.71 33.93 -22.27
C ALA F 40 11.54 32.41 -22.24
N ALA F 41 12.65 31.65 -22.13
CA ALA F 41 12.59 30.17 -22.15
C ALA F 41 11.95 29.72 -23.47
N THR F 42 12.64 29.93 -24.59
CA THR F 42 12.05 29.59 -25.91
C THR F 42 11.84 28.08 -26.02
N ALA F 43 12.93 27.31 -26.08
CA ALA F 43 12.83 25.83 -26.24
C ALA F 43 11.76 25.28 -25.30
N THR F 44 10.84 24.47 -25.84
CA THR F 44 9.74 23.86 -25.04
C THR F 44 9.89 22.34 -25.08
N GLY F 45 9.72 21.66 -23.93
CA GLY F 45 9.90 20.20 -23.87
C GLY F 45 8.94 19.55 -22.90
N PRO F 46 8.55 18.28 -23.11
CA PRO F 46 7.59 17.59 -22.25
C PRO F 46 8.24 16.70 -21.20
N ASN F 47 9.38 17.10 -20.64
CA ASN F 47 10.01 16.31 -19.56
C ASN F 47 10.23 14.87 -20.04
N ARG F 48 10.62 14.69 -21.30
CA ARG F 48 10.84 13.33 -21.84
C ARG F 48 11.97 12.68 -21.04
N ILE F 49 12.07 11.35 -21.05
CA ILE F 49 13.03 10.65 -20.20
C ILE F 49 14.46 10.88 -20.70
N SER F 50 14.69 10.68 -21.98
CA SER F 50 16.04 10.79 -22.54
C SER F 50 16.35 12.23 -22.95
N ARG F 51 16.35 13.12 -21.96
CA ARG F 51 16.65 14.52 -22.18
C ARG F 51 17.61 15.00 -21.10
N ALA F 52 18.41 16.01 -21.45
CA ALA F 52 19.43 16.54 -20.57
C ALA F 52 18.91 17.81 -19.90
N PHE F 53 18.75 17.75 -18.59
CA PHE F 53 18.12 18.83 -17.82
C PHE F 53 19.18 19.81 -17.31
N GLY F 54 18.69 20.95 -16.83
CA GLY F 54 19.55 21.98 -16.33
C GLY F 54 19.10 22.50 -14.97
N TYR F 55 20.08 22.85 -14.15
CA TYR F 55 19.81 23.38 -12.82
C TYR F 55 19.10 24.72 -12.90
N ALA F 56 18.11 24.92 -12.02
CA ALA F 56 17.32 26.13 -12.03
C ALA F 56 16.96 26.59 -10.61
N GLY F 57 17.85 26.39 -9.66
CA GLY F 57 17.62 26.82 -8.29
C GLY F 57 17.45 25.64 -7.35
N ASP F 58 17.28 25.99 -6.06
CA ASP F 58 17.13 24.99 -5.01
C ASP F 58 15.80 25.18 -4.28
N VAL F 59 15.30 24.07 -3.73
CA VAL F 59 14.06 24.06 -2.98
C VAL F 59 14.29 23.41 -1.62
N SER F 60 15.50 23.58 -1.08
CA SER F 60 15.87 22.97 0.20
C SER F 60 15.00 23.50 1.34
N ALA F 61 14.77 24.81 1.38
CA ALA F 61 14.07 25.42 2.49
C ALA F 61 12.58 25.10 2.45
N LEU F 62 11.99 24.92 3.65
CA LEU F 62 10.58 24.68 3.80
C LEU F 62 10.00 25.68 4.77
N GLY F 63 8.78 26.14 4.50
CA GLY F 63 8.09 27.11 5.33
C GLY F 63 7.84 28.40 4.57
N GLU F 64 7.22 29.33 5.29
CA GLU F 64 6.90 30.64 4.73
C GLU F 64 7.35 31.81 5.60
N GLY F 65 7.97 31.56 6.74
CA GLY F 65 8.44 32.61 7.62
C GLY F 65 9.95 32.74 7.59
N GLN F 66 10.48 33.50 8.57
CA GLN F 66 11.93 33.60 8.69
C GLN F 66 12.57 32.28 9.12
N PRO F 67 12.10 31.57 10.19
CA PRO F 67 12.73 30.28 10.50
C PRO F 67 12.28 29.20 9.52
N LYS F 68 13.17 28.80 8.62
CA LYS F 68 12.89 27.79 7.63
C LYS F 68 13.73 26.55 7.90
N THR F 69 13.10 25.38 7.79
CA THR F 69 13.78 24.12 8.02
C THR F 69 14.36 23.63 6.69
N ILE F 70 15.68 23.51 6.62
CA ILE F 70 16.31 22.92 5.45
C ILE F 70 16.22 21.41 5.61
N ALA F 71 15.14 20.84 5.08
CA ALA F 71 14.88 19.41 5.28
C ALA F 71 15.86 18.55 4.49
N ALA F 72 16.14 18.94 3.25
CA ALA F 72 16.98 18.11 2.39
C ALA F 72 17.69 19.01 1.38
N ARG F 73 18.81 18.52 0.86
CA ARG F 73 19.47 19.17 -0.26
C ARG F 73 18.72 18.76 -1.52
N ALA F 74 17.73 19.57 -1.88
CA ALA F 74 16.86 19.29 -3.01
C ALA F 74 17.21 20.22 -4.17
N SER F 75 17.38 19.63 -5.35
CA SER F 75 17.69 20.40 -6.55
C SER F 75 16.43 20.60 -7.38
N GLU F 76 16.30 21.78 -7.94
CA GLU F 76 15.10 22.22 -8.66
C GLU F 76 15.55 22.52 -10.10
N VAL F 77 15.29 21.57 -11.01
CA VAL F 77 15.92 21.58 -12.32
C VAL F 77 14.86 21.78 -13.40
N VAL F 78 15.31 22.24 -14.57
CA VAL F 78 14.45 22.51 -15.70
C VAL F 78 15.02 21.79 -16.92
N ILE F 79 14.15 21.60 -17.93
CA ILE F 79 14.46 20.67 -19.02
C ILE F 79 15.63 21.16 -19.86
N GLY F 80 15.76 22.47 -20.07
CA GLY F 80 16.79 22.95 -20.96
C GLY F 80 17.71 23.99 -20.38
N GLY F 81 17.96 23.92 -19.07
CA GLY F 81 18.79 24.91 -18.42
C GLY F 81 20.22 24.87 -18.94
N ALA F 82 20.83 26.05 -19.03
CA ALA F 82 22.20 26.16 -19.53
C ALA F 82 23.18 25.45 -18.60
N ASN F 83 22.99 25.57 -17.29
CA ASN F 83 23.81 24.87 -16.32
C ASN F 83 23.39 23.40 -16.30
N PHE F 84 24.11 22.57 -17.07
CA PHE F 84 23.76 21.17 -17.20
C PHE F 84 23.79 20.45 -15.86
N PHE F 85 22.68 19.79 -15.52
CA PHE F 85 22.54 19.07 -14.26
C PHE F 85 22.73 17.58 -14.43
N GLY F 86 22.05 16.99 -15.42
CA GLY F 86 22.19 15.58 -15.70
C GLY F 86 21.14 15.11 -16.69
N VAL F 87 21.42 14.02 -17.38
CA VAL F 87 20.44 13.45 -18.30
C VAL F 87 19.45 12.63 -17.49
N LEU F 88 18.16 12.93 -17.63
CA LEU F 88 17.14 12.18 -16.91
C LEU F 88 17.15 10.72 -17.34
N GLY F 89 16.86 9.83 -16.41
CA GLY F 89 16.91 8.42 -16.75
C GLY F 89 16.22 7.57 -15.72
N HIS F 90 16.44 6.27 -15.84
CA HIS F 90 15.88 5.23 -14.98
C HIS F 90 14.36 5.28 -14.96
N PRO F 91 13.68 4.98 -16.09
CA PRO F 91 12.21 5.11 -16.12
C PRO F 91 11.48 4.19 -15.15
N LYS F 92 12.11 3.11 -14.71
CA LYS F 92 11.45 2.19 -13.77
C LYS F 92 11.26 2.80 -12.40
N HIS F 93 11.92 3.93 -12.11
CA HIS F 93 11.73 4.61 -10.83
C HIS F 93 10.32 5.19 -10.71
N TYR F 94 9.74 5.61 -11.81
CA TYR F 94 8.54 6.44 -11.81
C TYR F 94 7.29 5.61 -12.03
N ALA F 95 6.14 6.27 -11.89
CA ALA F 95 4.83 5.65 -12.03
C ALA F 95 4.15 6.16 -13.29
N LEU F 96 3.58 5.25 -14.07
CA LEU F 96 2.86 5.63 -15.27
C LEU F 96 1.51 6.24 -14.89
N PHE F 97 1.22 7.41 -15.44
CA PHE F 97 -0.05 8.09 -15.19
C PHE F 97 -0.98 8.06 -16.38
N GLY F 98 -0.57 7.46 -17.49
CA GLY F 98 -1.37 7.46 -18.69
C GLY F 98 -1.29 8.79 -19.41
N SER F 99 -2.15 8.93 -20.43
CA SER F 99 -2.18 10.15 -21.24
C SER F 99 -3.62 10.41 -21.66
N ALA F 100 -4.20 11.49 -21.12
CA ALA F 100 -5.50 12.01 -21.53
C ALA F 100 -6.62 10.97 -21.38
N GLY F 101 -6.85 10.59 -20.14
CA GLY F 101 -7.95 9.67 -19.82
C GLY F 101 -7.59 8.20 -19.82
N ASP F 102 -6.88 7.76 -20.86
CA ASP F 102 -6.42 6.38 -20.93
C ASP F 102 -5.28 6.20 -19.93
N SER F 103 -5.59 5.65 -18.76
CA SER F 103 -4.61 5.53 -17.69
C SER F 103 -3.50 4.55 -18.02
N LEU F 104 -3.69 3.66 -18.98
CA LEU F 104 -2.69 2.69 -19.38
C LEU F 104 -1.98 3.08 -20.67
N ALA F 105 -2.21 4.30 -21.17
CA ALA F 105 -1.56 4.74 -22.38
C ALA F 105 -0.05 4.92 -22.14
N PRO F 106 0.78 4.59 -23.14
CA PRO F 106 2.22 4.75 -22.98
C PRO F 106 2.61 6.21 -22.79
N SER F 107 3.61 6.44 -21.95
CA SER F 107 4.06 7.79 -21.64
C SER F 107 5.49 7.74 -21.13
N TYR F 108 6.37 8.52 -21.76
CA TYR F 108 7.73 8.70 -21.31
C TYR F 108 7.96 10.08 -20.72
N ASP F 109 6.89 10.78 -20.38
CA ASP F 109 6.94 12.15 -19.91
C ASP F 109 6.69 12.19 -18.41
N LEU F 110 7.58 12.83 -17.69
CA LEU F 110 7.41 12.98 -16.26
C LEU F 110 6.56 14.22 -15.97
N PRO F 111 5.55 14.11 -15.11
CA PRO F 111 4.72 15.27 -14.81
C PRO F 111 5.51 16.35 -14.07
N ASP F 112 5.03 17.58 -14.19
CA ASP F 112 5.73 18.72 -13.63
C ASP F 112 5.72 18.66 -12.11
N GLY F 113 6.87 18.97 -11.51
CA GLY F 113 7.01 18.88 -10.07
C GLY F 113 7.28 17.50 -9.53
N ALA F 114 7.52 16.52 -10.40
CA ALA F 114 7.86 15.18 -9.96
C ALA F 114 9.36 15.07 -9.67
N GLU F 115 9.79 13.90 -9.24
CA GLU F 115 11.19 13.65 -8.91
C GLU F 115 11.79 12.70 -9.94
N GLY F 116 12.99 13.04 -10.41
CA GLY F 116 13.67 12.22 -11.39
C GLY F 116 15.10 11.95 -10.99
N GLU F 117 15.69 10.95 -11.65
CA GLU F 117 17.08 10.57 -11.45
C GLU F 117 17.89 11.08 -12.64
N PHE F 118 18.74 12.07 -12.40
CA PHE F 118 19.50 12.72 -13.46
C PHE F 118 20.95 12.24 -13.37
N PHE F 119 21.33 11.37 -14.30
CA PHE F 119 22.69 10.87 -14.37
C PHE F 119 23.63 11.99 -14.78
N ASP F 120 24.56 12.34 -13.88
CA ASP F 120 25.63 13.27 -14.23
C ASP F 120 26.73 12.58 -15.02
N MET F 121 26.97 11.30 -14.77
CA MET F 121 27.91 10.53 -15.55
C MET F 121 27.58 9.05 -15.44
N ALA F 122 27.89 8.30 -16.50
CA ALA F 122 27.58 6.88 -16.56
C ALA F 122 28.49 6.22 -17.57
N THR F 123 28.85 4.95 -17.31
CA THR F 123 29.67 4.20 -18.25
C THR F 123 28.92 3.96 -19.56
N GLY F 124 27.63 3.62 -19.48
CA GLY F 124 26.81 3.49 -20.66
C GLY F 124 25.37 3.88 -20.42
N LEU F 125 24.87 4.84 -21.19
CA LEU F 125 23.51 5.33 -21.06
C LEU F 125 22.86 5.36 -22.43
N VAL F 126 21.67 4.78 -22.54
CA VAL F 126 20.93 4.87 -23.79
C VAL F 126 20.22 6.21 -23.83
N VAL F 127 20.52 7.01 -24.85
CA VAL F 127 19.94 8.33 -25.00
C VAL F 127 19.40 8.47 -26.41
N GLU F 128 18.26 9.15 -26.52
CA GLU F 128 17.82 9.63 -27.82
C GLU F 128 18.66 10.83 -28.22
N ILE F 129 19.28 10.75 -29.40
CA ILE F 129 20.05 11.86 -29.92
C ILE F 129 19.37 12.34 -31.18
N PHE F 130 19.67 13.57 -31.57
CA PHE F 130 19.02 14.20 -32.71
C PHE F 130 20.09 14.68 -33.69
N ASN F 131 19.64 15.17 -34.84
CA ASN F 131 20.53 15.74 -35.84
C ASN F 131 20.54 17.25 -35.70
N GLY F 132 21.75 17.82 -35.65
CA GLY F 132 21.89 19.26 -35.57
C GLY F 132 21.77 19.99 -36.89
N ALA F 133 21.65 19.25 -37.98
CA ALA F 133 21.52 19.83 -39.31
C ALA F 133 20.46 19.04 -40.07
N ALA F 134 20.19 19.48 -41.29
CA ALA F 134 19.19 18.84 -42.15
C ALA F 134 19.78 17.74 -43.02
N THR F 135 21.08 17.45 -42.89
CA THR F 135 21.75 16.46 -43.71
C THR F 135 21.97 15.17 -42.92
N ALA F 136 22.24 14.09 -43.65
CA ALA F 136 22.53 12.82 -43.02
C ALA F 136 23.86 12.88 -42.28
N LEU F 137 23.93 12.16 -41.17
CA LEU F 137 25.09 12.19 -40.29
C LEU F 137 25.48 10.77 -39.89
N ASP F 138 26.76 10.56 -39.63
CA ASP F 138 27.28 9.29 -39.17
C ASP F 138 28.01 9.51 -37.85
N LEU F 139 27.57 8.83 -36.80
CA LEU F 139 28.19 8.95 -35.49
C LEU F 139 29.00 7.69 -35.20
N ASP F 140 30.24 7.88 -34.78
CA ASP F 140 31.17 6.79 -34.52
C ASP F 140 31.60 6.81 -33.06
N TYR F 141 32.63 6.01 -32.76
CA TYR F 141 33.13 5.93 -31.38
C TYR F 141 33.65 7.28 -30.89
N GLY F 142 34.36 8.02 -31.74
CA GLY F 142 34.87 9.31 -31.34
C GLY F 142 33.97 10.46 -31.71
N ASP F 143 32.77 10.51 -31.13
CA ASP F 143 31.81 11.57 -31.44
C ASP F 143 31.27 12.15 -30.15
N LEU F 144 31.03 13.46 -30.16
CA LEU F 144 30.67 14.21 -28.96
C LEU F 144 29.16 14.44 -28.89
N VAL F 145 28.73 14.94 -27.75
CA VAL F 145 27.31 15.12 -27.43
C VAL F 145 27.08 16.54 -26.95
N ALA F 146 26.05 17.20 -27.49
CA ALA F 146 25.65 18.52 -27.05
C ALA F 146 24.12 18.57 -27.00
N TYR F 147 23.57 19.16 -25.94
CA TYR F 147 22.13 19.19 -25.80
C TYR F 147 21.59 20.58 -26.09
N VAL F 148 20.35 20.61 -26.59
CA VAL F 148 19.67 21.87 -26.90
C VAL F 148 19.36 22.61 -25.61
N PRO F 149 19.61 23.92 -25.50
CA PRO F 149 19.24 24.64 -24.27
C PRO F 149 17.81 25.18 -24.31
N ASN F 150 17.38 25.83 -23.22
CA ASN F 150 16.06 26.43 -23.18
C ASN F 150 15.97 27.70 -24.01
N ASN F 151 17.06 28.46 -24.10
CA ASN F 151 17.08 29.75 -24.77
C ASN F 151 17.76 29.68 -26.13
N LEU F 152 17.59 28.58 -26.85
CA LEU F 152 18.13 28.47 -28.21
C LEU F 152 17.31 29.33 -29.15
N PRO F 153 17.90 30.33 -29.80
CA PRO F 153 17.11 31.24 -30.64
C PRO F 153 16.47 30.54 -31.83
N THR F 154 15.35 31.11 -32.29
CA THR F 154 14.58 30.52 -33.38
C THR F 154 15.43 30.36 -34.64
N ALA F 155 16.34 31.31 -34.90
CA ALA F 155 17.21 31.21 -36.06
C ALA F 155 18.13 30.00 -35.97
N ASP F 156 18.67 29.72 -34.78
CA ASP F 156 19.52 28.55 -34.61
C ASP F 156 18.69 27.27 -34.63
N ASN F 157 17.54 27.26 -33.97
CA ASN F 157 16.67 26.08 -33.94
C ASN F 157 15.69 26.09 -35.11
N ALA F 158 16.26 26.01 -36.31
CA ALA F 158 15.43 25.95 -37.51
C ALA F 158 14.65 24.66 -37.58
N LEU F 159 15.25 23.54 -37.15
CA LEU F 159 14.60 22.25 -37.20
C LEU F 159 13.52 22.08 -36.14
N GLY F 160 13.39 23.02 -35.21
CA GLY F 160 12.39 22.91 -34.16
C GLY F 160 12.65 21.74 -33.22
N LEU F 161 13.89 21.61 -32.78
CA LEU F 161 14.26 20.53 -31.89
C LEU F 161 13.59 20.70 -30.53
N PRO F 162 13.35 19.60 -29.79
CA PRO F 162 12.76 19.72 -28.45
C PRO F 162 13.67 20.45 -27.47
N ALA F 163 13.16 20.66 -26.25
CA ALA F 163 13.86 21.51 -25.28
C ALA F 163 15.22 20.92 -24.89
N GLY F 164 15.22 19.73 -24.31
CA GLY F 164 16.45 19.14 -23.82
C GLY F 164 17.05 18.08 -24.72
N ALA F 165 16.72 18.13 -26.00
CA ALA F 165 17.13 17.08 -26.94
C ALA F 165 18.64 17.05 -27.11
N LEU F 166 19.21 15.87 -26.84
CA LEU F 166 20.66 15.68 -27.01
C LEU F 166 20.90 15.52 -28.50
N VAL F 167 21.89 16.22 -29.04
CA VAL F 167 22.08 16.19 -30.52
C VAL F 167 23.14 15.15 -30.88
N GLY F 168 24.41 15.42 -30.66
CA GLY F 168 25.43 14.47 -31.15
C GLY F 168 26.08 15.03 -32.38
N PHE F 169 27.29 15.56 -32.26
CA PHE F 169 27.94 16.26 -33.39
C PHE F 169 29.32 15.65 -33.63
N LYS F 170 30.11 16.24 -34.50
CA LYS F 170 31.50 15.74 -34.71
C LYS F 170 32.46 16.83 -34.24
N ALA F 171 33.68 16.46 -33.86
CA ALA F 171 34.62 17.46 -33.33
C ALA F 171 34.60 18.70 -34.22
N GLY F 172 34.40 19.87 -33.63
CA GLY F 172 34.34 21.13 -34.40
C GLY F 172 33.20 21.12 -35.40
N SER F 173 31.97 20.88 -34.93
CA SER F 173 30.78 20.90 -35.81
C SER F 173 29.53 21.10 -34.95
N MET F 174 29.72 21.55 -33.71
CA MET F 174 28.56 21.70 -32.80
C MET F 174 27.55 22.62 -33.45
N PRO F 175 26.31 22.17 -33.73
CA PRO F 175 25.29 23.04 -34.28
C PRO F 175 25.27 24.33 -33.46
N THR F 176 25.06 25.47 -34.10
CA THR F 176 25.15 26.76 -33.39
C THR F 176 24.15 26.85 -32.23
N GLY F 177 24.50 27.60 -31.19
CA GLY F 177 23.57 27.82 -30.06
C GLY F 177 23.54 26.64 -29.10
N LEU F 178 24.05 25.51 -29.55
CA LEU F 178 24.00 24.32 -28.72
C LEU F 178 25.11 24.35 -27.68
N VAL F 179 24.83 23.82 -26.50
CA VAL F 179 25.79 23.77 -25.41
C VAL F 179 26.23 22.33 -25.20
N GLN F 180 27.52 22.15 -24.93
CA GLN F 180 28.14 20.83 -24.93
C GLN F 180 28.16 20.22 -23.53
N ILE F 181 27.87 18.93 -23.47
CA ILE F 181 28.12 18.15 -22.25
C ILE F 181 29.60 17.79 -22.25
N PRO F 182 30.38 18.25 -21.27
CA PRO F 182 31.81 17.94 -21.26
C PRO F 182 32.09 16.45 -21.13
N ASN F 183 33.10 15.98 -21.85
CA ASN F 183 33.60 14.61 -21.83
C ASN F 183 32.53 13.58 -22.21
N ALA F 184 31.51 14.00 -22.94
CA ALA F 184 30.46 13.08 -23.38
C ALA F 184 30.83 12.49 -24.73
N ARG F 185 30.73 11.17 -24.84
CA ARG F 185 31.17 10.45 -26.03
C ARG F 185 30.08 9.51 -26.53
N ILE F 186 29.96 9.41 -27.84
CA ILE F 186 29.06 8.46 -28.49
C ILE F 186 29.81 7.14 -28.60
N VAL F 187 29.39 6.14 -27.83
CA VAL F 187 30.10 4.86 -27.81
C VAL F 187 29.72 4.02 -29.02
N ASN F 188 28.46 3.65 -29.14
CA ASN F 188 28.03 2.89 -30.30
C ASN F 188 27.95 3.78 -31.52
N ALA F 189 28.05 3.18 -32.70
CA ALA F 189 28.06 3.91 -33.96
C ALA F 189 26.74 3.72 -34.69
N ILE F 190 26.20 4.81 -35.25
CA ILE F 190 24.89 4.79 -35.90
C ILE F 190 24.91 5.76 -37.07
N SER F 191 23.82 5.74 -37.84
CA SER F 191 23.63 6.62 -38.98
C SER F 191 22.26 7.27 -38.86
N LEU F 192 22.21 8.59 -39.00
CA LEU F 192 20.97 9.34 -39.02
C LEU F 192 20.70 9.81 -40.43
N PRO F 193 19.55 9.49 -41.03
CA PRO F 193 19.26 9.95 -42.38
C PRO F 193 18.95 11.44 -42.40
N ALA F 194 18.86 11.97 -43.61
CA ALA F 194 18.53 13.38 -43.78
C ALA F 194 17.13 13.67 -43.27
N GLN F 195 16.96 14.85 -42.66
CA GLN F 195 15.70 15.22 -42.04
C GLN F 195 15.40 16.67 -42.37
N SER F 196 14.14 17.05 -42.15
CA SER F 196 13.69 18.42 -42.31
C SER F 196 13.01 18.88 -41.03
N ALA F 197 12.60 20.15 -41.01
CA ALA F 197 11.92 20.70 -39.84
C ALA F 197 10.59 19.99 -39.58
N GLY F 198 9.85 19.70 -40.65
CA GLY F 198 8.58 19.03 -40.49
C GLY F 198 8.73 17.56 -40.14
N ASN F 199 9.61 16.86 -40.88
CA ASN F 199 9.86 15.42 -40.61
C ASN F 199 10.53 15.26 -39.25
N LEU F 200 11.75 15.79 -39.10
CA LEU F 200 12.51 15.68 -37.82
C LEU F 200 12.58 14.21 -37.40
N VAL F 201 13.22 13.37 -38.20
CA VAL F 201 13.31 11.90 -37.89
C VAL F 201 13.93 11.72 -36.51
N ALA F 202 13.28 10.95 -35.64
CA ALA F 202 13.80 10.69 -34.30
C ALA F 202 15.09 9.91 -34.44
N GLY F 203 16.21 10.52 -34.08
CA GLY F 203 17.48 9.84 -34.19
C GLY F 203 17.51 8.58 -33.33
N VAL F 204 18.09 7.53 -33.88
CA VAL F 204 18.06 6.23 -33.23
C VAL F 204 18.80 6.31 -31.89
N THR F 205 18.27 5.61 -30.89
CA THR F 205 18.84 5.65 -29.55
C THR F 205 20.26 5.09 -29.58
N ILE F 206 21.11 5.63 -28.71
CA ILE F 206 22.54 5.37 -28.77
C ILE F 206 23.10 5.17 -27.37
N VAL F 207 24.09 4.30 -27.26
CA VAL F 207 24.87 4.18 -26.04
C VAL F 207 25.86 5.33 -26.00
N GLN F 208 25.90 6.04 -24.87
CA GLN F 208 26.80 7.16 -24.69
C GLN F 208 27.53 7.01 -23.35
N LEU F 209 28.75 7.51 -23.33
CA LEU F 209 29.57 7.55 -22.12
C LEU F 209 29.74 9.00 -21.72
N THR F 210 29.35 9.32 -20.49
CA THR F 210 29.41 10.68 -19.98
C THR F 210 30.45 10.74 -18.87
N GLN F 211 31.39 11.67 -19.01
CA GLN F 211 32.53 11.83 -18.10
C GLN F 211 33.30 10.53 -17.86
N MET G 1 67.40 -18.37 -18.09
CA MET G 1 65.97 -18.36 -17.87
C MET G 1 65.64 -18.13 -16.40
N PHE G 2 66.34 -18.84 -15.52
CA PHE G 2 66.10 -18.72 -14.08
C PHE G 2 66.81 -17.48 -13.55
N GLN G 3 66.81 -17.32 -12.22
CA GLN G 3 67.36 -16.12 -11.60
C GLN G 3 68.87 -16.23 -11.47
N LYS G 4 69.58 -15.21 -11.96
CA LYS G 4 71.03 -15.15 -11.89
C LYS G 4 71.54 -14.38 -10.67
N GLN G 5 70.87 -13.29 -10.32
CA GLN G 5 71.26 -12.51 -9.15
C GLN G 5 70.01 -11.91 -8.51
N VAL G 6 70.09 -11.69 -7.21
CA VAL G 6 68.94 -11.21 -6.45
C VAL G 6 68.98 -9.68 -6.37
N TYR G 7 67.80 -9.07 -6.41
CA TYR G 7 67.66 -7.64 -6.26
C TYR G 7 67.24 -7.31 -4.82
N ARG G 8 67.05 -6.03 -4.55
CA ARG G 8 66.63 -5.63 -3.21
C ARG G 8 65.11 -5.55 -3.07
N GLN G 9 64.39 -5.39 -4.17
CA GLN G 9 62.93 -5.37 -4.13
C GLN G 9 62.39 -5.93 -5.43
N TYR G 10 61.12 -6.34 -5.40
CA TYR G 10 60.45 -6.79 -6.60
C TYR G 10 60.04 -5.59 -7.45
N THR G 11 59.76 -5.88 -8.72
CA THR G 11 59.25 -4.85 -9.62
C THR G 11 57.84 -4.44 -9.19
N PRO G 12 57.49 -3.16 -9.28
CA PRO G 12 56.14 -2.75 -8.86
C PRO G 12 55.03 -3.35 -9.69
N GLY G 13 55.29 -3.71 -10.94
CA GLY G 13 54.29 -4.36 -11.75
C GLY G 13 54.83 -4.68 -13.12
N PHE G 14 53.99 -5.32 -13.92
CA PHE G 14 54.32 -5.68 -15.28
C PHE G 14 53.42 -4.92 -16.25
N PRO G 15 53.91 -4.59 -17.45
CA PRO G 15 53.12 -3.75 -18.37
C PRO G 15 51.78 -4.39 -18.72
N GLY G 16 50.75 -3.55 -18.75
CA GLY G 16 49.39 -3.98 -18.95
C GLY G 16 48.63 -4.30 -17.68
N ASP G 17 49.32 -4.43 -16.55
CA ASP G 17 48.66 -4.76 -15.30
C ASP G 17 48.03 -3.51 -14.67
N LEU G 18 47.16 -3.75 -13.70
CA LEU G 18 46.44 -2.71 -12.98
C LEU G 18 46.98 -2.66 -11.55
N ILE G 19 47.67 -1.57 -11.21
CA ILE G 19 48.18 -1.43 -9.85
C ILE G 19 47.12 -0.90 -8.91
N GLU G 20 46.63 0.31 -9.17
CA GLU G 20 45.71 0.97 -8.27
C GLU G 20 44.28 0.58 -8.61
N ASP G 21 43.53 0.18 -7.58
CA ASP G 21 42.14 -0.22 -7.74
C ASP G 21 41.24 0.98 -7.48
N GLY G 22 40.34 1.24 -8.42
CA GLY G 22 39.45 2.38 -8.34
C GLY G 22 38.44 2.37 -9.47
N PRO G 23 37.87 3.54 -9.76
CA PRO G 23 36.93 3.64 -10.89
C PRO G 23 37.63 3.37 -12.21
N LYS G 24 37.15 2.35 -12.93
CA LYS G 24 37.78 1.90 -14.16
C LYS G 24 36.72 1.59 -15.20
N ARG G 25 37.10 1.74 -16.47
CA ARG G 25 36.23 1.41 -17.60
C ARG G 25 37.08 0.75 -18.68
N ALA G 26 36.71 -0.46 -19.06
CA ALA G 26 37.36 -1.19 -20.14
C ALA G 26 36.29 -1.80 -21.02
N ARG G 27 36.62 -1.96 -22.31
CA ARG G 27 35.70 -2.56 -23.26
C ARG G 27 36.40 -3.71 -23.98
N PRO G 28 35.66 -4.72 -24.39
CA PRO G 28 36.23 -5.77 -25.24
C PRO G 28 36.38 -5.28 -26.67
N GLY G 29 37.32 -5.90 -27.38
CA GLY G 29 37.56 -5.56 -28.77
C GLY G 29 38.30 -6.67 -29.47
N ARG G 30 38.14 -6.73 -30.79
CA ARG G 30 38.80 -7.73 -31.62
C ARG G 30 39.86 -7.03 -32.44
N ILE G 31 41.10 -7.49 -32.33
CA ILE G 31 42.22 -6.80 -32.96
C ILE G 31 42.20 -7.02 -34.46
N MET G 32 42.20 -5.93 -35.23
CA MET G 32 42.22 -6.01 -36.68
C MET G 32 43.67 -5.98 -37.17
N SER G 33 43.93 -6.73 -38.22
CA SER G 33 45.28 -6.80 -38.78
C SER G 33 45.68 -5.45 -39.38
N LEU G 34 46.96 -5.11 -39.22
CA LEU G 34 47.45 -3.83 -39.74
C LEU G 34 47.44 -3.78 -41.25
N SER G 35 47.55 -4.94 -41.91
CA SER G 35 47.48 -4.96 -43.37
C SER G 35 46.08 -4.61 -43.88
N ALA G 36 45.06 -4.69 -43.04
CA ALA G 36 43.68 -4.44 -43.46
C ALA G 36 43.29 -2.96 -43.36
N VAL G 37 44.13 -2.11 -42.78
CA VAL G 37 43.83 -0.69 -42.70
C VAL G 37 43.88 -0.06 -44.08
N ASN G 38 42.90 0.80 -44.37
CA ASN G 38 42.75 1.32 -45.73
C ASN G 38 43.88 2.24 -46.17
N PRO G 39 44.32 3.27 -45.40
CA PRO G 39 45.57 3.95 -45.74
C PRO G 39 46.74 3.15 -45.21
N ALA G 40 47.62 2.70 -46.11
CA ALA G 40 48.75 1.84 -45.77
C ALA G 40 49.56 2.40 -44.62
N ALA G 41 49.61 1.66 -43.52
CA ALA G 41 50.14 2.19 -42.27
C ALA G 41 51.64 2.47 -42.39
N THR G 42 52.00 3.72 -42.13
CA THR G 42 53.40 4.12 -42.16
C THR G 42 54.14 3.67 -40.90
N ALA G 43 53.42 3.46 -39.80
CA ALA G 43 53.99 2.93 -38.57
C ALA G 43 53.41 1.55 -38.29
N THR G 44 54.28 0.61 -37.91
CA THR G 44 53.88 -0.77 -37.70
C THR G 44 54.25 -1.20 -36.28
N GLY G 45 53.41 -2.03 -35.68
CA GLY G 45 53.64 -2.55 -34.35
C GLY G 45 53.04 -3.92 -34.16
N PRO G 46 53.68 -4.76 -33.34
CA PRO G 46 53.28 -6.17 -33.23
C PRO G 46 52.25 -6.47 -32.15
N ASN G 47 51.20 -5.64 -32.06
CA ASN G 47 50.07 -5.85 -31.15
C ASN G 47 50.49 -6.08 -29.71
N ARG G 48 51.46 -5.29 -29.24
CA ARG G 48 51.97 -5.45 -27.89
C ARG G 48 50.91 -5.05 -26.86
N ILE G 49 51.05 -5.60 -25.65
CA ILE G 49 50.03 -5.42 -24.62
C ILE G 49 49.92 -3.95 -24.22
N SER G 50 51.04 -3.32 -23.89
CA SER G 50 51.01 -1.93 -23.41
C SER G 50 50.97 -0.96 -24.57
N ARG G 51 49.91 -1.05 -25.37
CA ARG G 51 49.74 -0.20 -26.54
C ARG G 51 48.31 0.31 -26.58
N ALA G 52 48.14 1.51 -27.14
CA ALA G 52 46.85 2.19 -27.18
C ALA G 52 46.23 1.98 -28.56
N PHE G 53 45.14 1.23 -28.60
CA PHE G 53 44.51 0.84 -29.85
C PHE G 53 43.48 1.87 -30.30
N GLY G 54 43.02 1.70 -31.53
CA GLY G 54 42.08 2.63 -32.13
C GLY G 54 40.89 1.94 -32.74
N TYR G 55 39.74 2.60 -32.64
CA TYR G 55 38.51 2.08 -33.20
C TYR G 55 38.58 2.02 -34.72
N ALA G 56 38.13 0.90 -35.29
CA ALA G 56 38.20 0.68 -36.72
C ALA G 56 36.89 0.06 -37.22
N GLY G 57 35.78 0.58 -36.73
CA GLY G 57 34.47 0.05 -37.09
C GLY G 57 34.04 -1.08 -36.18
N ASP G 58 32.75 -1.40 -36.29
CA ASP G 58 32.17 -2.44 -35.42
C ASP G 58 31.94 -3.73 -36.20
N VAL G 59 31.90 -4.85 -35.49
CA VAL G 59 31.67 -6.17 -36.05
C VAL G 59 30.48 -6.80 -35.35
N SER G 60 29.55 -5.95 -34.92
CA SER G 60 28.37 -6.43 -34.20
C SER G 60 27.50 -7.32 -35.06
N ALA G 61 27.25 -6.91 -36.30
CA ALA G 61 26.36 -7.66 -37.18
C ALA G 61 27.10 -8.85 -37.77
N LEU G 62 26.47 -10.03 -37.69
CA LEU G 62 27.04 -11.25 -38.23
C LEU G 62 26.29 -11.62 -39.51
N GLY G 63 27.05 -11.84 -40.58
CA GLY G 63 26.46 -12.11 -41.88
C GLY G 63 27.08 -11.32 -43.02
N GLU G 64 26.98 -11.85 -44.23
CA GLU G 64 27.51 -11.17 -45.40
C GLU G 64 26.44 -10.49 -46.25
N GLY G 65 25.20 -10.99 -46.25
CA GLY G 65 24.14 -10.43 -47.06
C GLY G 65 23.37 -9.34 -46.34
N GLN G 66 22.24 -8.96 -46.94
CA GLN G 66 21.36 -7.98 -46.30
C GLN G 66 20.81 -8.43 -44.95
N PRO G 67 20.24 -9.64 -44.77
CA PRO G 67 19.76 -10.01 -43.44
C PRO G 67 20.91 -10.38 -42.53
N LYS G 68 21.20 -9.50 -41.57
CA LYS G 68 22.28 -9.69 -40.61
C LYS G 68 21.70 -9.62 -39.19
N THR G 69 22.28 -10.41 -38.30
CA THR G 69 21.86 -10.43 -36.90
C THR G 69 22.96 -9.79 -36.04
N ILE G 70 22.56 -8.85 -35.19
CA ILE G 70 23.49 -8.24 -34.26
C ILE G 70 23.57 -9.14 -33.04
N ALA G 71 24.55 -10.05 -33.03
CA ALA G 71 24.67 -10.99 -31.93
C ALA G 71 25.17 -10.32 -30.66
N ALA G 72 26.18 -9.46 -30.78
CA ALA G 72 26.79 -8.84 -29.62
C ALA G 72 27.22 -7.43 -29.98
N ARG G 73 27.39 -6.60 -28.96
CA ARG G 73 27.91 -5.24 -29.16
C ARG G 73 29.44 -5.34 -29.18
N ALA G 74 29.96 -5.76 -30.32
CA ALA G 74 31.38 -5.96 -30.51
C ALA G 74 31.99 -4.78 -31.28
N SER G 75 33.24 -4.47 -30.93
CA SER G 75 34.00 -3.43 -31.60
C SER G 75 35.27 -4.03 -32.16
N GLU G 76 35.63 -3.61 -33.37
CA GLU G 76 36.86 -4.04 -34.03
C GLU G 76 37.88 -2.92 -33.95
N VAL G 77 39.07 -3.24 -33.44
CA VAL G 77 40.08 -2.23 -33.16
C VAL G 77 41.37 -2.56 -33.90
N VAL G 78 42.18 -1.52 -34.10
CA VAL G 78 43.48 -1.63 -34.75
C VAL G 78 44.49 -0.95 -33.83
N ILE G 79 45.76 -1.33 -34.01
CA ILE G 79 46.79 -0.97 -33.03
C ILE G 79 47.01 0.55 -32.98
N GLY G 80 46.99 1.22 -34.13
CA GLY G 80 47.35 2.62 -34.12
C GLY G 80 46.28 3.56 -34.65
N GLY G 81 45.02 3.19 -34.49
CA GLY G 81 43.92 4.01 -34.97
C GLY G 81 43.87 5.39 -34.34
N ALA G 82 43.67 6.42 -35.18
CA ALA G 82 43.59 7.79 -34.68
C ALA G 82 42.39 8.01 -33.78
N ASN G 83 41.35 7.20 -33.92
CA ASN G 83 40.18 7.27 -33.04
C ASN G 83 40.44 6.34 -31.86
N PHE G 84 40.96 6.92 -30.78
CA PHE G 84 41.42 6.15 -29.62
C PHE G 84 40.29 5.32 -29.02
N PHE G 85 40.57 4.05 -28.77
CA PHE G 85 39.61 3.13 -28.17
C PHE G 85 39.98 2.75 -26.75
N GLY G 86 41.21 2.32 -26.52
CA GLY G 86 41.67 2.00 -25.18
C GLY G 86 43.08 1.47 -25.23
N VAL G 87 43.70 1.45 -24.06
CA VAL G 87 45.02 0.84 -23.91
C VAL G 87 44.82 -0.62 -23.56
N LEU G 88 45.41 -1.51 -24.35
CA LEU G 88 45.25 -2.94 -24.12
C LEU G 88 45.91 -3.32 -22.79
N GLY G 89 45.30 -4.27 -22.09
CA GLY G 89 45.83 -4.61 -20.79
C GLY G 89 45.37 -5.98 -20.32
N HIS G 90 45.60 -6.23 -19.02
CA HIS G 90 45.26 -7.46 -18.32
C HIS G 90 45.91 -8.67 -18.98
N PRO G 91 47.24 -8.79 -18.92
CA PRO G 91 47.91 -9.89 -19.64
C PRO G 91 47.55 -11.28 -19.15
N LYS G 92 47.00 -11.41 -17.94
CA LYS G 92 46.67 -12.72 -17.39
C LYS G 92 45.41 -13.33 -18.00
N HIS G 93 44.68 -12.59 -18.83
CA HIS G 93 43.47 -13.11 -19.44
C HIS G 93 43.75 -13.97 -20.67
N TYR G 94 44.88 -13.77 -21.34
CA TYR G 94 45.16 -14.41 -22.61
C TYR G 94 45.93 -15.71 -22.39
N ALA G 95 46.28 -16.37 -23.51
CA ALA G 95 47.02 -17.62 -23.48
C ALA G 95 48.28 -17.49 -24.32
N LEU G 96 49.32 -18.22 -23.91
CA LEU G 96 50.63 -18.12 -24.54
C LEU G 96 50.73 -19.14 -25.67
N PHE G 97 50.99 -18.65 -26.88
CA PHE G 97 51.12 -19.49 -28.07
C PHE G 97 52.59 -19.76 -28.43
N GLY G 98 53.52 -19.27 -27.63
CA GLY G 98 54.93 -19.46 -27.94
C GLY G 98 55.40 -18.54 -29.07
N SER G 99 56.56 -18.88 -29.61
CA SER G 99 57.19 -18.05 -30.63
C SER G 99 58.00 -18.95 -31.56
N ALA G 100 57.42 -19.29 -32.70
CA ALA G 100 58.10 -19.96 -33.82
C ALA G 100 58.71 -21.30 -33.39
N GLY G 101 57.84 -22.23 -33.01
CA GLY G 101 58.27 -23.56 -32.68
C GLY G 101 58.44 -23.81 -31.20
N ASP G 102 59.00 -22.84 -30.49
CA ASP G 102 59.16 -22.92 -29.05
C ASP G 102 57.82 -22.55 -28.43
N SER G 103 57.05 -23.56 -28.00
CA SER G 103 55.71 -23.34 -27.50
C SER G 103 55.71 -22.58 -26.17
N LEU G 104 56.81 -22.66 -25.41
CA LEU G 104 56.88 -22.01 -24.12
C LEU G 104 57.75 -20.76 -24.13
N ALA G 105 58.08 -20.23 -25.30
CA ALA G 105 58.88 -19.02 -25.39
C ALA G 105 58.08 -17.81 -24.86
N PRO G 106 58.75 -16.87 -24.21
CA PRO G 106 58.03 -15.70 -23.67
C PRO G 106 57.57 -14.77 -24.77
N SER G 107 56.27 -14.46 -24.77
CA SER G 107 55.70 -13.57 -25.77
C SER G 107 54.69 -12.64 -25.11
N TYR G 108 54.60 -11.42 -25.66
CA TYR G 108 53.69 -10.40 -25.14
C TYR G 108 52.83 -9.82 -26.26
N ASP G 109 52.67 -10.56 -27.36
CA ASP G 109 51.94 -10.09 -28.53
C ASP G 109 50.69 -10.94 -28.72
N LEU G 110 49.59 -10.29 -28.93
CA LEU G 110 48.36 -11.00 -29.25
C LEU G 110 48.25 -11.23 -30.75
N PRO G 111 47.66 -12.34 -31.19
CA PRO G 111 47.51 -12.58 -32.62
C PRO G 111 46.39 -11.72 -33.20
N ASP G 112 46.35 -11.69 -34.53
CA ASP G 112 45.30 -10.95 -35.22
C ASP G 112 43.95 -11.61 -35.02
N GLY G 113 42.92 -10.79 -34.83
CA GLY G 113 41.59 -11.31 -34.58
C GLY G 113 41.35 -11.80 -33.18
N ALA G 114 42.27 -11.55 -32.26
CA ALA G 114 42.15 -12.05 -30.89
C ALA G 114 41.34 -11.09 -30.02
N GLU G 115 40.92 -11.60 -28.86
CA GLU G 115 40.16 -10.83 -27.89
C GLU G 115 41.10 -10.07 -26.97
N GLY G 116 40.76 -8.82 -26.71
CA GLY G 116 41.58 -7.98 -25.84
C GLY G 116 40.70 -7.11 -24.95
N GLU G 117 41.27 -6.73 -23.80
CA GLU G 117 40.62 -5.85 -22.84
C GLU G 117 41.29 -4.49 -22.91
N PHE G 118 40.59 -3.51 -23.47
CA PHE G 118 41.15 -2.19 -23.72
C PHE G 118 40.56 -1.21 -22.72
N PHE G 119 41.38 -0.74 -21.80
CA PHE G 119 40.95 0.19 -20.76
C PHE G 119 40.78 1.59 -21.34
N ASP G 120 39.61 2.17 -21.07
CA ASP G 120 39.34 3.58 -21.35
C ASP G 120 39.63 4.46 -20.13
N MET G 121 39.41 3.93 -18.94
CA MET G 121 39.65 4.62 -17.69
C MET G 121 40.30 3.65 -16.72
N ALA G 122 41.33 4.12 -16.02
CA ALA G 122 42.03 3.28 -15.06
C ALA G 122 42.76 4.16 -14.06
N THR G 123 42.59 3.87 -12.77
CA THR G 123 43.27 4.64 -11.74
C THR G 123 44.78 4.47 -11.83
N GLY G 124 45.24 3.28 -12.17
CA GLY G 124 46.65 3.04 -12.40
C GLY G 124 46.87 1.87 -13.32
N LEU G 125 47.64 2.07 -14.38
CA LEU G 125 47.92 1.02 -15.35
C LEU G 125 49.39 1.07 -15.70
N VAL G 126 50.04 -0.08 -15.74
CA VAL G 126 51.45 -0.13 -16.12
C VAL G 126 51.53 -0.12 -17.64
N VAL G 127 52.25 0.86 -18.18
CA VAL G 127 52.44 0.97 -19.62
C VAL G 127 53.92 1.24 -19.89
N GLU G 128 54.33 1.02 -21.13
CA GLU G 128 55.65 1.38 -21.61
C GLU G 128 55.50 2.60 -22.51
N ILE G 129 56.05 3.73 -22.08
CA ILE G 129 55.97 4.97 -22.85
C ILE G 129 57.37 5.28 -23.38
N PHE G 130 57.45 5.62 -24.67
CA PHE G 130 58.70 5.90 -25.33
C PHE G 130 58.96 7.41 -25.32
N ASN G 131 60.00 7.83 -26.03
CA ASN G 131 60.30 9.25 -26.23
C ASN G 131 59.96 9.65 -27.65
N GLY G 132 59.33 10.81 -27.80
CA GLY G 132 59.13 11.38 -29.12
C GLY G 132 60.31 12.15 -29.65
N ALA G 133 61.38 12.26 -28.87
CA ALA G 133 62.56 13.01 -29.24
C ALA G 133 63.80 12.18 -28.92
N ALA G 134 64.90 12.51 -29.59
CA ALA G 134 66.14 11.77 -29.42
C ALA G 134 66.87 12.10 -28.13
N THR G 135 66.45 13.14 -27.42
CA THR G 135 67.12 13.56 -26.19
C THR G 135 66.56 12.81 -24.99
N ALA G 136 67.33 12.84 -23.89
CA ALA G 136 66.88 12.27 -22.64
C ALA G 136 65.71 13.08 -22.08
N LEU G 137 64.84 12.40 -21.33
CA LEU G 137 63.66 13.02 -20.78
C LEU G 137 63.49 12.60 -19.33
N ASP G 138 62.91 13.48 -18.53
CA ASP G 138 62.60 13.22 -17.12
C ASP G 138 61.10 13.38 -16.96
N LEU G 139 60.38 12.27 -16.96
CA LEU G 139 58.92 12.30 -16.91
C LEU G 139 58.44 12.36 -15.47
N ASP G 140 57.66 13.39 -15.16
CA ASP G 140 57.14 13.67 -13.83
C ASP G 140 55.66 13.31 -13.76
N TYR G 141 55.06 13.63 -12.61
CA TYR G 141 53.64 13.35 -12.40
C TYR G 141 52.76 14.24 -13.28
N GLY G 142 53.14 15.50 -13.46
CA GLY G 142 52.31 16.39 -14.23
C GLY G 142 52.60 16.36 -15.72
N ASP G 143 52.60 15.15 -16.30
CA ASP G 143 52.96 14.95 -17.69
C ASP G 143 51.86 14.19 -18.41
N LEU G 144 51.65 14.52 -19.67
CA LEU G 144 50.56 13.98 -20.46
C LEU G 144 51.04 12.82 -21.33
N VAL G 145 50.09 12.08 -21.90
CA VAL G 145 50.37 10.86 -22.67
C VAL G 145 49.76 11.00 -24.05
N ALA G 146 50.56 10.70 -25.08
CA ALA G 146 50.08 10.65 -26.45
C ALA G 146 50.58 9.37 -27.09
N TYR G 147 49.71 8.70 -27.85
CA TYR G 147 50.09 7.46 -28.52
C TYR G 147 50.35 7.73 -29.99
N VAL G 148 51.36 7.04 -30.52
CA VAL G 148 51.69 7.15 -31.95
C VAL G 148 50.51 6.61 -32.77
N PRO G 149 50.12 7.26 -33.86
CA PRO G 149 49.11 6.66 -34.74
C PRO G 149 49.74 5.81 -35.83
N ASN G 150 48.93 4.89 -36.36
CA ASN G 150 49.43 4.03 -37.43
C ASN G 150 49.62 4.78 -38.74
N ASN G 151 49.01 5.96 -38.88
CA ASN G 151 49.18 6.80 -40.05
C ASN G 151 50.15 7.95 -39.82
N LEU G 152 51.04 7.80 -38.82
CA LEU G 152 52.05 8.83 -38.58
C LEU G 152 53.03 8.88 -39.74
N PRO G 153 53.21 10.03 -40.38
CA PRO G 153 54.12 10.11 -41.53
C PRO G 153 55.55 9.79 -41.16
N THR G 154 56.26 9.20 -42.11
CA THR G 154 57.63 8.74 -41.87
C THR G 154 58.57 9.89 -41.52
N ALA G 155 58.31 11.09 -42.06
CA ALA G 155 59.09 12.25 -41.66
C ALA G 155 58.84 12.60 -40.19
N ASP G 156 57.58 12.53 -39.75
CA ASP G 156 57.27 12.77 -38.35
C ASP G 156 57.86 11.69 -37.45
N ASN G 157 57.78 10.44 -37.89
CA ASN G 157 58.31 9.32 -37.10
C ASN G 157 59.76 9.04 -37.47
N ALA G 158 60.62 10.01 -37.13
CA ALA G 158 62.04 9.87 -37.40
C ALA G 158 62.66 8.74 -36.57
N LEU G 159 62.24 8.62 -35.31
CA LEU G 159 62.78 7.58 -34.44
C LEU G 159 62.30 6.18 -34.79
N GLY G 160 61.29 6.04 -35.64
CA GLY G 160 60.76 4.73 -35.98
C GLY G 160 60.07 4.03 -34.82
N LEU G 161 59.24 4.75 -34.08
CA LEU G 161 58.53 4.18 -32.96
C LEU G 161 57.49 3.18 -33.46
N PRO G 162 57.11 2.20 -32.64
CA PRO G 162 56.07 1.24 -33.06
C PRO G 162 54.73 1.92 -33.25
N ALA G 163 53.77 1.13 -33.75
CA ALA G 163 52.48 1.68 -34.17
C ALA G 163 51.72 2.30 -33.01
N GLY G 164 51.38 1.50 -32.00
CA GLY G 164 50.57 1.98 -30.90
C GLY G 164 51.36 2.44 -29.70
N ALA G 165 52.65 2.75 -29.90
CA ALA G 165 53.53 3.08 -28.79
C ALA G 165 53.13 4.38 -28.13
N LEU G 166 53.13 4.38 -26.80
CA LEU G 166 52.80 5.56 -26.01
C LEU G 166 54.05 6.40 -25.76
N VAL G 167 53.82 7.69 -25.50
CA VAL G 167 54.88 8.68 -25.32
C VAL G 167 54.43 9.66 -24.25
N GLY G 168 55.35 10.05 -23.38
CA GLY G 168 55.12 11.16 -22.47
C GLY G 168 55.78 12.42 -23.01
N PHE G 169 55.01 13.51 -23.06
CA PHE G 169 55.45 14.68 -23.80
C PHE G 169 55.38 15.97 -22.98
N LYS G 170 55.48 15.86 -21.66
CA LYS G 170 55.50 17.02 -20.74
C LYS G 170 54.17 17.73 -20.89
N ALA G 171 54.15 19.05 -21.07
CA ALA G 171 52.90 19.82 -21.14
C ALA G 171 52.68 20.49 -22.48
N GLY G 172 53.70 21.16 -23.02
CA GLY G 172 53.55 21.86 -24.27
C GLY G 172 54.62 21.50 -25.28
N SER G 173 55.12 20.27 -25.22
CA SER G 173 56.18 19.79 -26.10
C SER G 173 55.76 18.50 -26.78
N MET G 174 54.56 18.51 -27.34
CA MET G 174 54.02 17.33 -28.00
C MET G 174 54.71 17.11 -29.34
N PRO G 175 55.28 15.93 -29.59
CA PRO G 175 55.86 15.66 -30.90
C PRO G 175 54.82 15.76 -32.00
N THR G 176 55.23 16.22 -33.17
CA THR G 176 54.30 16.49 -34.26
C THR G 176 53.68 15.20 -34.79
N GLY G 177 52.37 15.24 -34.98
CA GLY G 177 51.63 14.13 -35.56
C GLY G 177 51.14 13.08 -34.58
N LEU G 178 51.53 13.16 -33.32
CA LEU G 178 51.06 12.19 -32.34
C LEU G 178 49.60 12.47 -32.00
N VAL G 179 48.97 11.49 -31.35
CA VAL G 179 47.58 11.60 -30.94
C VAL G 179 47.52 11.54 -29.43
N GLN G 180 47.06 12.63 -28.82
CA GLN G 180 46.97 12.72 -27.37
C GLN G 180 45.76 11.97 -26.85
N ILE G 181 45.96 11.22 -25.77
CA ILE G 181 44.86 10.59 -25.04
C ILE G 181 44.30 11.63 -24.08
N PRO G 182 43.05 12.05 -24.23
CA PRO G 182 42.51 13.11 -23.37
C PRO G 182 42.44 12.68 -21.90
N ASN G 183 42.75 13.62 -21.02
CA ASN G 183 42.70 13.45 -19.57
C ASN G 183 43.60 12.33 -19.07
N ALA G 184 44.63 11.98 -19.82
CA ALA G 184 45.56 10.92 -19.44
C ALA G 184 46.79 11.55 -18.78
N ARG G 185 47.20 10.99 -17.65
CA ARG G 185 48.31 11.53 -16.88
C ARG G 185 49.28 10.44 -16.51
N ILE G 186 50.54 10.84 -16.33
CA ILE G 186 51.60 9.95 -15.92
C ILE G 186 51.71 10.01 -14.41
N VAL G 187 51.58 8.87 -13.73
CA VAL G 187 51.54 8.88 -12.27
C VAL G 187 52.94 8.71 -11.70
N ASN G 188 53.59 7.60 -12.01
CA ASN G 188 54.95 7.38 -11.51
C ASN G 188 55.93 8.24 -12.30
N ALA G 189 57.00 8.65 -11.63
CA ALA G 189 58.03 9.48 -12.26
C ALA G 189 59.18 8.60 -12.70
N ILE G 190 59.61 8.78 -13.96
CA ILE G 190 60.69 7.98 -14.53
C ILE G 190 61.69 8.89 -15.21
N SER G 191 62.81 8.29 -15.63
CA SER G 191 63.89 8.99 -16.31
C SER G 191 64.31 8.16 -17.52
N LEU G 192 63.94 8.62 -18.71
CA LEU G 192 64.29 7.88 -19.93
C LEU G 192 65.57 8.46 -20.53
N PRO G 193 66.55 7.63 -20.86
CA PRO G 193 67.82 8.15 -21.39
C PRO G 193 67.68 8.55 -22.86
N ALA G 194 68.76 9.16 -23.36
CA ALA G 194 68.80 9.57 -24.75
C ALA G 194 68.77 8.35 -25.67
N GLN G 195 67.98 8.44 -26.73
CA GLN G 195 67.76 7.32 -27.65
C GLN G 195 67.97 7.81 -29.08
N SER G 196 68.25 6.85 -29.96
CA SER G 196 68.40 7.11 -31.39
C SER G 196 67.43 6.20 -32.15
N ALA G 197 67.42 6.36 -33.47
CA ALA G 197 66.56 5.52 -34.31
C ALA G 197 66.98 4.06 -34.23
N GLY G 198 68.28 3.79 -34.28
CA GLY G 198 68.75 2.42 -34.13
C GLY G 198 68.59 1.90 -32.70
N ASN G 199 68.92 2.75 -31.73
CA ASN G 199 68.83 2.33 -30.30
C ASN G 199 67.36 2.23 -29.87
N LEU G 200 66.65 3.36 -29.80
CA LEU G 200 65.23 3.37 -29.35
C LEU G 200 65.13 2.67 -27.99
N VAL G 201 65.72 3.27 -26.95
CA VAL G 201 65.74 2.64 -25.60
C VAL G 201 64.32 2.23 -25.20
N ALA G 202 64.15 1.00 -24.71
CA ALA G 202 62.85 0.52 -24.28
C ALA G 202 62.33 1.40 -23.16
N GLY G 203 61.19 2.04 -23.39
CA GLY G 203 60.59 2.89 -22.39
C GLY G 203 60.28 2.12 -21.13
N VAL G 204 60.77 2.62 -19.98
CA VAL G 204 60.59 1.90 -18.73
C VAL G 204 59.11 1.83 -18.38
N THR G 205 58.68 0.66 -17.92
CA THR G 205 57.29 0.49 -17.53
C THR G 205 56.98 1.37 -16.33
N ILE G 206 55.75 1.89 -16.30
CA ILE G 206 55.43 3.04 -15.47
C ILE G 206 53.93 3.11 -15.29
N VAL G 207 53.49 3.56 -14.10
CA VAL G 207 52.08 3.74 -13.80
C VAL G 207 51.56 4.96 -14.57
N GLN G 208 50.33 4.84 -15.05
CA GLN G 208 49.69 5.91 -15.81
C GLN G 208 48.20 5.85 -15.55
N LEU G 209 47.59 7.01 -15.28
CA LEU G 209 46.18 7.12 -14.98
C LEU G 209 45.45 7.59 -16.24
N THR G 210 44.44 6.84 -16.66
CA THR G 210 43.65 7.18 -17.83
C THR G 210 42.29 7.72 -17.38
N GLN G 211 41.94 8.91 -17.87
CA GLN G 211 40.72 9.62 -17.49
C GLN G 211 40.55 9.78 -15.99
N MET H 1 32.32 29.01 20.73
CA MET H 1 32.88 27.68 21.08
C MET H 1 31.75 26.74 21.50
N PHE H 2 30.95 27.14 22.48
CA PHE H 2 29.78 26.31 22.91
C PHE H 2 28.53 26.81 22.19
N GLN H 3 27.62 25.89 21.81
CA GLN H 3 26.41 26.27 21.04
C GLN H 3 25.76 27.51 21.65
N LYS H 4 25.73 28.63 20.91
CA LYS H 4 25.04 29.81 21.42
C LYS H 4 23.68 30.03 20.77
N GLN H 5 23.26 29.12 19.89
CA GLN H 5 21.95 29.25 19.24
C GLN H 5 21.51 27.92 18.65
N VAL H 6 20.28 27.52 18.94
CA VAL H 6 19.75 26.23 18.50
C VAL H 6 19.07 26.44 17.15
N TYR H 7 19.47 25.64 16.16
CA TYR H 7 18.93 25.72 14.82
C TYR H 7 17.88 24.64 14.58
N ARG H 8 17.26 24.69 13.41
CA ARG H 8 16.24 23.74 13.02
C ARG H 8 16.81 22.47 12.39
N GLN H 9 18.10 22.46 12.07
CA GLN H 9 18.71 21.32 11.40
C GLN H 9 20.22 21.37 11.66
N TYR H 10 20.95 20.46 11.02
CA TYR H 10 22.40 20.40 11.10
C TYR H 10 23.01 20.84 9.77
N THR H 11 24.29 21.17 9.81
CA THR H 11 25.01 21.51 8.60
C THR H 11 25.14 20.28 7.70
N PRO H 12 25.15 20.48 6.38
CA PRO H 12 25.37 19.34 5.47
C PRO H 12 26.70 18.64 5.68
N GLY H 13 27.74 19.37 6.07
CA GLY H 13 29.02 18.76 6.31
C GLY H 13 30.03 19.78 6.76
N PHE H 14 31.30 19.40 6.72
CA PHE H 14 32.41 20.26 7.08
C PHE H 14 33.45 20.22 5.97
N PRO H 15 34.23 21.29 5.79
CA PRO H 15 35.21 21.31 4.71
C PRO H 15 36.23 20.18 4.84
N GLY H 16 36.55 19.54 3.71
CA GLY H 16 37.41 18.38 3.69
C GLY H 16 36.69 17.06 3.82
N ASP H 17 35.40 17.06 4.11
CA ASP H 17 34.62 15.84 4.28
C ASP H 17 34.03 15.40 2.95
N LEU H 18 33.77 14.10 2.84
CA LEU H 18 33.04 13.55 1.70
C LEU H 18 31.56 13.51 2.04
N ILE H 19 30.75 14.26 1.30
CA ILE H 19 29.31 14.31 1.56
C ILE H 19 28.52 13.40 0.63
N GLU H 20 29.13 12.90 -0.44
CA GLU H 20 28.47 11.96 -1.34
C GLU H 20 29.39 10.77 -1.58
N ASP H 21 28.79 9.65 -1.97
CA ASP H 21 29.50 8.41 -2.20
C ASP H 21 29.38 8.01 -3.66
N GLY H 22 30.43 7.40 -4.19
CA GLY H 22 30.49 7.02 -5.58
C GLY H 22 31.93 6.82 -6.01
N PRO H 23 32.21 6.99 -7.31
CA PRO H 23 33.60 6.91 -7.77
C PRO H 23 34.45 8.02 -7.17
N LYS H 24 35.64 7.66 -6.72
CA LYS H 24 36.54 8.62 -6.10
C LYS H 24 37.96 8.08 -6.20
N ARG H 25 38.91 9.00 -6.32
CA ARG H 25 40.33 8.67 -6.40
C ARG H 25 41.10 9.62 -5.50
N ALA H 26 41.85 9.06 -4.56
CA ALA H 26 42.74 9.81 -3.69
C ALA H 26 44.08 9.11 -3.62
N ARG H 27 45.14 9.90 -3.45
CA ARG H 27 46.48 9.34 -3.35
C ARG H 27 47.19 9.88 -2.12
N PRO H 28 48.05 9.09 -1.50
CA PRO H 28 48.84 9.60 -0.37
C PRO H 28 49.94 10.54 -0.84
N GLY H 29 50.40 11.38 0.08
CA GLY H 29 51.47 12.31 -0.23
C GLY H 29 52.04 12.90 1.03
N ARG H 30 53.19 13.56 0.86
CA ARG H 30 53.90 14.20 1.97
C ARG H 30 53.89 15.71 1.76
N ILE H 31 53.66 16.45 2.85
CA ILE H 31 53.37 17.87 2.76
C ILE H 31 54.58 18.70 2.33
N MET H 32 55.79 18.15 2.49
CA MET H 32 57.06 18.79 2.07
C MET H 32 57.18 20.12 2.82
N SER H 33 57.62 21.19 2.17
CA SER H 33 57.73 22.49 2.79
C SER H 33 57.59 23.57 1.72
N LEU H 34 56.99 24.69 2.11
CA LEU H 34 56.94 25.85 1.22
C LEU H 34 58.26 26.60 1.18
N SER H 35 59.13 26.39 2.16
CA SER H 35 60.45 27.00 2.19
C SER H 35 61.46 26.26 1.32
N ALA H 36 61.03 25.24 0.59
CA ALA H 36 61.90 24.50 -0.32
C ALA H 36 61.56 24.72 -1.78
N VAL H 37 60.54 25.55 -2.05
CA VAL H 37 60.11 25.78 -3.46
C VAL H 37 61.18 26.64 -4.13
N ASN H 38 61.74 26.17 -5.25
CA ASN H 38 62.84 26.89 -5.94
C ASN H 38 62.47 28.37 -6.15
N PRO H 39 61.40 28.73 -6.90
CA PRO H 39 61.11 30.13 -7.17
C PRO H 39 60.49 30.78 -5.91
N ALA H 40 61.20 30.68 -4.79
CA ALA H 40 60.67 31.22 -3.52
C ALA H 40 59.21 30.82 -3.36
N ALA H 41 58.40 31.69 -2.80
CA ALA H 41 56.97 31.40 -2.58
C ALA H 41 56.24 32.73 -2.59
N THR H 42 55.70 33.09 -3.73
CA THR H 42 55.02 34.41 -3.88
C THR H 42 53.67 34.37 -3.14
N ALA H 43 53.08 33.17 -3.00
CA ALA H 43 51.83 33.01 -2.23
C ALA H 43 52.12 32.03 -1.09
N THR H 44 51.54 32.22 0.09
CA THR H 44 51.87 31.37 1.22
C THR H 44 50.60 30.96 1.94
N GLY H 45 50.53 29.69 2.34
CA GLY H 45 49.40 29.16 3.05
C GLY H 45 49.82 28.07 4.03
N PRO H 46 49.07 27.94 5.13
CA PRO H 46 49.47 27.06 6.24
C PRO H 46 48.97 25.63 6.12
N ASN H 47 49.09 25.04 4.93
CA ASN H 47 48.79 23.62 4.67
C ASN H 47 47.42 23.20 5.19
N ARG H 48 46.42 24.04 4.95
CA ARG H 48 45.06 23.79 5.42
C ARG H 48 44.45 22.62 4.64
N ILE H 49 43.35 22.07 5.17
CA ILE H 49 42.73 20.88 4.59
C ILE H 49 42.17 21.19 3.21
N SER H 50 41.19 22.08 3.12
CA SER H 50 40.49 22.30 1.87
C SER H 50 41.33 23.15 0.90
N ARG H 51 42.50 22.62 0.58
CA ARG H 51 43.47 23.30 -0.26
C ARG H 51 44.00 22.30 -1.29
N ALA H 52 44.35 22.82 -2.46
CA ALA H 52 44.78 21.98 -3.57
C ALA H 52 46.31 21.91 -3.60
N PHE H 53 46.85 20.77 -3.22
CA PHE H 53 48.29 20.54 -3.22
C PHE H 53 48.74 20.01 -4.57
N GLY H 54 49.98 20.31 -4.93
CA GLY H 54 50.53 19.89 -6.20
C GLY H 54 51.84 19.15 -6.02
N TYR H 55 52.17 18.36 -7.05
CA TYR H 55 53.34 17.49 -7.03
C TYR H 55 54.64 18.27 -6.95
N ALA H 56 55.59 17.73 -6.18
CA ALA H 56 56.89 18.38 -6.00
C ALA H 56 58.02 17.36 -5.94
N GLY H 57 57.91 16.26 -6.66
CA GLY H 57 58.95 15.25 -6.69
C GLY H 57 58.49 13.95 -6.05
N ASP H 58 59.37 12.95 -6.14
CA ASP H 58 59.11 11.64 -5.55
C ASP H 58 60.13 11.31 -4.48
N VAL H 59 59.69 10.51 -3.50
CA VAL H 59 60.53 10.12 -2.37
C VAL H 59 60.51 8.60 -2.25
N SER H 60 60.31 7.91 -3.37
CA SER H 60 60.16 6.47 -3.36
C SER H 60 61.46 5.77 -3.01
N ALA H 61 62.56 6.16 -3.65
CA ALA H 61 63.84 5.47 -3.48
C ALA H 61 64.45 5.86 -2.14
N LEU H 62 64.68 4.87 -1.29
CA LEU H 62 65.30 5.07 0.01
C LEU H 62 66.76 4.66 -0.03
N GLY H 63 67.57 5.35 0.77
CA GLY H 63 68.99 5.04 0.84
C GLY H 63 69.84 6.04 0.08
N GLU H 64 71.00 6.37 0.64
CA GLU H 64 71.94 7.28 -0.02
C GLU H 64 73.05 6.56 -0.74
N GLY H 65 73.06 5.23 -0.75
CA GLY H 65 74.11 4.46 -1.38
C GLY H 65 73.91 4.35 -2.88
N GLN H 66 74.73 3.50 -3.49
CA GLN H 66 74.63 3.27 -4.92
C GLN H 66 73.48 2.30 -5.25
N PRO H 67 73.30 1.15 -4.55
CA PRO H 67 72.06 0.39 -4.73
C PRO H 67 70.95 0.95 -3.84
N LYS H 68 69.91 1.49 -4.47
CA LYS H 68 68.78 2.03 -3.75
C LYS H 68 67.78 0.93 -3.39
N THR H 69 66.84 1.26 -2.52
CA THR H 69 65.70 0.39 -2.22
C THR H 69 64.42 1.19 -2.33
N ILE H 70 63.56 0.82 -3.28
CA ILE H 70 62.27 1.48 -3.46
C ILE H 70 61.30 0.75 -2.55
N ALA H 71 61.17 1.24 -1.32
CA ALA H 71 60.33 0.59 -0.33
C ALA H 71 58.86 0.69 -0.71
N ALA H 72 58.42 1.87 -1.15
CA ALA H 72 57.02 2.08 -1.49
C ALA H 72 56.93 3.21 -2.51
N ARG H 73 55.80 3.24 -3.21
CA ARG H 73 55.53 4.29 -4.19
C ARG H 73 54.98 5.50 -3.46
N ALA H 74 55.86 6.43 -3.11
CA ALA H 74 55.51 7.62 -2.35
C ALA H 74 55.82 8.87 -3.15
N SER H 75 55.04 9.92 -2.91
CA SER H 75 55.22 11.19 -3.58
C SER H 75 55.16 12.32 -2.55
N GLU H 76 55.86 13.41 -2.85
CA GLU H 76 55.88 14.59 -2.00
C GLU H 76 55.20 15.74 -2.73
N VAL H 77 54.39 16.50 -1.99
CA VAL H 77 53.52 17.52 -2.57
C VAL H 77 53.77 18.83 -1.86
N VAL H 78 53.36 19.92 -2.51
CA VAL H 78 53.46 21.25 -1.95
C VAL H 78 52.10 21.94 -2.13
N ILE H 79 51.76 22.82 -1.20
CA ILE H 79 50.44 23.47 -1.20
C ILE H 79 50.27 24.34 -2.44
N GLY H 80 51.32 25.06 -2.84
CA GLY H 80 51.25 25.82 -4.05
C GLY H 80 51.51 24.96 -5.27
N GLY H 81 50.48 24.27 -5.74
CA GLY H 81 50.67 23.39 -6.87
C GLY H 81 50.84 24.14 -8.18
N ALA H 82 51.68 23.58 -9.04
CA ALA H 82 51.75 23.95 -10.45
C ALA H 82 51.13 22.90 -11.35
N ASN H 83 51.40 21.62 -11.05
CA ASN H 83 50.66 20.50 -11.61
C ASN H 83 49.80 19.96 -10.48
N PHE H 84 48.49 20.01 -10.66
CA PHE H 84 47.54 19.66 -9.61
C PHE H 84 47.66 18.20 -9.22
N PHE H 85 48.07 17.96 -7.97
CA PHE H 85 48.16 16.61 -7.44
C PHE H 85 46.84 16.18 -6.80
N GLY H 86 46.27 17.02 -5.95
CA GLY H 86 44.98 16.70 -5.37
C GLY H 86 44.52 17.68 -4.30
N VAL H 87 43.23 17.72 -4.03
CA VAL H 87 42.68 18.56 -2.97
C VAL H 87 42.72 17.75 -1.68
N LEU H 88 43.43 18.26 -0.68
CA LEU H 88 43.55 17.55 0.59
C LEU H 88 42.20 17.46 1.28
N GLY H 89 41.94 16.33 1.91
CA GLY H 89 40.66 16.11 2.53
C GLY H 89 40.72 15.05 3.60
N HIS H 90 39.52 14.62 4.03
CA HIS H 90 39.32 13.60 5.06
C HIS H 90 40.04 13.99 6.35
N PRO H 91 39.58 15.04 7.05
CA PRO H 91 40.29 15.49 8.25
C PRO H 91 40.16 14.56 9.45
N LYS H 92 39.43 13.45 9.32
CA LYS H 92 39.34 12.46 10.37
C LYS H 92 40.54 11.51 10.37
N HIS H 93 41.37 11.56 9.34
CA HIS H 93 42.55 10.71 9.22
C HIS H 93 43.73 11.25 10.01
N TYR H 94 43.71 12.49 10.44
CA TYR H 94 44.87 13.16 11.00
C TYR H 94 44.67 13.38 12.50
N ALA H 95 45.65 14.04 13.10
CA ALA H 95 45.63 14.38 14.52
C ALA H 95 45.71 15.90 14.66
N LEU H 96 45.24 16.40 15.79
CA LEU H 96 45.32 17.82 16.09
C LEU H 96 46.66 18.08 16.76
N PHE H 97 47.64 18.50 15.94
CA PHE H 97 49.01 18.64 16.43
C PHE H 97 49.15 19.83 17.37
N GLY H 98 48.88 21.03 16.88
CA GLY H 98 49.01 22.22 17.70
C GLY H 98 48.81 23.47 16.88
N SER H 99 48.78 24.60 17.59
CA SER H 99 48.55 25.89 16.94
C SER H 99 49.47 26.98 17.48
N ALA H 100 50.71 26.61 17.85
CA ALA H 100 51.76 27.54 18.26
C ALA H 100 51.33 28.37 19.48
N GLY H 101 51.16 27.66 20.59
CA GLY H 101 50.70 28.25 21.83
C GLY H 101 49.37 27.74 22.32
N ASP H 102 48.67 26.93 21.52
CA ASP H 102 47.40 26.34 21.91
C ASP H 102 47.32 24.96 21.26
N SER H 103 47.66 23.92 22.02
CA SER H 103 47.72 22.58 21.47
C SER H 103 46.34 22.01 21.14
N LEU H 104 45.29 22.52 21.75
CA LEU H 104 43.94 22.00 21.56
C LEU H 104 43.05 22.94 20.76
N ALA H 105 43.60 24.04 20.24
CA ALA H 105 42.82 24.98 19.46
C ALA H 105 42.35 24.34 18.15
N PRO H 106 41.18 24.72 17.65
CA PRO H 106 40.70 24.14 16.39
C PRO H 106 41.56 24.58 15.21
N SER H 107 42.20 23.60 14.58
CA SER H 107 43.11 23.87 13.47
C SER H 107 42.85 22.87 12.35
N TYR H 108 43.01 23.34 11.12
CA TYR H 108 42.93 22.51 9.92
C TYR H 108 44.28 22.35 9.24
N ASP H 109 45.35 22.73 9.92
CA ASP H 109 46.68 22.73 9.32
C ASP H 109 47.37 21.40 9.55
N LEU H 110 48.29 21.08 8.64
CA LEU H 110 49.14 19.89 8.74
C LEU H 110 50.58 20.31 8.92
N PRO H 111 51.33 19.63 9.79
CA PRO H 111 52.75 19.93 9.95
C PRO H 111 53.53 19.60 8.69
N ASP H 112 54.70 20.22 8.60
CA ASP H 112 55.50 20.11 7.39
C ASP H 112 56.09 18.72 7.26
N GLY H 113 55.97 18.15 6.06
CA GLY H 113 56.39 16.78 5.83
C GLY H 113 55.56 15.73 6.54
N ALA H 114 54.25 15.92 6.62
CA ALA H 114 53.34 14.98 7.26
C ALA H 114 52.55 14.20 6.21
N GLU H 115 51.73 13.28 6.70
CA GLU H 115 50.94 12.42 5.81
C GLU H 115 49.65 13.13 5.41
N GLY H 116 49.09 12.68 4.29
CA GLY H 116 47.82 13.19 3.83
C GLY H 116 47.34 12.52 2.56
N GLU H 117 46.02 12.38 2.40
CA GLU H 117 45.43 11.85 1.19
C GLU H 117 44.76 12.99 0.43
N PHE H 118 45.04 13.07 -0.87
CA PHE H 118 44.62 14.19 -1.70
C PHE H 118 43.72 13.67 -2.81
N PHE H 119 42.52 14.25 -2.92
CA PHE H 119 41.47 13.70 -3.75
C PHE H 119 41.61 14.19 -5.19
N ASP H 120 41.79 13.25 -6.11
CA ASP H 120 41.75 13.55 -7.54
C ASP H 120 40.32 13.50 -8.07
N MET H 121 39.53 12.56 -7.56
CA MET H 121 38.16 12.33 -7.97
C MET H 121 37.28 12.22 -6.73
N ALA H 122 36.12 12.86 -6.77
CA ALA H 122 35.23 12.84 -5.62
C ALA H 122 33.80 13.07 -6.10
N THR H 123 32.87 12.23 -5.65
CA THR H 123 31.46 12.40 -5.97
C THR H 123 30.94 13.73 -5.47
N GLY H 124 31.24 14.06 -4.22
CA GLY H 124 30.97 15.37 -3.67
C GLY H 124 31.91 15.62 -2.53
N LEU H 125 32.63 16.73 -2.58
CA LEU H 125 33.61 17.07 -1.56
C LEU H 125 33.27 18.44 -1.01
N VAL H 126 33.09 18.53 0.30
CA VAL H 126 32.81 19.80 0.95
C VAL H 126 34.13 20.53 1.12
N VAL H 127 34.23 21.71 0.54
CA VAL H 127 35.42 22.54 0.61
C VAL H 127 34.99 23.96 0.96
N GLU H 128 35.97 24.85 1.03
CA GLU H 128 35.74 26.28 1.04
C GLU H 128 36.41 26.87 -0.19
N ILE H 129 35.67 27.72 -0.92
CA ILE H 129 36.18 28.39 -2.10
C ILE H 129 36.19 29.89 -1.85
N PHE H 130 37.30 30.52 -2.22
CA PHE H 130 37.39 31.96 -2.05
C PHE H 130 36.86 32.67 -3.28
N ASN H 131 36.74 33.99 -3.16
CA ASN H 131 36.34 34.84 -4.27
C ASN H 131 37.60 35.45 -4.89
N GLY H 132 37.76 35.27 -6.20
CA GLY H 132 38.93 35.82 -6.86
C GLY H 132 38.87 37.31 -7.14
N ALA H 133 37.72 37.93 -6.90
CA ALA H 133 37.52 39.35 -7.15
C ALA H 133 37.00 40.03 -5.89
N ALA H 134 37.15 41.35 -5.85
CA ALA H 134 36.72 42.12 -4.69
C ALA H 134 35.20 42.23 -4.60
N THR H 135 34.47 41.90 -5.66
CA THR H 135 33.02 42.05 -5.68
C THR H 135 32.34 40.73 -5.30
N ALA H 136 31.05 40.85 -4.95
CA ALA H 136 30.25 39.69 -4.61
C ALA H 136 30.00 38.84 -5.85
N LEU H 137 29.85 37.53 -5.63
CA LEU H 137 29.66 36.59 -6.72
C LEU H 137 28.71 35.48 -6.30
N ASP H 138 27.77 35.14 -7.17
CA ASP H 138 26.81 34.07 -6.93
C ASP H 138 27.25 32.83 -7.70
N LEU H 139 27.72 31.82 -6.98
CA LEU H 139 28.17 30.58 -7.60
C LEU H 139 27.03 29.56 -7.61
N ASP H 140 26.76 28.99 -8.77
CA ASP H 140 25.67 28.04 -8.96
C ASP H 140 26.23 26.70 -9.44
N TYR H 141 25.33 25.84 -9.92
CA TYR H 141 25.70 24.49 -10.34
C TYR H 141 26.70 24.51 -11.49
N GLY H 142 26.48 25.36 -12.48
CA GLY H 142 27.33 25.36 -13.65
C GLY H 142 28.56 26.23 -13.54
N ASP H 143 29.36 26.02 -12.50
CA ASP H 143 30.53 26.85 -12.23
C ASP H 143 31.75 25.98 -11.98
N LEU H 144 32.91 26.52 -12.30
CA LEU H 144 34.16 25.79 -12.25
C LEU H 144 34.98 26.21 -11.03
N VAL H 145 36.09 25.51 -10.81
CA VAL H 145 36.96 25.74 -9.67
C VAL H 145 38.37 25.95 -10.20
N ALA H 146 39.16 26.74 -9.48
CA ALA H 146 40.55 26.99 -9.83
C ALA H 146 41.31 27.31 -8.55
N TYR H 147 42.55 26.84 -8.44
CA TYR H 147 43.31 27.01 -7.22
C TYR H 147 44.49 27.94 -7.45
N VAL H 148 44.79 28.75 -6.44
CA VAL H 148 45.92 29.68 -6.48
C VAL H 148 47.22 28.89 -6.47
N PRO H 149 48.24 29.29 -7.23
CA PRO H 149 49.57 28.72 -7.06
C PRO H 149 50.47 29.57 -6.17
N ASN H 150 51.55 28.95 -5.67
CA ASN H 150 52.50 29.71 -4.86
C ASN H 150 53.28 30.70 -5.70
N ASN H 151 53.46 30.41 -6.98
CA ASN H 151 54.20 31.29 -7.88
C ASN H 151 53.32 32.38 -8.49
N LEU H 152 52.12 32.56 -7.96
CA LEU H 152 51.23 33.62 -8.42
C LEU H 152 51.85 34.97 -8.10
N PRO H 153 52.07 35.84 -9.09
CA PRO H 153 52.64 37.16 -8.82
C PRO H 153 51.76 37.97 -7.89
N THR H 154 52.41 38.77 -7.04
CA THR H 154 51.69 39.56 -6.05
C THR H 154 50.76 40.58 -6.70
N ALA H 155 51.08 41.03 -7.92
CA ALA H 155 50.17 41.89 -8.65
C ALA H 155 48.88 41.16 -8.99
N ASP H 156 48.97 39.89 -9.41
CA ASP H 156 47.78 39.11 -9.70
C ASP H 156 46.98 38.82 -8.43
N ASN H 157 47.66 38.52 -7.33
CA ASN H 157 46.99 38.22 -6.07
C ASN H 157 46.91 39.49 -5.22
N ALA H 158 45.99 40.37 -5.64
CA ALA H 158 45.79 41.62 -4.92
C ALA H 158 45.06 41.38 -3.59
N LEU H 159 44.13 40.43 -3.56
CA LEU H 159 43.37 40.14 -2.36
C LEU H 159 44.18 39.42 -1.30
N GLY H 160 45.40 38.96 -1.63
CA GLY H 160 46.20 38.22 -0.67
C GLY H 160 45.63 36.87 -0.30
N LEU H 161 45.17 36.11 -1.30
CA LEU H 161 44.64 34.78 -1.04
C LEU H 161 45.76 33.84 -0.59
N PRO H 162 45.44 32.80 0.20
CA PRO H 162 46.46 31.84 0.62
C PRO H 162 47.04 31.04 -0.55
N ALA H 163 48.01 30.18 -0.25
CA ALA H 163 48.73 29.46 -1.30
C ALA H 163 47.81 28.54 -2.09
N GLY H 164 47.21 27.56 -1.42
CA GLY H 164 46.42 26.57 -2.13
C GLY H 164 44.92 26.79 -2.09
N ALA H 165 44.51 28.03 -1.84
CA ALA H 165 43.09 28.34 -1.68
C ALA H 165 42.33 28.12 -2.98
N LEU H 166 41.21 27.41 -2.88
CA LEU H 166 40.32 27.20 -4.01
C LEU H 166 39.46 28.43 -4.25
N VAL H 167 39.05 28.62 -5.50
CA VAL H 167 38.36 29.83 -5.95
C VAL H 167 37.33 29.43 -6.99
N GLY H 168 36.12 29.98 -6.85
CA GLY H 168 35.10 29.89 -7.89
C GLY H 168 35.16 31.11 -8.78
N PHE H 169 35.02 30.90 -10.09
CA PHE H 169 35.30 31.98 -11.03
C PHE H 169 34.29 32.05 -12.18
N LYS H 170 33.07 31.57 -11.94
CA LYS H 170 31.99 31.51 -12.95
C LYS H 170 32.52 30.61 -14.08
N ALA H 171 32.46 31.03 -15.34
CA ALA H 171 32.89 30.18 -16.44
C ALA H 171 33.91 30.89 -17.32
N GLY H 172 33.79 32.21 -17.43
CA GLY H 172 34.70 32.97 -18.26
C GLY H 172 35.26 34.20 -17.54
N SER H 173 35.26 34.16 -16.21
CA SER H 173 35.76 35.26 -15.39
C SER H 173 36.91 34.79 -14.51
N MET H 174 37.85 34.06 -15.12
CA MET H 174 38.97 33.52 -14.37
C MET H 174 39.92 34.65 -13.95
N PRO H 175 40.24 34.77 -12.67
CA PRO H 175 41.28 35.73 -12.26
C PRO H 175 42.62 35.37 -12.87
N THR H 176 43.40 36.40 -13.19
CA THR H 176 44.64 36.19 -13.93
C THR H 176 45.65 35.41 -13.11
N GLY H 177 46.27 34.42 -13.75
CA GLY H 177 47.31 33.62 -13.13
C GLY H 177 46.83 32.44 -12.33
N LEU H 178 45.53 32.26 -12.17
CA LEU H 178 45.01 31.12 -11.41
C LEU H 178 45.13 29.84 -12.23
N VAL H 179 45.29 28.73 -11.52
CA VAL H 179 45.42 27.41 -12.14
C VAL H 179 44.11 26.68 -11.97
N GLN H 180 43.51 26.27 -13.09
CA GLN H 180 42.21 25.60 -13.07
C GLN H 180 42.36 24.13 -12.75
N ILE H 181 41.43 23.61 -11.98
CA ILE H 181 41.29 22.17 -11.76
C ILE H 181 40.45 21.65 -12.92
N PRO H 182 41.00 20.82 -13.81
CA PRO H 182 40.22 20.38 -14.97
C PRO H 182 39.01 19.54 -14.58
N ASN H 183 37.90 19.78 -15.28
CA ASN H 183 36.63 19.08 -15.10
C ASN H 183 36.10 19.17 -13.67
N ALA H 184 36.48 20.20 -12.92
CA ALA H 184 35.98 20.40 -11.57
C ALA H 184 34.73 21.27 -11.63
N ARG H 185 33.69 20.87 -10.92
CA ARG H 185 32.42 21.58 -10.96
C ARG H 185 31.93 21.86 -9.55
N ILE H 186 31.11 22.90 -9.44
CA ILE H 186 30.58 23.38 -8.17
C ILE H 186 29.16 22.86 -8.05
N VAL H 187 28.91 21.97 -7.09
CA VAL H 187 27.60 21.33 -7.00
C VAL H 187 26.61 22.22 -6.25
N ASN H 188 26.90 22.52 -4.99
CA ASN H 188 25.99 23.35 -4.23
C ASN H 188 26.09 24.80 -4.71
N ALA H 189 25.01 25.56 -4.51
CA ALA H 189 24.92 26.93 -4.97
C ALA H 189 24.93 27.86 -3.76
N ILE H 190 25.90 28.78 -3.73
CA ILE H 190 26.06 29.74 -2.65
C ILE H 190 26.32 31.11 -3.24
N SER H 191 26.41 32.12 -2.38
CA SER H 191 26.70 33.49 -2.79
C SER H 191 27.70 34.08 -1.81
N LEU H 192 28.82 34.56 -2.32
CA LEU H 192 29.86 35.18 -1.51
C LEU H 192 29.78 36.70 -1.62
N PRO H 193 29.88 37.41 -0.50
CA PRO H 193 29.76 38.86 -0.51
C PRO H 193 31.06 39.52 -0.99
N ALA H 194 30.97 40.83 -1.20
CA ALA H 194 32.14 41.60 -1.58
C ALA H 194 33.16 41.61 -0.45
N GLN H 195 34.44 41.55 -0.83
CA GLN H 195 35.52 41.46 0.13
C GLN H 195 36.66 42.37 -0.30
N SER H 196 37.50 42.75 0.68
CA SER H 196 38.69 43.55 0.43
C SER H 196 39.93 42.71 0.64
N ALA H 197 41.10 43.34 0.45
CA ALA H 197 42.36 42.64 0.61
C ALA H 197 42.59 42.19 2.04
N GLY H 198 42.23 43.02 3.00
CA GLY H 198 42.54 42.65 4.40
C GLY H 198 41.54 41.69 4.99
N ASN H 199 40.24 41.97 4.86
CA ASN H 199 39.22 41.14 5.55
C ASN H 199 38.94 39.88 4.75
N LEU H 200 39.23 39.86 3.46
CA LEU H 200 38.84 38.69 2.63
C LEU H 200 37.41 38.35 3.05
N VAL H 201 37.10 37.07 3.27
CA VAL H 201 35.75 36.59 3.68
C VAL H 201 35.81 35.11 3.35
N ALA H 202 36.17 34.30 4.33
CA ALA H 202 36.32 32.90 3.98
C ALA H 202 35.05 32.42 3.32
N GLY H 203 35.20 31.78 2.16
CA GLY H 203 34.02 31.32 1.44
C GLY H 203 33.25 30.27 2.24
N VAL H 204 31.93 30.31 2.08
CA VAL H 204 31.08 29.38 2.81
C VAL H 204 31.38 27.96 2.34
N THR H 205 31.28 27.01 3.29
CA THR H 205 31.47 25.61 2.95
C THR H 205 30.46 25.19 1.89
N ILE H 206 30.91 24.38 0.94
CA ILE H 206 30.13 24.13 -0.26
C ILE H 206 30.60 22.83 -0.89
N VAL H 207 29.67 22.11 -1.50
CA VAL H 207 29.98 20.87 -2.19
C VAL H 207 30.52 21.17 -3.57
N GLN H 208 31.55 20.45 -3.99
CA GLN H 208 32.04 20.52 -5.35
C GLN H 208 32.27 19.12 -5.88
N LEU H 209 32.26 19.01 -7.20
CA LEU H 209 32.42 17.74 -7.90
C LEU H 209 33.77 17.77 -8.61
N THR H 210 34.66 16.84 -8.26
CA THR H 210 36.03 16.86 -8.75
C THR H 210 36.24 15.71 -9.72
N GLN H 211 36.64 16.04 -10.95
CA GLN H 211 36.95 15.09 -12.02
C GLN H 211 35.84 14.05 -12.25
N ASN I 66 21.83 1.37 -36.04
CA ASN I 66 22.46 0.17 -35.51
C ASN I 66 21.60 -0.45 -34.40
N PHE I 67 20.94 0.39 -33.62
CA PHE I 67 20.03 -0.11 -32.60
C PHE I 67 18.78 -0.68 -33.29
N THR I 68 18.39 -1.89 -32.88
CA THR I 68 17.16 -2.46 -33.39
C THR I 68 15.97 -1.61 -32.96
N ALA I 69 15.04 -1.40 -33.87
CA ALA I 69 13.89 -0.56 -33.58
C ALA I 69 13.02 -1.24 -32.52
N PRO I 70 12.71 -0.56 -31.41
CA PRO I 70 11.90 -1.19 -30.37
C PRO I 70 10.49 -1.48 -30.85
N VAL I 71 9.93 -2.59 -30.38
CA VAL I 71 8.60 -2.99 -30.79
C VAL I 71 7.54 -2.23 -30.01
N THR I 72 7.52 -2.40 -28.69
CA THR I 72 6.66 -1.60 -27.84
C THR I 72 7.18 -0.17 -27.78
N THR I 73 6.25 0.78 -27.73
CA THR I 73 6.64 2.17 -27.54
C THR I 73 7.21 2.34 -26.15
N PRO I 74 8.33 3.06 -25.98
CA PRO I 74 8.90 3.24 -24.65
C PRO I 74 7.94 3.94 -23.72
N SER I 75 7.85 3.44 -22.49
CA SER I 75 6.88 3.96 -21.53
C SER I 75 7.36 3.66 -20.12
N ILE I 76 6.86 4.45 -19.18
CA ILE I 76 7.09 4.19 -17.76
C ILE I 76 6.34 2.92 -17.36
N PRO I 77 7.00 1.93 -16.76
CA PRO I 77 6.41 0.59 -16.63
C PRO I 77 5.15 0.48 -15.80
N THR I 78 5.18 0.98 -14.57
CA THR I 78 4.17 0.63 -13.58
C THR I 78 3.00 1.61 -13.64
N PRO I 79 1.77 1.15 -13.87
CA PRO I 79 0.61 2.04 -13.71
C PRO I 79 0.49 2.54 -12.28
N ILE I 80 -0.01 3.77 -12.15
CA ILE I 80 -0.12 4.41 -10.84
C ILE I 80 -1.09 3.67 -9.94
N GLN I 81 -2.06 2.97 -10.53
CA GLN I 81 -3.11 2.30 -9.75
C GLN I 81 -2.55 1.23 -8.83
N PHE I 82 -1.42 0.62 -9.19
CA PHE I 82 -0.82 -0.42 -8.37
C PHE I 82 0.12 0.15 -7.30
N LEU I 83 0.37 1.45 -7.32
CA LEU I 83 1.22 2.10 -6.34
C LEU I 83 0.43 3.05 -5.46
N GLN I 84 -0.82 2.68 -5.17
CA GLN I 84 -1.70 3.42 -4.28
C GLN I 84 -2.12 2.52 -3.13
N THR I 85 -2.08 3.07 -1.93
CA THR I 85 -2.65 2.41 -0.75
C THR I 85 -3.90 3.16 -0.36
N TRP I 86 -5.01 2.44 -0.26
CA TRP I 86 -6.30 3.02 0.07
C TRP I 86 -6.56 2.80 1.55
N LEU I 87 -6.81 3.90 2.26
CA LEU I 87 -6.97 3.84 3.69
C LEU I 87 -8.22 3.05 4.06
N PRO I 88 -8.18 2.29 5.15
CA PRO I 88 -9.35 1.49 5.54
C PRO I 88 -10.52 2.37 5.90
N GLY I 89 -11.72 1.93 5.52
CA GLY I 89 -12.94 2.63 5.86
C GLY I 89 -13.18 3.85 4.98
N PHE I 90 -14.34 4.45 5.20
CA PHE I 90 -14.75 5.66 4.52
C PHE I 90 -15.16 6.70 5.55
N VAL I 91 -15.01 7.96 5.19
CA VAL I 91 -15.45 9.07 6.04
C VAL I 91 -16.90 9.38 5.68
N LYS I 92 -17.79 9.20 6.65
CA LYS I 92 -19.21 9.47 6.42
C LYS I 92 -19.50 10.95 6.67
N VAL I 93 -20.36 11.51 5.82
CA VAL I 93 -20.75 12.91 5.96
C VAL I 93 -21.83 13.01 7.02
N MET I 94 -21.58 13.82 8.04
CA MET I 94 -22.49 13.94 9.17
C MET I 94 -23.48 15.08 8.95
N THR I 95 -24.49 15.13 9.83
CA THR I 95 -25.49 16.17 9.80
C THR I 95 -25.62 16.81 11.17
N ALA I 96 -26.63 17.64 11.36
CA ALA I 96 -26.87 18.27 12.66
C ALA I 96 -27.28 17.22 13.70
N ALA I 97 -26.97 17.52 14.96
CA ALA I 97 -27.28 16.60 16.05
C ALA I 97 -28.78 16.55 16.32
N ARG I 98 -29.21 15.43 16.87
CA ARG I 98 -30.61 15.19 17.23
C ARG I 98 -30.69 15.12 18.75
N LYS I 99 -31.09 16.24 19.37
CA LYS I 99 -30.99 16.40 20.82
C LYS I 99 -32.33 16.67 21.47
N ILE I 100 -33.42 16.18 20.86
CA ILE I 100 -34.73 16.34 21.47
C ILE I 100 -34.87 15.48 22.72
N ASP I 101 -34.25 14.28 22.71
CA ASP I 101 -34.24 13.43 23.89
C ASP I 101 -33.44 14.06 25.02
N GLU I 102 -32.39 14.81 24.69
CA GLU I 102 -31.63 15.50 25.72
C GLU I 102 -32.44 16.60 26.39
N ILE I 103 -33.38 17.20 25.66
CA ILE I 103 -34.17 18.28 26.22
C ILE I 103 -35.36 17.75 27.00
N ILE I 104 -36.26 17.03 26.34
CA ILE I 104 -37.53 16.66 26.97
C ILE I 104 -37.64 15.16 27.23
N GLY I 105 -36.54 14.42 27.10
CA GLY I 105 -36.60 13.00 27.36
C GLY I 105 -37.35 12.24 26.29
N ILE I 106 -37.64 10.97 26.60
CA ILE I 106 -38.37 10.09 25.72
C ILE I 106 -39.42 9.34 26.52
N ASP I 107 -40.52 9.00 25.86
CA ASP I 107 -41.62 8.28 26.49
C ASP I 107 -42.25 7.36 25.46
N THR I 108 -42.58 6.15 25.87
CA THR I 108 -43.25 5.16 25.03
C THR I 108 -44.63 4.92 25.62
N VAL I 109 -45.67 5.40 24.94
CA VAL I 109 -47.03 5.32 25.47
C VAL I 109 -47.96 4.65 24.47
N GLY I 110 -47.61 4.68 23.19
CA GLY I 110 -48.43 4.11 22.15
C GLY I 110 -47.92 2.76 21.67
N SER I 111 -48.44 2.34 20.52
CA SER I 111 -48.03 1.04 19.96
C SER I 111 -47.86 1.10 18.44
N TRP I 112 -47.64 2.29 17.88
CA TRP I 112 -47.35 2.55 16.47
C TRP I 112 -48.55 2.35 15.55
N GLU I 113 -49.64 1.76 16.05
CA GLU I 113 -50.84 1.63 15.25
C GLU I 113 -52.00 2.46 15.79
N ASP I 114 -51.88 2.98 17.01
CA ASP I 114 -52.94 3.79 17.58
C ASP I 114 -52.98 5.15 16.90
N GLN I 115 -54.14 5.81 17.00
CA GLN I 115 -54.34 7.06 16.29
C GLN I 115 -54.08 8.28 17.18
N GLU I 116 -54.46 8.22 18.46
CA GLU I 116 -54.39 9.39 19.31
C GLU I 116 -53.92 9.00 20.71
N ILE I 117 -53.40 10.00 21.42
CA ILE I 117 -53.07 9.91 22.83
C ILE I 117 -53.83 11.02 23.55
N VAL I 118 -54.61 10.64 24.57
CA VAL I 118 -55.59 11.53 25.19
C VAL I 118 -55.20 11.77 26.64
N GLN I 119 -55.26 13.04 27.05
CA GLN I 119 -54.97 13.43 28.43
C GLN I 119 -56.06 14.38 28.91
N GLY I 120 -56.56 14.14 30.14
CA GLY I 120 -57.65 14.93 30.66
C GLY I 120 -57.21 16.16 31.44
N ILE I 121 -58.14 17.09 31.59
CA ILE I 121 -57.91 18.32 32.36
C ILE I 121 -59.24 18.74 32.98
N VAL I 122 -59.20 19.09 34.26
CA VAL I 122 -60.39 19.46 35.02
C VAL I 122 -60.22 20.87 35.55
N GLU I 123 -61.23 21.71 35.30
CA GLU I 123 -61.28 23.06 35.83
C GLU I 123 -62.40 23.17 36.84
N PRO I 124 -62.10 23.35 38.13
CA PRO I 124 -63.17 23.64 39.10
C PRO I 124 -63.66 25.07 38.95
N ALA I 125 -64.85 25.32 39.50
CA ALA I 125 -65.45 26.64 39.42
C ALA I 125 -66.36 26.86 40.61
N GLY I 126 -66.47 28.11 41.02
CA GLY I 126 -67.29 28.47 42.17
C GLY I 126 -66.67 29.58 42.99
N THR I 127 -67.46 30.59 43.32
CA THR I 127 -67.01 31.73 44.11
C THR I 127 -67.92 31.89 45.32
N ALA I 128 -67.33 32.19 46.47
CA ALA I 128 -68.10 32.36 47.68
C ALA I 128 -68.89 33.66 47.64
N VAL I 129 -69.93 33.71 48.48
CA VAL I 129 -70.72 34.91 48.71
C VAL I 129 -70.85 35.10 50.21
N GLU I 130 -71.30 36.29 50.59
CA GLU I 130 -71.54 36.60 52.00
C GLU I 130 -72.65 35.71 52.54
N TYR I 131 -72.49 35.28 53.78
CA TYR I 131 -73.45 34.36 54.39
C TYR I 131 -74.76 35.07 54.73
N GLY I 132 -75.85 34.34 54.58
CA GLY I 132 -77.15 34.80 55.02
C GLY I 132 -77.99 33.62 55.45
N ASP I 133 -78.88 33.86 56.42
CA ASP I 133 -79.70 32.78 56.96
C ASP I 133 -80.68 32.25 55.92
N HIS I 134 -81.31 33.14 55.16
CA HIS I 134 -82.34 32.76 54.20
C HIS I 134 -81.92 33.09 52.76
N THR I 135 -80.63 33.06 52.49
CA THR I 135 -80.10 33.35 51.17
C THR I 135 -79.88 32.08 50.38
N ASN I 136 -79.82 32.22 49.06
CA ASN I 136 -79.64 31.08 48.19
C ASN I 136 -78.26 30.48 48.36
N ILE I 137 -78.20 29.14 48.34
CA ILE I 137 -76.94 28.42 48.49
C ILE I 137 -76.17 28.51 47.18
N PRO I 138 -74.98 29.10 47.19
CA PRO I 138 -74.14 29.08 45.98
C PRO I 138 -73.66 27.68 45.70
N LEU I 139 -73.45 27.37 44.43
CA LEU I 139 -73.05 26.04 44.01
C LEU I 139 -71.74 26.10 43.24
N THR I 140 -70.83 25.19 43.59
CA THR I 140 -69.61 24.97 42.84
C THR I 140 -69.85 23.89 41.79
N SER I 141 -68.96 23.83 40.81
CA SER I 141 -69.08 22.86 39.72
C SER I 141 -67.70 22.62 39.14
N TRP I 142 -67.65 21.89 38.03
CA TRP I 142 -66.38 21.58 37.38
C TRP I 142 -66.64 21.32 35.91
N ASN I 143 -65.59 21.46 35.12
CA ASN I 143 -65.62 21.18 33.69
C ASN I 143 -64.44 20.28 33.34
N ALA I 144 -64.64 19.43 32.33
CA ALA I 144 -63.61 18.50 31.91
C ALA I 144 -63.36 18.63 30.43
N ASN I 145 -62.09 18.61 30.05
CA ASN I 145 -61.66 18.63 28.65
C ASN I 145 -60.64 17.53 28.43
N PHE I 146 -60.50 17.11 27.18
CA PHE I 146 -59.58 16.04 26.81
C PHE I 146 -58.76 16.49 25.62
N GLU I 147 -57.45 16.62 25.82
CA GLU I 147 -56.53 17.03 24.77
C GLU I 147 -55.92 15.80 24.11
N ARG I 148 -55.88 15.80 22.79
CA ARG I 148 -55.48 14.66 21.99
C ARG I 148 -54.27 15.02 21.14
N ARG I 149 -53.34 14.08 21.01
CA ARG I 149 -52.17 14.23 20.17
C ARG I 149 -52.12 13.06 19.19
N THR I 150 -51.95 13.37 17.90
CA THR I 150 -51.99 12.36 16.86
C THR I 150 -50.62 11.70 16.69
N ILE I 151 -50.63 10.40 16.43
CA ILE I 151 -49.41 9.63 16.18
C ILE I 151 -49.11 9.68 14.69
N VAL I 152 -47.87 10.02 14.36
CA VAL I 152 -47.40 10.13 12.99
C VAL I 152 -46.41 9.01 12.73
N ARG I 153 -46.61 8.28 11.64
CA ARG I 153 -45.73 7.20 11.23
C ARG I 153 -44.94 7.63 9.99
N GLY I 154 -43.66 7.28 9.98
CA GLY I 154 -42.80 7.56 8.84
C GLY I 154 -42.13 6.29 8.37
N GLU I 155 -41.93 6.20 7.05
CA GLU I 155 -41.31 5.02 6.45
C GLU I 155 -40.12 5.43 5.59
N LEU I 156 -39.11 4.58 5.58
CA LEU I 156 -37.96 4.75 4.70
C LEU I 156 -37.48 3.38 4.24
N GLY I 157 -37.04 3.29 2.99
CA GLY I 157 -36.65 2.03 2.40
C GLY I 157 -35.35 2.15 1.62
N MET I 158 -34.99 1.02 1.01
CA MET I 158 -33.74 0.89 0.26
C MET I 158 -33.92 -0.20 -0.79
N MET I 159 -33.21 -0.05 -1.90
CA MET I 159 -33.22 -1.06 -2.96
C MET I 159 -31.80 -1.26 -3.47
N VAL I 160 -31.35 -2.50 -3.46
CA VAL I 160 -29.98 -2.84 -3.87
C VAL I 160 -30.06 -3.82 -5.03
N GLY I 161 -29.37 -3.50 -6.12
CA GLY I 161 -29.26 -4.38 -7.26
C GLY I 161 -28.03 -5.25 -7.20
N THR I 162 -28.03 -6.32 -8.00
CA THR I 162 -26.92 -7.27 -7.98
C THR I 162 -25.62 -6.63 -8.44
N LEU I 163 -25.65 -5.99 -9.62
CA LEU I 163 -24.44 -5.36 -10.14
C LEU I 163 -24.04 -4.17 -9.28
N GLU I 164 -25.01 -3.41 -8.78
CA GLU I 164 -24.72 -2.29 -7.88
C GLU I 164 -24.00 -2.78 -6.62
N GLU I 165 -24.50 -3.88 -6.03
CA GLU I 165 -23.86 -4.44 -4.85
C GLU I 165 -22.45 -4.92 -5.14
N GLY I 166 -22.25 -5.58 -6.30
CA GLY I 166 -20.92 -6.04 -6.65
C GLY I 166 -19.94 -4.89 -6.87
N ARG I 167 -20.37 -3.86 -7.61
CA ARG I 167 -19.51 -2.72 -7.86
C ARG I 167 -19.16 -1.98 -6.58
N ALA I 168 -20.14 -1.84 -5.67
CA ALA I 168 -19.87 -1.23 -4.38
C ALA I 168 -18.90 -2.07 -3.55
N SER I 169 -19.08 -3.39 -3.56
CA SER I 169 -18.18 -4.26 -2.81
C SER I 169 -16.77 -4.26 -3.39
N ALA I 170 -16.63 -3.91 -4.67
CA ALA I 170 -15.30 -3.82 -5.28
C ALA I 170 -14.43 -2.78 -4.59
N ILE I 171 -15.01 -1.71 -4.06
CA ILE I 171 -14.26 -0.70 -3.33
C ILE I 171 -14.40 -0.86 -1.82
N ARG I 172 -14.73 -2.08 -1.36
CA ARG I 172 -14.90 -2.41 0.06
C ARG I 172 -15.92 -1.49 0.73
N LEU I 173 -17.04 -1.25 0.06
CA LEU I 173 -18.15 -0.50 0.63
C LEU I 173 -19.41 -1.35 0.48
N ASN I 174 -20.05 -1.67 1.60
CA ASN I 174 -21.27 -2.46 1.58
C ASN I 174 -22.43 -1.52 1.31
N SER I 175 -22.96 -1.56 0.09
CA SER I 175 -24.06 -0.68 -0.30
C SER I 175 -25.29 -0.94 0.55
N ALA I 176 -25.61 -2.21 0.81
CA ALA I 176 -26.75 -2.54 1.63
C ALA I 176 -26.60 -2.00 3.04
N GLU I 177 -25.41 -2.14 3.63
CA GLU I 177 -25.22 -1.70 5.01
C GLU I 177 -25.34 -0.18 5.12
N THR I 178 -24.71 0.57 4.22
CA THR I 178 -24.80 2.03 4.31
C THR I 178 -26.20 2.53 3.99
N LYS I 179 -26.90 1.88 3.06
CA LYS I 179 -28.28 2.28 2.77
C LYS I 179 -29.21 1.99 3.94
N ARG I 180 -29.02 0.85 4.61
CA ARG I 180 -29.82 0.53 5.79
C ARG I 180 -29.54 1.51 6.93
N GLN I 181 -28.27 1.82 7.17
CA GLN I 181 -27.92 2.82 8.18
C GLN I 181 -28.51 4.18 7.85
N GLN I 182 -28.48 4.57 6.58
CA GLN I 182 -29.04 5.87 6.19
C GLN I 182 -30.56 5.86 6.32
N ALA I 183 -31.21 4.71 6.09
CA ALA I 183 -32.64 4.62 6.33
C ALA I 183 -32.97 4.83 7.80
N ALA I 184 -32.20 4.20 8.69
CA ALA I 184 -32.39 4.39 10.12
C ALA I 184 -32.15 5.85 10.52
N ILE I 185 -31.09 6.45 9.98
CA ILE I 185 -30.77 7.84 10.31
C ILE I 185 -31.83 8.79 9.77
N GLY I 186 -32.38 8.50 8.59
CA GLY I 186 -33.45 9.32 8.06
C GLY I 186 -34.71 9.24 8.88
N LEU I 187 -35.05 8.04 9.37
CA LEU I 187 -36.19 7.93 10.29
C LEU I 187 -35.93 8.68 11.58
N GLU I 188 -34.69 8.63 12.09
CA GLU I 188 -34.36 9.37 13.31
C GLU I 188 -34.44 10.88 13.08
N ILE I 189 -33.98 11.36 11.92
CA ILE I 189 -34.08 12.77 11.59
C ILE I 189 -35.54 13.20 11.50
N PHE I 190 -36.37 12.36 10.88
CA PHE I 190 -37.81 12.61 10.82
C PHE I 190 -38.39 12.74 12.23
N ARG I 191 -38.07 11.78 13.10
CA ARG I 191 -38.62 11.80 14.46
C ARG I 191 -38.18 13.02 15.24
N ASN I 192 -36.89 13.39 15.14
CA ASN I 192 -36.40 14.55 15.85
C ASN I 192 -37.04 15.83 15.33
N ALA I 193 -37.23 15.93 14.01
CA ALA I 193 -37.92 17.09 13.44
C ALA I 193 -39.36 17.17 13.91
N ILE I 194 -40.04 16.01 14.01
CA ILE I 194 -41.41 15.98 14.52
C ILE I 194 -41.44 16.48 15.96
N GLY I 195 -40.50 16.00 16.77
CA GLY I 195 -40.47 16.41 18.17
C GLY I 195 -40.18 17.89 18.34
N PHE I 196 -39.33 18.45 17.47
CA PHE I 196 -38.95 19.85 17.63
C PHE I 196 -39.99 20.80 17.03
N TYR I 197 -40.61 20.43 15.91
CA TYR I 197 -41.47 21.36 15.17
C TYR I 197 -42.89 20.88 14.97
N GLY I 198 -43.23 19.65 15.36
CA GLY I 198 -44.57 19.14 15.10
C GLY I 198 -44.71 18.66 13.67
N TRP I 199 -45.94 18.27 13.33
CA TRP I 199 -46.24 17.77 12.00
C TRP I 199 -47.58 18.33 11.54
N GLN I 200 -47.52 19.28 10.61
CA GLN I 200 -48.69 19.81 9.91
C GLN I 200 -49.73 20.35 10.89
N SER I 201 -49.25 21.01 11.95
CA SER I 201 -50.16 21.59 12.94
C SER I 201 -50.97 22.72 12.33
N GLY I 202 -50.46 23.36 11.27
CA GLY I 202 -51.24 24.40 10.60
C GLY I 202 -52.46 23.85 9.90
N LEU I 203 -52.36 22.67 9.31
CA LEU I 203 -53.50 22.07 8.61
C LEU I 203 -54.62 21.72 9.58
N GLY I 204 -54.27 21.23 10.76
CA GLY I 204 -55.27 20.78 11.72
C GLY I 204 -54.84 19.55 12.47
N ASN I 205 -53.72 18.97 12.06
CA ASN I 205 -53.14 17.85 12.78
C ASN I 205 -52.74 18.28 14.18
N ARG I 206 -53.03 17.42 15.17
CA ARG I 206 -52.80 17.73 16.57
C ARG I 206 -51.48 17.18 17.08
N THR I 207 -50.49 17.03 16.21
CA THR I 207 -49.14 16.66 16.59
C THR I 207 -48.30 17.92 16.65
N TYR I 208 -47.94 18.34 17.85
CA TYR I 208 -47.22 19.59 18.08
C TYR I 208 -45.77 19.31 18.42
N GLY I 209 -44.99 20.39 18.48
CA GLY I 209 -43.57 20.30 18.71
C GLY I 209 -43.12 21.11 19.92
N PHE I 210 -41.81 21.04 20.19
CA PHE I 210 -41.25 21.77 21.31
C PHE I 210 -41.19 23.27 21.05
N LEU I 211 -41.08 23.68 19.79
CA LEU I 211 -41.00 25.09 19.44
C LEU I 211 -42.19 25.57 18.62
N ASN I 212 -43.23 24.75 18.44
CA ASN I 212 -44.32 25.13 17.55
C ASN I 212 -45.69 24.80 18.11
N ASP I 213 -45.79 24.39 19.37
CA ASP I 213 -47.09 24.10 19.96
C ASP I 213 -47.82 25.42 20.18
N PRO I 214 -49.04 25.58 19.64
CA PRO I 214 -49.76 26.84 19.81
C PRO I 214 -50.14 27.17 21.25
N ASN I 215 -50.14 26.20 22.16
CA ASN I 215 -50.42 26.50 23.56
C ASN I 215 -49.24 27.20 24.24
N LEU I 216 -48.06 27.11 23.66
CA LEU I 216 -46.88 27.71 24.27
C LEU I 216 -46.95 29.24 24.18
N PRO I 217 -46.35 29.94 25.15
CA PRO I 217 -46.37 31.41 25.10
C PRO I 217 -45.49 31.94 23.99
N ALA I 218 -45.82 33.15 23.54
CA ALA I 218 -45.03 33.81 22.52
C ALA I 218 -43.65 34.17 23.03
N PHE I 219 -42.69 34.25 22.12
CA PHE I 219 -41.31 34.58 22.49
C PHE I 219 -41.23 36.01 23.02
N GLN I 220 -40.25 36.24 23.89
CA GLN I 220 -40.10 37.51 24.58
C GLN I 220 -38.72 38.09 24.32
N THR I 221 -38.66 39.42 24.29
CA THR I 221 -37.40 40.11 24.12
C THR I 221 -36.62 40.12 25.43
N PRO I 222 -35.37 39.67 25.44
CA PRO I 222 -34.58 39.64 26.67
C PRO I 222 -34.18 41.05 27.09
N PRO I 223 -33.78 41.25 28.36
CA PRO I 223 -33.26 42.56 28.77
C PRO I 223 -32.05 42.98 27.98
N SER I 224 -31.01 42.15 27.98
CA SER I 224 -29.86 42.39 27.12
C SER I 224 -30.24 42.08 25.68
N GLN I 225 -29.84 42.96 24.76
CA GLN I 225 -30.20 42.79 23.36
C GLN I 225 -29.58 41.53 22.75
N GLY I 226 -28.32 41.25 23.08
CA GLY I 226 -27.68 40.06 22.58
C GLY I 226 -26.49 39.69 23.43
N TRP I 227 -26.18 38.39 23.45
CA TRP I 227 -25.08 37.89 24.26
C TRP I 227 -23.72 38.12 23.62
N SER I 228 -23.68 38.41 22.32
CA SER I 228 -22.41 38.69 21.66
C SER I 228 -21.78 39.96 22.20
N THR I 229 -22.58 40.99 22.46
CA THR I 229 -22.07 42.24 23.00
C THR I 229 -22.19 42.32 24.51
N ALA I 230 -23.06 41.54 25.12
CA ALA I 230 -23.26 41.61 26.57
C ALA I 230 -22.07 40.98 27.30
N ASP I 231 -22.00 41.27 28.59
CA ASP I 231 -20.94 40.79 29.47
C ASP I 231 -21.53 39.78 30.46
N TRP I 232 -20.71 39.41 31.45
CA TRP I 232 -21.12 38.48 32.50
C TRP I 232 -22.41 38.93 33.17
N ALA I 233 -22.47 40.19 33.58
CA ALA I 233 -23.65 40.73 34.26
C ALA I 233 -24.88 40.68 33.36
N GLY I 234 -24.71 40.99 32.08
CA GLY I 234 -25.85 40.96 31.17
C GLY I 234 -26.41 39.57 30.94
N ILE I 235 -25.52 38.59 30.77
CA ILE I 235 -25.95 37.20 30.57
C ILE I 235 -26.68 36.69 31.80
N ILE I 236 -26.10 36.95 32.98
CA ILE I 236 -26.75 36.49 34.21
C ILE I 236 -28.05 37.26 34.44
N GLY I 237 -28.13 38.52 34.02
CA GLY I 237 -29.39 39.23 34.09
C GLY I 237 -30.46 38.62 33.21
N ASP I 238 -30.06 38.15 32.02
CA ASP I 238 -31.00 37.46 31.14
C ASP I 238 -31.52 36.17 31.77
N ILE I 239 -30.62 35.38 32.35
CA ILE I 239 -31.05 34.14 33.01
C ILE I 239 -31.96 34.46 34.20
N ARG I 240 -31.59 35.48 34.99
CA ARG I 240 -32.40 35.87 36.14
C ARG I 240 -33.77 36.36 35.71
N GLU I 241 -33.85 37.07 34.58
CA GLU I 241 -35.14 37.51 34.08
C GLU I 241 -35.99 36.32 33.63
N ALA I 242 -35.36 35.31 33.03
CA ALA I 242 -36.09 34.11 32.65
C ALA I 242 -36.65 33.40 33.89
N VAL I 243 -35.83 33.28 34.94
CA VAL I 243 -36.29 32.66 36.18
C VAL I 243 -37.38 33.51 36.83
N ARG I 244 -37.26 34.83 36.72
CA ARG I 244 -38.25 35.74 37.25
C ARG I 244 -39.60 35.53 36.59
N GLN I 245 -39.61 35.46 35.26
CA GLN I 245 -40.86 35.23 34.55
C GLN I 245 -41.41 33.84 34.81
N LEU I 246 -40.54 32.84 35.00
CA LEU I 246 -41.01 31.52 35.36
C LEU I 246 -41.72 31.53 36.71
N ARG I 247 -41.20 32.30 37.66
CA ARG I 247 -41.87 32.41 38.96
C ARG I 247 -43.17 33.21 38.85
N ILE I 248 -43.17 34.27 38.05
CA ILE I 248 -44.37 35.11 37.91
C ILE I 248 -45.50 34.32 37.27
N GLN I 249 -45.21 33.56 36.22
CA GLN I 249 -46.24 32.83 35.49
C GLN I 249 -46.94 31.79 36.36
N SER I 250 -46.23 31.25 37.36
CA SER I 250 -46.84 30.31 38.29
C SER I 250 -47.57 31.00 39.43
N GLN I 251 -47.51 32.33 39.51
CA GLN I 251 -48.15 33.13 40.55
C GLN I 251 -47.66 32.71 41.94
N ASP I 252 -46.33 32.63 42.08
CA ASP I 252 -45.66 32.29 43.34
C ASP I 252 -46.05 30.92 43.86
N GLN I 253 -46.37 29.99 42.97
CA GLN I 253 -46.65 28.61 43.36
C GLN I 253 -45.48 27.68 43.09
N ILE I 254 -44.56 28.06 42.21
CA ILE I 254 -43.38 27.26 41.88
C ILE I 254 -42.16 28.00 42.39
N ASP I 255 -41.34 27.29 43.17
CA ASP I 255 -40.10 27.86 43.66
C ASP I 255 -38.95 27.38 42.78
N PRO I 256 -38.34 28.25 41.98
CA PRO I 256 -37.27 27.79 41.08
C PRO I 256 -36.05 27.22 41.79
N LYS I 257 -35.75 27.67 43.00
CA LYS I 257 -34.57 27.19 43.70
C LYS I 257 -34.70 25.72 44.08
N ALA I 258 -35.92 25.24 44.26
CA ALA I 258 -36.17 23.88 44.72
C ALA I 258 -36.94 23.05 43.69
N GLU I 259 -36.73 23.33 42.40
CA GLU I 259 -37.41 22.59 41.35
C GLU I 259 -36.43 22.27 40.23
N LYS I 260 -36.65 21.12 39.60
CA LYS I 260 -35.84 20.71 38.45
C LYS I 260 -36.27 21.52 37.23
N ILE I 261 -35.39 22.40 36.76
CA ILE I 261 -35.69 23.28 35.64
C ILE I 261 -34.69 22.99 34.52
N THR I 262 -35.19 22.89 33.30
CA THR I 262 -34.35 22.70 32.13
C THR I 262 -34.22 24.01 31.36
N LEU I 263 -32.98 24.32 30.98
CA LEU I 263 -32.61 25.48 30.17
C LEU I 263 -32.09 24.97 28.84
N ALA I 264 -32.93 25.04 27.81
CA ALA I 264 -32.53 24.71 26.45
C ALA I 264 -32.01 25.97 25.79
N LEU I 265 -30.79 25.92 25.28
CA LEU I 265 -30.12 27.07 24.71
C LEU I 265 -29.76 26.77 23.26
N ALA I 266 -29.83 27.81 22.42
CA ALA I 266 -29.28 27.66 21.08
C ALA I 266 -27.79 27.33 21.15
N THR I 267 -27.35 26.42 20.27
CA THR I 267 -25.96 25.98 20.30
C THR I 267 -24.99 27.09 19.91
N SER I 268 -25.46 28.16 19.30
CA SER I 268 -24.58 29.28 18.96
C SER I 268 -24.28 30.18 20.16
N LYS I 269 -25.00 30.00 21.27
CA LYS I 269 -24.84 30.87 22.42
C LYS I 269 -24.59 30.14 23.74
N VAL I 270 -24.48 28.81 23.71
CA VAL I 270 -24.26 28.08 24.96
C VAL I 270 -22.85 28.32 25.48
N ASP I 271 -21.88 28.52 24.59
CA ASP I 271 -20.50 28.75 25.02
C ASP I 271 -20.34 30.06 25.76
N TYR I 272 -21.27 31.00 25.55
CA TYR I 272 -21.27 32.25 26.31
C TYR I 272 -21.51 32.00 27.79
N LEU I 273 -21.98 30.81 28.17
CA LEU I 273 -22.06 30.47 29.59
C LEU I 273 -20.69 30.35 30.24
N SER I 274 -19.61 30.27 29.46
CA SER I 274 -18.26 30.21 30.00
C SER I 274 -17.63 31.59 30.15
N VAL I 275 -18.39 32.67 29.96
CA VAL I 275 -17.86 34.01 30.14
C VAL I 275 -17.59 34.25 31.63
N THR I 276 -16.37 34.67 31.95
CA THR I 276 -15.88 34.68 33.33
C THR I 276 -15.42 36.07 33.72
N THR I 277 -15.72 36.46 34.95
CA THR I 277 -15.22 37.69 35.54
C THR I 277 -13.73 37.55 35.88
N PRO I 278 -13.01 38.66 36.06
CA PRO I 278 -11.60 38.55 36.43
C PRO I 278 -11.34 37.83 37.74
N TYR I 279 -12.32 37.79 38.66
CA TYR I 279 -12.15 37.04 39.90
C TYR I 279 -12.25 35.53 39.69
N GLY I 280 -12.91 35.08 38.63
CA GLY I 280 -13.06 33.67 38.35
C GLY I 280 -14.46 33.11 38.47
N ILE I 281 -15.49 33.93 38.35
CA ILE I 281 -16.88 33.48 38.41
C ILE I 281 -17.45 33.51 37.00
N SER I 282 -17.82 32.35 36.48
CA SER I 282 -18.47 32.25 35.19
C SER I 282 -19.98 32.13 35.37
N VAL I 283 -20.70 32.25 34.24
CA VAL I 283 -22.14 32.10 34.26
C VAL I 283 -22.53 30.68 34.64
N SER I 284 -21.72 29.71 34.22
CA SER I 284 -21.99 28.31 34.54
C SER I 284 -21.94 28.04 36.04
N ASP I 285 -20.93 28.58 36.73
CA ASP I 285 -20.84 28.39 38.18
C ASP I 285 -22.01 29.05 38.89
N TRP I 286 -22.41 30.25 38.46
CA TRP I 286 -23.53 30.94 39.07
C TRP I 286 -24.82 30.15 38.89
N ILE I 287 -25.04 29.59 37.70
CA ILE I 287 -26.23 28.79 37.46
C ILE I 287 -26.20 27.51 38.29
N GLU I 288 -25.06 26.81 38.32
CA GLU I 288 -25.00 25.52 38.99
C GLU I 288 -24.93 25.64 40.50
N GLN I 289 -24.66 26.82 41.05
CA GLN I 289 -24.69 27.03 42.49
C GLN I 289 -25.97 27.71 42.97
N THR I 290 -26.45 28.74 42.24
CA THR I 290 -27.71 29.37 42.60
C THR I 290 -28.88 28.41 42.42
N TYR I 291 -28.88 27.64 41.34
CA TYR I 291 -29.95 26.69 41.03
C TYR I 291 -29.28 25.34 40.82
N PRO I 292 -29.03 24.60 41.90
CA PRO I 292 -28.32 23.31 41.77
C PRO I 292 -29.07 22.26 40.98
N LYS I 293 -30.39 22.38 40.86
CA LYS I 293 -31.19 21.42 40.10
C LYS I 293 -31.40 21.86 38.66
N MET I 294 -30.82 22.97 38.25
CA MET I 294 -30.95 23.44 36.87
C MET I 294 -30.10 22.58 35.95
N ARG I 295 -30.70 22.12 34.86
CA ARG I 295 -29.99 21.39 33.82
C ARG I 295 -29.85 22.29 32.60
N ILE I 296 -28.72 22.18 31.92
CA ILE I 296 -28.43 22.98 30.74
C ILE I 296 -28.29 22.05 29.54
N VAL I 297 -29.09 22.29 28.51
CA VAL I 297 -29.05 21.51 27.28
C VAL I 297 -28.85 22.48 26.13
N SER I 298 -28.08 22.06 25.12
CA SER I 298 -27.83 22.86 23.93
C SER I 298 -28.44 22.17 22.72
N ALA I 299 -29.05 22.95 21.84
CA ALA I 299 -29.69 22.40 20.65
C ALA I 299 -29.36 23.23 19.41
N PRO I 300 -29.17 22.58 18.25
CA PRO I 300 -29.01 23.34 17.01
C PRO I 300 -30.31 23.86 16.43
N GLU I 301 -31.44 23.25 16.75
CA GLU I 301 -32.72 23.72 16.23
C GLU I 301 -33.14 25.03 16.87
N LEU I 302 -32.59 25.38 18.04
CA LEU I 302 -32.92 26.62 18.70
C LEU I 302 -32.16 27.82 18.13
N SER I 303 -31.20 27.59 17.24
CA SER I 303 -30.51 28.68 16.56
C SER I 303 -31.32 29.07 15.32
N GLY I 304 -31.66 30.34 15.23
CA GLY I 304 -32.46 30.82 14.12
C GLY I 304 -33.86 30.25 14.09
N VAL I 305 -34.55 30.27 15.24
CA VAL I 305 -35.94 29.84 15.28
C VAL I 305 -36.80 30.74 14.41
N GLN I 306 -36.59 32.05 14.50
CA GLN I 306 -37.21 33.00 13.60
C GLN I 306 -36.14 33.96 13.08
N MET I 307 -36.41 34.54 11.93
CA MET I 307 -35.52 35.52 11.30
C MET I 307 -36.18 36.89 11.44
N LYS I 308 -35.56 37.77 12.23
CA LYS I 308 -36.11 39.11 12.42
C LYS I 308 -36.06 39.91 11.12
N ALA I 309 -34.86 40.14 10.59
CA ALA I 309 -34.70 40.75 9.27
C ALA I 309 -33.39 40.22 8.68
N GLN I 310 -33.51 39.12 7.92
CA GLN I 310 -32.37 38.45 7.27
C GLN I 310 -31.27 38.11 8.27
N GLU I 311 -31.65 37.84 9.53
CA GLU I 311 -30.71 37.57 10.61
C GLU I 311 -31.33 36.55 11.55
N PRO I 312 -30.75 35.34 11.63
CA PRO I 312 -31.30 34.32 12.51
C PRO I 312 -31.29 34.74 13.98
N GLU I 313 -32.36 34.41 14.69
CA GLU I 313 -32.52 34.79 16.09
C GLU I 313 -32.48 33.53 16.95
N ASP I 314 -31.57 33.51 17.91
CA ASP I 314 -31.35 32.36 18.76
C ASP I 314 -32.39 32.32 19.89
N ALA I 315 -32.53 31.15 20.50
CA ALA I 315 -33.61 30.91 21.44
C ALA I 315 -33.10 30.40 22.78
N LEU I 316 -33.85 30.74 23.82
CA LEU I 316 -33.60 30.28 25.18
C LEU I 316 -34.93 29.87 25.79
N VAL I 317 -35.06 28.61 26.19
CA VAL I 317 -36.30 28.07 26.75
C VAL I 317 -36.02 27.61 28.17
N LEU I 318 -36.74 28.19 29.13
CA LEU I 318 -36.67 27.80 30.53
C LEU I 318 -37.98 27.15 30.91
N PHE I 319 -37.94 25.90 31.36
CA PHE I 319 -39.19 25.26 31.74
C PHE I 319 -38.99 24.30 32.90
N VAL I 320 -39.98 24.24 33.78
CA VAL I 320 -39.96 23.29 34.89
C VAL I 320 -40.12 21.89 34.33
N GLU I 321 -39.41 20.93 34.93
CA GLU I 321 -39.49 19.55 34.45
C GLU I 321 -40.73 18.85 34.99
N ASP I 322 -40.97 18.95 36.29
CA ASP I 322 -42.11 18.30 36.93
C ASP I 322 -42.72 19.24 37.94
N VAL I 323 -44.05 19.27 37.98
CA VAL I 323 -44.81 20.03 38.97
C VAL I 323 -45.32 19.05 40.01
N ASN I 324 -45.06 19.36 41.28
CA ASN I 324 -45.51 18.49 42.37
C ASN I 324 -47.02 18.44 42.42
N ALA I 325 -47.55 17.26 42.73
CA ALA I 325 -49.00 17.09 42.83
C ALA I 325 -49.60 17.86 44.00
N ALA I 326 -48.78 18.22 45.00
CA ALA I 326 -49.29 18.98 46.13
C ALA I 326 -49.72 20.39 45.72
N VAL I 327 -48.85 21.11 45.01
CA VAL I 327 -49.16 22.48 44.62
C VAL I 327 -50.22 22.51 43.53
N ASP I 328 -50.14 21.60 42.56
CA ASP I 328 -51.09 21.60 41.45
C ASP I 328 -52.44 21.02 41.84
N GLY I 329 -52.45 20.00 42.70
CA GLY I 329 -53.66 19.25 42.95
C GLY I 329 -54.01 18.23 41.90
N SER I 330 -53.12 18.00 40.94
CA SER I 330 -53.38 17.11 39.82
C SER I 330 -53.14 15.66 40.24
N THR I 331 -53.44 14.73 39.32
CA THR I 331 -53.25 13.31 39.56
C THR I 331 -52.60 12.61 38.38
N ASP I 332 -51.89 13.35 37.52
CA ASP I 332 -51.30 12.76 36.32
C ASP I 332 -49.81 12.49 36.45
N GLY I 333 -49.08 13.32 37.19
CA GLY I 333 -47.65 13.13 37.31
C GLY I 333 -46.89 14.43 37.27
N GLY I 334 -47.49 15.46 36.69
CA GLY I 334 -46.88 16.77 36.65
C GLY I 334 -45.87 16.99 35.55
N SER I 335 -45.77 16.08 34.59
CA SER I 335 -44.81 16.22 33.50
C SER I 335 -45.18 17.40 32.63
N VAL I 336 -44.41 18.50 32.72
CA VAL I 336 -44.69 19.68 31.92
C VAL I 336 -44.45 19.40 30.44
N PHE I 337 -43.34 18.75 30.12
CA PHE I 337 -42.98 18.44 28.74
C PHE I 337 -42.69 16.96 28.60
N SER I 338 -43.18 16.36 27.53
CA SER I 338 -42.92 14.95 27.26
C SER I 338 -42.80 14.73 25.77
N GLN I 339 -42.04 13.71 25.38
CA GLN I 339 -41.94 13.28 24.00
C GLN I 339 -42.52 11.88 23.88
N LEU I 340 -43.65 11.75 23.20
CA LEU I 340 -44.35 10.47 23.08
C LEU I 340 -43.84 9.78 21.81
N VAL I 341 -42.95 8.82 21.98
CA VAL I 341 -42.37 8.07 20.87
C VAL I 341 -42.96 6.67 20.90
N GLN I 342 -43.68 6.31 19.84
CA GLN I 342 -44.32 5.00 19.79
C GLN I 342 -43.31 3.90 19.54
N SER I 343 -42.39 4.12 18.59
CA SER I 343 -41.36 3.14 18.27
C SER I 343 -40.25 3.82 17.50
N LYS I 344 -39.01 3.60 17.93
CA LYS I 344 -37.86 4.23 17.28
C LYS I 344 -37.59 3.62 15.92
N PHE I 345 -37.78 2.31 15.76
CA PHE I 345 -37.36 1.64 14.54
C PHE I 345 -38.09 0.30 14.44
N ILE I 346 -38.79 0.08 13.33
CA ILE I 346 -39.44 -1.19 13.03
C ILE I 346 -38.95 -1.64 11.66
N THR I 347 -38.60 -2.91 11.54
CA THR I 347 -38.28 -3.50 10.24
C THR I 347 -39.58 -3.98 9.62
N LEU I 348 -40.12 -3.20 8.68
CA LEU I 348 -41.41 -3.53 8.10
C LEU I 348 -41.32 -4.78 7.24
N GLY I 349 -40.34 -4.86 6.36
CA GLY I 349 -40.24 -6.06 5.55
C GLY I 349 -39.12 -6.02 4.54
N VAL I 350 -38.95 -7.17 3.89
CA VAL I 350 -37.96 -7.38 2.83
C VAL I 350 -38.65 -8.08 1.68
N GLU I 351 -38.38 -7.61 0.46
CA GLU I 351 -38.92 -8.20 -0.76
C GLU I 351 -37.77 -8.56 -1.68
N LYS I 352 -37.71 -9.82 -2.10
CA LYS I 352 -36.63 -10.32 -2.93
C LYS I 352 -37.10 -10.42 -4.37
N ARG I 353 -36.35 -9.79 -5.28
CA ARG I 353 -36.63 -9.84 -6.70
C ARG I 353 -35.48 -10.55 -7.42
N ALA I 354 -35.67 -10.76 -8.72
CA ALA I 354 -34.70 -11.54 -9.50
C ALA I 354 -33.36 -10.83 -9.59
N LYS I 355 -33.37 -9.52 -9.82
CA LYS I 355 -32.16 -8.75 -10.04
C LYS I 355 -31.80 -7.81 -8.90
N SER I 356 -32.71 -7.61 -7.94
CA SER I 356 -32.50 -6.65 -6.87
C SER I 356 -33.31 -7.10 -5.67
N TYR I 357 -33.22 -6.34 -4.59
CA TYR I 357 -34.07 -6.58 -3.44
C TYR I 357 -34.30 -5.28 -2.69
N VAL I 358 -35.44 -5.21 -2.01
CA VAL I 358 -35.93 -4.01 -1.37
C VAL I 358 -36.15 -4.29 0.12
N GLU I 359 -35.82 -3.32 0.96
CA GLU I 359 -36.13 -3.38 2.38
C GLU I 359 -36.86 -2.11 2.78
N ASP I 360 -37.81 -2.25 3.72
CA ASP I 360 -38.57 -1.11 4.21
C ASP I 360 -38.64 -1.16 5.72
N PHE I 361 -38.48 0.02 6.34
CA PHE I 361 -38.49 0.21 7.77
C PHE I 361 -39.35 1.42 8.11
N SER I 362 -39.78 1.51 9.36
CA SER I 362 -40.68 2.58 9.78
C SER I 362 -40.46 2.93 11.24
N ASN I 363 -40.95 4.11 11.61
CA ASN I 363 -40.97 4.58 12.99
C ASN I 363 -42.27 5.32 13.26
N GLY I 364 -42.58 5.49 14.53
CA GLY I 364 -43.76 6.23 14.93
C GLY I 364 -43.47 7.17 16.08
N THR I 365 -44.13 8.33 16.05
CA THR I 365 -43.92 9.35 17.07
C THR I 365 -45.12 10.30 17.06
N ALA I 366 -45.58 10.67 18.26
CA ALA I 366 -46.73 11.55 18.40
C ALA I 366 -46.32 12.98 18.74
N GLY I 367 -45.09 13.37 18.40
CA GLY I 367 -44.64 14.70 18.68
C GLY I 367 -44.39 14.92 20.17
N ALA I 368 -44.43 16.19 20.56
CA ALA I 368 -44.18 16.60 21.93
C ALA I 368 -45.47 17.11 22.55
N LEU I 369 -45.68 16.74 23.82
CA LEU I 369 -46.86 17.14 24.57
C LEU I 369 -46.46 18.06 25.71
N CYS I 370 -47.11 19.22 25.79
CA CYS I 370 -46.92 20.17 26.88
C CYS I 370 -48.21 20.24 27.69
N LYS I 371 -48.12 19.86 28.96
CA LYS I 371 -49.30 19.84 29.82
C LYS I 371 -49.51 21.15 30.57
N ARG I 372 -48.44 21.87 30.87
CA ARG I 372 -48.51 23.12 31.63
C ARG I 372 -47.78 24.20 30.86
N PRO I 373 -48.45 24.86 29.91
CA PRO I 373 -47.81 25.96 29.17
C PRO I 373 -47.40 27.14 30.04
N TRP I 374 -48.03 27.31 31.21
CA TRP I 374 -47.65 28.37 32.13
C TRP I 374 -46.28 28.15 32.76
N ALA I 375 -45.72 26.94 32.66
CA ALA I 375 -44.42 26.63 33.23
C ALA I 375 -43.30 26.70 32.21
N VAL I 376 -43.52 27.38 31.09
CA VAL I 376 -42.52 27.53 30.04
C VAL I 376 -42.35 29.01 29.73
N VAL I 377 -41.11 29.46 29.66
CA VAL I 377 -40.77 30.82 29.26
C VAL I 377 -39.79 30.75 28.10
N ARG I 378 -40.10 31.46 27.01
CA ARG I 378 -39.30 31.43 25.80
C ARG I 378 -38.80 32.83 25.50
N TYR I 379 -37.50 32.95 25.21
CA TYR I 379 -36.88 34.20 24.80
C TYR I 379 -36.24 34.02 23.43
N LEU I 380 -36.39 35.04 22.59
CA LEU I 380 -35.84 35.04 21.24
C LEU I 380 -34.99 36.29 21.07
N GLY I 381 -33.82 36.13 20.47
CA GLY I 381 -32.93 37.23 20.18
C GLY I 381 -31.73 37.34 21.08
N ILE I 382 -31.51 36.38 21.98
CA ILE I 382 -30.35 36.39 22.86
C ILE I 382 -29.04 36.32 22.07
N ASN J 66 83.22 28.67 30.26
CA ASN J 66 82.55 28.12 31.44
C ASN J 66 81.23 27.46 31.06
N PHE J 67 80.52 28.07 30.13
CA PHE J 67 79.21 27.58 29.71
C PHE J 67 79.41 26.58 28.59
N THR J 68 79.50 25.30 28.98
CA THR J 68 79.52 24.22 28.01
C THR J 68 78.20 24.20 27.24
N ALA J 69 78.28 23.88 25.96
CA ALA J 69 77.08 23.84 25.12
C ALA J 69 76.10 22.81 25.64
N PRO J 70 74.83 23.16 25.82
CA PRO J 70 73.86 22.20 26.36
C PRO J 70 73.56 21.09 25.37
N VAL J 71 73.50 19.86 25.89
CA VAL J 71 73.16 18.71 25.06
C VAL J 71 71.72 18.83 24.57
N THR J 72 70.81 19.21 25.44
CA THR J 72 69.43 19.46 25.07
C THR J 72 69.26 20.91 24.66
N THR J 73 68.05 21.26 24.25
CA THR J 73 67.73 22.66 23.96
C THR J 73 66.94 23.25 25.11
N PRO J 74 67.34 24.42 25.61
CA PRO J 74 66.56 25.08 26.68
C PRO J 74 65.10 25.27 26.31
N SER J 75 64.22 24.77 27.18
CA SER J 75 62.79 24.83 26.94
C SER J 75 62.05 24.71 28.25
N ILE J 76 60.76 25.05 28.22
CA ILE J 76 59.90 24.84 29.38
C ILE J 76 59.70 23.35 29.60
N PRO J 77 59.99 22.82 30.79
CA PRO J 77 60.03 21.36 30.97
C PRO J 77 58.70 20.63 30.81
N THR J 78 57.67 21.06 31.53
CA THR J 78 56.44 20.29 31.60
C THR J 78 55.57 20.54 30.37
N PRO J 79 55.20 19.51 29.61
CA PRO J 79 54.18 19.69 28.58
C PRO J 79 52.82 19.96 29.20
N ILE J 80 52.00 20.74 28.48
CA ILE J 80 50.71 21.16 29.01
C ILE J 80 49.74 19.99 29.09
N GLN J 81 49.94 18.93 28.30
CA GLN J 81 49.03 17.79 28.32
C GLN J 81 49.05 17.04 29.65
N PHE J 82 50.08 17.23 30.47
CA PHE J 82 50.12 16.65 31.80
C PHE J 82 49.54 17.57 32.86
N LEU J 83 49.21 18.81 32.50
CA LEU J 83 48.63 19.79 33.43
C LEU J 83 47.19 20.12 33.07
N GLN J 84 46.49 19.18 32.45
CA GLN J 84 45.13 19.39 31.98
C GLN J 84 44.16 18.53 32.77
N THR J 85 43.00 19.09 33.09
CA THR J 85 41.90 18.36 33.70
C THR J 85 40.81 18.21 32.65
N TRP J 86 40.45 16.97 32.33
CA TRP J 86 39.50 16.67 31.28
C TRP J 86 38.13 16.38 31.90
N LEU J 87 37.19 17.29 31.68
CA LEU J 87 35.83 17.08 32.13
C LEU J 87 35.20 15.94 31.34
N PRO J 88 34.28 15.19 31.94
CA PRO J 88 33.83 13.95 31.31
C PRO J 88 32.82 14.16 30.19
N GLY J 89 32.84 13.24 29.24
CA GLY J 89 31.87 13.21 28.17
C GLY J 89 32.07 14.31 27.14
N PHE J 90 31.06 14.42 26.27
CA PHE J 90 31.03 15.43 25.23
C PHE J 90 29.71 16.19 25.33
N VAL J 91 29.61 17.25 24.53
CA VAL J 91 28.38 18.04 24.41
C VAL J 91 27.92 17.97 22.97
N LYS J 92 26.68 17.56 22.76
CA LYS J 92 26.07 17.61 21.45
C LYS J 92 25.47 18.99 21.20
N VAL J 93 25.55 19.46 19.97
CA VAL J 93 24.79 20.63 19.58
C VAL J 93 23.36 20.21 19.29
N MET J 94 22.42 20.90 19.91
CA MET J 94 21.01 20.53 19.87
C MET J 94 20.31 21.21 18.71
N THR J 95 19.22 20.58 18.25
CA THR J 95 18.39 21.13 17.19
C THR J 95 16.98 21.31 17.71
N ALA J 96 16.14 21.91 16.87
CA ALA J 96 14.76 22.20 17.25
C ALA J 96 14.00 20.90 17.49
N ALA J 97 13.09 20.94 18.46
CA ALA J 97 12.28 19.77 18.76
C ALA J 97 11.36 19.44 17.59
N ARG J 98 11.31 18.16 17.23
CA ARG J 98 10.44 17.68 16.17
C ARG J 98 9.16 17.18 16.83
N LYS J 99 8.12 18.00 16.77
CA LYS J 99 6.88 17.75 17.51
C LYS J 99 5.68 17.65 16.58
N ILE J 100 5.84 16.94 15.47
CA ILE J 100 4.68 16.64 14.63
C ILE J 100 3.97 15.38 15.11
N ASP J 101 4.69 14.48 15.78
CA ASP J 101 4.07 13.28 16.32
C ASP J 101 3.26 13.58 17.57
N GLU J 102 3.61 14.64 18.29
CA GLU J 102 2.87 15.01 19.49
C GLU J 102 1.54 15.68 19.16
N ILE J 103 1.44 16.32 17.99
CA ILE J 103 0.25 17.06 17.63
C ILE J 103 -0.78 16.15 16.95
N ILE J 104 -0.40 15.54 15.83
CA ILE J 104 -1.34 14.78 15.01
C ILE J 104 -1.07 13.29 15.06
N GLY J 105 -0.03 12.85 15.75
CA GLY J 105 0.23 11.43 15.91
C GLY J 105 0.96 10.82 14.73
N ILE J 106 1.23 9.52 14.86
CA ILE J 106 1.88 8.72 13.84
C ILE J 106 0.85 7.72 13.31
N ASP J 107 0.80 7.58 11.99
CA ASP J 107 -0.13 6.63 11.38
C ASP J 107 0.62 5.96 10.23
N THR J 108 0.85 4.65 10.35
CA THR J 108 1.58 3.88 9.35
C THR J 108 0.55 3.27 8.40
N VAL J 109 0.62 3.66 7.12
CA VAL J 109 -0.40 3.25 6.15
C VAL J 109 0.21 2.56 4.94
N GLY J 110 1.47 2.88 4.61
CA GLY J 110 2.06 2.48 3.37
C GLY J 110 3.10 1.38 3.53
N SER J 111 3.96 1.28 2.54
CA SER J 111 5.03 0.28 2.54
C SER J 111 6.33 0.85 2.01
N TRP J 112 6.50 2.17 2.08
CA TRP J 112 7.63 2.96 1.56
C TRP J 112 7.68 2.95 0.03
N GLU J 113 6.85 2.15 -0.62
CA GLU J 113 7.01 1.84 -2.03
C GLU J 113 5.94 2.51 -2.87
N ASP J 114 4.69 2.47 -2.40
CA ASP J 114 3.56 3.06 -3.11
C ASP J 114 3.79 4.53 -3.38
N GLN J 115 3.18 5.04 -4.44
CA GLN J 115 3.41 6.41 -4.83
C GLN J 115 2.34 7.36 -4.30
N GLU J 116 1.16 6.84 -3.95
CA GLU J 116 0.06 7.69 -3.50
C GLU J 116 -0.74 7.00 -2.41
N ILE J 117 -1.45 7.81 -1.64
CA ILE J 117 -2.37 7.39 -0.59
C ILE J 117 -3.72 7.99 -0.88
N VAL J 118 -4.76 7.15 -0.88
CA VAL J 118 -6.10 7.56 -1.26
C VAL J 118 -7.03 7.37 -0.07
N GLN J 119 -7.87 8.37 0.19
CA GLN J 119 -8.89 8.33 1.23
C GLN J 119 -10.24 8.60 0.61
N GLY J 120 -11.24 7.83 1.03
CA GLY J 120 -12.59 7.91 0.47
C GLY J 120 -13.55 8.53 1.47
N ILE J 121 -14.47 9.34 0.95
CA ILE J 121 -15.54 9.94 1.73
C ILE J 121 -16.87 9.59 1.08
N VAL J 122 -17.79 9.04 1.87
CA VAL J 122 -19.09 8.61 1.38
C VAL J 122 -20.15 9.54 1.95
N GLU J 123 -21.08 9.96 1.10
CA GLU J 123 -22.19 10.81 1.50
C GLU J 123 -23.48 10.04 1.28
N PRO J 124 -24.22 9.72 2.34
CA PRO J 124 -25.54 9.11 2.17
C PRO J 124 -26.61 10.17 1.92
N ALA J 125 -27.74 9.70 1.38
CA ALA J 125 -28.85 10.60 1.08
C ALA J 125 -30.15 9.81 1.17
N GLY J 126 -31.11 10.35 1.92
CA GLY J 126 -32.41 9.73 2.06
C GLY J 126 -33.37 10.55 2.88
N THR J 127 -34.59 10.73 2.38
CA THR J 127 -35.63 11.51 3.07
C THR J 127 -36.84 10.61 3.29
N ALA J 128 -37.29 10.56 4.54
CA ALA J 128 -38.43 9.71 4.88
C ALA J 128 -39.74 10.39 4.50
N VAL J 129 -40.77 9.57 4.31
CA VAL J 129 -42.12 10.02 4.02
C VAL J 129 -43.06 9.35 5.02
N GLU J 130 -44.29 9.85 5.08
CA GLU J 130 -45.29 9.28 5.97
C GLU J 130 -45.67 7.87 5.53
N TYR J 131 -45.87 7.00 6.50
CA TYR J 131 -46.12 5.59 6.21
C TYR J 131 -47.53 5.35 5.69
N GLY J 132 -47.64 4.45 4.73
CA GLY J 132 -48.91 3.91 4.30
C GLY J 132 -48.68 2.60 3.56
N ASP J 133 -49.51 1.59 3.81
CA ASP J 133 -49.48 0.40 2.99
C ASP J 133 -50.13 0.72 1.64
N HIS J 134 -49.60 0.08 0.59
CA HIS J 134 -49.88 0.28 -0.84
C HIS J 134 -49.25 1.56 -1.36
N THR J 135 -48.59 2.34 -0.51
CA THR J 135 -47.93 3.59 -0.90
C THR J 135 -46.51 3.27 -1.37
N ASN J 136 -46.04 4.05 -2.36
CA ASN J 136 -44.72 3.84 -2.94
C ASN J 136 -43.63 3.93 -1.88
N ILE J 137 -42.69 3.00 -1.93
CA ILE J 137 -41.59 2.92 -0.98
C ILE J 137 -40.56 3.98 -1.32
N PRO J 138 -40.26 4.91 -0.41
CA PRO J 138 -39.16 5.84 -0.64
C PRO J 138 -37.81 5.15 -0.46
N LEU J 139 -36.85 5.52 -1.29
CA LEU J 139 -35.57 4.85 -1.30
C LEU J 139 -34.47 5.80 -0.87
N THR J 140 -33.29 5.24 -0.62
CA THR J 140 -32.11 5.99 -0.22
C THR J 140 -30.94 5.57 -1.10
N SER J 141 -29.88 6.37 -1.07
CA SER J 141 -28.72 6.12 -1.91
C SER J 141 -27.50 6.76 -1.25
N TRP J 142 -26.40 6.79 -2.00
CA TRP J 142 -25.14 7.32 -1.50
C TRP J 142 -24.26 7.70 -2.68
N ASN J 143 -23.17 8.39 -2.39
CA ASN J 143 -22.20 8.78 -3.41
C ASN J 143 -20.84 8.78 -2.72
N ALA J 144 -19.77 8.68 -3.52
CA ALA J 144 -18.42 8.60 -2.97
C ALA J 144 -17.48 9.52 -3.71
N ASN J 145 -16.54 10.10 -2.95
CA ASN J 145 -15.49 10.95 -3.48
C ASN J 145 -14.16 10.49 -2.92
N PHE J 146 -13.07 10.82 -3.61
CA PHE J 146 -11.75 10.34 -3.22
C PHE J 146 -10.73 11.47 -3.25
N GLU J 147 -9.75 11.38 -2.36
CA GLU J 147 -8.67 12.36 -2.25
C GLU J 147 -7.34 11.62 -2.18
N ARG J 148 -6.35 12.12 -2.93
CA ARG J 148 -5.07 11.43 -3.05
C ARG J 148 -3.93 12.36 -2.65
N ARG J 149 -2.88 11.76 -2.08
CA ARG J 149 -1.66 12.47 -1.70
C ARG J 149 -0.46 11.65 -2.16
N THR J 150 0.65 12.33 -2.42
CA THR J 150 1.84 11.63 -2.90
C THR J 150 2.77 11.28 -1.74
N ILE J 151 3.72 10.40 -2.03
CA ILE J 151 4.62 9.84 -1.02
C ILE J 151 6.05 10.24 -1.37
N VAL J 152 6.76 10.79 -0.39
CA VAL J 152 8.11 11.28 -0.57
C VAL J 152 9.06 10.39 0.23
N ARG J 153 10.11 9.90 -0.43
CA ARG J 153 11.14 9.10 0.20
C ARG J 153 12.43 9.91 0.31
N GLY J 154 13.00 9.95 1.50
CA GLY J 154 14.28 10.57 1.74
C GLY J 154 15.30 9.51 2.13
N GLU J 155 16.57 9.78 1.82
CA GLU J 155 17.64 8.85 2.11
C GLU J 155 18.81 9.56 2.78
N LEU J 156 19.55 8.83 3.60
CA LEU J 156 20.73 9.37 4.27
C LEU J 156 21.69 8.23 4.56
N GLY J 157 22.98 8.50 4.42
CA GLY J 157 23.97 7.46 4.62
C GLY J 157 25.18 7.89 5.42
N MET J 158 26.19 7.01 5.46
CA MET J 158 27.38 7.22 6.26
C MET J 158 28.52 6.31 5.83
N MET J 159 29.69 6.90 5.56
CA MET J 159 30.88 6.16 5.17
C MET J 159 31.89 6.20 6.31
N VAL J 160 32.41 5.03 6.69
CA VAL J 160 33.34 4.92 7.80
C VAL J 160 34.58 4.16 7.33
N GLY J 161 35.76 4.76 7.55
CA GLY J 161 37.02 4.10 7.30
C GLY J 161 37.55 3.39 8.53
N THR J 162 38.69 2.71 8.34
CA THR J 162 39.28 1.91 9.42
C THR J 162 40.06 2.79 10.39
N LEU J 163 41.06 3.51 9.88
CA LEU J 163 41.87 4.37 10.73
C LEU J 163 41.05 5.52 11.31
N GLU J 164 39.98 5.93 10.61
CA GLU J 164 39.08 6.93 11.16
C GLU J 164 38.44 6.45 12.46
N GLU J 165 37.92 5.21 12.47
CA GLU J 165 37.40 4.63 13.70
C GLU J 165 38.50 4.44 14.73
N GLY J 166 39.67 3.98 14.31
CA GLY J 166 40.75 3.75 15.25
C GLY J 166 41.18 5.01 15.98
N ARG J 167 41.24 6.13 15.28
CA ARG J 167 41.63 7.39 15.91
C ARG J 167 40.46 8.11 16.56
N ALA J 168 39.23 7.83 16.13
CA ALA J 168 38.07 8.38 16.85
C ALA J 168 37.91 7.71 18.21
N SER J 169 38.25 6.43 18.32
CA SER J 169 38.17 5.74 19.60
C SER J 169 39.18 6.26 20.61
N ALA J 170 40.21 7.00 20.15
CA ALA J 170 41.20 7.53 21.07
C ALA J 170 40.61 8.61 21.97
N ILE J 171 39.68 9.40 21.46
CA ILE J 171 39.08 10.49 22.22
C ILE J 171 37.77 10.02 22.85
N ARG J 172 37.60 8.69 22.93
CA ARG J 172 36.43 8.06 23.54
C ARG J 172 35.14 8.47 22.82
N LEU J 173 35.18 8.47 21.50
CA LEU J 173 34.02 8.77 20.67
C LEU J 173 33.87 7.67 19.62
N ASN J 174 32.65 7.15 19.49
CA ASN J 174 32.36 6.12 18.50
C ASN J 174 31.90 6.80 17.22
N SER J 175 32.71 6.68 16.16
CA SER J 175 32.40 7.36 14.91
C SER J 175 31.15 6.78 14.26
N ALA J 176 31.10 5.45 14.10
CA ALA J 176 30.00 4.82 13.38
C ALA J 176 28.68 5.03 14.09
N GLU J 177 28.66 4.92 15.42
CA GLU J 177 27.45 5.14 16.18
C GLU J 177 26.94 6.57 16.02
N THR J 178 27.84 7.55 16.10
CA THR J 178 27.43 8.95 15.95
C THR J 178 26.90 9.22 14.55
N LYS J 179 27.55 8.67 13.52
CA LYS J 179 27.10 8.91 12.15
C LYS J 179 25.77 8.21 11.88
N ARG J 180 25.56 7.01 12.43
CA ARG J 180 24.27 6.34 12.28
C ARG J 180 23.16 7.10 12.98
N GLN J 181 23.43 7.60 14.20
CA GLN J 181 22.46 8.41 14.91
C GLN J 181 22.15 9.69 14.14
N GLN J 182 23.17 10.31 13.54
CA GLN J 182 22.95 11.53 12.77
C GLN J 182 22.14 11.24 11.51
N ALA J 183 22.35 10.07 10.90
CA ALA J 183 21.53 9.68 9.74
C ALA J 183 20.07 9.55 10.15
N ALA J 184 19.81 8.88 11.28
CA ALA J 184 18.45 8.74 11.76
C ALA J 184 17.83 10.10 12.09
N ILE J 185 18.60 10.99 12.72
CA ILE J 185 18.09 12.30 13.09
C ILE J 185 17.82 13.15 11.85
N GLY J 186 18.67 13.04 10.83
CA GLY J 186 18.43 13.78 9.59
C GLY J 186 17.17 13.31 8.88
N LEU J 187 16.96 11.99 8.84
CA LEU J 187 15.72 11.49 8.27
C LEU J 187 14.51 11.90 9.10
N GLU J 188 14.67 11.99 10.42
CA GLU J 188 13.58 12.47 11.27
C GLU J 188 13.28 13.94 10.99
N ILE J 189 14.31 14.75 10.78
CA ILE J 189 14.11 16.16 10.44
C ILE J 189 13.39 16.30 9.11
N PHE J 190 13.78 15.49 8.12
CA PHE J 190 13.07 15.43 6.85
C PHE J 190 11.59 15.10 7.03
N ARG J 191 11.31 14.04 7.81
CA ARG J 191 9.93 13.61 8.00
C ARG J 191 9.11 14.67 8.73
N ASN J 192 9.68 15.29 9.76
CA ASN J 192 8.96 16.31 10.51
C ASN J 192 8.71 17.55 9.67
N ALA J 193 9.69 17.98 8.90
CA ALA J 193 9.50 19.15 8.03
C ALA J 193 8.46 18.88 6.96
N ILE J 194 8.44 17.66 6.41
CA ILE J 194 7.39 17.31 5.46
C ILE J 194 6.02 17.31 6.14
N GLY J 195 5.96 16.74 7.34
CA GLY J 195 4.69 16.71 8.06
C GLY J 195 4.16 18.08 8.41
N PHE J 196 5.05 19.06 8.61
CA PHE J 196 4.60 20.40 8.96
C PHE J 196 4.39 21.31 7.75
N TYR J 197 5.13 21.11 6.66
CA TYR J 197 5.06 22.01 5.52
C TYR J 197 4.87 21.33 4.18
N GLY J 198 4.67 20.02 4.14
CA GLY J 198 4.55 19.36 2.85
C GLY J 198 5.92 19.23 2.17
N TRP J 199 5.86 18.94 0.87
CA TRP J 199 7.08 18.81 0.08
C TRP J 199 6.74 19.18 -1.36
N GLN J 200 7.17 20.38 -1.77
CA GLN J 200 6.92 20.92 -3.11
C GLN J 200 5.42 20.96 -3.42
N SER J 201 4.64 21.39 -2.45
CA SER J 201 3.20 21.54 -2.65
C SER J 201 2.89 22.59 -3.71
N GLY J 202 3.76 23.58 -3.88
CA GLY J 202 3.56 24.61 -4.87
C GLY J 202 4.00 24.27 -6.28
N LEU J 203 4.78 23.21 -6.45
CA LEU J 203 5.26 22.81 -7.76
C LEU J 203 4.39 21.74 -8.41
N GLY J 204 3.29 21.35 -7.79
CA GLY J 204 2.39 20.35 -8.32
C GLY J 204 2.36 19.06 -7.53
N ASN J 205 3.36 18.82 -6.69
CA ASN J 205 3.33 17.65 -5.83
C ASN J 205 2.23 17.81 -4.77
N ARG J 206 1.49 16.73 -4.53
CA ARG J 206 0.36 16.75 -3.62
C ARG J 206 0.74 16.34 -2.20
N THR J 207 1.98 16.54 -1.78
CA THR J 207 2.38 16.30 -0.40
C THR J 207 2.16 17.59 0.38
N TYR J 208 1.24 17.56 1.33
CA TYR J 208 0.88 18.73 2.11
C TYR J 208 1.18 18.49 3.58
N GLY J 209 1.18 19.56 4.36
CA GLY J 209 1.52 19.46 5.76
C GLY J 209 0.41 19.90 6.70
N PHE J 210 0.75 20.04 7.98
CA PHE J 210 -0.20 20.46 8.99
C PHE J 210 -0.66 21.91 8.79
N LEU J 211 0.11 22.72 8.07
CA LEU J 211 -0.22 24.11 7.83
C LEU J 211 -0.54 24.41 6.38
N ASN J 212 -0.61 23.40 5.52
CA ASN J 212 -0.70 23.62 4.09
C ASN J 212 -1.84 22.86 3.42
N ASP J 213 -2.68 22.15 4.17
CA ASP J 213 -3.70 21.31 3.56
C ASP J 213 -4.74 22.17 2.84
N PRO J 214 -5.01 21.91 1.56
CA PRO J 214 -6.00 22.73 0.83
C PRO J 214 -7.40 22.66 1.41
N ASN J 215 -7.80 21.53 1.99
CA ASN J 215 -9.14 21.41 2.55
C ASN J 215 -9.30 22.14 3.87
N LEU J 216 -8.21 22.60 4.48
CA LEU J 216 -8.31 23.26 5.77
C LEU J 216 -8.98 24.62 5.61
N PRO J 217 -9.72 25.06 6.64
CA PRO J 217 -10.28 26.41 6.60
C PRO J 217 -9.17 27.46 6.65
N ALA J 218 -9.46 28.62 6.05
CA ALA J 218 -8.47 29.68 5.99
C ALA J 218 -8.18 30.23 7.39
N PHE J 219 -6.94 30.68 7.57
CA PHE J 219 -6.56 31.33 8.82
C PHE J 219 -7.38 32.58 9.05
N GLN J 220 -7.82 32.77 10.28
CA GLN J 220 -8.66 33.91 10.65
C GLN J 220 -7.92 34.80 11.63
N THR J 221 -8.20 36.10 11.52
CA THR J 221 -7.71 37.05 12.51
C THR J 221 -8.47 36.84 13.80
N PRO J 222 -7.80 36.68 14.93
CA PRO J 222 -8.50 36.43 16.21
C PRO J 222 -9.24 37.66 16.68
N PRO J 223 -10.23 37.49 17.58
CA PRO J 223 -10.93 38.67 18.13
C PRO J 223 -10.00 39.67 18.79
N SER J 224 -8.96 39.19 19.48
CA SER J 224 -7.89 40.05 19.94
C SER J 224 -6.80 40.09 18.88
N GLN J 225 -6.26 41.29 18.64
CA GLN J 225 -5.28 41.46 17.58
C GLN J 225 -4.01 40.67 17.87
N GLY J 226 -3.59 40.59 19.12
CA GLY J 226 -2.43 39.79 19.47
C GLY J 226 -2.36 39.54 20.96
N TRP J 227 -1.81 38.38 21.32
CA TRP J 227 -1.69 38.00 22.72
C TRP J 227 -0.57 38.73 23.45
N SER J 228 0.33 39.39 22.72
CA SER J 228 1.39 40.15 23.36
C SER J 228 0.83 41.33 24.15
N THR J 229 -0.19 42.00 23.60
CA THR J 229 -0.80 43.14 24.26
C THR J 229 -2.11 42.82 24.95
N ALA J 230 -2.79 41.74 24.55
CA ALA J 230 -4.08 41.41 25.15
C ALA J 230 -3.92 40.95 26.58
N ASP J 231 -4.89 41.28 27.42
CA ASP J 231 -4.92 40.84 28.80
C ASP J 231 -5.60 39.48 28.90
N TRP J 232 -5.72 38.98 30.14
CA TRP J 232 -6.29 37.66 30.40
C TRP J 232 -7.66 37.48 29.76
N ALA J 233 -8.51 38.50 29.86
CA ALA J 233 -9.81 38.46 29.21
C ALA J 233 -9.68 38.29 27.71
N GLY J 234 -8.70 38.96 27.10
CA GLY J 234 -8.51 38.84 25.66
C GLY J 234 -8.13 37.44 25.21
N ILE J 235 -7.18 36.81 25.91
CA ILE J 235 -6.74 35.47 25.54
C ILE J 235 -7.87 34.47 25.75
N ILE J 236 -8.57 34.56 26.90
CA ILE J 236 -9.65 33.60 27.11
C ILE J 236 -10.80 33.86 26.15
N GLY J 237 -11.00 35.11 25.73
CA GLY J 237 -12.01 35.39 24.72
C GLY J 237 -11.66 34.81 23.37
N ASP J 238 -10.38 34.88 22.99
CA ASP J 238 -9.94 34.24 21.75
C ASP J 238 -10.15 32.73 21.80
N ILE J 239 -9.79 32.10 22.93
CA ILE J 239 -9.97 30.66 23.07
C ILE J 239 -11.46 30.30 23.02
N ARG J 240 -12.30 31.07 23.72
CA ARG J 240 -13.73 30.81 23.72
C ARG J 240 -14.35 31.01 22.35
N GLU J 241 -13.87 32.00 21.59
CA GLU J 241 -14.40 32.21 20.25
C GLU J 241 -13.99 31.08 19.32
N ALA J 242 -12.77 30.57 19.48
CA ALA J 242 -12.36 29.40 18.69
C ALA J 242 -13.23 28.20 19.02
N VAL J 243 -13.53 27.99 20.31
CA VAL J 243 -14.41 26.88 20.70
C VAL J 243 -15.82 27.11 20.17
N ARG J 244 -16.27 28.37 20.14
CA ARG J 244 -17.57 28.70 19.57
C ARG J 244 -17.63 28.34 18.09
N GLN J 245 -16.59 28.70 17.34
CA GLN J 245 -16.53 28.34 15.93
C GLN J 245 -16.52 26.84 15.74
N LEU J 246 -15.78 26.13 16.60
CA LEU J 246 -15.74 24.67 16.52
C LEU J 246 -17.11 24.05 16.77
N ARG J 247 -17.86 24.61 17.72
CA ARG J 247 -19.21 24.10 18.01
C ARG J 247 -20.17 24.40 16.87
N ILE J 248 -20.07 25.59 16.27
CA ILE J 248 -20.97 25.96 15.18
C ILE J 248 -20.69 25.11 13.95
N GLN J 249 -19.40 24.89 13.64
CA GLN J 249 -19.03 24.15 12.44
C GLN J 249 -19.52 22.71 12.51
N SER J 250 -19.48 22.10 13.70
CA SER J 250 -19.91 20.73 13.87
C SER J 250 -21.42 20.58 13.97
N GLN J 251 -22.16 21.69 13.99
CA GLN J 251 -23.61 21.70 14.13
C GLN J 251 -24.04 21.00 15.41
N ASP J 252 -23.30 21.28 16.50
CA ASP J 252 -23.59 20.80 17.85
C ASP J 252 -23.45 19.28 17.95
N GLN J 253 -22.64 18.68 17.09
CA GLN J 253 -22.41 17.24 17.17
C GLN J 253 -21.23 16.89 18.07
N ILE J 254 -20.27 17.80 18.20
CA ILE J 254 -19.11 17.61 19.05
C ILE J 254 -19.25 18.54 20.24
N ASP J 255 -19.30 17.97 21.44
CA ASP J 255 -19.42 18.77 22.65
C ASP J 255 -18.02 18.97 23.23
N PRO J 256 -17.49 20.19 23.23
CA PRO J 256 -16.12 20.40 23.70
C PRO J 256 -15.91 20.14 25.17
N LYS J 257 -16.98 20.09 25.96
CA LYS J 257 -16.84 19.80 27.38
C LYS J 257 -16.29 18.40 27.63
N ALA J 258 -16.77 17.42 26.87
CA ALA J 258 -16.42 16.02 27.07
C ALA J 258 -15.79 15.39 25.84
N GLU J 259 -15.01 16.17 25.09
CA GLU J 259 -14.31 15.66 23.91
C GLU J 259 -12.83 15.99 24.03
N LYS J 260 -11.98 15.04 23.63
CA LYS J 260 -10.54 15.26 23.61
C LYS J 260 -10.21 16.23 22.48
N ILE J 261 -9.72 17.42 22.83
CA ILE J 261 -9.52 18.50 21.88
C ILE J 261 -8.10 19.03 22.07
N THR J 262 -7.35 19.14 20.97
CA THR J 262 -5.98 19.60 21.00
C THR J 262 -5.90 21.07 20.61
N LEU J 263 -5.14 21.82 21.41
CA LEU J 263 -4.77 23.22 21.16
C LEU J 263 -3.29 23.24 20.80
N ALA J 264 -2.99 23.33 19.50
CA ALA J 264 -1.62 23.41 19.03
C ALA J 264 -1.23 24.88 18.90
N LEU J 265 -0.17 25.27 19.59
CA LEU J 265 0.24 26.66 19.68
C LEU J 265 1.65 26.84 19.12
N ALA J 266 1.93 28.06 18.67
CA ALA J 266 3.31 28.45 18.47
C ALA J 266 4.08 28.40 19.79
N THR J 267 5.34 27.99 19.73
CA THR J 267 6.17 27.93 20.93
C THR J 267 6.45 29.30 21.52
N SER J 268 6.28 30.36 20.75
CA SER J 268 6.52 31.71 21.22
C SER J 268 5.31 32.34 21.88
N LYS J 269 4.18 31.63 21.97
CA LYS J 269 2.99 32.16 22.64
C LYS J 269 2.39 31.21 23.66
N VAL J 270 3.00 30.06 23.93
CA VAL J 270 2.43 29.15 24.91
C VAL J 270 2.59 29.70 26.33
N ASP J 271 3.65 30.49 26.58
CA ASP J 271 3.83 31.04 27.91
C ASP J 271 2.79 32.10 28.22
N TYR J 272 2.13 32.64 27.20
CA TYR J 272 1.01 33.55 27.39
C TYR J 272 -0.21 32.87 27.99
N LEU J 273 -0.22 31.53 28.10
CA LEU J 273 -1.24 30.89 28.90
C LEU J 273 -1.04 31.12 30.40
N SER J 274 0.08 31.70 30.81
CA SER J 274 0.32 32.05 32.21
C SER J 274 -0.10 33.48 32.55
N VAL J 275 -0.78 34.18 31.64
CA VAL J 275 -1.23 35.53 31.93
C VAL J 275 -2.29 35.49 33.02
N THR J 276 -2.08 36.28 34.07
CA THR J 276 -2.92 36.25 35.25
C THR J 276 -3.66 37.56 35.43
N THR J 277 -4.71 37.50 36.21
CA THR J 277 -5.43 38.66 36.71
C THR J 277 -4.82 39.06 38.05
N PRO J 278 -5.19 40.23 38.60
CA PRO J 278 -4.74 40.56 39.96
C PRO J 278 -5.24 39.59 41.03
N TYR J 279 -6.24 38.77 40.73
CA TYR J 279 -6.77 37.79 41.68
C TYR J 279 -6.14 36.41 41.52
N GLY J 280 -5.18 36.26 40.62
CA GLY J 280 -4.46 35.00 40.49
C GLY J 280 -5.07 33.98 39.55
N ILE J 281 -5.99 34.39 38.68
CA ILE J 281 -6.64 33.47 37.76
C ILE J 281 -5.86 33.54 36.44
N SER J 282 -5.10 32.49 36.16
CA SER J 282 -4.38 32.42 34.89
C SER J 282 -5.30 31.92 33.79
N VAL J 283 -4.81 31.97 32.56
CA VAL J 283 -5.51 31.34 31.44
C VAL J 283 -5.50 29.83 31.60
N SER J 284 -4.45 29.29 32.23
CA SER J 284 -4.33 27.84 32.41
C SER J 284 -5.45 27.29 33.30
N ASP J 285 -5.77 27.99 34.38
CA ASP J 285 -6.87 27.57 35.24
C ASP J 285 -8.20 27.56 34.48
N TRP J 286 -8.45 28.62 33.72
CA TRP J 286 -9.70 28.70 32.96
C TRP J 286 -9.77 27.60 31.91
N ILE J 287 -8.66 27.32 31.22
CA ILE J 287 -8.66 26.28 30.19
C ILE J 287 -8.87 24.91 30.82
N GLU J 288 -8.12 24.59 31.87
CA GLU J 288 -8.17 23.25 32.43
C GLU J 288 -9.37 23.02 33.33
N GLN J 289 -10.10 24.06 33.70
CA GLN J 289 -11.36 23.89 34.42
C GLN J 289 -12.57 23.93 33.50
N THR J 290 -12.56 24.80 32.48
CA THR J 290 -13.64 24.82 31.52
C THR J 290 -13.55 23.63 30.55
N TYR J 291 -12.35 23.28 30.12
CA TYR J 291 -12.14 22.22 29.14
C TYR J 291 -11.14 21.23 29.73
N PRO J 292 -11.59 20.35 30.63
CA PRO J 292 -10.67 19.41 31.27
C PRO J 292 -10.01 18.43 30.31
N LYS J 293 -10.68 18.08 29.21
CA LYS J 293 -10.10 17.15 28.24
C LYS J 293 -9.18 17.82 27.25
N MET J 294 -9.08 19.15 27.28
CA MET J 294 -8.24 19.86 26.33
C MET J 294 -6.76 19.59 26.60
N ARG J 295 -6.02 19.29 25.54
CA ARG J 295 -4.59 19.03 25.62
C ARG J 295 -3.86 20.12 24.85
N ILE J 296 -2.94 20.80 25.51
CA ILE J 296 -2.19 21.91 24.92
C ILE J 296 -0.83 21.39 24.48
N VAL J 297 -0.50 21.58 23.21
CA VAL J 297 0.80 21.22 22.66
C VAL J 297 1.38 22.48 22.03
N SER J 298 2.71 22.60 22.08
CA SER J 298 3.41 23.73 21.49
C SER J 298 4.46 23.22 20.52
N ALA J 299 4.58 23.90 19.38
CA ALA J 299 5.54 23.49 18.35
C ALA J 299 6.30 24.70 17.83
N PRO J 300 7.62 24.57 17.63
CA PRO J 300 8.37 25.69 17.05
C PRO J 300 7.99 26.03 15.62
N GLU J 301 7.55 25.04 14.84
CA GLU J 301 7.16 25.29 13.46
C GLU J 301 5.90 26.14 13.36
N LEU J 302 5.09 26.19 14.42
CA LEU J 302 3.87 26.98 14.42
C LEU J 302 4.13 28.46 14.66
N SER J 303 5.37 28.85 14.93
CA SER J 303 5.73 30.25 15.09
C SER J 303 6.26 30.81 13.77
N GLY J 304 5.79 32.00 13.43
CA GLY J 304 6.17 32.63 12.17
C GLY J 304 5.72 31.85 10.95
N VAL J 305 4.45 31.40 10.96
CA VAL J 305 3.94 30.60 9.85
C VAL J 305 3.83 31.44 8.59
N GLN J 306 3.40 32.69 8.71
CA GLN J 306 3.20 33.54 7.55
C GLN J 306 3.73 34.93 7.85
N MET J 307 3.73 35.78 6.84
CA MET J 307 4.22 37.15 6.92
C MET J 307 3.05 38.10 6.70
N LYS J 308 2.94 39.13 7.55
CA LYS J 308 2.06 40.26 7.23
C LYS J 308 2.86 41.44 6.71
N ALA J 309 3.79 41.98 7.52
CA ALA J 309 4.73 42.97 7.03
C ALA J 309 5.96 42.92 7.93
N GLN J 310 6.98 42.15 7.50
CA GLN J 310 8.27 42.02 8.19
C GLN J 310 8.10 41.70 9.68
N GLU J 311 7.09 40.89 9.99
CA GLU J 311 6.74 40.59 11.38
C GLU J 311 6.11 39.21 11.37
N PRO J 312 6.80 38.20 11.92
CA PRO J 312 6.26 36.84 11.91
C PRO J 312 4.93 36.74 12.65
N GLU J 313 4.01 35.97 12.07
CA GLU J 313 2.70 35.74 12.65
C GLU J 313 2.66 34.33 13.21
N ASP J 314 2.28 34.21 14.47
CA ASP J 314 2.19 32.91 15.12
C ASP J 314 0.83 32.28 14.88
N ALA J 315 0.75 30.97 15.14
CA ALA J 315 -0.39 30.17 14.72
C ALA J 315 -0.96 29.37 15.89
N LEU J 316 -2.29 29.29 15.91
CA LEU J 316 -3.05 28.52 16.87
C LEU J 316 -4.03 27.63 16.10
N VAL J 317 -4.05 26.34 16.43
CA VAL J 317 -4.92 25.38 15.76
C VAL J 317 -5.72 24.63 16.82
N LEU J 318 -7.03 24.73 16.75
CA LEU J 318 -7.93 23.96 17.58
C LEU J 318 -8.48 22.80 16.76
N PHE J 319 -8.33 21.57 17.26
CA PHE J 319 -8.90 20.47 16.49
C PHE J 319 -9.22 19.30 17.40
N VAL J 320 -10.29 18.59 17.06
CA VAL J 320 -10.70 17.40 17.80
C VAL J 320 -9.75 16.26 17.47
N GLU J 321 -9.29 15.55 18.50
CA GLU J 321 -8.39 14.43 18.28
C GLU J 321 -9.09 13.30 17.53
N ASP J 322 -10.26 12.89 17.99
CA ASP J 322 -10.99 11.76 17.44
C ASP J 322 -12.47 12.04 17.58
N VAL J 323 -13.25 11.53 16.63
CA VAL J 323 -14.70 11.62 16.69
C VAL J 323 -15.24 10.20 16.80
N ASN J 324 -16.24 10.02 17.66
CA ASN J 324 -16.82 8.70 17.86
C ASN J 324 -17.52 8.22 16.60
N ALA J 325 -17.49 6.90 16.39
CA ALA J 325 -18.16 6.32 15.23
C ALA J 325 -19.67 6.52 15.30
N ALA J 326 -20.22 6.73 16.50
CA ALA J 326 -21.66 6.92 16.64
C ALA J 326 -22.10 8.25 16.03
N VAL J 327 -21.31 9.31 16.20
CA VAL J 327 -21.75 10.65 15.82
C VAL J 327 -21.74 10.81 14.30
N ASP J 328 -20.85 10.10 13.61
CA ASP J 328 -20.74 10.25 12.15
C ASP J 328 -21.13 9.01 11.37
N GLY J 329 -21.07 7.82 11.96
CA GLY J 329 -21.29 6.60 11.23
C GLY J 329 -20.10 6.11 10.44
N SER J 330 -18.94 6.73 10.59
CA SER J 330 -17.77 6.39 9.79
C SER J 330 -17.17 5.07 10.25
N THR J 331 -16.71 4.29 9.27
CA THR J 331 -16.00 3.03 9.53
C THR J 331 -14.49 3.18 9.35
N ASP J 332 -13.98 4.39 9.56
CA ASP J 332 -12.60 4.76 9.26
C ASP J 332 -11.73 4.83 10.51
N GLY J 333 -12.21 5.46 11.57
CA GLY J 333 -11.40 5.65 12.77
C GLY J 333 -11.66 7.00 13.40
N GLY J 334 -12.20 7.93 12.61
CA GLY J 334 -12.61 9.21 13.14
C GLY J 334 -11.50 10.22 13.36
N SER J 335 -10.29 9.92 12.92
CA SER J 335 -9.16 10.83 13.13
C SER J 335 -9.31 12.05 12.23
N VAL J 336 -9.36 13.24 12.85
CA VAL J 336 -9.46 14.47 12.06
C VAL J 336 -8.18 14.71 11.27
N PHE J 337 -7.04 14.58 11.93
CA PHE J 337 -5.73 14.75 11.31
C PHE J 337 -4.97 13.44 11.37
N SER J 338 -4.19 13.17 10.34
CA SER J 338 -3.41 11.94 10.28
C SER J 338 -2.09 12.21 9.57
N GLN J 339 -0.98 11.89 10.22
CA GLN J 339 0.33 11.91 9.59
C GLN J 339 0.58 10.55 8.97
N LEU J 340 0.49 10.47 7.65
CA LEU J 340 0.63 9.20 6.93
C LEU J 340 2.12 8.96 6.71
N VAL J 341 2.73 8.20 7.61
CA VAL J 341 4.16 7.91 7.58
C VAL J 341 4.34 6.46 7.18
N GLN J 342 5.02 6.24 6.05
CA GLN J 342 5.23 4.88 5.58
C GLN J 342 6.16 4.11 6.50
N SER J 343 7.24 4.75 6.92
CA SER J 343 8.24 4.18 7.81
C SER J 343 9.17 5.27 8.28
N LYS J 344 9.53 5.25 9.56
CA LYS J 344 10.46 6.23 10.08
C LYS J 344 11.92 5.89 9.77
N PHE J 345 12.20 4.63 9.44
CA PHE J 345 13.58 4.18 9.26
C PHE J 345 13.64 2.84 8.56
N ILE J 346 14.37 2.75 7.45
CA ILE J 346 14.65 1.50 6.78
C ILE J 346 16.14 1.43 6.50
N THR J 347 16.77 0.32 6.86
CA THR J 347 18.14 0.06 6.44
C THR J 347 18.09 -0.34 4.97
N LEU J 348 18.34 0.62 4.08
CA LEU J 348 18.38 0.33 2.65
C LEU J 348 19.46 -0.70 2.34
N GLY J 349 20.64 -0.55 2.93
CA GLY J 349 21.64 -1.58 2.78
C GLY J 349 22.99 -1.13 3.28
N VAL J 350 23.96 -2.06 3.16
CA VAL J 350 25.31 -1.84 3.62
C VAL J 350 26.26 -2.33 2.52
N GLU J 351 27.43 -1.71 2.46
CA GLU J 351 28.47 -2.06 1.49
C GLU J 351 29.78 -2.16 2.26
N LYS J 352 30.22 -3.38 2.55
CA LYS J 352 31.54 -3.64 3.11
C LYS J 352 32.56 -3.58 1.99
N ARG J 353 33.50 -2.64 2.08
CA ARG J 353 34.64 -2.61 1.19
C ARG J 353 35.89 -2.88 2.05
N ALA J 354 37.07 -2.84 1.41
CA ALA J 354 38.30 -3.30 2.04
C ALA J 354 38.65 -2.50 3.29
N LYS J 355 38.87 -1.20 3.15
CA LYS J 355 39.25 -0.35 4.27
C LYS J 355 38.18 0.67 4.64
N SER J 356 36.95 0.46 4.20
CA SER J 356 35.84 1.33 4.56
C SER J 356 34.54 0.57 4.33
N TYR J 357 33.47 1.11 4.89
CA TYR J 357 32.15 0.58 4.60
C TYR J 357 31.12 1.71 4.61
N VAL J 358 30.07 1.51 3.81
CA VAL J 358 29.02 2.49 3.62
C VAL J 358 27.71 1.92 4.13
N GLU J 359 26.97 2.70 4.90
CA GLU J 359 25.63 2.32 5.32
C GLU J 359 24.65 3.33 4.76
N ASP J 360 23.52 2.85 4.24
CA ASP J 360 22.53 3.72 3.63
C ASP J 360 21.15 3.36 4.16
N PHE J 361 20.43 4.38 4.65
CA PHE J 361 19.10 4.26 5.23
C PHE J 361 18.13 5.18 4.50
N SER J 362 16.84 4.95 4.71
CA SER J 362 15.81 5.76 4.08
C SER J 362 14.55 5.77 4.93
N ASN J 363 13.66 6.70 4.60
CA ASN J 363 12.35 6.79 5.20
C ASN J 363 11.36 7.35 4.18
N GLY J 364 10.08 7.15 4.46
CA GLY J 364 9.04 7.62 3.57
C GLY J 364 7.91 8.25 4.36
N THR J 365 7.29 9.26 3.75
CA THR J 365 6.21 9.99 4.40
C THR J 365 5.36 10.66 3.33
N ALA J 366 4.05 10.69 3.56
CA ALA J 366 3.12 11.32 2.63
C ALA J 366 2.57 12.64 3.16
N GLY J 367 3.15 13.17 4.24
CA GLY J 367 2.67 14.42 4.79
C GLY J 367 1.51 14.20 5.76
N ALA J 368 0.66 15.21 5.86
CA ALA J 368 -0.48 15.20 6.77
C ALA J 368 -1.78 15.36 5.98
N LEU J 369 -2.81 14.65 6.43
CA LEU J 369 -4.12 14.66 5.80
C LEU J 369 -5.17 15.03 6.83
N CYS J 370 -6.02 15.99 6.49
CA CYS J 370 -7.14 16.41 7.33
C CYS J 370 -8.42 15.86 6.70
N LYS J 371 -8.97 14.82 7.32
CA LYS J 371 -10.16 14.16 6.80
C LYS J 371 -11.46 14.81 7.22
N ARG J 372 -11.43 15.68 8.23
CA ARG J 372 -12.61 16.37 8.74
C ARG J 372 -12.29 17.85 8.89
N PRO J 373 -12.38 18.62 7.81
CA PRO J 373 -12.13 20.07 7.91
C PRO J 373 -13.08 20.80 8.84
N TRP J 374 -14.28 20.27 9.06
CA TRP J 374 -15.26 20.93 9.92
C TRP J 374 -14.83 20.95 11.38
N ALA J 375 -13.89 20.10 11.78
CA ALA J 375 -13.47 20.02 13.17
C ALA J 375 -12.13 20.72 13.42
N VAL J 376 -11.77 21.68 12.58
CA VAL J 376 -10.51 22.42 12.72
C VAL J 376 -10.83 23.90 12.68
N VAL J 377 -10.26 24.65 13.63
CA VAL J 377 -10.30 26.11 13.65
C VAL J 377 -8.86 26.61 13.68
N ARG J 378 -8.55 27.59 12.85
CA ARG J 378 -7.20 28.10 12.76
C ARG J 378 -7.18 29.61 12.98
N TYR J 379 -6.21 30.08 13.73
CA TYR J 379 -5.99 31.49 14.00
C TYR J 379 -4.54 31.83 13.68
N LEU J 380 -4.34 32.94 12.98
CA LEU J 380 -3.01 33.39 12.59
C LEU J 380 -2.79 34.81 13.07
N GLY J 381 -1.65 35.04 13.71
CA GLY J 381 -1.28 36.39 14.11
C GLY J 381 -1.69 36.75 15.51
N ILE J 382 -1.55 35.84 16.46
CA ILE J 382 -1.73 36.16 17.86
C ILE J 382 -0.48 36.85 18.40
N ASN K 66 49.83 90.26 99.84
CA ASN K 66 50.50 89.96 98.57
C ASN K 66 50.38 88.49 98.23
N PHE K 67 50.71 88.15 96.98
CA PHE K 67 50.64 86.78 96.48
C PHE K 67 52.04 86.20 96.36
N THR K 68 52.11 84.93 95.96
CA THR K 68 53.37 84.22 95.80
C THR K 68 53.39 83.56 94.43
N ALA K 69 54.54 82.97 94.11
CA ALA K 69 54.71 82.27 92.84
C ALA K 69 54.35 80.81 93.01
N PRO K 70 53.39 80.28 92.24
CA PRO K 70 53.07 78.84 92.34
C PRO K 70 54.26 77.99 91.94
N VAL K 71 54.51 76.94 92.73
CA VAL K 71 55.62 76.03 92.45
C VAL K 71 55.37 75.27 91.16
N THR K 72 54.15 74.76 90.98
CA THR K 72 53.76 74.09 89.74
C THR K 72 53.03 75.08 88.84
N THR K 73 52.47 74.58 87.74
CA THR K 73 51.73 75.43 86.81
C THR K 73 50.23 75.19 86.95
N PRO K 74 49.41 76.22 86.77
CA PRO K 74 47.96 76.01 86.75
C PRO K 74 47.55 75.13 85.56
N SER K 75 46.59 74.25 85.82
CA SER K 75 46.15 73.28 84.82
C SER K 75 44.86 72.64 85.29
N ILE K 76 44.09 72.12 84.35
CA ILE K 76 42.96 71.27 84.71
C ILE K 76 43.49 69.98 85.32
N PRO K 77 43.08 69.62 86.54
CA PRO K 77 43.81 68.58 87.27
C PRO K 77 43.43 67.16 86.91
N THR K 78 42.73 66.97 85.79
CA THR K 78 42.33 65.61 85.44
C THR K 78 42.57 65.32 83.96
N PRO K 79 43.53 64.47 83.63
CA PRO K 79 43.64 63.96 82.26
C PRO K 79 42.37 63.21 81.86
N ILE K 80 42.01 63.34 80.58
CA ILE K 80 40.75 62.78 80.10
C ILE K 80 40.78 61.27 80.02
N GLN K 81 41.97 60.65 80.04
CA GLN K 81 42.06 59.19 79.93
C GLN K 81 41.47 58.49 81.14
N PHE K 82 41.48 59.15 82.30
CA PHE K 82 40.84 58.57 83.48
C PHE K 82 39.33 58.70 83.41
N LEU K 83 38.85 59.80 82.85
CA LEU K 83 37.41 60.02 82.67
C LEU K 83 36.97 59.54 81.29
N GLN K 84 37.11 58.23 81.08
CA GLN K 84 36.75 57.64 79.80
C GLN K 84 36.18 56.25 80.04
N THR K 85 35.36 55.81 79.10
CA THR K 85 34.79 54.47 79.11
C THR K 85 34.98 53.84 77.74
N TRP K 86 35.33 52.56 77.72
CA TRP K 86 35.61 51.84 76.48
C TRP K 86 34.72 50.62 76.39
N LEU K 87 34.44 50.22 75.15
CA LEU K 87 33.61 49.06 74.88
C LEU K 87 34.45 47.93 74.31
N PRO K 88 34.12 46.67 74.67
CA PRO K 88 34.92 45.54 74.18
C PRO K 88 34.85 45.40 72.67
N GLY K 89 35.98 45.00 72.08
CA GLY K 89 36.04 44.73 70.66
C GLY K 89 36.09 45.99 69.81
N PHE K 90 36.20 45.76 68.51
CA PHE K 90 36.21 46.83 67.51
C PHE K 90 35.03 46.63 66.57
N VAL K 91 34.87 47.57 65.65
CA VAL K 91 33.86 47.47 64.60
C VAL K 91 34.56 47.30 63.27
N LYS K 92 34.72 46.05 62.82
CA LYS K 92 35.47 45.78 61.60
C LYS K 92 34.72 46.29 60.39
N VAL K 93 35.44 46.94 59.48
CA VAL K 93 34.85 47.45 58.25
C VAL K 93 34.50 46.29 57.33
N MET K 94 33.33 46.37 56.70
CA MET K 94 32.84 45.31 55.82
C MET K 94 32.81 45.79 54.37
N THR K 95 32.83 44.83 53.46
CA THR K 95 32.81 45.08 52.02
C THR K 95 31.52 44.49 51.45
N ALA K 96 31.47 44.40 50.12
CA ALA K 96 30.32 43.80 49.45
C ALA K 96 30.29 42.30 49.68
N ALA K 97 29.09 41.73 49.61
CA ALA K 97 28.93 40.30 49.80
C ALA K 97 29.43 39.54 48.58
N ARG K 98 30.11 38.43 48.84
CA ARG K 98 30.63 37.55 47.78
C ARG K 98 29.65 36.40 47.60
N LYS K 99 28.90 36.43 46.50
CA LYS K 99 27.85 35.44 46.23
C LYS K 99 27.96 34.87 44.82
N ILE K 100 29.16 34.44 44.44
CA ILE K 100 29.31 33.66 43.22
C ILE K 100 28.95 32.19 43.49
N ASP K 101 29.08 31.76 44.74
CA ASP K 101 28.79 30.38 45.11
C ASP K 101 27.29 30.10 45.13
N GLU K 102 26.48 31.11 45.46
CA GLU K 102 25.05 30.95 45.57
C GLU K 102 24.35 30.99 44.21
N ILE K 103 25.04 31.39 43.15
CA ILE K 103 24.45 31.49 41.82
C ILE K 103 24.79 30.28 40.97
N ILE K 104 26.07 29.95 40.84
CA ILE K 104 26.51 28.88 39.95
C ILE K 104 27.16 27.73 40.69
N GLY K 105 27.20 27.77 42.01
CA GLY K 105 27.74 26.66 42.77
C GLY K 105 29.26 26.66 42.86
N ILE K 106 29.78 25.56 43.40
CA ILE K 106 31.21 25.35 43.59
C ILE K 106 31.57 23.99 43.04
N ASP K 107 32.63 23.94 42.22
CA ASP K 107 33.14 22.69 41.69
C ASP K 107 34.66 22.67 41.81
N THR K 108 35.18 21.53 42.26
CA THR K 108 36.62 21.34 42.42
C THR K 108 37.06 20.29 41.42
N VAL K 109 37.86 20.70 40.43
CA VAL K 109 38.26 19.81 39.36
C VAL K 109 39.77 19.74 39.22
N GLY K 110 40.47 20.79 39.64
CA GLY K 110 41.90 20.89 39.44
C GLY K 110 42.69 20.49 40.68
N SER K 111 43.98 20.87 40.67
CA SER K 111 44.87 20.53 41.77
C SER K 111 45.83 21.68 42.11
N TRP K 112 45.51 22.90 41.69
CA TRP K 112 46.24 24.14 41.98
C TRP K 112 47.58 24.22 41.25
N GLU K 113 48.00 23.13 40.62
CA GLU K 113 49.18 23.16 39.77
C GLU K 113 48.86 22.87 38.31
N ASP K 114 47.67 22.36 38.02
CA ASP K 114 47.25 22.16 36.64
C ASP K 114 47.12 23.51 35.94
N GLN K 115 47.22 23.46 34.62
CA GLN K 115 47.19 24.69 33.82
C GLN K 115 45.82 24.99 33.24
N GLU K 116 45.08 23.96 32.82
CA GLU K 116 43.85 24.18 32.08
C GLU K 116 42.84 23.09 32.40
N ILE K 117 41.57 23.43 32.19
CA ILE K 117 40.45 22.48 32.31
C ILE K 117 39.76 22.43 30.95
N VAL K 118 39.57 21.21 30.44
CA VAL K 118 39.18 21.00 29.05
C VAL K 118 37.85 20.24 29.01
N GLN K 119 36.93 20.73 28.18
CA GLN K 119 35.63 20.13 27.95
C GLN K 119 35.41 19.94 26.46
N GLY K 120 34.91 18.76 26.07
CA GLY K 120 34.74 18.43 24.66
C GLY K 120 33.32 18.69 24.17
N ILE K 121 33.23 19.19 22.94
CA ILE K 121 31.94 19.39 22.27
C ILE K 121 32.02 18.75 20.89
N VAL K 122 30.94 18.10 20.47
CA VAL K 122 30.88 17.45 19.17
C VAL K 122 29.66 17.95 18.42
N GLU K 123 29.87 18.33 17.16
CA GLU K 123 28.83 18.83 16.27
C GLU K 123 28.58 17.81 15.18
N PRO K 124 27.44 17.12 15.18
CA PRO K 124 27.12 16.24 14.05
C PRO K 124 26.76 17.06 12.82
N ALA K 125 26.73 16.38 11.67
CA ALA K 125 26.41 17.06 10.42
C ALA K 125 25.83 16.05 9.45
N GLY K 126 24.91 16.54 8.61
CA GLY K 126 24.29 15.71 7.60
C GLY K 126 22.83 16.06 7.37
N THR K 127 22.46 16.25 6.11
CA THR K 127 21.09 16.51 5.72
C THR K 127 20.63 15.42 4.78
N ALA K 128 19.34 15.09 4.84
CA ALA K 128 18.80 14.05 3.98
C ALA K 128 18.78 14.51 2.52
N VAL K 129 18.53 13.54 1.62
CA VAL K 129 18.34 13.81 0.20
C VAL K 129 17.20 12.91 -0.26
N GLU K 130 16.48 13.36 -1.29
CA GLU K 130 15.43 12.54 -1.90
C GLU K 130 16.03 11.25 -2.44
N TYR K 131 15.24 10.16 -2.35
CA TYR K 131 15.73 8.85 -2.74
C TYR K 131 15.76 8.68 -4.25
N GLY K 132 16.80 8.00 -4.74
CA GLY K 132 16.88 7.56 -6.11
C GLY K 132 17.69 6.27 -6.17
N ASP K 133 17.28 5.33 -7.04
CA ASP K 133 17.92 4.02 -7.05
C ASP K 133 19.39 4.12 -7.45
N HIS K 134 19.71 4.94 -8.45
CA HIS K 134 21.08 5.05 -8.94
C HIS K 134 21.75 6.35 -8.51
N THR K 135 21.13 7.10 -7.60
CA THR K 135 21.68 8.38 -7.18
C THR K 135 22.77 8.17 -6.15
N ASN K 136 23.58 9.21 -5.96
CA ASN K 136 24.68 9.17 -5.01
C ASN K 136 24.16 9.11 -3.59
N ILE K 137 24.86 8.36 -2.74
CA ILE K 137 24.48 8.23 -1.34
C ILE K 137 25.00 9.44 -0.57
N PRO K 138 24.13 10.26 0.01
CA PRO K 138 24.60 11.34 0.89
C PRO K 138 25.19 10.76 2.16
N LEU K 139 26.09 11.52 2.78
CA LEU K 139 26.82 11.02 3.93
C LEU K 139 26.72 12.01 5.09
N THR K 140 26.72 11.45 6.30
CA THR K 140 26.79 12.21 7.54
C THR K 140 28.22 12.22 8.06
N SER K 141 28.49 13.11 9.01
CA SER K 141 29.82 13.25 9.59
C SER K 141 29.71 13.97 10.92
N TRP K 142 30.84 14.36 11.50
CA TRP K 142 30.87 15.06 12.77
C TRP K 142 32.18 15.82 12.91
N ASN K 143 32.19 16.77 13.84
CA ASN K 143 33.38 17.56 14.14
C ASN K 143 33.50 17.69 15.66
N ALA K 144 34.72 17.87 16.15
CA ALA K 144 34.94 17.93 17.59
C ALA K 144 35.84 19.11 17.94
N ASN K 145 35.45 19.85 18.96
CA ASN K 145 36.22 20.97 19.47
C ASN K 145 36.44 20.78 20.96
N PHE K 146 37.50 21.41 21.47
CA PHE K 146 37.86 21.30 22.87
C PHE K 146 37.96 22.69 23.48
N GLU K 147 37.51 22.80 24.72
CA GLU K 147 37.28 24.06 25.42
C GLU K 147 38.21 24.12 26.61
N ARG K 148 39.05 25.14 26.68
CA ARG K 148 40.04 25.25 27.75
C ARG K 148 39.82 26.49 28.59
N ARG K 149 39.84 26.29 29.92
CA ARG K 149 39.77 27.39 30.88
C ARG K 149 41.01 27.35 31.73
N THR K 150 41.72 28.48 31.80
CA THR K 150 43.01 28.53 32.48
C THR K 150 42.81 28.72 33.97
N ILE K 151 43.68 28.08 34.75
CA ILE K 151 43.65 28.17 36.21
C ILE K 151 44.51 29.34 36.65
N VAL K 152 43.92 30.22 37.47
CA VAL K 152 44.59 31.40 37.98
C VAL K 152 44.88 31.18 39.45
N ARG K 153 46.14 31.37 39.85
CA ARG K 153 46.56 31.24 41.24
C ARG K 153 46.82 32.63 41.80
N GLY K 154 46.11 32.97 42.87
CA GLY K 154 46.36 34.22 43.57
C GLY K 154 47.05 33.96 44.89
N GLU K 155 47.80 34.95 45.39
CA GLU K 155 48.51 34.80 46.66
C GLU K 155 48.41 36.07 47.48
N LEU K 156 48.44 35.90 48.80
CA LEU K 156 48.43 37.03 49.71
C LEU K 156 49.20 36.64 50.98
N GLY K 157 49.92 37.61 51.55
CA GLY K 157 50.80 37.35 52.67
C GLY K 157 50.68 38.38 53.76
N MET K 158 51.55 38.24 54.75
CA MET K 158 51.59 39.08 55.93
C MET K 158 53.02 39.12 56.46
N MET K 159 53.42 40.26 57.03
CA MET K 159 54.64 40.38 57.81
C MET K 159 54.32 41.06 59.13
N VAL K 160 54.72 40.44 60.24
CA VAL K 160 54.41 40.93 61.57
C VAL K 160 55.70 41.09 62.35
N GLY K 161 55.86 42.24 63.01
CA GLY K 161 57.04 42.52 63.79
C GLY K 161 56.78 42.41 65.29
N THR K 162 57.88 42.33 66.05
CA THR K 162 57.77 42.14 67.50
C THR K 162 57.18 43.37 68.19
N LEU K 163 57.72 44.55 67.91
CA LEU K 163 57.21 45.77 68.52
C LEU K 163 55.79 46.07 68.05
N GLU K 164 55.51 45.79 66.78
CA GLU K 164 54.16 45.96 66.26
C GLU K 164 53.18 45.05 66.99
N GLU K 165 53.57 43.79 67.21
CA GLU K 165 52.71 42.86 67.96
C GLU K 165 52.49 43.33 69.39
N GLY K 166 53.55 43.79 70.06
CA GLY K 166 53.40 44.26 71.42
C GLY K 166 52.49 45.47 71.53
N ARG K 167 52.67 46.43 70.64
CA ARG K 167 51.86 47.65 70.69
C ARG K 167 50.41 47.37 70.28
N ALA K 168 50.20 46.43 69.35
CA ALA K 168 48.84 46.04 69.02
C ALA K 168 48.17 45.32 70.18
N SER K 169 48.91 44.46 70.87
CA SER K 169 48.36 43.78 72.04
C SER K 169 48.10 44.74 73.18
N ALA K 170 48.81 45.88 73.20
CA ALA K 170 48.57 46.89 74.22
C ALA K 170 47.17 47.49 74.16
N ILE K 171 46.51 47.43 73.00
CA ILE K 171 45.13 47.91 72.89
C ILE K 171 44.20 46.71 72.70
N ARG K 172 44.64 45.54 73.19
CA ARG K 172 43.86 44.30 73.15
C ARG K 172 43.46 43.93 71.71
N LEU K 173 44.40 44.07 70.78
CA LEU K 173 44.18 43.72 69.39
C LEU K 173 45.27 42.74 68.96
N ASN K 174 44.87 41.67 68.30
CA ASN K 174 45.83 40.69 67.77
C ASN K 174 46.15 41.09 66.33
N SER K 175 47.34 41.65 66.13
CA SER K 175 47.72 42.09 64.78
C SER K 175 47.84 40.91 63.83
N ALA K 176 48.45 39.82 64.29
CA ALA K 176 48.63 38.66 63.43
C ALA K 176 47.32 38.04 63.00
N GLU K 177 46.37 37.90 63.94
CA GLU K 177 45.09 37.28 63.60
C GLU K 177 44.31 38.14 62.61
N THR K 178 44.33 39.47 62.82
CA THR K 178 43.65 40.37 61.89
C THR K 178 44.28 40.32 60.51
N LYS K 179 45.61 40.30 60.44
CA LYS K 179 46.28 40.25 59.14
C LYS K 179 46.03 38.92 58.43
N ARG K 180 46.01 37.81 59.17
CA ARG K 180 45.73 36.52 58.57
C ARG K 180 44.29 36.44 58.05
N GLN K 181 43.33 36.94 58.84
CA GLN K 181 41.95 37.00 58.39
C GLN K 181 41.82 37.87 57.15
N GLN K 182 42.53 39.00 57.12
CA GLN K 182 42.48 39.89 55.96
C GLN K 182 43.08 39.21 54.74
N ALA K 183 44.15 38.43 54.92
CA ALA K 183 44.72 37.70 53.80
C ALA K 183 43.73 36.69 53.23
N ALA K 184 43.05 35.95 54.11
CA ALA K 184 42.03 35.00 53.64
C ALA K 184 40.88 35.71 52.93
N ILE K 185 40.43 36.83 53.48
CA ILE K 185 39.32 37.57 52.88
C ILE K 185 39.74 38.18 51.55
N GLY K 186 40.99 38.63 51.43
CA GLY K 186 41.47 39.14 50.15
C GLY K 186 41.54 38.07 49.09
N LEU K 187 41.99 36.87 49.47
CA LEU K 187 41.98 35.75 48.54
C LEU K 187 40.56 35.39 48.12
N GLU K 188 39.62 35.44 49.07
CA GLU K 188 38.21 35.17 48.74
C GLU K 188 37.65 36.22 47.80
N ILE K 189 38.02 37.50 48.02
CA ILE K 189 37.59 38.57 47.13
C ILE K 189 38.14 38.37 45.73
N PHE K 190 39.42 37.95 45.64
CA PHE K 190 40.02 37.65 44.34
C PHE K 190 39.29 36.53 43.64
N ARG K 191 38.97 35.46 44.38
CA ARG K 191 38.23 34.33 43.79
C ARG K 191 36.85 34.76 43.31
N ASN K 192 36.14 35.56 44.11
CA ASN K 192 34.81 36.02 43.74
C ASN K 192 34.87 36.93 42.50
N ALA K 193 35.86 37.82 42.44
CA ALA K 193 36.00 38.70 41.28
C ALA K 193 36.33 37.91 40.03
N ILE K 194 37.19 36.89 40.15
CA ILE K 194 37.50 36.05 38.99
C ILE K 194 36.26 35.28 38.55
N GLY K 195 35.49 34.76 39.50
CA GLY K 195 34.27 34.05 39.15
C GLY K 195 33.22 34.94 38.50
N PHE K 196 33.16 36.21 38.89
CA PHE K 196 32.12 37.10 38.39
C PHE K 196 32.52 37.83 37.11
N TYR K 197 33.81 38.07 36.88
CA TYR K 197 34.25 38.88 35.75
C TYR K 197 35.34 38.23 34.92
N GLY K 198 35.79 37.04 35.25
CA GLY K 198 36.93 36.46 34.56
C GLY K 198 38.23 37.11 35.01
N TRP K 199 39.30 36.73 34.32
CA TRP K 199 40.62 37.28 34.61
C TRP K 199 41.38 37.46 33.30
N GLN K 200 41.57 38.72 32.89
CA GLN K 200 42.35 39.09 31.73
C GLN K 200 41.86 38.41 30.45
N SER K 201 40.53 38.34 30.30
CA SER K 201 39.97 37.79 29.07
C SER K 201 40.28 38.69 27.87
N GLY K 202 40.44 40.00 28.10
CA GLY K 202 40.82 40.88 27.02
C GLY K 202 42.23 40.62 26.51
N LEU K 203 43.15 40.29 27.41
CA LEU K 203 44.53 39.99 27.02
C LEU K 203 44.66 38.67 26.28
N GLY K 204 43.62 37.83 26.28
CA GLY K 204 43.67 36.54 25.63
C GLY K 204 43.62 35.37 26.58
N ASN K 205 43.64 35.61 27.90
CA ASN K 205 43.51 34.52 28.86
C ASN K 205 42.11 33.93 28.78
N ARG K 206 42.02 32.62 28.93
CA ARG K 206 40.76 31.90 28.78
C ARG K 206 40.07 31.64 30.12
N THR K 207 40.23 32.55 31.07
CA THR K 207 39.49 32.51 32.33
C THR K 207 38.33 33.49 32.21
N TYR K 208 37.11 32.96 32.09
CA TYR K 208 35.94 33.78 31.90
C TYR K 208 35.14 33.84 33.20
N GLY K 209 34.04 34.61 33.17
CA GLY K 209 33.26 34.85 34.36
C GLY K 209 31.78 34.72 34.08
N PHE K 210 30.99 34.89 35.15
CA PHE K 210 29.54 34.80 35.04
C PHE K 210 28.96 35.93 34.21
N LEU K 211 29.65 37.08 34.16
CA LEU K 211 29.15 38.24 33.43
C LEU K 211 30.02 38.66 32.26
N ASN K 212 31.18 38.03 32.05
CA ASN K 212 32.12 38.47 31.03
C ASN K 212 32.50 37.35 30.07
N ASP K 213 31.67 36.32 29.96
CA ASP K 213 31.97 35.21 29.05
C ASP K 213 31.64 35.64 27.62
N PRO K 214 32.60 35.56 26.69
CA PRO K 214 32.30 35.93 25.30
C PRO K 214 31.31 35.00 24.61
N ASN K 215 31.16 33.76 25.09
CA ASN K 215 30.16 32.87 24.52
C ASN K 215 28.75 33.26 24.94
N LEU K 216 28.60 34.01 26.02
CA LEU K 216 27.28 34.38 26.51
C LEU K 216 26.61 35.35 25.54
N PRO K 217 25.28 35.31 25.43
CA PRO K 217 24.60 36.22 24.51
C PRO K 217 24.57 37.64 25.05
N ALA K 218 24.40 38.57 24.11
CA ALA K 218 24.31 39.98 24.48
C ALA K 218 23.03 40.26 25.26
N PHE K 219 23.07 41.29 26.09
CA PHE K 219 21.92 41.67 26.90
C PHE K 219 20.79 42.19 26.02
N GLN K 220 19.57 42.09 26.54
CA GLN K 220 18.38 42.50 25.83
C GLN K 220 17.58 43.49 26.66
N THR K 221 16.88 44.37 25.97
CA THR K 221 16.00 45.34 26.62
C THR K 221 14.70 44.65 27.03
N PRO K 222 14.27 44.81 28.28
CA PRO K 222 13.03 44.16 28.73
C PRO K 222 11.81 44.82 28.13
N PRO K 223 10.63 44.16 28.18
CA PRO K 223 9.40 44.82 27.74
C PRO K 223 9.08 46.06 28.56
N SER K 224 9.00 45.91 29.87
CA SER K 224 8.92 47.07 30.74
C SER K 224 10.28 47.77 30.77
N GLN K 225 10.27 49.08 30.52
CA GLN K 225 11.52 49.83 30.44
C GLN K 225 12.26 49.83 31.77
N GLY K 226 11.54 49.94 32.87
CA GLY K 226 12.15 49.91 34.19
C GLY K 226 11.19 49.49 35.28
N TRP K 227 11.69 48.72 36.25
CA TRP K 227 10.86 48.23 37.34
C TRP K 227 10.55 49.31 38.36
N SER K 228 11.24 50.45 38.33
CA SER K 228 10.98 51.52 39.29
C SER K 228 9.58 52.09 39.12
N THR K 229 9.13 52.26 37.87
CA THR K 229 7.81 52.78 37.59
C THR K 229 6.81 51.68 37.21
N ALA K 230 7.27 50.45 37.01
CA ALA K 230 6.39 49.38 36.60
C ALA K 230 5.50 48.92 37.77
N ASP K 231 4.36 48.35 37.42
CA ASP K 231 3.42 47.79 38.38
C ASP K 231 3.63 46.28 38.46
N TRP K 232 2.69 45.59 39.10
CA TRP K 232 2.80 44.14 39.24
C TRP K 232 2.78 43.45 37.88
N ALA K 233 1.88 43.89 36.99
CA ALA K 233 1.75 43.27 35.68
C ALA K 233 3.00 43.45 34.84
N GLY K 234 3.65 44.62 34.95
CA GLY K 234 4.86 44.85 34.18
C GLY K 234 6.00 43.92 34.59
N ILE K 235 6.21 43.77 35.90
CA ILE K 235 7.27 42.89 36.39
C ILE K 235 6.97 41.44 36.05
N ILE K 236 5.71 41.03 36.19
CA ILE K 236 5.31 39.68 35.83
C ILE K 236 5.51 39.45 34.34
N GLY K 237 5.21 40.45 33.52
CA GLY K 237 5.45 40.34 32.09
C GLY K 237 6.94 40.25 31.75
N ASP K 238 7.78 40.96 32.51
CA ASP K 238 9.22 40.87 32.29
C ASP K 238 9.73 39.47 32.60
N ILE K 239 9.30 38.89 33.73
CA ILE K 239 9.71 37.53 34.07
C ILE K 239 9.16 36.54 33.04
N ARG K 240 7.91 36.74 32.61
CA ARG K 240 7.31 35.86 31.61
C ARG K 240 8.04 35.95 30.29
N GLU K 241 8.51 37.14 29.91
CA GLU K 241 9.27 37.29 28.67
C GLU K 241 10.64 36.65 28.78
N ALA K 242 11.26 36.73 29.96
CA ALA K 242 12.52 36.01 30.16
C ALA K 242 12.33 34.51 30.01
N VAL K 243 11.26 33.97 30.61
CA VAL K 243 10.95 32.55 30.49
C VAL K 243 10.63 32.20 29.03
N ARG K 244 9.90 33.08 28.34
CA ARG K 244 9.55 32.87 26.95
C ARG K 244 10.78 32.82 26.07
N GLN K 245 11.72 33.72 26.28
CA GLN K 245 12.96 33.69 25.51
C GLN K 245 13.80 32.47 25.85
N LEU K 246 13.77 32.03 27.11
CA LEU K 246 14.46 30.78 27.46
C LEU K 246 13.85 29.59 26.73
N ARG K 247 12.53 29.61 26.52
CA ARG K 247 11.88 28.52 25.79
C ARG K 247 12.15 28.62 24.29
N ILE K 248 12.15 29.83 23.74
CA ILE K 248 12.33 30.02 22.30
C ILE K 248 13.77 29.71 21.91
N GLN K 249 14.74 30.12 22.72
CA GLN K 249 16.14 29.86 22.43
C GLN K 249 16.42 28.36 22.37
N SER K 250 15.79 27.59 23.26
CA SER K 250 15.93 26.14 23.22
C SER K 250 15.14 25.50 22.10
N GLN K 251 14.31 26.27 21.39
CA GLN K 251 13.46 25.77 20.30
C GLN K 251 12.52 24.67 20.80
N ASP K 252 11.84 24.97 21.91
CA ASP K 252 10.84 24.11 22.54
C ASP K 252 11.45 22.78 23.00
N GLN K 253 12.75 22.75 23.29
CA GLN K 253 13.37 21.56 23.85
C GLN K 253 13.47 21.61 25.36
N ILE K 254 13.13 22.74 25.97
CA ILE K 254 13.20 22.92 27.41
C ILE K 254 11.82 23.35 27.91
N ASP K 255 11.33 22.68 28.94
CA ASP K 255 10.07 23.06 29.58
C ASP K 255 10.40 23.79 30.88
N PRO K 256 10.29 25.12 30.91
CA PRO K 256 10.66 25.86 32.13
C PRO K 256 9.82 25.51 33.35
N LYS K 257 8.57 25.11 33.16
CA LYS K 257 7.71 24.78 34.29
C LYS K 257 8.21 23.56 35.04
N ALA K 258 8.87 22.63 34.35
CA ALA K 258 9.36 21.42 34.99
C ALA K 258 10.87 21.28 34.83
N GLU K 259 11.61 22.36 35.06
CA GLU K 259 13.05 22.33 34.95
C GLU K 259 13.64 23.29 35.97
N LYS K 260 14.77 22.92 36.55
CA LYS K 260 15.42 23.76 37.54
C LYS K 260 16.05 24.98 36.86
N ILE K 261 15.65 26.18 37.29
CA ILE K 261 16.08 27.42 36.68
C ILE K 261 16.51 28.37 37.79
N THR K 262 17.61 29.08 37.58
CA THR K 262 18.10 30.09 38.50
C THR K 262 17.85 31.47 37.92
N LEU K 263 17.26 32.34 38.73
CA LEU K 263 16.98 33.74 38.39
C LEU K 263 17.88 34.59 39.29
N ALA K 264 18.94 35.15 38.71
CA ALA K 264 19.85 36.01 39.43
C ALA K 264 19.51 37.46 39.11
N LEU K 265 19.27 38.26 40.15
CA LEU K 265 18.87 39.64 39.99
C LEU K 265 19.92 40.56 40.61
N ALA K 266 19.98 41.78 40.12
CA ALA K 266 20.77 42.80 40.80
C ALA K 266 20.24 43.04 42.20
N THR K 267 21.15 43.32 43.14
CA THR K 267 20.73 43.57 44.52
C THR K 267 19.87 44.82 44.67
N SER K 268 19.96 45.75 43.74
CA SER K 268 19.15 46.95 43.81
C SER K 268 17.71 46.71 43.40
N LYS K 269 17.39 45.52 42.87
CA LYS K 269 16.09 45.28 42.27
C LYS K 269 15.40 44.01 42.72
N VAL K 270 16.02 43.20 43.58
CA VAL K 270 15.35 42.00 44.06
C VAL K 270 14.18 42.34 44.98
N ASP K 271 14.24 43.48 45.66
CA ASP K 271 13.14 43.87 46.53
C ASP K 271 11.89 44.28 45.76
N TYR K 272 12.00 44.42 44.44
CA TYR K 272 10.85 44.63 43.59
C TYR K 272 10.05 43.36 43.35
N LEU K 273 10.51 42.22 43.86
CA LEU K 273 9.69 41.01 43.76
C LEU K 273 8.53 40.99 44.75
N SER K 274 8.42 41.99 45.62
CA SER K 274 7.33 42.09 46.57
C SER K 274 6.27 43.11 46.15
N VAL K 275 6.25 43.50 44.89
CA VAL K 275 5.23 44.43 44.39
C VAL K 275 3.91 43.68 44.33
N THR K 276 2.94 44.12 45.13
CA THR K 276 1.75 43.35 45.45
C THR K 276 0.49 44.04 44.89
N THR K 277 -0.40 43.24 44.32
CA THR K 277 -1.67 43.71 43.78
C THR K 277 -2.64 44.08 44.91
N PRO K 278 -3.69 44.87 44.62
CA PRO K 278 -4.67 45.16 45.68
C PRO K 278 -5.36 43.93 46.25
N TYR K 279 -5.47 42.84 45.48
CA TYR K 279 -5.97 41.60 46.06
C TYR K 279 -4.97 40.95 47.00
N GLY K 280 -3.68 41.16 46.78
CA GLY K 280 -2.67 40.60 47.67
C GLY K 280 -1.79 39.55 47.04
N ILE K 281 -1.58 39.64 45.73
CA ILE K 281 -0.70 38.75 45.00
C ILE K 281 0.56 39.51 44.62
N SER K 282 1.72 39.00 45.01
CA SER K 282 2.99 39.62 44.70
C SER K 282 3.71 38.86 43.59
N VAL K 283 4.80 39.46 43.11
CA VAL K 283 5.61 38.82 42.08
C VAL K 283 6.28 37.57 42.65
N SER K 284 6.66 37.62 43.92
CA SER K 284 7.32 36.47 44.56
C SER K 284 6.39 35.26 44.61
N ASP K 285 5.13 35.48 45.00
CA ASP K 285 4.16 34.38 45.05
C ASP K 285 3.93 33.79 43.67
N TRP K 286 3.80 34.66 42.65
CA TRP K 286 3.58 34.18 41.29
C TRP K 286 4.75 33.35 40.80
N ILE K 287 5.98 33.79 41.09
CA ILE K 287 7.16 33.03 40.68
C ILE K 287 7.22 31.69 41.42
N GLU K 288 7.07 31.71 42.75
CA GLU K 288 7.23 30.49 43.52
C GLU K 288 6.06 29.52 43.39
N GLN K 289 4.94 29.96 42.81
CA GLN K 289 3.83 29.05 42.54
C GLN K 289 3.79 28.57 41.10
N THR K 290 3.99 29.47 40.14
CA THR K 290 4.04 29.07 38.73
C THR K 290 5.27 28.24 38.44
N TYR K 291 6.40 28.60 39.04
CA TYR K 291 7.68 27.94 38.80
C TYR K 291 8.24 27.50 40.15
N PRO K 292 7.74 26.41 40.72
CA PRO K 292 8.23 25.97 42.04
C PRO K 292 9.69 25.57 42.05
N LYS K 293 10.26 25.17 40.92
CA LYS K 293 11.65 24.78 40.84
C LYS K 293 12.59 25.94 40.53
N MET K 294 12.05 27.16 40.38
CA MET K 294 12.88 28.31 40.08
C MET K 294 13.46 28.91 41.35
N ARG K 295 14.76 29.14 41.35
CA ARG K 295 15.46 29.72 42.48
C ARG K 295 15.75 31.19 42.24
N ILE K 296 15.52 32.01 43.26
CA ILE K 296 15.78 33.45 43.21
C ILE K 296 17.01 33.74 44.04
N VAL K 297 18.02 34.34 43.40
CA VAL K 297 19.25 34.75 44.07
C VAL K 297 19.57 36.17 43.63
N SER K 298 20.39 36.85 44.41
CA SER K 298 20.79 38.22 44.12
C SER K 298 22.26 38.41 44.44
N ALA K 299 22.87 39.41 43.79
CA ALA K 299 24.28 39.68 43.95
C ALA K 299 24.56 41.16 43.71
N PRO K 300 25.45 41.78 44.48
CA PRO K 300 25.79 43.18 44.21
C PRO K 300 26.47 43.40 42.87
N GLU K 301 27.21 42.41 42.36
CA GLU K 301 27.92 42.57 41.10
C GLU K 301 26.98 42.67 39.90
N LEU K 302 25.75 42.21 40.03
CA LEU K 302 24.78 42.35 38.95
C LEU K 302 24.18 43.74 38.86
N SER K 303 24.42 44.59 39.86
CA SER K 303 24.01 45.99 39.78
C SER K 303 25.11 46.80 39.12
N GLY K 304 24.73 47.64 38.16
CA GLY K 304 25.71 48.43 37.43
C GLY K 304 26.67 47.63 36.59
N VAL K 305 26.17 46.64 35.84
CA VAL K 305 27.01 45.89 34.92
C VAL K 305 27.55 46.81 33.83
N GLN K 306 26.69 47.66 33.28
CA GLN K 306 27.09 48.65 32.28
C GLN K 306 26.45 49.99 32.64
N MET K 307 27.06 51.06 32.14
CA MET K 307 26.56 52.42 32.34
C MET K 307 26.17 52.98 30.98
N LYS K 308 24.87 53.11 30.72
CA LYS K 308 24.45 53.62 29.41
C LYS K 308 24.76 55.11 29.26
N ALA K 309 24.42 55.91 30.27
CA ALA K 309 24.86 57.32 30.28
C ALA K 309 25.05 57.75 31.73
N GLN K 310 26.26 57.54 32.24
CA GLN K 310 26.70 58.04 33.55
C GLN K 310 25.77 57.58 34.69
N GLU K 311 25.19 56.40 34.56
CA GLU K 311 24.38 55.86 35.65
C GLU K 311 24.30 54.35 35.51
N PRO K 312 24.22 53.60 36.61
CA PRO K 312 24.28 52.14 36.53
C PRO K 312 23.04 51.53 35.90
N GLU K 313 23.24 50.38 35.29
CA GLU K 313 22.16 49.57 34.74
C GLU K 313 22.19 48.19 35.37
N ASP K 314 21.03 47.75 35.86
CA ASP K 314 20.93 46.50 36.61
C ASP K 314 20.89 45.31 35.66
N ALA K 315 20.84 44.11 36.21
CA ALA K 315 20.91 42.90 35.41
C ALA K 315 19.99 41.82 35.95
N LEU K 316 19.44 41.03 35.03
CA LEU K 316 18.62 39.87 35.34
C LEU K 316 19.09 38.71 34.46
N VAL K 317 19.55 37.64 35.07
CA VAL K 317 20.06 36.47 34.36
C VAL K 317 19.18 35.29 34.71
N LEU K 318 18.48 34.76 33.71
CA LEU K 318 17.62 33.60 33.87
C LEU K 318 18.26 32.44 33.12
N PHE K 319 18.73 31.43 33.85
CA PHE K 319 19.42 30.34 33.17
C PHE K 319 19.02 28.99 33.75
N VAL K 320 18.90 27.99 32.87
CA VAL K 320 18.65 26.63 33.31
C VAL K 320 19.84 26.14 34.13
N GLU K 321 19.56 25.42 35.21
CA GLU K 321 20.63 24.88 36.04
C GLU K 321 21.31 23.70 35.35
N ASP K 322 20.56 22.63 35.13
CA ASP K 322 21.08 21.43 34.48
C ASP K 322 20.13 21.02 33.36
N VAL K 323 20.70 20.70 32.20
CA VAL K 323 19.93 20.21 31.06
C VAL K 323 19.98 18.69 31.08
N ASN K 324 18.80 18.07 31.02
CA ASN K 324 18.72 16.62 31.01
C ASN K 324 19.37 16.05 29.76
N ALA K 325 20.05 14.90 29.91
CA ALA K 325 20.74 14.28 28.80
C ALA K 325 19.78 13.70 27.77
N ALA K 326 18.50 13.58 28.08
CA ALA K 326 17.53 13.07 27.12
C ALA K 326 17.31 14.05 25.97
N VAL K 327 17.08 15.32 26.30
CA VAL K 327 16.82 16.32 25.27
C VAL K 327 18.11 16.69 24.54
N ASP K 328 19.23 16.77 25.26
CA ASP K 328 20.48 17.21 24.65
C ASP K 328 21.16 16.07 23.89
N GLY K 329 21.10 14.85 24.43
CA GLY K 329 21.85 13.75 23.88
C GLY K 329 23.31 13.72 24.29
N SER K 330 23.73 14.62 25.18
CA SER K 330 25.12 14.74 25.56
C SER K 330 25.50 13.68 26.60
N THR K 331 26.77 13.68 26.98
CA THR K 331 27.28 12.74 27.99
C THR K 331 28.11 13.43 29.06
N ASP K 332 27.92 14.74 29.26
CA ASP K 332 28.77 15.50 30.18
C ASP K 332 28.13 15.75 31.52
N GLY K 333 26.81 15.64 31.64
CA GLY K 333 26.09 15.92 32.87
C GLY K 333 25.06 17.04 32.75
N GLY K 334 25.17 17.87 31.72
CA GLY K 334 24.18 18.91 31.49
C GLY K 334 24.35 20.18 32.27
N SER K 335 25.49 20.36 32.96
CA SER K 335 25.71 21.55 33.76
C SER K 335 25.85 22.77 32.85
N VAL K 336 24.83 23.64 32.85
CA VAL K 336 24.89 24.85 32.03
C VAL K 336 25.95 25.80 32.58
N PHE K 337 25.94 26.04 33.88
CA PHE K 337 26.87 26.98 34.51
C PHE K 337 27.56 26.30 35.67
N SER K 338 28.88 26.53 35.77
CA SER K 338 29.63 25.97 36.88
C SER K 338 30.77 26.92 37.23
N GLN K 339 31.27 26.78 38.46
CA GLN K 339 32.43 27.53 38.93
C GLN K 339 33.53 26.54 39.29
N LEU K 340 34.66 26.64 38.59
CA LEU K 340 35.77 25.72 38.77
C LEU K 340 36.78 26.35 39.72
N VAL K 341 36.84 25.84 40.95
CA VAL K 341 37.74 26.34 41.97
C VAL K 341 38.72 25.23 42.32
N GLN K 342 40.01 25.50 42.14
CA GLN K 342 41.02 24.50 42.43
C GLN K 342 41.19 24.30 43.93
N SER K 343 41.27 25.40 44.67
CA SER K 343 41.35 25.38 46.12
C SER K 343 41.03 26.75 46.69
N LYS K 344 40.21 26.80 47.74
CA LYS K 344 39.82 28.08 48.32
C LYS K 344 40.93 28.70 49.16
N PHE K 345 41.81 27.89 49.75
CA PHE K 345 42.81 28.41 50.67
C PHE K 345 43.93 27.39 50.82
N ILE K 346 45.16 27.82 50.54
CA ILE K 346 46.36 27.02 50.75
C ILE K 346 47.33 27.84 51.58
N THR K 347 47.84 27.26 52.66
CA THR K 347 48.90 27.90 53.44
C THR K 347 50.23 27.59 52.76
N LEU K 348 50.75 28.56 52.01
CA LEU K 348 52.01 28.34 51.29
C LEU K 348 53.18 28.14 52.24
N GLY K 349 53.28 28.96 53.27
CA GLY K 349 54.31 28.71 54.26
C GLY K 349 54.57 29.91 55.16
N VAL K 350 55.58 29.72 56.02
CA VAL K 350 55.99 30.69 57.03
C VAL K 350 57.50 30.81 56.98
N GLU K 351 58.00 32.03 57.15
CA GLU K 351 59.43 32.32 57.16
C GLU K 351 59.73 33.19 58.38
N LYS K 352 60.62 32.72 59.24
CA LYS K 352 60.93 33.40 60.50
C LYS K 352 62.20 34.22 60.36
N ARG K 353 62.14 35.47 60.83
CA ARG K 353 63.29 36.36 60.87
C ARG K 353 63.56 36.74 62.33
N ALA K 354 64.61 37.55 62.54
CA ALA K 354 65.03 37.89 63.89
C ALA K 354 64.01 38.78 64.60
N LYS K 355 63.58 39.86 63.94
CA LYS K 355 62.66 40.81 64.54
C LYS K 355 61.25 40.73 63.99
N SER K 356 60.98 39.82 63.06
CA SER K 356 59.69 39.77 62.40
C SER K 356 59.49 38.36 61.83
N TYR K 357 58.31 38.13 61.27
CA TYR K 357 58.03 36.87 60.60
C TYR K 357 57.00 37.12 59.50
N VAL K 358 57.08 36.29 58.46
CA VAL K 358 56.27 36.42 57.26
C VAL K 358 55.47 35.13 57.08
N GLU K 359 54.21 35.27 56.69
CA GLU K 359 53.41 34.12 56.28
C GLU K 359 52.82 34.41 54.91
N ASP K 360 52.60 33.34 54.14
CA ASP K 360 52.06 33.48 52.79
C ASP K 360 51.05 32.37 52.52
N PHE K 361 49.93 32.75 51.91
CA PHE K 361 48.84 31.85 51.58
C PHE K 361 48.44 32.08 50.13
N SER K 362 47.70 31.13 49.57
CA SER K 362 47.32 31.20 48.16
C SER K 362 46.00 30.49 47.93
N ASN K 363 45.45 30.71 46.73
CA ASN K 363 44.24 30.03 46.28
C ASN K 363 44.29 29.88 44.77
N GLY K 364 43.45 29.01 44.24
CA GLY K 364 43.38 28.80 42.81
C GLY K 364 41.97 28.67 42.29
N THR K 365 41.67 29.33 41.17
CA THR K 365 40.35 29.26 40.57
C THR K 365 40.46 29.49 39.08
N ALA K 366 39.62 28.79 38.30
CA ALA K 366 39.64 28.87 36.86
C ALA K 366 38.42 29.61 36.31
N GLY K 367 37.81 30.46 37.12
CA GLY K 367 36.68 31.24 36.67
C GLY K 367 35.41 30.41 36.56
N ALA K 368 34.50 30.90 35.73
CA ALA K 368 33.21 30.26 35.50
C ALA K 368 33.16 29.66 34.11
N LEU K 369 32.51 28.50 34.00
CA LEU K 369 32.36 27.78 32.74
C LEU K 369 30.89 27.70 32.39
N CYS K 370 30.55 28.15 31.18
CA CYS K 370 29.21 28.04 30.63
C CYS K 370 29.24 27.09 29.45
N LYS K 371 28.64 25.90 29.62
CA LYS K 371 28.68 24.89 28.58
C LYS K 371 27.55 25.04 27.56
N ARG K 372 26.43 25.64 27.96
CA ARG K 372 25.26 25.78 27.09
C ARG K 372 24.81 27.22 27.13
N PRO K 373 25.42 28.10 26.32
CA PRO K 373 24.96 29.50 26.27
C PRO K 373 23.53 29.66 25.77
N TRP K 374 22.99 28.68 25.05
CA TRP K 374 21.63 28.76 24.56
C TRP K 374 20.58 28.66 25.66
N ALA K 375 20.98 28.27 26.87
CA ALA K 375 20.07 28.15 28.00
C ALA K 375 20.21 29.30 28.99
N VAL K 376 20.75 30.44 28.54
CA VAL K 376 20.92 31.62 29.37
C VAL K 376 20.26 32.80 28.69
N VAL K 377 19.46 33.57 29.44
CA VAL K 377 18.87 34.80 28.95
C VAL K 377 19.31 35.92 29.88
N ARG K 378 19.81 37.01 29.29
CA ARG K 378 20.33 38.14 30.06
C ARG K 378 19.58 39.40 29.67
N TYR K 379 19.10 40.13 30.68
CA TYR K 379 18.37 41.37 30.48
C TYR K 379 19.06 42.49 31.25
N LEU K 380 19.25 43.62 30.59
CA LEU K 380 19.90 44.78 31.17
C LEU K 380 18.96 45.97 31.15
N GLY K 381 18.89 46.68 32.27
CA GLY K 381 18.06 47.86 32.36
C GLY K 381 16.73 47.70 33.05
N ILE K 382 16.49 46.58 33.71
CA ILE K 382 15.30 46.40 34.53
C ILE K 382 15.25 47.41 35.67
N ASN L 66 -72.83 -7.04 -12.31
CA ASN L 66 -72.99 -5.90 -11.41
C ASN L 66 -72.60 -6.25 -9.98
N PHE L 67 -72.82 -5.32 -9.07
CA PHE L 67 -72.44 -5.47 -7.67
C PHE L 67 -73.67 -5.81 -6.84
N THR L 68 -73.58 -6.90 -6.08
CA THR L 68 -74.62 -7.21 -5.11
C THR L 68 -74.69 -6.12 -4.06
N ALA L 69 -75.91 -5.78 -3.65
CA ALA L 69 -76.10 -4.73 -2.66
C ALA L 69 -75.53 -5.16 -1.32
N PRO L 70 -74.64 -4.38 -0.71
CA PRO L 70 -74.06 -4.78 0.57
C PRO L 70 -75.08 -4.71 1.69
N VAL L 71 -74.99 -5.67 2.61
CA VAL L 71 -75.87 -5.68 3.77
C VAL L 71 -75.56 -4.49 4.68
N THR L 72 -74.28 -4.22 4.93
CA THR L 72 -73.86 -3.11 5.77
C THR L 72 -73.55 -1.88 4.91
N THR L 73 -73.60 -0.73 5.55
CA THR L 73 -73.18 0.51 4.91
C THR L 73 -71.65 0.58 4.89
N PRO L 74 -71.05 0.91 3.74
CA PRO L 74 -69.59 1.05 3.71
C PRO L 74 -69.11 2.13 4.65
N SER L 75 -68.05 1.82 5.40
CA SER L 75 -67.54 2.73 6.42
C SER L 75 -66.13 2.30 6.80
N ILE L 76 -65.44 3.18 7.51
CA ILE L 76 -64.13 2.86 8.08
C ILE L 76 -64.32 1.88 9.24
N PRO L 77 -63.61 0.74 9.25
CA PRO L 77 -63.94 -0.31 10.21
C PRO L 77 -63.66 0.00 11.68
N THR L 78 -62.46 0.50 11.99
CA THR L 78 -62.03 0.60 13.39
C THR L 78 -62.51 1.90 14.01
N PRO L 79 -63.28 1.86 15.09
CA PRO L 79 -63.58 3.09 15.84
C PRO L 79 -62.33 3.62 16.52
N ILE L 80 -62.30 4.94 16.73
CA ILE L 80 -61.13 5.59 17.30
C ILE L 80 -60.94 5.22 18.78
N GLN L 81 -62.02 4.78 19.46
CA GLN L 81 -61.94 4.48 20.89
C GLN L 81 -60.91 3.38 21.17
N PHE L 82 -60.80 2.41 20.28
CA PHE L 82 -59.88 1.30 20.47
C PHE L 82 -58.46 1.62 20.03
N LEU L 83 -58.23 2.81 19.46
CA LEU L 83 -56.90 3.22 19.01
C LEU L 83 -56.38 4.40 19.81
N GLN L 84 -56.66 4.41 21.12
CA GLN L 84 -56.23 5.49 21.99
C GLN L 84 -55.58 4.92 23.25
N THR L 85 -54.59 5.63 23.75
CA THR L 85 -54.00 5.37 25.06
C THR L 85 -54.23 6.59 25.92
N TRP L 86 -54.81 6.40 27.09
CA TRP L 86 -55.13 7.50 27.99
C TRP L 86 -54.07 7.59 29.08
N LEU L 87 -53.45 8.77 29.20
CA LEU L 87 -52.55 9.00 30.30
C LEU L 87 -53.33 9.10 31.60
N PRO L 88 -52.80 8.59 32.71
CA PRO L 88 -53.58 8.54 33.94
C PRO L 88 -53.83 9.93 34.53
N GLY L 89 -54.94 10.05 35.24
CA GLY L 89 -55.23 11.24 36.01
C GLY L 89 -55.65 12.42 35.15
N PHE L 90 -55.96 13.51 35.83
CA PHE L 90 -56.34 14.76 35.19
C PHE L 90 -55.40 15.87 35.64
N VAL L 91 -55.21 16.85 34.76
CA VAL L 91 -54.40 18.03 35.06
C VAL L 91 -55.35 19.09 35.60
N LYS L 92 -55.36 19.27 36.92
CA LYS L 92 -56.26 20.24 37.52
C LYS L 92 -55.78 21.65 37.26
N VAL L 93 -56.74 22.56 37.09
CA VAL L 93 -56.44 23.97 36.89
C VAL L 93 -56.15 24.61 38.25
N MET L 94 -55.03 25.32 38.32
CA MET L 94 -54.53 25.89 39.57
C MET L 94 -54.57 27.42 39.53
N THR L 95 -54.54 28.00 40.73
CA THR L 95 -54.67 29.44 40.90
C THR L 95 -53.42 29.99 41.59
N ALA L 96 -53.50 31.27 41.96
CA ALA L 96 -52.40 31.93 42.64
C ALA L 96 -52.23 31.38 44.06
N ALA L 97 -51.05 31.61 44.63
CA ALA L 97 -50.75 31.15 45.97
C ALA L 97 -51.37 32.08 46.99
N ARG L 98 -52.10 31.51 47.95
CA ARG L 98 -52.66 32.27 49.06
C ARG L 98 -51.65 32.25 50.20
N LYS L 99 -51.03 33.41 50.46
CA LYS L 99 -49.89 33.47 51.36
C LYS L 99 -50.01 34.58 52.40
N ILE L 100 -51.24 35.01 52.71
CA ILE L 100 -51.42 36.05 53.72
C ILE L 100 -51.03 35.52 55.10
N ASP L 101 -51.27 34.22 55.33
CA ASP L 101 -50.80 33.59 56.57
C ASP L 101 -49.28 33.58 56.63
N GLU L 102 -48.62 33.37 55.49
CA GLU L 102 -47.17 33.36 55.45
C GLU L 102 -46.59 34.75 55.74
N ILE L 103 -47.37 35.80 55.60
CA ILE L 103 -46.89 37.16 55.84
C ILE L 103 -47.21 37.59 57.26
N ILE L 104 -48.48 37.60 57.64
CA ILE L 104 -48.87 38.19 58.91
C ILE L 104 -49.39 37.15 59.89
N GLY L 105 -49.13 35.87 59.65
CA GLY L 105 -49.56 34.85 60.58
C GLY L 105 -51.06 34.60 60.53
N ILE L 106 -51.52 33.74 61.43
CA ILE L 106 -52.94 33.40 61.54
C ILE L 106 -53.34 33.46 63.02
N ASP L 107 -54.28 34.36 63.33
CA ASP L 107 -54.83 34.52 64.67
C ASP L 107 -56.32 34.24 64.66
N THR L 108 -56.81 33.62 65.73
CA THR L 108 -58.23 33.32 65.89
C THR L 108 -58.71 33.92 67.20
N VAL L 109 -59.60 34.91 67.12
CA VAL L 109 -60.04 35.63 68.31
C VAL L 109 -61.56 35.61 68.44
N GLY L 110 -62.26 35.45 67.34
CA GLY L 110 -63.71 35.50 67.32
C GLY L 110 -64.36 34.15 67.47
N SER L 111 -65.66 34.11 67.12
CA SER L 111 -66.42 32.87 67.25
C SER L 111 -67.38 32.63 66.09
N TRP L 112 -67.32 33.44 65.03
CA TRP L 112 -68.12 33.44 63.80
C TRP L 112 -69.55 33.96 64.03
N GLU L 113 -70.00 34.13 65.27
CA GLU L 113 -71.26 34.82 65.50
C GLU L 113 -71.07 36.25 65.96
N ASP L 114 -69.88 36.58 66.45
CA ASP L 114 -69.57 37.93 66.88
C ASP L 114 -69.54 38.87 65.69
N GLN L 115 -69.50 40.17 65.98
CA GLN L 115 -69.55 41.18 64.94
C GLN L 115 -68.30 42.05 64.86
N GLU L 116 -67.54 42.18 65.95
CA GLU L 116 -66.42 43.11 65.97
C GLU L 116 -65.28 42.55 66.82
N ILE L 117 -64.07 43.01 66.51
CA ILE L 117 -62.89 42.80 67.34
C ILE L 117 -62.35 44.18 67.74
N VAL L 118 -62.09 44.35 69.03
CA VAL L 118 -61.73 45.64 69.60
C VAL L 118 -60.30 45.59 70.10
N GLN L 119 -59.54 46.65 69.85
CA GLN L 119 -58.20 46.82 70.41
C GLN L 119 -58.07 48.23 70.98
N GLY L 120 -57.48 48.33 72.18
CA GLY L 120 -57.36 49.59 72.86
C GLY L 120 -56.00 50.25 72.67
N ILE L 121 -55.95 51.54 72.97
CA ILE L 121 -54.72 52.32 72.93
C ILE L 121 -54.83 53.44 73.94
N VAL L 122 -53.78 53.63 74.75
CA VAL L 122 -53.76 54.66 75.77
C VAL L 122 -52.51 55.52 75.57
N GLU L 123 -52.69 56.83 75.53
CA GLU L 123 -51.60 57.76 75.34
C GLU L 123 -51.36 58.53 76.62
N PRO L 124 -50.27 58.29 77.32
CA PRO L 124 -49.94 59.11 78.50
C PRO L 124 -49.39 60.47 78.09
N ALA L 125 -49.50 61.42 79.00
CA ALA L 125 -49.04 62.77 78.75
C ALA L 125 -48.57 63.40 80.04
N GLY L 126 -47.64 64.34 79.92
CA GLY L 126 -47.08 65.01 81.08
C GLY L 126 -45.66 65.50 80.83
N THR L 127 -45.37 66.74 81.25
CA THR L 127 -44.07 67.35 81.04
C THR L 127 -43.49 67.82 82.35
N ALA L 128 -42.20 67.60 82.55
CA ALA L 128 -41.54 67.97 83.78
C ALA L 128 -41.35 69.49 83.86
N VAL L 129 -41.11 69.98 85.07
CA VAL L 129 -40.97 71.40 85.36
C VAL L 129 -39.88 71.53 86.41
N GLU L 130 -39.11 72.62 86.34
CA GLU L 130 -38.10 72.89 87.36
C GLU L 130 -38.77 73.05 88.73
N TYR L 131 -38.15 72.47 89.75
CA TYR L 131 -38.71 72.49 91.08
C TYR L 131 -38.70 73.89 91.67
N GLY L 132 -39.74 74.18 92.46
CA GLY L 132 -39.79 75.32 93.34
C GLY L 132 -40.59 74.93 94.56
N ASP L 133 -40.26 75.51 95.73
CA ASP L 133 -40.98 75.15 96.95
C ASP L 133 -42.45 75.56 96.87
N HIS L 134 -42.72 76.73 96.31
CA HIS L 134 -44.08 77.28 96.25
C HIS L 134 -44.67 77.25 94.85
N THR L 135 -43.96 76.67 93.88
CA THR L 135 -44.48 76.60 92.52
C THR L 135 -45.59 75.56 92.43
N ASN L 136 -46.47 75.75 91.44
CA ASN L 136 -47.58 74.83 91.24
C ASN L 136 -47.08 73.48 90.77
N ILE L 137 -47.75 72.42 91.22
CA ILE L 137 -47.38 71.06 90.85
C ILE L 137 -47.92 70.75 89.46
N PRO L 138 -47.06 70.44 88.50
CA PRO L 138 -47.55 69.99 87.19
C PRO L 138 -48.18 68.60 87.30
N LEU L 139 -49.04 68.30 86.34
CA LEU L 139 -49.83 67.08 86.40
C LEU L 139 -49.65 66.26 85.13
N THR L 140 -49.65 64.94 85.29
CA THR L 140 -49.71 63.99 84.19
C THR L 140 -51.15 63.55 83.97
N SER L 141 -51.40 62.94 82.82
CA SER L 141 -52.73 62.45 82.48
C SER L 141 -52.60 61.37 81.42
N TRP L 142 -53.73 60.89 80.92
CA TRP L 142 -53.76 59.88 79.88
C TRP L 142 -55.05 59.98 79.10
N ASN L 143 -55.02 59.49 77.87
CA ASN L 143 -56.18 59.46 76.98
C ASN L 143 -56.34 58.05 76.44
N ALA L 144 -57.59 57.68 76.12
CA ALA L 144 -57.86 56.32 75.64
C ALA L 144 -58.68 56.35 74.36
N ASN L 145 -58.28 55.51 73.41
CA ASN L 145 -58.96 55.35 72.14
C ASN L 145 -59.12 53.86 71.85
N PHE L 146 -60.05 53.54 70.96
CA PHE L 146 -60.36 52.15 70.63
C PHE L 146 -60.52 52.02 69.12
N GLU L 147 -59.97 50.93 68.56
CA GLU L 147 -60.08 50.62 67.15
C GLU L 147 -60.82 49.29 66.98
N ARG L 148 -61.84 49.30 66.13
CA ARG L 148 -62.72 48.16 65.94
C ARG L 148 -62.63 47.66 64.51
N ARG L 149 -62.81 46.35 64.35
CA ARG L 149 -62.79 45.71 63.03
C ARG L 149 -63.99 44.79 62.89
N THR L 150 -64.65 44.85 61.74
CA THR L 150 -65.89 44.12 61.49
C THR L 150 -65.58 42.72 60.96
N ILE L 151 -66.40 41.75 61.38
CA ILE L 151 -66.28 40.36 60.95
C ILE L 151 -67.09 40.15 59.68
N VAL L 152 -66.48 39.50 58.70
CA VAL L 152 -67.12 39.17 57.43
C VAL L 152 -67.15 37.66 57.30
N ARG L 153 -68.33 37.10 57.06
CA ARG L 153 -68.51 35.66 56.93
C ARG L 153 -68.99 35.33 55.53
N GLY L 154 -68.38 34.29 54.95
CA GLY L 154 -68.73 33.87 53.60
C GLY L 154 -69.24 32.44 53.56
N GLU L 155 -70.05 32.11 52.55
CA GLU L 155 -70.60 30.78 52.40
C GLU L 155 -70.38 30.26 50.99
N LEU L 156 -70.27 28.94 50.88
CA LEU L 156 -70.15 28.28 49.58
C LEU L 156 -70.69 26.86 49.71
N GLY L 157 -71.36 26.38 48.67
CA GLY L 157 -72.01 25.10 48.73
C GLY L 157 -71.86 24.32 47.43
N MET L 158 -72.56 23.18 47.38
CA MET L 158 -72.45 22.24 46.27
C MET L 158 -73.73 21.43 46.18
N MET L 159 -74.06 21.00 44.97
CA MET L 159 -75.25 20.19 44.69
C MET L 159 -74.86 19.04 43.77
N VAL L 160 -75.18 17.82 44.19
CA VAL L 160 -74.80 16.61 43.45
C VAL L 160 -76.04 15.78 43.18
N GLY L 161 -76.25 15.42 41.91
CA GLY L 161 -77.32 14.51 41.54
C GLY L 161 -76.85 13.06 41.54
N THR L 162 -77.73 12.19 41.07
CA THR L 162 -77.46 10.75 41.03
C THR L 162 -76.87 10.34 39.69
N LEU L 163 -77.58 10.64 38.60
CA LEU L 163 -77.07 10.37 37.26
C LEU L 163 -75.79 11.14 37.00
N GLU L 164 -75.70 12.37 37.52
CA GLU L 164 -74.48 13.15 37.41
C GLU L 164 -73.31 12.44 38.09
N GLU L 165 -73.54 11.92 39.30
CA GLU L 165 -72.49 11.22 40.03
C GLU L 165 -72.04 9.97 39.29
N GLY L 166 -72.99 9.19 38.76
CA GLY L 166 -72.63 8.00 38.01
C GLY L 166 -71.85 8.30 36.75
N ARG L 167 -72.33 9.28 35.98
CA ARG L 167 -71.66 9.63 34.73
C ARG L 167 -70.29 10.24 34.99
N ALA L 168 -70.13 10.97 36.09
CA ALA L 168 -68.82 11.49 36.47
C ALA L 168 -67.88 10.37 36.89
N SER L 169 -68.39 9.39 37.63
CA SER L 169 -67.56 8.26 38.04
C SER L 169 -67.18 7.40 36.84
N ALA L 170 -67.95 7.46 35.75
CA ALA L 170 -67.63 6.69 34.55
C ALA L 170 -66.27 7.08 33.98
N ILE L 171 -65.90 8.36 34.08
CA ILE L 171 -64.61 8.83 33.57
C ILE L 171 -63.58 8.82 34.69
N ARG L 172 -63.90 8.12 35.78
CA ARG L 172 -63.03 7.97 36.96
C ARG L 172 -62.73 9.34 37.59
N LEU L 173 -63.79 9.99 38.06
CA LEU L 173 -63.68 11.26 38.75
C LEU L 173 -64.85 11.40 39.71
N ASN L 174 -64.54 11.72 40.96
CA ASN L 174 -65.56 11.89 41.99
C ASN L 174 -66.10 13.33 41.91
N SER L 175 -67.36 13.47 41.51
CA SER L 175 -67.96 14.80 41.37
C SER L 175 -68.11 15.47 42.74
N ALA L 176 -68.64 14.73 43.71
CA ALA L 176 -68.92 15.31 45.03
C ALA L 176 -67.63 15.75 45.72
N GLU L 177 -66.59 14.92 45.64
CA GLU L 177 -65.30 15.29 46.24
C GLU L 177 -64.72 16.52 45.58
N THR L 178 -64.81 16.61 44.24
CA THR L 178 -64.30 17.76 43.53
C THR L 178 -65.04 19.03 43.91
N LYS L 179 -66.38 18.96 44.01
CA LYS L 179 -67.15 20.13 44.40
C LYS L 179 -66.88 20.55 45.84
N ARG L 180 -66.72 19.59 46.75
CA ARG L 180 -66.42 19.92 48.13
C ARG L 180 -65.04 20.59 48.25
N GLN L 181 -64.05 20.04 47.54
CA GLN L 181 -62.73 20.65 47.51
C GLN L 181 -62.78 22.06 46.92
N GLN L 182 -63.55 22.24 45.86
CA GLN L 182 -63.65 23.56 45.25
C GLN L 182 -64.35 24.55 46.18
N ALA L 183 -65.34 24.08 46.95
CA ALA L 183 -65.98 24.94 47.94
C ALA L 183 -64.98 25.39 49.00
N ALA L 184 -64.17 24.46 49.50
CA ALA L 184 -63.14 24.81 50.47
C ALA L 184 -62.13 25.79 49.88
N ILE L 185 -61.72 25.57 48.64
CA ILE L 185 -60.73 26.43 48.00
C ILE L 185 -61.32 27.82 47.75
N GLY L 186 -62.60 27.89 47.38
CA GLY L 186 -63.24 29.18 47.19
C GLY L 186 -63.35 29.97 48.48
N LEU L 187 -63.69 29.29 49.57
CA LEU L 187 -63.71 29.96 50.87
C LEU L 187 -62.31 30.43 51.26
N GLU L 188 -61.29 29.63 50.97
CA GLU L 188 -59.91 30.04 51.24
C GLU L 188 -59.52 31.26 50.41
N ILE L 189 -59.95 31.30 49.15
CA ILE L 189 -59.68 32.45 48.28
C ILE L 189 -60.35 33.69 48.84
N PHE L 190 -61.61 33.55 49.29
CA PHE L 190 -62.32 34.66 49.92
C PHE L 190 -61.56 35.17 51.14
N ARG L 191 -61.13 34.26 52.01
CA ARG L 191 -60.41 34.66 53.22
C ARG L 191 -59.09 35.36 52.89
N ASN L 192 -58.33 34.82 51.94
CA ASN L 192 -57.04 35.40 51.59
C ASN L 192 -57.20 36.76 50.93
N ALA L 193 -58.21 36.91 50.05
CA ALA L 193 -58.46 38.21 49.43
C ALA L 193 -58.88 39.24 50.48
N ILE L 194 -59.69 38.83 51.46
CA ILE L 194 -60.07 39.74 52.54
C ILE L 194 -58.84 40.11 53.37
N GLY L 195 -57.98 39.14 53.66
CA GLY L 195 -56.78 39.43 54.43
C GLY L 195 -55.82 40.37 53.71
N PHE L 196 -55.78 40.30 52.38
CA PHE L 196 -54.86 41.15 51.63
C PHE L 196 -55.44 42.53 51.35
N TYR L 197 -56.69 42.60 50.87
CA TYR L 197 -57.28 43.85 50.40
C TYR L 197 -58.40 44.38 51.27
N GLY L 198 -58.85 43.64 52.27
CA GLY L 198 -60.00 44.05 53.04
C GLY L 198 -61.31 43.67 52.36
N TRP L 199 -62.40 44.19 52.88
CA TRP L 199 -63.73 43.90 52.33
C TRP L 199 -64.61 45.13 52.47
N GLN L 200 -64.99 45.72 51.33
CA GLN L 200 -65.95 46.81 51.26
C GLN L 200 -65.53 48.00 52.11
N SER L 201 -64.23 48.28 52.12
CA SER L 201 -63.72 49.40 52.92
C SER L 201 -64.23 50.74 52.39
N GLY L 202 -64.50 50.84 51.09
CA GLY L 202 -65.00 52.09 50.55
C GLY L 202 -66.48 52.31 50.79
N LEU L 203 -67.25 51.24 50.97
CA LEU L 203 -68.68 51.38 51.20
C LEU L 203 -68.98 51.87 52.61
N GLY L 204 -68.06 51.69 53.55
CA GLY L 204 -68.30 52.08 54.93
C GLY L 204 -67.90 50.99 55.90
N ASN L 205 -67.77 49.77 55.40
CA ASN L 205 -67.30 48.67 56.22
C ASN L 205 -65.84 48.89 56.61
N ARG L 206 -65.46 48.33 57.76
CA ARG L 206 -64.14 48.53 58.33
C ARG L 206 -63.45 47.20 58.58
N THR L 207 -63.49 46.33 57.58
CA THR L 207 -62.68 45.11 57.52
C THR L 207 -61.55 45.42 56.53
N TYR L 208 -60.39 45.79 57.05
CA TYR L 208 -59.29 46.19 56.21
C TYR L 208 -58.31 45.03 56.00
N GLY L 209 -57.27 45.28 55.21
CA GLY L 209 -56.33 44.23 54.88
C GLY L 209 -54.87 44.60 55.08
N PHE L 210 -53.98 43.74 54.60
CA PHE L 210 -52.54 43.99 54.72
C PHE L 210 -52.12 45.21 53.92
N LEU L 211 -52.70 45.41 52.75
CA LEU L 211 -52.34 46.52 51.86
C LEU L 211 -53.37 47.64 51.87
N ASN L 212 -54.27 47.67 52.85
CA ASN L 212 -55.42 48.54 52.79
C ASN L 212 -55.70 49.29 54.09
N ASP L 213 -55.01 48.97 55.17
CA ASP L 213 -55.25 49.61 56.47
C ASP L 213 -54.90 51.09 56.39
N PRO L 214 -55.84 51.99 56.72
CA PRO L 214 -55.54 53.43 56.63
C PRO L 214 -54.45 53.90 57.57
N ASN L 215 -54.27 53.22 58.71
CA ASN L 215 -53.23 53.61 59.65
C ASN L 215 -51.83 53.42 59.08
N LEU L 216 -51.68 52.56 58.07
CA LEU L 216 -50.38 52.24 57.51
C LEU L 216 -49.76 53.47 56.86
N PRO L 217 -48.43 53.58 56.88
CA PRO L 217 -47.78 54.75 56.27
C PRO L 217 -47.91 54.72 54.76
N ALA L 218 -47.86 55.92 54.16
CA ALA L 218 -47.95 56.03 52.72
C ALA L 218 -46.75 55.39 52.04
N PHE L 219 -46.99 54.85 50.85
CA PHE L 219 -45.91 54.25 50.07
C PHE L 219 -44.89 55.31 49.69
N GLN L 220 -43.62 54.91 49.69
CA GLN L 220 -42.51 55.82 49.40
C GLN L 220 -41.78 55.36 48.16
N THR L 221 -41.23 56.34 47.44
CA THR L 221 -40.39 56.06 46.28
C THR L 221 -39.01 55.61 46.74
N PRO L 222 -38.51 54.49 46.25
CA PRO L 222 -37.20 53.99 46.68
C PRO L 222 -36.08 54.87 46.15
N PRO L 223 -34.87 54.80 46.75
CA PRO L 223 -33.73 55.52 46.18
C PRO L 223 -33.41 55.12 44.75
N SER L 224 -33.19 53.83 44.53
CA SER L 224 -33.12 53.29 43.18
C SER L 224 -34.52 53.25 42.60
N GLN L 225 -34.67 53.71 41.35
CA GLN L 225 -35.99 53.81 40.75
C GLN L 225 -36.62 52.43 40.56
N GLY L 226 -35.82 51.44 40.15
CA GLY L 226 -36.36 50.10 39.96
C GLY L 226 -35.25 49.08 39.98
N TRP L 227 -35.60 47.87 40.42
CA TRP L 227 -34.64 46.79 40.53
C TRP L 227 -34.34 46.12 39.18
N SER L 228 -35.16 46.39 38.16
CA SER L 228 -34.91 45.80 36.85
C SER L 228 -33.61 46.31 36.24
N THR L 229 -33.38 47.62 36.32
CA THR L 229 -32.16 48.22 35.80
C THR L 229 -31.09 48.44 36.86
N ALA L 230 -31.39 48.18 38.13
CA ALA L 230 -30.42 48.39 39.18
C ALA L 230 -29.39 47.27 39.20
N ASP L 231 -28.30 47.52 39.92
CA ASP L 231 -27.23 46.56 40.12
C ASP L 231 -27.28 46.07 41.56
N TRP L 232 -26.22 45.34 41.95
CA TRP L 232 -26.13 44.85 43.33
C TRP L 232 -26.12 45.99 44.33
N ALA L 233 -25.33 47.04 44.05
CA ALA L 233 -25.23 48.16 44.96
C ALA L 233 -26.56 48.89 45.12
N GLY L 234 -27.32 49.01 44.03
CA GLY L 234 -28.62 49.68 44.11
C GLY L 234 -29.61 48.94 44.96
N ILE L 235 -29.69 47.61 44.80
CA ILE L 235 -30.62 46.81 45.59
C ILE L 235 -30.21 46.82 47.06
N ILE L 236 -28.90 46.70 47.33
CA ILE L 236 -28.42 46.75 48.70
C ILE L 236 -28.73 48.11 49.32
N GLY L 237 -28.59 49.18 48.54
CA GLY L 237 -28.95 50.50 49.02
C GLY L 237 -30.42 50.64 49.31
N ASP L 238 -31.27 50.00 48.49
CA ASP L 238 -32.71 50.06 48.72
C ASP L 238 -33.10 49.37 50.03
N ILE L 239 -32.56 48.16 50.26
CA ILE L 239 -32.83 47.48 51.52
C ILE L 239 -32.26 48.27 52.70
N ARG L 240 -31.06 48.83 52.53
CA ARG L 240 -30.46 49.61 53.61
C ARG L 240 -31.27 50.85 53.93
N GLU L 241 -31.80 51.52 52.91
CA GLU L 241 -32.64 52.69 53.15
C GLU L 241 -33.94 52.31 53.83
N ALA L 242 -34.53 51.17 53.45
CA ALA L 242 -35.74 50.70 54.13
C ALA L 242 -35.47 50.41 55.60
N VAL L 243 -34.34 49.76 55.89
CA VAL L 243 -34.00 49.44 57.27
C VAL L 243 -33.68 50.72 58.05
N ARG L 244 -33.02 51.67 57.41
CA ARG L 244 -32.73 52.95 58.04
C ARG L 244 -34.01 53.71 58.38
N GLN L 245 -34.98 53.71 57.47
CA GLN L 245 -36.26 54.35 57.74
C GLN L 245 -37.00 53.64 58.86
N LEU L 246 -36.90 52.31 58.92
CA LEU L 246 -37.51 51.57 60.01
C LEU L 246 -36.89 51.94 61.35
N ARG L 247 -35.56 52.11 61.37
CA ARG L 247 -34.89 52.51 62.60
C ARG L 247 -35.24 53.94 63.01
N ILE L 248 -35.31 54.85 62.03
CA ILE L 248 -35.58 56.27 62.32
C ILE L 248 -37.00 56.46 62.81
N GLN L 249 -37.95 55.73 62.21
CA GLN L 249 -39.35 55.83 62.64
C GLN L 249 -39.53 55.43 64.09
N SER L 250 -38.74 54.45 64.55
CA SER L 250 -38.79 54.00 65.93
C SER L 250 -37.91 54.83 66.86
N GLN L 251 -37.19 55.83 66.32
CA GLN L 251 -36.26 56.66 67.10
C GLN L 251 -35.20 55.81 67.78
N ASP L 252 -34.70 54.80 67.06
CA ASP L 252 -33.66 53.87 67.49
C ASP L 252 -34.08 53.06 68.71
N GLN L 253 -35.39 52.96 68.96
CA GLN L 253 -35.85 52.05 70.00
C GLN L 253 -35.84 50.60 69.55
N ILE L 254 -35.82 50.36 68.23
CA ILE L 254 -35.80 49.02 67.66
C ILE L 254 -34.46 48.84 66.96
N ASP L 255 -33.77 47.76 67.29
CA ASP L 255 -32.50 47.43 66.66
C ASP L 255 -32.76 46.40 65.56
N PRO L 256 -32.67 46.81 64.29
CA PRO L 256 -32.98 45.87 63.20
C PRO L 256 -32.05 44.68 63.12
N LYS L 257 -30.82 44.82 63.61
CA LYS L 257 -29.90 43.69 63.65
C LYS L 257 -30.35 42.63 64.66
N ALA L 258 -31.03 43.04 65.73
CA ALA L 258 -31.38 42.15 66.82
C ALA L 258 -32.86 41.76 66.87
N GLU L 259 -33.73 42.48 66.18
CA GLU L 259 -35.16 42.18 66.16
C GLU L 259 -35.52 41.37 64.92
N LYS L 260 -36.62 40.62 65.03
CA LYS L 260 -37.17 39.84 63.93
C LYS L 260 -37.98 40.74 63.01
N ILE L 261 -37.63 40.77 61.73
CA ILE L 261 -38.26 41.64 60.76
C ILE L 261 -38.69 40.82 59.55
N THR L 262 -39.93 41.04 59.10
CA THR L 262 -40.44 40.41 57.90
C THR L 262 -40.36 41.39 56.73
N LEU L 263 -39.82 40.91 55.62
CA LEU L 263 -39.69 41.68 54.38
C LEU L 263 -40.56 41.00 53.33
N ALA L 264 -41.76 41.53 53.14
CA ALA L 264 -42.69 41.03 52.14
C ALA L 264 -42.40 41.73 50.81
N LEU L 265 -42.13 40.95 49.78
CA LEU L 265 -41.78 41.46 48.47
C LEU L 265 -42.82 41.03 47.45
N ALA L 266 -42.93 41.81 46.37
CA ALA L 266 -43.68 41.34 45.22
C ALA L 266 -43.04 40.08 44.66
N THR L 267 -43.87 39.13 44.22
CA THR L 267 -43.35 37.89 43.64
C THR L 267 -42.61 38.13 42.34
N SER L 268 -42.83 39.28 41.70
CA SER L 268 -42.13 39.63 40.48
C SER L 268 -40.74 40.18 40.74
N LYS L 269 -40.36 40.38 42.01
CA LYS L 269 -39.07 41.00 42.33
C LYS L 269 -38.33 40.30 43.46
N VAL L 270 -38.70 39.06 43.78
CA VAL L 270 -37.98 38.35 44.83
C VAL L 270 -36.71 37.72 44.28
N ASP L 271 -36.64 37.50 42.97
CA ASP L 271 -35.45 36.91 42.36
C ASP L 271 -34.32 37.92 42.22
N TYR L 272 -34.62 39.22 42.30
CA TYR L 272 -33.57 40.23 42.26
C TYR L 272 -32.68 40.21 43.49
N LEU L 273 -33.06 39.46 44.52
CA LEU L 273 -32.17 39.19 45.63
C LEU L 273 -31.04 38.24 45.27
N SER L 274 -31.03 37.69 44.06
CA SER L 274 -29.93 36.85 43.58
C SER L 274 -28.94 37.61 42.72
N VAL L 275 -29.04 38.94 42.66
CA VAL L 275 -28.08 39.73 41.91
C VAL L 275 -26.72 39.69 42.63
N THR L 276 -25.67 39.37 41.88
CA THR L 276 -24.36 39.14 42.45
C THR L 276 -23.34 40.13 41.89
N THR L 277 -22.32 40.40 42.70
CA THR L 277 -21.14 41.13 42.27
C THR L 277 -20.27 40.22 41.41
N PRO L 278 -19.25 40.75 40.74
CA PRO L 278 -18.32 39.86 40.02
C PRO L 278 -17.58 38.88 40.92
N TYR L 279 -17.61 39.06 42.23
CA TYR L 279 -16.95 38.16 43.17
C TYR L 279 -17.89 37.12 43.77
N GLY L 280 -19.20 37.24 43.56
CA GLY L 280 -20.14 36.23 43.99
C GLY L 280 -21.01 36.62 45.16
N ILE L 281 -20.84 37.81 45.72
CA ILE L 281 -21.62 38.22 46.88
C ILE L 281 -23.02 38.59 46.39
N SER L 282 -24.02 37.83 46.81
CA SER L 282 -25.40 38.08 46.42
C SER L 282 -26.04 39.11 47.35
N VAL L 283 -27.21 39.60 46.93
CA VAL L 283 -28.03 40.40 47.83
C VAL L 283 -28.51 39.54 49.00
N SER L 284 -28.80 38.27 48.72
CA SER L 284 -29.22 37.34 49.77
C SER L 284 -28.13 37.14 50.82
N ASP L 285 -26.88 37.04 50.38
CA ASP L 285 -25.76 36.90 51.31
C ASP L 285 -25.68 38.09 52.25
N TRP L 286 -25.77 39.30 51.70
CA TRP L 286 -25.68 40.50 52.53
C TRP L 286 -26.88 40.62 53.46
N ILE L 287 -28.07 40.25 52.99
CA ILE L 287 -29.25 40.30 53.85
C ILE L 287 -29.14 39.31 55.00
N GLU L 288 -28.74 38.07 54.69
CA GLU L 288 -28.67 37.04 55.73
C GLU L 288 -27.46 37.18 56.64
N GLN L 289 -26.47 37.98 56.27
CA GLN L 289 -25.35 38.24 57.17
C GLN L 289 -25.51 39.52 57.97
N THR L 290 -26.08 40.57 57.37
CA THR L 290 -26.32 41.81 58.10
C THR L 290 -27.53 41.68 59.01
N TYR L 291 -28.58 40.99 58.56
CA TYR L 291 -29.81 40.82 59.32
C TYR L 291 -30.10 39.33 59.37
N PRO L 292 -29.44 38.59 60.26
CA PRO L 292 -29.57 37.12 60.26
C PRO L 292 -30.98 36.63 60.53
N LYS L 293 -31.79 37.39 61.25
CA LYS L 293 -33.15 36.99 61.60
C LYS L 293 -34.21 37.72 60.78
N MET L 294 -33.80 38.40 59.71
CA MET L 294 -34.78 38.95 58.78
C MET L 294 -35.38 37.83 57.95
N ARG L 295 -36.71 37.85 57.81
CA ARG L 295 -37.44 36.85 57.04
C ARG L 295 -37.90 37.46 55.73
N ILE L 296 -37.70 36.71 54.64
CA ILE L 296 -38.08 37.15 53.30
C ILE L 296 -39.29 36.35 52.86
N VAL L 297 -40.38 37.06 52.55
CA VAL L 297 -41.62 36.46 52.09
C VAL L 297 -42.01 37.14 50.79
N SER L 298 -42.59 36.37 49.88
CA SER L 298 -43.06 36.89 48.60
C SER L 298 -44.49 36.44 48.36
N ALA L 299 -45.33 37.34 47.85
CA ALA L 299 -46.73 37.04 47.58
C ALA L 299 -47.14 37.67 46.26
N PRO L 300 -48.00 37.02 45.48
CA PRO L 300 -48.44 37.60 44.21
C PRO L 300 -49.30 38.84 44.36
N GLU L 301 -49.91 39.06 45.52
CA GLU L 301 -50.75 40.23 45.70
C GLU L 301 -49.95 41.52 45.84
N LEU L 302 -48.64 41.42 46.08
CA LEU L 302 -47.79 42.61 46.18
C LEU L 302 -47.25 43.06 44.83
N SER L 303 -47.52 42.32 43.76
CA SER L 303 -47.15 42.75 42.42
C SER L 303 -48.31 43.53 41.81
N GLY L 304 -48.00 44.74 41.34
CA GLY L 304 -49.06 45.60 40.83
C GLY L 304 -50.06 46.03 41.87
N VAL L 305 -49.58 46.48 43.03
CA VAL L 305 -50.49 46.98 44.07
C VAL L 305 -51.24 48.21 43.57
N GLN L 306 -50.54 49.14 42.94
CA GLN L 306 -51.16 50.28 42.29
C GLN L 306 -50.56 50.43 40.89
N MET L 307 -51.33 51.01 39.99
CA MET L 307 -50.90 51.28 38.63
C MET L 307 -50.54 52.75 38.50
N LYS L 308 -49.32 53.04 38.05
CA LYS L 308 -48.92 54.43 37.88
C LYS L 308 -49.50 55.02 36.59
N ALA L 309 -49.11 54.46 35.44
CA ALA L 309 -49.72 54.86 34.16
C ALA L 309 -49.68 53.62 33.25
N GLN L 310 -50.77 52.85 33.29
CA GLN L 310 -50.91 51.60 32.52
C GLN L 310 -49.74 50.66 32.75
N GLU L 311 -49.18 50.68 33.96
CA GLU L 311 -48.00 49.89 34.30
C GLU L 311 -48.07 49.49 35.77
N PRO L 312 -48.03 48.20 36.07
CA PRO L 312 -48.08 47.76 37.48
C PRO L 312 -46.84 48.21 38.25
N GLU L 313 -47.04 48.51 39.52
CA GLU L 313 -45.94 48.89 40.42
C GLU L 313 -45.84 47.89 41.55
N ASP L 314 -44.65 47.34 41.72
CA ASP L 314 -44.40 46.31 42.72
C ASP L 314 -44.25 46.94 44.11
N ALA L 315 -44.23 46.08 45.13
CA ALA L 315 -44.28 46.54 46.51
C ALA L 315 -43.24 45.84 47.37
N LEU L 316 -42.78 46.56 48.40
CA LEU L 316 -41.83 46.05 49.39
C LEU L 316 -42.29 46.58 50.74
N VAL L 317 -42.74 45.70 51.62
CA VAL L 317 -43.21 46.08 52.95
C VAL L 317 -42.28 45.46 53.97
N LEU L 318 -41.59 46.30 54.73
CA LEU L 318 -40.65 45.86 55.76
C LEU L 318 -41.23 46.22 57.11
N PHE L 319 -41.47 45.21 57.96
CA PHE L 319 -42.10 45.51 59.23
C PHE L 319 -41.57 44.59 60.33
N VAL L 320 -41.52 45.12 61.54
CA VAL L 320 -41.06 44.36 62.69
C VAL L 320 -42.12 43.33 63.07
N GLU L 321 -41.67 42.09 63.34
CA GLU L 321 -42.60 41.04 63.70
C GLU L 321 -43.20 41.27 65.09
N ASP L 322 -42.37 41.59 66.07
CA ASP L 322 -42.84 41.73 67.44
C ASP L 322 -42.11 42.89 68.10
N VAL L 323 -42.83 43.60 68.97
CA VAL L 323 -42.28 44.70 69.75
C VAL L 323 -42.29 44.26 71.21
N ASN L 324 -41.12 44.36 71.86
CA ASN L 324 -40.96 43.84 73.20
C ASN L 324 -41.78 44.65 74.20
N ALA L 325 -42.11 44.02 75.32
CA ALA L 325 -42.87 44.65 76.39
C ALA L 325 -42.01 45.51 77.30
N ALA L 326 -40.81 45.86 76.86
CA ALA L 326 -39.93 46.80 77.56
C ALA L 326 -39.61 48.03 76.73
N VAL L 327 -39.34 47.84 75.43
CA VAL L 327 -39.13 48.97 74.53
C VAL L 327 -40.40 49.80 74.39
N ASP L 328 -41.55 49.12 74.27
CA ASP L 328 -42.84 49.80 74.22
C ASP L 328 -43.59 49.72 75.54
N GLY L 329 -43.31 48.68 76.34
CA GLY L 329 -44.05 48.46 77.56
C GLY L 329 -45.42 47.88 77.36
N SER L 330 -45.77 47.45 76.15
CA SER L 330 -47.13 47.08 75.83
C SER L 330 -47.56 45.80 76.53
N THR L 331 -48.85 45.73 76.86
CA THR L 331 -49.44 44.58 77.53
C THR L 331 -50.35 43.77 76.62
N ASP L 332 -50.30 43.99 75.31
CA ASP L 332 -51.15 43.29 74.37
C ASP L 332 -50.46 42.13 73.66
N GLY L 333 -49.13 42.11 73.65
CA GLY L 333 -48.40 41.05 72.98
C GLY L 333 -47.30 41.59 72.10
N GLY L 334 -47.44 42.84 71.66
CA GLY L 334 -46.43 43.46 70.84
C GLY L 334 -46.51 43.15 69.36
N SER L 335 -47.58 42.52 68.90
CA SER L 335 -47.69 42.14 67.49
C SER L 335 -48.01 43.38 66.66
N VAL L 336 -47.14 43.69 65.70
CA VAL L 336 -47.38 44.81 64.81
C VAL L 336 -48.53 44.50 63.86
N PHE L 337 -48.55 43.30 63.30
CA PHE L 337 -49.56 42.89 62.34
C PHE L 337 -50.25 41.63 62.81
N SER L 338 -51.57 41.56 62.60
CA SER L 338 -52.34 40.40 62.98
C SER L 338 -53.42 40.15 61.94
N GLN L 339 -53.80 38.89 61.78
CA GLN L 339 -54.91 38.51 60.92
C GLN L 339 -55.96 37.83 61.78
N LEU L 340 -57.14 38.45 61.89
CA LEU L 340 -58.21 37.96 62.75
C LEU L 340 -59.14 37.10 61.91
N VAL L 341 -59.02 35.79 62.06
CA VAL L 341 -59.83 34.82 61.33
C VAL L 341 -60.67 34.07 62.35
N GLN L 342 -62.00 34.19 62.22
CA GLN L 342 -62.90 33.55 63.18
C GLN L 342 -62.82 32.03 63.07
N SER L 343 -62.82 31.51 61.84
CA SER L 343 -62.76 30.09 61.58
C SER L 343 -62.44 29.87 60.11
N LYS L 344 -61.55 28.91 59.83
CA LYS L 344 -61.22 28.59 58.44
C LYS L 344 -62.40 27.97 57.71
N PHE L 345 -63.10 27.04 58.35
CA PHE L 345 -64.05 26.20 57.64
C PHE L 345 -65.08 25.65 58.62
N ILE L 346 -66.35 25.93 58.34
CA ILE L 346 -67.46 25.37 59.10
C ILE L 346 -68.36 24.62 58.13
N THR L 347 -68.73 23.40 58.49
CA THR L 347 -69.74 22.67 57.71
C THR L 347 -71.11 23.16 58.19
N LEU L 348 -71.71 24.06 57.40
CA LEU L 348 -73.02 24.61 57.78
C LEU L 348 -74.08 23.53 57.82
N GLY L 349 -74.09 22.64 56.84
CA GLY L 349 -74.99 21.51 56.90
C GLY L 349 -75.19 20.85 55.55
N VAL L 350 -76.11 19.88 55.54
CA VAL L 350 -76.47 19.13 54.34
C VAL L 350 -77.99 19.07 54.25
N GLU L 351 -78.47 18.75 53.05
CA GLU L 351 -79.91 18.65 52.80
C GLU L 351 -80.12 17.62 51.70
N LYS L 352 -80.82 16.54 52.03
CA LYS L 352 -80.98 15.41 51.11
C LYS L 352 -82.31 15.52 50.38
N ARG L 353 -82.25 15.61 49.06
CA ARG L 353 -83.39 15.52 48.18
C ARG L 353 -83.49 14.09 47.67
N ALA L 354 -84.65 13.74 47.09
CA ALA L 354 -84.85 12.40 46.58
C ALA L 354 -83.84 12.04 45.50
N LYS L 355 -83.60 12.96 44.56
CA LYS L 355 -82.68 12.70 43.47
C LYS L 355 -81.28 13.24 43.72
N SER L 356 -81.16 14.42 44.33
CA SER L 356 -79.90 15.09 44.52
C SER L 356 -79.65 15.34 46.00
N TYR L 357 -78.57 16.05 46.31
CA TYR L 357 -78.29 16.46 47.69
C TYR L 357 -77.42 17.71 47.65
N VAL L 358 -77.55 18.53 48.69
CA VAL L 358 -76.88 19.82 48.79
C VAL L 358 -76.03 19.83 50.05
N GLU L 359 -74.86 20.44 49.97
CA GLU L 359 -74.03 20.72 51.13
C GLU L 359 -73.67 22.20 51.14
N ASP L 360 -73.58 22.77 52.35
CA ASP L 360 -73.19 24.16 52.52
C ASP L 360 -72.14 24.26 53.61
N PHE L 361 -71.10 25.06 53.33
CA PHE L 361 -70.02 25.35 54.26
C PHE L 361 -69.81 26.86 54.33
N SER L 362 -69.10 27.30 55.36
CA SER L 362 -68.91 28.73 55.59
C SER L 362 -67.58 28.97 56.28
N ASN L 363 -67.16 30.24 56.26
CA ASN L 363 -65.95 30.69 56.94
C ASN L 363 -66.18 32.10 57.47
N GLY L 364 -65.29 32.52 58.37
CA GLY L 364 -65.37 33.87 58.92
C GLY L 364 -64.01 34.49 59.16
N THR L 365 -63.84 35.75 58.76
CA THR L 365 -62.58 36.45 58.97
C THR L 365 -62.86 37.94 59.09
N ALA L 366 -62.03 38.62 59.89
CA ALA L 366 -62.18 40.04 60.14
C ALA L 366 -61.06 40.87 59.51
N GLY L 367 -60.36 40.32 58.53
CA GLY L 367 -59.32 41.08 57.86
C GLY L 367 -58.02 41.12 58.64
N ALA L 368 -57.30 42.22 58.48
CA ALA L 368 -55.99 42.39 59.11
C ALA L 368 -55.96 43.67 59.92
N LEU L 369 -55.24 43.61 61.05
CA LEU L 369 -55.11 44.73 61.96
C LEU L 369 -53.64 45.07 62.16
N CYS L 370 -53.31 46.35 62.01
CA CYS L 370 -51.97 46.86 62.27
C CYS L 370 -52.03 47.74 63.51
N LYS L 371 -51.39 47.27 64.60
CA LYS L 371 -51.40 48.02 65.84
C LYS L 371 -50.28 49.04 65.93
N ARG L 372 -49.20 48.86 65.16
CA ARG L 372 -48.03 49.74 65.23
C ARG L 372 -47.66 50.19 63.83
N PRO L 373 -48.32 51.21 63.30
CA PRO L 373 -47.92 51.75 61.99
C PRO L 373 -46.50 52.30 61.96
N TRP L 374 -45.97 52.74 63.09
CA TRP L 374 -44.60 53.24 63.16
C TRP L 374 -43.57 52.15 62.88
N ALA L 375 -43.94 50.88 63.01
CA ALA L 375 -43.02 49.77 62.79
C ALA L 375 -43.20 49.14 61.42
N VAL L 376 -43.71 49.90 60.45
CA VAL L 376 -43.92 49.43 59.09
C VAL L 376 -43.37 50.49 58.13
N VAL L 377 -42.63 50.04 57.12
CA VAL L 377 -42.16 50.90 56.04
C VAL L 377 -42.60 50.28 54.73
N ARG L 378 -43.32 51.03 53.92
CA ARG L 378 -43.86 50.55 52.66
C ARG L 378 -43.23 51.32 51.50
N TYR L 379 -42.71 50.59 50.52
CA TYR L 379 -42.12 51.17 49.31
C TYR L 379 -42.86 50.64 48.10
N LEU L 380 -43.24 51.55 47.21
CA LEU L 380 -43.92 51.20 45.97
C LEU L 380 -43.10 51.69 44.79
N GLY L 381 -42.98 50.84 43.77
CA GLY L 381 -42.24 51.18 42.59
C GLY L 381 -40.87 50.55 42.49
N ILE L 382 -40.50 49.66 43.42
CA ILE L 382 -39.23 48.94 43.36
C ILE L 382 -39.08 48.14 42.08
N ASN M 66 -106.71 42.83 60.98
CA ASN M 66 -105.53 43.64 61.23
C ASN M 66 -104.57 42.96 62.22
N PHE M 67 -103.28 42.96 61.89
CA PHE M 67 -102.27 42.45 62.80
C PHE M 67 -102.25 43.31 64.06
N THR M 68 -102.30 42.66 65.22
CA THR M 68 -102.37 43.37 66.49
C THR M 68 -101.13 44.23 66.69
N ALA M 69 -101.35 45.48 67.12
CA ALA M 69 -100.26 46.42 67.27
C ALA M 69 -99.30 45.94 68.36
N PRO M 70 -97.99 46.00 68.12
CA PRO M 70 -97.04 45.43 69.08
C PRO M 70 -96.83 46.33 70.29
N VAL M 71 -96.59 45.69 71.43
CA VAL M 71 -96.26 46.43 72.64
C VAL M 71 -94.89 47.06 72.52
N THR M 72 -93.93 46.34 71.96
CA THR M 72 -92.57 46.82 71.79
C THR M 72 -92.38 47.32 70.36
N THR M 73 -91.59 48.37 70.21
CA THR M 73 -91.22 48.84 68.89
C THR M 73 -90.30 47.81 68.22
N PRO M 74 -90.52 47.51 66.94
CA PRO M 74 -89.63 46.56 66.26
C PRO M 74 -88.20 47.07 66.20
N SER M 75 -87.25 46.19 66.46
CA SER M 75 -85.84 46.56 66.45
C SER M 75 -85.00 45.29 66.32
N ILE M 76 -83.75 45.49 65.96
CA ILE M 76 -82.79 44.38 65.91
C ILE M 76 -82.49 43.92 67.33
N PRO M 77 -82.64 42.62 67.64
CA PRO M 77 -82.59 42.18 69.05
C PRO M 77 -81.26 42.37 69.76
N THR M 78 -80.18 41.85 69.19
CA THR M 78 -78.90 41.82 69.87
C THR M 78 -78.22 43.19 69.82
N PRO M 79 -77.88 43.78 70.95
CA PRO M 79 -77.00 44.97 70.92
C PRO M 79 -75.62 44.61 70.41
N ILE M 80 -74.95 45.61 69.83
CA ILE M 80 -73.63 45.40 69.24
C ILE M 80 -72.60 45.05 70.31
N GLN M 81 -72.74 45.62 71.50
CA GLN M 81 -71.76 45.42 72.57
C GLN M 81 -71.74 44.01 73.13
N PHE M 82 -72.74 43.18 72.82
CA PHE M 82 -72.74 41.79 73.23
C PHE M 82 -72.14 40.87 72.17
N LEU M 83 -71.66 41.42 71.05
CA LEU M 83 -71.08 40.65 69.96
C LEU M 83 -69.65 41.08 69.68
N GLN M 84 -68.92 41.47 70.72
CA GLN M 84 -67.55 41.96 70.58
C GLN M 84 -66.60 41.07 71.34
N THR M 85 -65.35 41.00 70.87
CA THR M 85 -64.27 40.31 71.56
C THR M 85 -63.17 41.33 71.81
N TRP M 86 -63.11 41.85 73.04
CA TRP M 86 -62.09 42.81 73.40
C TRP M 86 -60.78 42.09 73.68
N LEU M 87 -59.76 42.38 72.90
CA LEU M 87 -58.44 41.81 73.13
C LEU M 87 -57.85 42.37 74.41
N PRO M 88 -57.38 41.52 75.33
CA PRO M 88 -56.79 42.04 76.57
C PRO M 88 -55.50 42.79 76.30
N GLY M 89 -55.23 43.78 77.14
CA GLY M 89 -54.02 44.58 77.00
C GLY M 89 -54.25 45.84 76.20
N PHE M 90 -53.41 46.84 76.47
CA PHE M 90 -53.46 48.12 75.80
C PHE M 90 -52.13 48.38 75.11
N VAL M 91 -52.21 48.97 73.93
CA VAL M 91 -51.02 49.34 73.16
C VAL M 91 -50.75 50.80 73.49
N LYS M 92 -50.01 51.06 74.55
CA LYS M 92 -49.67 52.45 74.86
C LYS M 92 -48.48 52.96 74.05
N VAL M 93 -48.49 54.26 73.82
CA VAL M 93 -47.55 54.94 72.92
C VAL M 93 -46.16 54.98 73.55
N MET M 94 -45.17 55.36 72.74
CA MET M 94 -43.78 55.27 73.12
C MET M 94 -43.03 56.47 72.55
N THR M 95 -41.90 56.79 73.17
CA THR M 95 -41.12 57.96 72.81
C THR M 95 -39.74 57.53 72.33
N ALA M 96 -38.86 58.51 72.13
CA ALA M 96 -37.51 58.24 71.67
C ALA M 96 -36.72 57.47 72.71
N ALA M 97 -35.77 56.66 72.25
CA ALA M 97 -34.92 55.91 73.15
C ALA M 97 -34.03 56.85 73.96
N ARG M 98 -33.99 56.63 75.27
CA ARG M 98 -33.15 57.41 76.17
C ARG M 98 -31.82 56.71 76.28
N LYS M 99 -30.81 57.22 75.58
CA LYS M 99 -29.53 56.54 75.44
C LYS M 99 -28.38 57.45 75.86
N ILE M 100 -28.58 58.24 76.91
CA ILE M 100 -27.47 59.05 77.43
C ILE M 100 -26.59 58.20 78.35
N ASP M 101 -27.19 57.23 79.05
CA ASP M 101 -26.44 56.36 79.94
C ASP M 101 -25.64 55.31 79.16
N GLU M 102 -25.99 55.06 77.90
CA GLU M 102 -25.28 54.08 77.09
C GLU M 102 -23.96 54.62 76.55
N ILE M 103 -23.72 55.92 76.65
CA ILE M 103 -22.52 56.55 76.11
C ILE M 103 -21.51 56.85 77.21
N ILE M 104 -21.94 57.49 78.30
CA ILE M 104 -21.04 57.91 79.37
C ILE M 104 -21.43 57.36 80.74
N GLY M 105 -22.56 56.66 80.85
CA GLY M 105 -22.94 56.05 82.11
C GLY M 105 -23.58 57.01 83.09
N ILE M 106 -23.77 56.52 84.31
CA ILE M 106 -24.41 57.25 85.39
C ILE M 106 -23.41 57.38 86.53
N ASP M 107 -23.19 58.62 86.99
CA ASP M 107 -22.35 58.88 88.15
C ASP M 107 -23.12 59.74 89.13
N THR M 108 -23.19 59.29 90.39
CA THR M 108 -23.95 59.98 91.43
C THR M 108 -22.95 60.56 92.42
N VAL M 109 -22.81 61.89 92.41
CA VAL M 109 -21.89 62.57 93.31
C VAL M 109 -22.56 63.69 94.12
N GLY M 110 -23.69 64.23 93.69
CA GLY M 110 -24.36 65.30 94.41
C GLY M 110 -25.31 64.79 95.47
N SER M 111 -26.15 65.70 95.96
CA SER M 111 -27.10 65.35 97.01
C SER M 111 -28.47 66.00 96.82
N TRP M 112 -28.76 66.59 95.66
CA TRP M 112 -30.03 67.23 95.29
C TRP M 112 -30.26 68.53 96.05
N GLU M 113 -29.44 68.82 97.05
CA GLU M 113 -29.52 70.08 97.77
C GLU M 113 -28.31 70.98 97.53
N ASP M 114 -27.20 70.44 97.05
CA ASP M 114 -26.10 71.27 96.56
C ASP M 114 -26.52 72.01 95.31
N GLN M 115 -25.85 73.13 95.06
CA GLN M 115 -26.12 73.92 93.87
C GLN M 115 -25.00 73.86 92.83
N GLU M 116 -23.84 73.30 93.17
CA GLU M 116 -22.70 73.33 92.27
C GLU M 116 -21.81 72.12 92.52
N ILE M 117 -21.08 71.74 91.47
CA ILE M 117 -20.05 70.71 91.53
C ILE M 117 -18.81 71.25 90.81
N VAL M 118 -17.64 71.07 91.41
CA VAL M 118 -16.41 71.64 90.89
C VAL M 118 -15.41 70.53 90.59
N GLN M 119 -14.42 70.87 89.76
CA GLN M 119 -13.31 70.00 89.42
C GLN M 119 -12.07 70.85 89.23
N GLY M 120 -10.89 70.27 89.47
CA GLY M 120 -9.64 71.01 89.47
C GLY M 120 -8.68 70.57 88.38
N ILE M 121 -7.98 71.54 87.80
CA ILE M 121 -6.88 71.32 86.87
C ILE M 121 -5.62 71.91 87.51
N VAL M 122 -4.48 71.25 87.28
CA VAL M 122 -3.20 71.73 87.80
C VAL M 122 -2.16 71.58 86.68
N GLU M 123 -1.24 72.51 86.61
CA GLU M 123 -0.27 72.53 85.52
C GLU M 123 1.09 72.94 86.05
N PRO M 124 2.08 72.05 86.00
CA PRO M 124 3.45 72.45 86.32
C PRO M 124 4.00 73.40 85.27
N ALA M 125 4.80 74.36 85.73
CA ALA M 125 5.28 75.43 84.88
C ALA M 125 6.73 75.73 85.19
N GLY M 126 7.47 76.12 84.15
CA GLY M 126 8.89 76.41 84.26
C GLY M 126 9.63 76.04 82.98
N THR M 127 10.52 76.93 82.53
CA THR M 127 11.28 76.72 81.31
C THR M 127 12.77 76.73 81.61
N ALA M 128 13.50 75.90 80.87
CA ALA M 128 14.94 75.77 81.07
C ALA M 128 15.69 76.88 80.33
N VAL M 129 16.96 77.04 80.68
CA VAL M 129 17.83 78.06 80.10
C VAL M 129 19.26 77.51 80.14
N GLU M 130 20.18 78.21 79.47
CA GLU M 130 21.58 77.82 79.46
C GLU M 130 22.16 77.88 80.86
N TYR M 131 23.04 76.91 81.17
CA TYR M 131 23.65 76.85 82.50
C TYR M 131 24.75 77.90 82.60
N GLY M 132 24.62 78.79 83.58
CA GLY M 132 25.57 79.86 83.76
C GLY M 132 26.03 79.95 85.20
N ASP M 133 27.33 80.18 85.38
CA ASP M 133 27.89 80.31 86.71
C ASP M 133 27.34 81.53 87.43
N HIS M 134 27.18 82.64 86.72
CA HIS M 134 26.79 83.92 87.29
C HIS M 134 25.41 84.36 86.78
N THR M 135 24.49 83.41 86.61
CA THR M 135 23.14 83.70 86.16
C THR M 135 22.14 83.23 87.21
N ASN M 136 21.05 83.96 87.35
CA ASN M 136 20.04 83.63 88.35
C ASN M 136 19.29 82.36 87.96
N ILE M 137 18.97 81.55 88.95
CA ILE M 137 18.36 80.24 88.71
C ILE M 137 16.88 80.43 88.38
N PRO M 138 16.38 79.86 87.28
CA PRO M 138 14.94 79.91 87.01
C PRO M 138 14.16 79.06 88.01
N LEU M 139 12.88 79.39 88.16
CA LEU M 139 12.03 78.78 89.16
C LEU M 139 10.95 77.93 88.50
N THR M 140 10.63 76.79 89.13
CA THR M 140 9.61 75.87 88.66
C THR M 140 8.52 75.75 89.71
N SER M 141 7.27 75.80 89.27
CA SER M 141 6.14 75.82 90.21
C SER M 141 4.95 75.14 89.54
N TRP M 142 3.75 75.38 90.06
CA TRP M 142 2.53 74.85 89.49
C TRP M 142 1.41 75.86 89.64
N ASN M 143 0.41 75.77 88.76
CA ASN M 143 -0.76 76.63 88.79
C ASN M 143 -2.02 75.79 88.78
N ALA M 144 -3.01 76.18 89.59
CA ALA M 144 -4.25 75.42 89.71
C ALA M 144 -5.45 76.29 89.33
N ASN M 145 -6.33 75.72 88.50
CA ASN M 145 -7.58 76.36 88.12
C ASN M 145 -8.73 75.42 88.43
N PHE M 146 -9.95 75.96 88.45
CA PHE M 146 -11.12 75.20 88.82
C PHE M 146 -12.27 75.49 87.86
N GLU M 147 -13.04 74.44 87.54
CA GLU M 147 -14.22 74.54 86.71
C GLU M 147 -15.44 74.13 87.52
N ARG M 148 -16.58 74.77 87.22
CA ARG M 148 -17.79 74.61 88.01
C ARG M 148 -19.00 74.34 87.12
N ARG M 149 -19.94 73.57 87.64
CA ARG M 149 -21.17 73.22 86.94
C ARG M 149 -22.34 73.25 87.92
N THR M 150 -23.43 73.88 87.51
CA THR M 150 -24.59 74.03 88.37
C THR M 150 -25.50 72.80 88.27
N ILE M 151 -26.53 72.77 89.10
CA ILE M 151 -27.42 71.62 89.25
C ILE M 151 -28.84 72.07 88.94
N VAL M 152 -29.52 71.34 88.06
CA VAL M 152 -30.89 71.63 87.68
C VAL M 152 -31.77 70.45 88.08
N ARG M 153 -32.91 70.74 88.69
CA ARG M 153 -33.76 69.72 89.27
C ARG M 153 -35.16 69.84 88.67
N GLY M 154 -35.71 68.69 88.26
CA GLY M 154 -37.05 68.65 87.70
C GLY M 154 -38.11 68.41 88.76
N GLU M 155 -39.36 68.37 88.31
CA GLU M 155 -40.50 68.17 89.19
C GLU M 155 -41.71 67.77 88.36
N LEU M 156 -42.31 66.64 88.70
CA LEU M 156 -43.51 66.18 88.00
C LEU M 156 -44.46 65.55 89.00
N GLY M 157 -45.76 65.82 88.83
CA GLY M 157 -46.76 65.36 89.76
C GLY M 157 -47.93 64.69 89.07
N MET M 158 -48.93 64.37 89.87
CA MET M 158 -50.11 63.64 89.44
C MET M 158 -51.24 63.92 90.42
N MET M 159 -52.48 63.87 89.93
CA MET M 159 -53.64 63.99 90.78
C MET M 159 -54.70 63.01 90.33
N VAL M 160 -55.23 62.23 91.27
CA VAL M 160 -56.23 61.21 90.99
C VAL M 160 -57.45 61.46 91.86
N GLY M 161 -58.62 61.52 91.24
CA GLY M 161 -59.87 61.68 91.95
C GLY M 161 -60.53 60.34 92.26
N THR M 162 -61.73 60.43 92.81
CA THR M 162 -62.52 59.24 93.14
C THR M 162 -63.33 58.75 91.95
N LEU M 163 -64.19 59.62 91.41
CA LEU M 163 -64.96 59.25 90.23
C LEU M 163 -64.06 59.00 89.03
N GLU M 164 -62.97 59.78 88.91
CA GLU M 164 -62.01 59.56 87.83
C GLU M 164 -61.39 58.17 87.90
N GLU M 165 -60.96 57.76 89.10
CA GLU M 165 -60.38 56.43 89.27
C GLU M 165 -61.42 55.34 89.06
N GLY M 166 -62.66 55.59 89.48
CA GLY M 166 -63.72 54.60 89.24
C GLY M 166 -63.99 54.39 87.77
N ARG M 167 -64.11 55.48 87.02
CA ARG M 167 -64.33 55.38 85.58
C ARG M 167 -63.12 54.79 84.87
N ALA M 168 -61.92 55.05 85.39
CA ALA M 168 -60.72 54.41 84.85
C ALA M 168 -60.76 52.91 85.08
N SER M 169 -61.17 52.47 86.27
CA SER M 169 -61.27 51.04 86.55
C SER M 169 -62.41 50.40 85.76
N ALA M 170 -63.40 51.19 85.34
CA ALA M 170 -64.48 50.66 84.53
C ALA M 170 -63.96 50.18 83.16
N ILE M 171 -62.99 50.89 82.60
CA ILE M 171 -62.44 50.51 81.30
C ILE M 171 -61.17 49.68 81.50
N ARG M 172 -61.01 49.13 82.70
CA ARG M 172 -59.93 48.21 83.06
C ARG M 172 -58.55 48.87 82.90
N LEU M 173 -58.35 49.93 83.68
CA LEU M 173 -57.05 50.59 83.74
C LEU M 173 -56.94 51.30 85.08
N ASN M 174 -55.77 51.20 85.71
CA ASN M 174 -55.53 51.88 86.97
C ASN M 174 -54.98 53.26 86.65
N SER M 175 -55.74 54.30 87.01
CA SER M 175 -55.32 55.67 86.74
C SER M 175 -54.05 56.01 87.50
N ALA M 176 -54.00 55.67 88.78
CA ALA M 176 -52.91 56.09 89.65
C ALA M 176 -51.57 55.54 89.18
N GLU M 177 -51.51 54.25 88.87
CA GLU M 177 -50.25 53.65 88.43
C GLU M 177 -49.80 54.26 87.10
N THR M 178 -50.74 54.48 86.19
CA THR M 178 -50.41 55.06 84.89
C THR M 178 -49.83 56.47 85.05
N LYS M 179 -50.46 57.29 85.89
CA LYS M 179 -49.94 58.64 86.12
C LYS M 179 -48.59 58.60 86.83
N ARG M 180 -48.37 57.64 87.73
CA ARG M 180 -47.10 57.57 88.43
C ARG M 180 -45.96 57.17 87.49
N GLN M 181 -46.19 56.14 86.67
CA GLN M 181 -45.19 55.79 85.66
C GLN M 181 -44.98 56.90 84.65
N GLN M 182 -46.04 57.65 84.30
CA GLN M 182 -45.86 58.76 83.39
C GLN M 182 -45.00 59.86 84.02
N ALA M 183 -45.18 60.12 85.31
CA ALA M 183 -44.35 61.10 86.00
C ALA M 183 -42.89 60.65 86.02
N ALA M 184 -42.64 59.37 86.32
CA ALA M 184 -41.28 58.86 86.32
C ALA M 184 -40.65 58.95 84.93
N ILE M 185 -41.41 58.60 83.89
CA ILE M 185 -40.90 58.65 82.52
C ILE M 185 -40.64 60.09 82.10
N GLY M 186 -41.50 61.03 82.51
CA GLY M 186 -41.27 62.42 82.20
C GLY M 186 -40.02 62.97 82.85
N LEU M 187 -39.80 62.60 84.12
CA LEU M 187 -38.55 62.99 84.79
C LEU M 187 -37.34 62.39 84.11
N GLU M 188 -37.45 61.14 83.66
CA GLU M 188 -36.33 60.50 82.97
C GLU M 188 -36.04 61.16 81.62
N ILE M 189 -37.09 61.53 80.88
CA ILE M 189 -36.90 62.26 79.62
C ILE M 189 -36.26 63.60 79.88
N PHE M 190 -36.69 64.29 80.93
CA PHE M 190 -36.06 65.57 81.30
C PHE M 190 -34.59 65.37 81.62
N ARG M 191 -34.25 64.34 82.39
CA ARG M 191 -32.86 64.08 82.74
C ARG M 191 -32.02 63.78 81.51
N ASN M 192 -32.54 62.97 80.59
CA ASN M 192 -31.80 62.65 79.37
C ASN M 192 -31.60 63.89 78.51
N ALA M 193 -32.63 64.75 78.40
CA ALA M 193 -32.48 65.98 77.64
C ALA M 193 -31.44 66.90 78.27
N ILE M 194 -31.42 66.96 79.61
CA ILE M 194 -30.40 67.75 80.30
C ILE M 194 -29.02 67.21 79.99
N GLY M 195 -28.85 65.88 80.11
CA GLY M 195 -27.56 65.28 79.86
C GLY M 195 -27.09 65.37 78.42
N PHE M 196 -28.02 65.54 77.49
CA PHE M 196 -27.62 65.62 76.08
C PHE M 196 -27.40 67.05 75.60
N TYR M 197 -28.20 68.01 76.07
CA TYR M 197 -28.09 69.39 75.60
C TYR M 197 -27.83 70.42 76.68
N GLY M 198 -27.83 70.04 77.96
CA GLY M 198 -27.70 71.01 79.01
C GLY M 198 -29.00 71.76 79.27
N TRP M 199 -28.94 72.71 80.20
CA TRP M 199 -30.10 73.51 80.56
C TRP M 199 -29.72 74.99 80.51
N GLN M 200 -30.25 75.69 79.51
CA GLN M 200 -30.15 77.14 79.41
C GLN M 200 -28.70 77.61 79.43
N SER M 201 -27.84 76.87 78.73
CA SER M 201 -26.45 77.27 78.60
C SER M 201 -26.32 78.58 77.84
N GLY M 202 -27.27 78.88 76.95
CA GLY M 202 -27.22 80.14 76.23
C GLY M 202 -27.48 81.34 77.13
N LEU M 203 -28.39 81.22 78.08
CA LEU M 203 -28.70 82.33 78.97
C LEU M 203 -27.56 82.63 79.93
N GLY M 204 -26.79 81.62 80.32
CA GLY M 204 -25.68 81.85 81.22
C GLY M 204 -25.53 80.77 82.27
N ASN M 205 -26.54 79.91 82.40
CA ASN M 205 -26.48 78.81 83.35
C ASN M 205 -25.38 77.83 82.95
N ARG M 206 -24.65 77.34 83.94
CA ARG M 206 -23.40 76.61 83.70
C ARG M 206 -23.58 75.10 83.76
N THR M 207 -24.68 74.56 83.25
CA THR M 207 -24.82 73.12 83.05
C THR M 207 -24.89 72.83 81.56
N TYR M 208 -24.07 71.89 81.11
CA TYR M 208 -23.91 71.59 79.69
C TYR M 208 -24.19 70.13 79.41
N GLY M 209 -24.31 69.79 78.12
CA GLY M 209 -24.63 68.45 77.70
C GLY M 209 -23.46 67.75 77.05
N PHE M 210 -23.77 66.58 76.48
CA PHE M 210 -22.75 65.80 75.77
C PHE M 210 -22.21 66.53 74.55
N LEU M 211 -23.02 67.35 73.91
CA LEU M 211 -22.60 68.11 72.74
C LEU M 211 -22.66 69.62 72.97
N ASN M 212 -22.79 70.05 74.22
CA ASN M 212 -22.84 71.47 74.57
C ASN M 212 -21.67 71.90 75.45
N ASP M 213 -20.75 71.01 75.75
CA ASP M 213 -19.64 71.32 76.66
C ASP M 213 -18.70 72.33 76.02
N PRO M 214 -18.46 73.49 76.64
CA PRO M 214 -17.58 74.49 76.03
C PRO M 214 -16.14 74.02 75.84
N ASN M 215 -15.64 73.15 76.73
CA ASN M 215 -14.25 72.71 76.63
C ASN M 215 -14.04 71.74 75.49
N LEU M 216 -15.10 71.14 74.95
CA LEU M 216 -14.95 70.16 73.90
C LEU M 216 -14.41 70.81 72.62
N PRO M 217 -13.64 70.06 71.83
CA PRO M 217 -13.16 70.61 70.56
C PRO M 217 -14.29 70.88 69.59
N ALA M 218 -14.08 71.87 68.73
CA ALA M 218 -15.11 72.27 67.77
C ALA M 218 -15.36 71.16 66.77
N PHE M 219 -16.59 71.13 66.24
CA PHE M 219 -16.95 70.16 65.22
C PHE M 219 -16.11 70.38 63.97
N GLN M 220 -15.75 69.28 63.33
CA GLN M 220 -14.89 69.31 62.16
C GLN M 220 -15.60 68.69 60.98
N THR M 221 -15.45 69.32 59.81
CA THR M 221 -15.94 68.73 58.58
C THR M 221 -15.14 67.46 58.28
N PRO M 222 -15.78 66.33 58.05
CA PRO M 222 -15.05 65.10 57.75
C PRO M 222 -14.39 65.17 56.39
N PRO M 223 -13.32 64.39 56.16
CA PRO M 223 -12.74 64.33 54.81
C PRO M 223 -13.71 63.85 53.75
N SER M 224 -14.62 62.96 54.11
CA SER M 224 -15.74 62.62 53.25
C SER M 224 -16.88 63.59 53.52
N GLN M 225 -17.48 64.12 52.45
CA GLN M 225 -18.54 65.12 52.61
C GLN M 225 -19.76 64.54 53.32
N GLY M 226 -20.12 63.31 53.00
CA GLY M 226 -21.25 62.67 53.66
C GLY M 226 -21.35 61.18 53.41
N TRP M 227 -21.69 60.43 54.45
CA TRP M 227 -21.79 58.97 54.35
C TRP M 227 -22.95 58.54 53.46
N SER M 228 -23.90 59.43 53.17
CA SER M 228 -25.04 59.08 52.33
C SER M 228 -24.60 58.70 50.93
N THR M 229 -23.62 59.42 50.37
CA THR M 229 -23.10 59.12 49.04
C THR M 229 -21.70 58.52 49.05
N ALA M 230 -20.98 58.60 50.17
CA ALA M 230 -19.64 58.06 50.23
C ALA M 230 -19.67 56.53 50.17
N ASP M 231 -18.58 55.97 49.67
CA ASP M 231 -18.43 54.52 49.56
C ASP M 231 -17.82 53.96 50.83
N TRP M 232 -17.46 52.67 50.80
CA TRP M 232 -16.84 52.03 51.96
C TRP M 232 -15.51 52.67 52.32
N ALA M 233 -14.68 52.94 51.31
CA ALA M 233 -13.36 53.51 51.53
C ALA M 233 -13.45 54.87 52.20
N GLY M 234 -14.40 55.71 51.77
CA GLY M 234 -14.56 57.01 52.39
C GLY M 234 -14.94 56.93 53.85
N ILE M 235 -15.85 56.01 54.20
CA ILE M 235 -16.32 55.91 55.58
C ILE M 235 -15.21 55.34 56.48
N ILE M 236 -14.50 54.31 56.01
CA ILE M 236 -13.42 53.79 56.84
C ILE M 236 -12.28 54.80 56.93
N GLY M 237 -12.07 55.61 55.88
CA GLY M 237 -11.11 56.69 55.98
C GLY M 237 -11.55 57.76 56.97
N ASP M 238 -12.86 58.00 57.06
CA ASP M 238 -13.41 58.90 58.06
C ASP M 238 -13.07 58.42 59.47
N ILE M 239 -13.30 57.13 59.72
CA ILE M 239 -13.01 56.57 61.04
C ILE M 239 -11.50 56.60 61.32
N ARG M 240 -10.69 56.29 60.29
CA ARG M 240 -9.24 56.31 60.45
C ARG M 240 -8.75 57.72 60.73
N GLU M 241 -9.35 58.73 60.09
CA GLU M 241 -8.97 60.12 60.37
C GLU M 241 -9.35 60.52 61.78
N ALA M 242 -10.51 60.04 62.26
CA ALA M 242 -10.87 60.29 63.67
C ALA M 242 -9.86 59.67 64.62
N VAL M 243 -9.44 58.43 64.34
CA VAL M 243 -8.44 57.76 65.20
C VAL M 243 -7.10 58.48 65.12
N ARG M 244 -6.73 58.95 63.94
CA ARG M 244 -5.53 59.75 63.77
C ARG M 244 -5.58 61.01 64.62
N GLN M 245 -6.72 61.71 64.58
CA GLN M 245 -6.86 62.92 65.38
C GLN M 245 -6.77 62.62 66.87
N LEU M 246 -7.37 61.51 67.30
CA LEU M 246 -7.28 61.12 68.71
C LEU M 246 -5.83 60.87 69.12
N ARG M 247 -5.09 60.12 68.33
CA ARG M 247 -3.70 59.84 68.64
C ARG M 247 -2.85 61.11 68.62
N ILE M 248 -3.10 62.00 67.67
CA ILE M 248 -2.28 63.21 67.53
C ILE M 248 -2.56 64.17 68.69
N GLN M 249 -3.83 64.32 69.06
CA GLN M 249 -4.16 65.14 70.22
C GLN M 249 -3.57 64.56 71.49
N SER M 250 -3.56 63.23 71.61
CA SER M 250 -2.89 62.61 72.75
C SER M 250 -1.38 62.71 72.66
N GLN M 251 -0.84 63.02 71.48
CA GLN M 251 0.62 63.05 71.22
C GLN M 251 1.26 61.71 71.55
N ASP M 252 0.68 60.64 71.00
CA ASP M 252 1.15 59.26 71.08
C ASP M 252 1.13 58.71 72.51
N GLN M 253 0.48 59.41 73.44
CA GLN M 253 0.48 58.94 74.82
C GLN M 253 -0.47 57.77 75.03
N ILE M 254 -1.58 57.71 74.29
CA ILE M 254 -2.52 56.60 74.35
C ILE M 254 -2.55 55.95 72.97
N ASP M 255 -2.54 54.62 72.96
CA ASP M 255 -2.62 53.86 71.71
C ASP M 255 -4.07 53.46 71.50
N PRO M 256 -4.75 53.99 70.47
CA PRO M 256 -6.18 53.67 70.30
C PRO M 256 -6.46 52.23 69.92
N LYS M 257 -5.46 51.49 69.44
CA LYS M 257 -5.68 50.10 69.06
C LYS M 257 -5.99 49.24 70.28
N ALA M 258 -5.25 49.42 71.37
CA ALA M 258 -5.40 48.61 72.57
C ALA M 258 -6.08 49.40 73.69
N GLU M 259 -7.07 50.21 73.33
CA GLU M 259 -7.72 51.09 74.31
C GLU M 259 -9.22 51.12 74.04
N LYS M 260 -9.99 51.19 75.12
CA LYS M 260 -11.45 51.11 75.06
C LYS M 260 -12.03 52.47 74.67
N ILE M 261 -12.72 52.52 73.53
CA ILE M 261 -13.17 53.77 72.91
C ILE M 261 -14.64 53.64 72.54
N THR M 262 -15.42 54.67 72.85
CA THR M 262 -16.82 54.76 72.44
C THR M 262 -16.94 55.58 71.17
N LEU M 263 -17.69 55.05 70.19
CA LEU M 263 -18.02 55.73 68.94
C LEU M 263 -19.52 55.96 68.95
N ALA M 264 -19.94 57.19 69.23
CA ALA M 264 -21.35 57.56 69.25
C ALA M 264 -21.72 58.16 67.89
N LEU M 265 -22.75 57.59 67.26
CA LEU M 265 -23.19 58.01 65.94
C LEU M 265 -24.63 58.48 65.99
N ALA M 266 -25.00 59.33 65.03
CA ALA M 266 -26.41 59.59 64.81
C ALA M 266 -27.12 58.33 64.30
N THR M 267 -28.40 58.21 64.65
CA THR M 267 -29.16 57.04 64.23
C THR M 267 -29.47 57.06 62.74
N SER M 268 -29.52 58.26 62.14
CA SER M 268 -29.73 58.34 60.71
C SER M 268 -28.52 57.88 59.90
N LYS M 269 -27.38 57.63 60.56
CA LYS M 269 -26.18 57.20 59.86
C LYS M 269 -25.56 55.94 60.42
N VAL M 270 -26.17 55.33 61.44
CA VAL M 270 -25.60 54.11 62.03
C VAL M 270 -25.73 52.93 61.08
N ASP M 271 -26.79 52.92 60.25
CA ASP M 271 -26.96 51.82 59.29
C ASP M 271 -25.94 51.85 58.18
N TYR M 272 -25.32 53.01 57.91
CA TYR M 272 -24.28 53.11 56.89
C TYR M 272 -23.01 52.35 57.27
N LEU M 273 -22.93 51.83 58.50
CA LEU M 273 -21.87 50.88 58.84
C LEU M 273 -22.03 49.55 58.12
N SER M 274 -23.16 49.31 57.47
CA SER M 274 -23.37 48.10 56.67
C SER M 274 -22.99 48.30 55.21
N VAL M 275 -22.40 49.45 54.85
CA VAL M 275 -21.98 49.67 53.48
C VAL M 275 -20.83 48.72 53.15
N THR M 276 -20.99 47.96 52.07
CA THR M 276 -20.08 46.87 51.73
C THR M 276 -19.39 47.14 50.41
N THR M 277 -18.20 46.58 50.28
CA THR M 277 -17.49 46.54 49.01
C THR M 277 -18.10 45.48 48.12
N PRO M 278 -17.80 45.48 46.83
CA PRO M 278 -18.16 44.32 46.00
C PRO M 278 -17.54 43.02 46.48
N TYR M 279 -16.37 43.07 47.12
CA TYR M 279 -15.81 41.86 47.73
C TYR M 279 -16.60 41.42 48.95
N GLY M 280 -17.31 42.33 49.60
CA GLY M 280 -18.20 41.95 50.67
C GLY M 280 -17.69 42.24 52.06
N ILE M 281 -17.02 43.37 52.24
CA ILE M 281 -16.51 43.79 53.54
C ILE M 281 -17.24 45.05 53.96
N SER M 282 -17.94 44.98 55.08
CA SER M 282 -18.70 46.11 55.58
C SER M 282 -17.79 47.08 56.34
N VAL M 283 -18.31 48.29 56.54
CA VAL M 283 -17.65 49.23 57.44
C VAL M 283 -17.65 48.67 58.86
N SER M 284 -18.73 47.99 59.25
CA SER M 284 -18.83 47.40 60.57
C SER M 284 -17.79 46.32 60.80
N ASP M 285 -17.57 45.47 59.79
CA ASP M 285 -16.54 44.43 59.91
C ASP M 285 -15.17 45.03 60.09
N TRP M 286 -14.85 46.05 59.30
CA TRP M 286 -13.55 46.70 59.40
C TRP M 286 -13.36 47.35 60.77
N ILE M 287 -14.39 48.01 61.29
CA ILE M 287 -14.27 48.65 62.60
C ILE M 287 -14.11 47.61 63.70
N GLU M 288 -14.94 46.56 63.68
CA GLU M 288 -14.89 45.59 64.77
C GLU M 288 -13.70 44.65 64.68
N GLN M 289 -13.05 44.55 63.53
CA GLN M 289 -11.85 43.72 63.43
C GLN M 289 -10.57 44.52 63.62
N THR M 290 -10.53 45.77 63.14
CA THR M 290 -9.36 46.60 63.35
C THR M 290 -9.28 47.10 64.78
N TYR M 291 -10.41 47.48 65.36
CA TYR M 291 -10.47 47.99 66.73
C TYR M 291 -11.52 47.18 67.49
N PRO M 292 -11.14 45.99 67.99
CA PRO M 292 -12.13 45.17 68.71
C PRO M 292 -12.65 45.81 69.98
N LYS M 293 -11.91 46.74 70.58
CA LYS M 293 -12.35 47.38 71.81
C LYS M 293 -13.23 48.60 71.57
N MET M 294 -13.41 49.02 70.33
CA MET M 294 -14.27 50.16 70.04
C MET M 294 -15.74 49.77 70.20
N ARG M 295 -16.49 50.63 70.87
CA ARG M 295 -17.91 50.43 71.12
C ARG M 295 -18.71 51.41 70.28
N ILE M 296 -19.74 50.92 69.60
CA ILE M 296 -20.55 51.72 68.69
C ILE M 296 -21.91 51.97 69.33
N VAL M 297 -22.31 53.24 69.36
CA VAL M 297 -23.59 53.65 69.95
C VAL M 297 -24.34 54.50 68.92
N SER M 298 -25.66 54.42 68.97
CA SER M 298 -26.53 55.26 68.16
C SER M 298 -27.49 55.99 69.08
N ALA M 299 -27.51 57.31 69.00
CA ALA M 299 -28.34 58.13 69.86
C ALA M 299 -29.16 59.09 69.01
N PRO M 300 -30.49 59.14 69.17
CA PRO M 300 -31.30 60.02 68.32
C PRO M 300 -30.99 61.50 68.51
N GLU M 301 -30.41 61.89 69.64
CA GLU M 301 -30.05 63.29 69.86
C GLU M 301 -28.85 63.71 69.04
N LEU M 302 -28.08 62.77 68.49
CA LEU M 302 -26.94 63.09 67.63
C LEU M 302 -27.34 63.32 66.18
N SER M 303 -28.61 63.15 65.83
CA SER M 303 -29.09 63.42 64.48
C SER M 303 -29.65 64.83 64.40
N GLY M 304 -29.17 65.61 63.44
CA GLY M 304 -29.58 66.99 63.31
C GLY M 304 -29.15 67.85 64.48
N VAL M 305 -27.89 67.74 64.88
CA VAL M 305 -27.38 68.54 65.99
C VAL M 305 -27.41 70.02 65.63
N GLN M 306 -27.01 70.38 64.41
CA GLN M 306 -27.09 71.76 63.95
C GLN M 306 -27.74 71.82 62.58
N MET M 307 -28.24 73.01 62.22
CA MET M 307 -28.99 73.14 60.94
C MET M 307 -28.22 74.04 59.97
N LYS M 308 -27.78 73.47 58.86
CA LYS M 308 -27.09 74.26 57.84
C LYS M 308 -28.09 75.08 57.02
N ALA M 309 -28.93 74.39 56.24
CA ALA M 309 -30.02 75.04 55.53
C ALA M 309 -31.07 73.96 55.24
N GLN M 310 -32.06 73.84 56.13
CA GLN M 310 -33.21 72.95 55.97
C GLN M 310 -32.80 71.49 55.72
N GLU M 311 -31.60 71.11 56.19
CA GLU M 311 -31.08 69.76 55.99
C GLU M 311 -30.27 69.41 57.24
N PRO M 312 -30.79 68.52 58.09
CA PRO M 312 -30.17 68.26 59.39
C PRO M 312 -28.73 67.73 59.27
N GLU M 313 -27.89 68.16 60.22
CA GLU M 313 -26.48 67.80 60.27
C GLU M 313 -26.25 66.77 61.37
N ASP M 314 -25.96 65.54 60.96
CA ASP M 314 -25.75 64.44 61.89
C ASP M 314 -24.34 64.50 62.49
N ALA M 315 -24.13 63.72 63.54
CA ALA M 315 -22.94 63.86 64.37
C ALA M 315 -22.28 62.51 64.63
N LEU M 316 -20.96 62.58 64.80
CA LEU M 316 -20.12 61.46 65.22
C LEU M 316 -19.20 61.96 66.33
N VAL M 317 -19.18 61.25 67.45
CA VAL M 317 -18.29 61.58 68.57
C VAL M 317 -17.45 60.34 68.85
N LEU M 318 -16.15 60.44 68.61
CA LEU M 318 -15.22 59.34 68.79
C LEU M 318 -14.32 59.70 69.98
N PHE M 319 -14.44 58.95 71.08
CA PHE M 319 -13.72 59.36 72.27
C PHE M 319 -13.37 58.15 73.11
N VAL M 320 -12.16 58.17 73.68
CA VAL M 320 -11.73 57.13 74.62
C VAL M 320 -12.69 57.12 75.82
N GLU M 321 -12.82 55.95 76.45
CA GLU M 321 -13.70 55.88 77.61
C GLU M 321 -13.00 56.28 78.89
N ASP M 322 -11.73 55.90 79.07
CA ASP M 322 -11.01 56.24 80.29
C ASP M 322 -9.54 56.39 79.96
N VAL M 323 -8.87 57.22 80.75
CA VAL M 323 -7.45 57.51 80.59
C VAL M 323 -6.71 56.86 81.76
N ASN M 324 -5.68 56.08 81.42
CA ASN M 324 -4.99 55.25 82.40
C ASN M 324 -4.30 56.10 83.47
N ALA M 325 -4.00 55.47 84.60
CA ALA M 325 -3.34 56.12 85.72
C ALA M 325 -1.81 56.07 85.60
N ALA M 326 -1.29 55.81 84.40
CA ALA M 326 0.15 55.81 84.18
C ALA M 326 0.51 56.73 83.02
N VAL M 327 -0.40 56.83 82.04
CA VAL M 327 -0.17 57.71 80.90
C VAL M 327 -0.14 59.18 81.34
N ASP M 328 -1.07 59.58 82.21
CA ASP M 328 -0.97 60.86 82.89
C ASP M 328 -0.82 60.75 84.40
N GLY M 329 -1.25 59.65 84.99
CA GLY M 329 -1.16 59.47 86.43
C GLY M 329 -2.42 59.93 87.13
N SER M 330 -3.58 59.56 86.57
CA SER M 330 -4.85 60.13 86.99
C SER M 330 -5.16 59.81 88.45
N THR M 331 -5.32 60.87 89.25
CA THR M 331 -5.70 60.75 90.66
C THR M 331 -7.19 60.98 90.88
N ASP M 332 -7.94 61.26 89.82
CA ASP M 332 -9.38 61.48 89.93
C ASP M 332 -10.19 60.30 89.43
N GLY M 333 -9.62 59.45 88.58
CA GLY M 333 -10.34 58.32 88.02
C GLY M 333 -10.09 58.17 86.54
N GLY M 334 -9.55 59.21 85.91
CA GLY M 334 -9.28 59.16 84.49
C GLY M 334 -10.51 59.20 83.61
N SER M 335 -11.63 59.68 84.14
CA SER M 335 -12.87 59.73 83.37
C SER M 335 -12.85 60.97 82.49
N VAL M 336 -12.67 60.76 81.18
CA VAL M 336 -12.69 61.88 80.24
C VAL M 336 -14.08 62.52 80.19
N PHE M 337 -15.13 61.71 80.14
CA PHE M 337 -16.48 62.21 80.03
C PHE M 337 -17.37 61.51 81.05
N SER M 338 -18.22 62.27 81.74
CA SER M 338 -19.08 61.71 82.77
C SER M 338 -20.39 62.48 82.81
N GLN M 339 -21.40 61.84 83.40
CA GLN M 339 -22.70 62.45 83.62
C GLN M 339 -22.94 62.60 85.11
N LEU M 340 -23.23 63.83 85.55
CA LEU M 340 -23.40 64.13 86.96
C LEU M 340 -24.90 64.22 87.26
N VAL M 341 -25.43 63.16 87.86
CA VAL M 341 -26.84 63.10 88.24
C VAL M 341 -26.92 63.01 89.76
N GLN M 342 -27.77 63.85 90.35
CA GLN M 342 -27.89 63.88 91.79
C GLN M 342 -28.81 62.78 92.31
N SER M 343 -29.89 62.52 91.58
CA SER M 343 -30.90 61.57 92.01
C SER M 343 -31.77 61.24 90.81
N LYS M 344 -31.94 59.95 90.53
CA LYS M 344 -32.79 59.52 89.43
C LYS M 344 -34.25 59.87 89.69
N PHE M 345 -34.69 59.73 90.95
CA PHE M 345 -36.11 59.86 91.27
C PHE M 345 -36.26 60.06 92.76
N ILE M 346 -36.99 61.10 93.16
CA ILE M 346 -37.34 61.34 94.56
C ILE M 346 -38.85 61.48 94.65
N THR M 347 -39.46 60.83 95.64
CA THR M 347 -40.87 61.05 95.95
C THR M 347 -40.97 62.26 96.87
N LEU M 348 -41.35 63.41 96.30
CA LEU M 348 -41.45 64.63 97.08
C LEU M 348 -42.53 64.52 98.15
N GLY M 349 -43.69 64.01 97.80
CA GLY M 349 -44.72 63.83 98.81
C GLY M 349 -46.07 63.52 98.23
N VAL M 350 -47.03 63.35 99.14
CA VAL M 350 -48.41 63.03 98.81
C VAL M 350 -49.32 63.89 99.69
N GLU M 351 -50.38 64.43 99.10
CA GLU M 351 -51.37 65.21 99.83
C GLU M 351 -52.75 64.65 99.53
N LYS M 352 -53.50 64.36 100.59
CA LYS M 352 -54.82 63.76 100.47
C LYS M 352 -55.89 64.83 100.66
N ARG M 353 -56.86 64.86 99.76
CA ARG M 353 -57.98 65.78 99.80
C ARG M 353 -59.28 64.99 99.98
N ALA M 354 -60.39 65.73 100.01
CA ALA M 354 -61.69 65.11 100.28
C ALA M 354 -62.10 64.15 99.16
N LYS M 355 -61.92 64.55 97.90
CA LYS M 355 -62.35 63.74 96.77
C LYS M 355 -61.21 63.30 95.87
N SER M 356 -59.97 63.71 96.15
CA SER M 356 -58.84 63.40 95.27
C SER M 356 -57.57 63.38 96.10
N TYR M 357 -56.47 63.06 95.44
CA TYR M 357 -55.16 63.10 96.09
C TYR M 357 -54.09 63.42 95.04
N VAL M 358 -53.09 64.19 95.47
CA VAL M 358 -52.05 64.71 94.61
C VAL M 358 -50.70 64.22 95.10
N GLU M 359 -49.96 63.54 94.23
CA GLU M 359 -48.59 63.15 94.51
C GLU M 359 -47.63 64.00 93.69
N ASP M 360 -46.44 64.20 94.23
CA ASP M 360 -45.40 64.97 93.57
C ASP M 360 -44.06 64.27 93.74
N PHE M 361 -43.28 64.25 92.64
CA PHE M 361 -41.97 63.64 92.60
C PHE M 361 -40.99 64.58 91.92
N SER M 362 -39.70 64.32 92.10
CA SER M 362 -38.66 65.18 91.55
C SER M 362 -37.40 64.36 91.31
N ASN M 363 -36.48 64.96 90.55
CA ASN M 363 -35.15 64.38 90.31
C ASN M 363 -34.13 65.51 90.41
N GLY M 364 -32.89 65.21 90.01
CA GLY M 364 -31.84 66.20 90.00
C GLY M 364 -30.66 65.79 89.14
N THR M 365 -30.13 66.71 88.36
CA THR M 365 -29.01 66.42 87.47
C THR M 365 -28.18 67.68 87.28
N ALA M 366 -26.95 67.49 86.83
CA ALA M 366 -26.03 68.60 86.59
C ALA M 366 -25.46 68.56 85.18
N GLY M 367 -26.11 67.88 84.26
CA GLY M 367 -25.59 67.77 82.91
C GLY M 367 -24.40 66.83 82.85
N ALA M 368 -23.58 67.03 81.82
CA ALA M 368 -22.41 66.21 81.57
C ALA M 368 -21.15 67.07 81.66
N LEU M 369 -20.06 66.44 82.10
CA LEU M 369 -18.78 67.10 82.27
C LEU M 369 -17.71 66.34 81.51
N CYS M 370 -16.93 67.05 80.71
CA CYS M 370 -15.76 66.49 80.04
C CYS M 370 -14.50 67.17 80.57
N LYS M 371 -13.51 66.35 80.93
CA LYS M 371 -12.28 66.86 81.52
C LYS M 371 -11.03 66.53 80.71
N ARG M 372 -11.17 65.85 79.57
CA ARG M 372 -10.04 65.61 78.67
C ARG M 372 -10.46 65.93 77.25
N PRO M 373 -10.50 67.22 76.89
CA PRO M 373 -10.87 67.60 75.52
C PRO M 373 -9.93 67.06 74.45
N TRP M 374 -8.66 66.82 74.80
CA TRP M 374 -7.73 66.19 73.87
C TRP M 374 -8.12 64.75 73.56
N ALA M 375 -9.04 64.17 74.32
CA ALA M 375 -9.42 62.78 74.19
C ALA M 375 -10.73 62.58 73.43
N VAL M 376 -11.23 63.61 72.76
CA VAL M 376 -12.50 63.56 72.06
C VAL M 376 -12.31 64.11 70.65
N VAL M 377 -12.95 63.48 69.67
CA VAL M 377 -13.00 63.97 68.30
C VAL M 377 -14.46 64.07 67.90
N ARG M 378 -14.85 65.20 67.31
CA ARG M 378 -16.22 65.44 66.90
C ARG M 378 -16.26 65.75 65.41
N TYR M 379 -17.14 65.03 64.69
CA TYR M 379 -17.39 65.27 63.29
C TYR M 379 -18.86 65.62 63.09
N LEU M 380 -19.10 66.65 62.29
CA LEU M 380 -20.45 67.10 61.97
C LEU M 380 -20.64 67.07 60.46
N GLY M 381 -21.79 66.56 60.03
CA GLY M 381 -22.10 66.54 58.62
C GLY M 381 -21.72 65.28 57.89
N ILE M 382 -21.62 64.16 58.58
CA ILE M 382 -21.32 62.89 57.92
C ILE M 382 -22.46 62.45 57.02
N ASN N 66 -43.68 101.68 108.70
CA ASN N 66 -44.55 100.90 109.57
C ASN N 66 -43.81 99.66 110.10
N PHE N 67 -43.30 98.85 109.17
CA PHE N 67 -42.53 97.68 109.56
C PHE N 67 -41.24 98.09 110.26
N THR N 68 -40.97 97.47 111.41
CA THR N 68 -39.74 97.74 112.13
C THR N 68 -38.55 97.26 111.29
N ALA N 69 -37.55 98.13 111.16
CA ALA N 69 -36.41 97.83 110.29
C ALA N 69 -35.58 96.69 110.87
N PRO N 70 -35.35 95.61 110.13
CA PRO N 70 -34.51 94.53 110.65
C PRO N 70 -33.07 94.96 110.78
N VAL N 71 -32.37 94.33 111.74
CA VAL N 71 -30.98 94.65 112.00
C VAL N 71 -30.11 94.29 110.80
N THR N 72 -30.31 93.12 110.23
CA THR N 72 -29.52 92.65 109.10
C THR N 72 -30.14 93.11 107.79
N THR N 73 -29.28 93.35 106.80
CA THR N 73 -29.73 93.66 105.46
C THR N 73 -30.29 92.41 104.81
N PRO N 74 -31.35 92.54 103.99
CA PRO N 74 -31.91 91.36 103.32
C PRO N 74 -30.89 90.75 102.36
N SER N 75 -30.82 89.42 102.38
CA SER N 75 -29.87 88.70 101.54
C SER N 75 -30.32 87.25 101.42
N ILE N 76 -29.75 86.56 100.44
CA ILE N 76 -29.93 85.12 100.30
C ILE N 76 -29.12 84.46 101.41
N PRO N 77 -29.74 83.62 102.25
CA PRO N 77 -29.05 83.18 103.48
C PRO N 77 -27.84 82.28 103.25
N THR N 78 -27.99 81.21 102.50
CA THR N 78 -26.93 80.21 102.39
C THR N 78 -25.84 80.66 101.42
N PRO N 79 -24.58 80.75 101.84
CA PRO N 79 -23.50 80.96 100.89
C PRO N 79 -23.32 79.75 99.97
N ILE N 80 -22.82 80.04 98.77
CA ILE N 80 -22.69 78.99 97.75
C ILE N 80 -21.62 77.97 98.13
N GLN N 81 -20.62 78.37 98.90
CA GLN N 81 -19.49 77.49 99.18
C GLN N 81 -19.88 76.28 100.02
N PHE N 82 -20.98 76.38 100.77
CA PHE N 82 -21.47 75.25 101.55
C PHE N 82 -22.44 74.38 100.77
N LEU N 83 -22.70 74.71 99.51
CA LEU N 83 -23.59 73.94 98.64
C LEU N 83 -22.83 73.42 97.43
N GLN N 84 -21.57 73.04 97.64
CA GLN N 84 -20.70 72.54 96.59
C GLN N 84 -20.19 71.16 96.95
N THR N 85 -20.11 70.29 95.95
CA THR N 85 -19.49 68.97 96.10
C THR N 85 -18.18 68.98 95.32
N TRP N 86 -17.07 68.75 96.02
CA TRP N 86 -15.75 68.81 95.42
C TRP N 86 -15.27 67.41 95.11
N LEU N 87 -14.87 67.18 93.86
CA LEU N 87 -14.38 65.88 93.45
C LEU N 87 -12.98 65.64 94.05
N PRO N 88 -12.73 64.47 94.63
CA PRO N 88 -11.40 64.18 95.16
C PRO N 88 -10.36 64.09 94.06
N GLY N 89 -9.14 64.49 94.39
CA GLY N 89 -8.04 64.44 93.44
C GLY N 89 -8.06 65.62 92.48
N PHE N 90 -7.05 65.63 91.61
CA PHE N 90 -6.87 66.67 90.62
C PHE N 90 -6.58 66.04 89.27
N VAL N 91 -6.69 66.87 88.22
CA VAL N 91 -6.31 66.50 86.88
C VAL N 91 -5.19 67.45 86.46
N LYS N 92 -4.30 66.96 85.60
CA LYS N 92 -3.13 67.73 85.22
C LYS N 92 -2.82 67.55 83.75
N VAL N 93 -2.13 68.56 83.19
CA VAL N 93 -1.81 68.56 81.77
C VAL N 93 -0.83 67.46 81.45
N MET N 94 -0.95 66.92 80.25
CA MET N 94 -0.10 65.85 79.76
C MET N 94 0.97 66.40 78.83
N THR N 95 2.07 65.67 78.72
CA THR N 95 3.14 65.98 77.79
C THR N 95 3.24 64.86 76.77
N ALA N 96 4.02 65.13 75.71
CA ALA N 96 4.20 64.14 74.66
C ALA N 96 4.93 62.91 75.20
N ALA N 97 4.70 61.77 74.54
CA ALA N 97 5.29 60.52 74.99
C ALA N 97 6.80 60.56 74.83
N ARG N 98 7.50 59.94 75.78
CA ARG N 98 8.95 59.84 75.78
C ARG N 98 9.29 58.41 75.40
N LYS N 99 9.51 58.18 74.11
CA LYS N 99 9.64 56.83 73.57
C LYS N 99 11.00 56.62 72.90
N ILE N 100 12.05 57.24 73.42
CA ILE N 100 13.39 57.01 72.87
C ILE N 100 13.87 55.61 73.25
N ASP N 101 13.49 55.12 74.43
CA ASP N 101 13.88 53.77 74.84
C ASP N 101 13.16 52.70 74.02
N GLU N 102 12.01 53.01 73.44
CA GLU N 102 11.31 52.05 72.60
C GLU N 102 11.93 51.90 71.22
N ILE N 103 12.79 52.84 70.82
CA ILE N 103 13.40 52.81 69.49
C ILE N 103 14.79 52.22 69.54
N ILE N 104 15.67 52.84 70.34
CA ILE N 104 17.08 52.45 70.37
C ILE N 104 17.47 51.77 71.68
N GLY N 105 16.52 51.50 72.57
CA GLY N 105 16.85 50.86 73.82
C GLY N 105 17.57 51.79 74.78
N ILE N 106 18.10 51.20 75.85
CA ILE N 106 18.83 51.94 76.87
C ILE N 106 20.03 51.12 77.31
N ASP N 107 21.12 51.80 77.63
CA ASP N 107 22.34 51.16 78.10
C ASP N 107 23.02 52.06 79.14
N THR N 108 23.71 51.42 80.08
CA THR N 108 24.43 52.12 81.14
C THR N 108 25.89 51.68 81.11
N VAL N 109 26.78 52.59 80.71
CA VAL N 109 28.20 52.27 80.60
C VAL N 109 29.03 53.25 81.42
N GLY N 110 28.50 54.45 81.66
CA GLY N 110 29.23 55.50 82.34
C GLY N 110 29.02 55.48 83.84
N SER N 111 29.42 56.59 84.47
CA SER N 111 29.29 56.72 85.92
C SER N 111 28.87 58.12 86.36
N TRP N 112 28.40 58.97 85.43
CA TRP N 112 27.95 60.34 85.65
C TRP N 112 29.10 61.29 85.99
N GLU N 113 30.29 60.75 86.26
CA GLU N 113 31.46 61.55 86.53
C GLU N 113 32.48 61.52 85.40
N ASP N 114 32.36 60.56 84.49
CA ASP N 114 33.26 60.46 83.35
C ASP N 114 32.98 61.59 82.36
N GLN N 115 33.75 61.60 81.29
CA GLN N 115 33.64 62.64 80.27
C GLN N 115 33.27 62.09 78.90
N GLU N 116 33.86 60.96 78.49
CA GLU N 116 33.69 60.45 77.14
C GLU N 116 33.45 58.94 77.19
N ILE N 117 32.84 58.44 76.12
CA ILE N 117 32.70 57.01 75.87
C ILE N 117 33.32 56.74 74.50
N VAL N 118 34.23 55.76 74.45
CA VAL N 118 35.08 55.55 73.28
C VAL N 118 34.78 54.18 72.67
N GLN N 119 34.71 54.14 71.34
CA GLN N 119 34.51 52.92 70.58
C GLN N 119 35.54 52.83 69.46
N GLY N 120 36.14 51.65 69.30
CA GLY N 120 37.17 51.44 68.31
C GLY N 120 36.62 50.87 67.01
N ILE N 121 37.25 51.26 65.90
CA ILE N 121 36.93 50.74 64.57
C ILE N 121 38.24 50.35 63.89
N VAL N 122 38.26 49.16 63.28
CA VAL N 122 39.45 48.64 62.63
C VAL N 122 39.13 48.40 61.16
N GLU N 123 40.02 48.85 60.28
CA GLU N 123 39.88 48.69 58.84
C GLU N 123 41.01 47.83 58.32
N PRO N 124 40.76 46.63 57.82
CA PRO N 124 41.82 45.84 57.21
C PRO N 124 42.12 46.33 55.80
N ALA N 125 43.26 45.89 55.27
CA ALA N 125 43.68 46.30 53.94
C ALA N 125 44.59 45.24 53.35
N GLY N 126 44.58 45.13 52.03
CA GLY N 126 45.41 44.16 51.33
C GLY N 126 44.75 43.56 50.12
N THR N 127 45.46 43.54 49.00
CA THR N 127 44.95 43.00 47.74
C THR N 127 45.87 41.88 47.26
N ALA N 128 45.27 40.81 46.75
CA ALA N 128 46.04 39.66 46.31
C ALA N 128 46.70 39.94 44.95
N VAL N 129 47.74 39.16 44.67
CA VAL N 129 48.44 39.20 43.39
C VAL N 129 48.59 37.77 42.88
N GLU N 130 48.96 37.65 41.61
CA GLU N 130 49.17 36.34 41.02
C GLU N 130 50.38 35.66 41.64
N TYR N 131 50.36 34.33 41.64
CA TYR N 131 51.40 33.56 42.29
C TYR N 131 52.65 33.42 41.43
N GLY N 132 53.79 33.46 42.08
CA GLY N 132 55.05 33.07 41.47
C GLY N 132 55.97 32.57 42.56
N ASP N 133 56.87 31.65 42.19
CA ASP N 133 57.79 31.07 43.17
C ASP N 133 58.76 32.12 43.70
N HIS N 134 59.28 32.97 42.82
CA HIS N 134 60.29 33.95 43.17
C HIS N 134 59.77 35.37 42.96
N THR N 135 58.49 35.59 43.24
CA THR N 135 57.89 36.91 43.14
C THR N 135 57.77 37.54 44.53
N ASN N 136 57.62 38.86 44.54
CA ASN N 136 57.50 39.58 45.80
C ASN N 136 56.21 39.22 46.51
N ILE N 137 56.31 39.01 47.82
CA ILE N 137 55.17 38.65 48.66
C ILE N 137 54.36 39.91 48.95
N PRO N 138 53.09 39.96 48.57
CA PRO N 138 52.24 41.08 48.99
C PRO N 138 51.87 40.94 50.45
N LEU N 139 51.60 42.08 51.08
CA LEU N 139 51.36 42.11 52.52
C LEU N 139 50.03 42.78 52.83
N THR N 140 49.34 42.24 53.83
CA THR N 140 48.13 42.86 54.36
C THR N 140 48.51 43.80 55.51
N SER N 141 47.53 44.60 55.93
CA SER N 141 47.74 45.58 57.00
C SER N 141 46.40 45.91 57.62
N TRP N 142 46.44 46.77 58.64
CA TRP N 142 45.22 47.22 59.29
C TRP N 142 45.43 48.62 59.83
N ASN N 143 44.31 49.33 60.02
CA ASN N 143 44.31 50.67 60.57
C ASN N 143 43.26 50.76 61.66
N ALA N 144 43.50 51.63 62.63
CA ALA N 144 42.59 51.78 63.77
C ALA N 144 42.19 53.24 63.94
N ASN N 145 40.91 53.45 64.20
CA ASN N 145 40.37 54.76 64.51
C ASN N 145 39.49 54.64 65.75
N PHE N 146 39.28 55.77 66.42
CA PHE N 146 38.53 55.79 67.67
C PHE N 146 37.48 56.89 67.62
N GLU N 147 36.21 56.50 67.79
CA GLU N 147 35.10 57.43 67.88
C GLU N 147 34.76 57.66 69.34
N ARG N 148 34.24 58.85 69.63
CA ARG N 148 33.97 59.28 71.00
C ARG N 148 32.56 59.88 71.08
N ARG N 149 32.00 59.85 72.28
CA ARG N 149 30.73 60.51 72.59
C ARG N 149 30.83 61.13 73.97
N THR N 150 30.55 62.43 74.07
CA THR N 150 30.64 63.11 75.36
C THR N 150 29.41 62.85 76.21
N ILE N 151 29.53 63.15 77.50
CA ILE N 151 28.47 62.93 78.48
C ILE N 151 27.92 64.28 78.91
N VAL N 152 26.61 64.43 78.87
CA VAL N 152 25.91 65.65 79.26
C VAL N 152 25.16 65.36 80.56
N ARG N 153 25.33 66.24 81.54
CA ARG N 153 24.60 66.18 82.80
C ARG N 153 23.52 67.24 82.79
N GLY N 154 22.32 66.87 83.23
CA GLY N 154 21.24 67.81 83.45
C GLY N 154 20.89 67.87 84.92
N GLU N 155 20.44 69.04 85.36
CA GLU N 155 20.12 69.24 86.77
C GLU N 155 18.80 70.01 86.87
N LEU N 156 18.01 69.67 87.88
CA LEU N 156 16.74 70.33 88.12
C LEU N 156 16.48 70.35 89.62
N GLY N 157 15.87 71.45 90.09
CA GLY N 157 15.70 71.67 91.50
C GLY N 157 14.26 72.03 91.85
N MET N 158 14.06 72.29 93.15
CA MET N 158 12.76 72.64 93.68
C MET N 158 12.97 73.41 94.98
N MET N 159 12.10 74.39 95.23
CA MET N 159 12.14 75.19 96.45
C MET N 159 10.74 75.24 97.04
N VAL N 160 10.61 74.87 98.31
CA VAL N 160 9.32 74.82 98.98
C VAL N 160 9.39 75.67 100.25
N GLY N 161 8.45 76.60 100.38
CA GLY N 161 8.36 77.45 101.56
C GLY N 161 7.32 76.96 102.54
N THR N 162 7.44 77.42 103.79
CA THR N 162 6.53 76.97 104.84
C THR N 162 5.11 77.44 104.57
N LEU N 163 4.92 78.73 104.33
CA LEU N 163 3.59 79.26 104.05
C LEU N 163 3.06 78.70 102.72
N GLU N 164 3.93 78.55 101.74
CA GLU N 164 3.52 77.94 100.46
C GLU N 164 3.05 76.51 100.67
N GLU N 165 3.78 75.73 101.46
CA GLU N 165 3.39 74.34 101.72
C GLU N 165 2.06 74.29 102.47
N GLY N 166 1.88 75.19 103.44
CA GLY N 166 0.62 75.22 104.17
C GLY N 166 -0.57 75.59 103.28
N ARG N 167 -0.40 76.60 102.43
CA ARG N 167 -1.47 77.00 101.52
C ARG N 167 -1.77 75.91 100.50
N ALA N 168 -0.73 75.22 100.02
CA ALA N 168 -0.95 74.11 99.10
C ALA N 168 -1.69 72.96 99.79
N SER N 169 -1.33 72.65 101.04
CA SER N 169 -2.00 71.58 101.77
C SER N 169 -3.43 71.97 102.13
N ALA N 170 -3.71 73.27 102.22
CA ALA N 170 -5.08 73.72 102.48
C ALA N 170 -6.05 73.31 101.38
N ILE N 171 -5.59 73.22 100.14
CA ILE N 171 -6.43 72.83 99.02
C ILE N 171 -6.19 71.38 98.61
N ARG N 172 -5.70 70.56 99.54
CA ARG N 172 -5.47 69.11 99.33
C ARG N 172 -4.51 68.87 98.16
N LEU N 173 -3.31 69.42 98.29
CA LEU N 173 -2.25 69.22 97.31
C LEU N 173 -0.92 69.33 98.03
N ASN N 174 -0.04 68.36 97.82
CA ASN N 174 1.28 68.39 98.43
C ASN N 174 2.24 69.05 97.45
N SER N 175 2.65 70.28 97.77
CA SER N 175 3.56 71.03 96.90
C SER N 175 4.88 70.31 96.73
N ALA N 176 5.42 69.76 97.82
CA ALA N 176 6.73 69.11 97.77
C ALA N 176 6.72 67.90 96.85
N GLU N 177 5.69 67.06 96.96
CA GLU N 177 5.69 65.83 96.19
C GLU N 177 5.52 66.11 94.70
N THR N 178 4.64 67.05 94.36
CA THR N 178 4.43 67.38 92.95
C THR N 178 5.64 68.11 92.36
N LYS N 179 6.34 68.93 93.17
CA LYS N 179 7.54 69.58 92.66
C LYS N 179 8.66 68.56 92.45
N ARG N 180 8.77 67.58 93.34
CA ARG N 180 9.76 66.52 93.16
C ARG N 180 9.46 65.69 91.91
N GLN N 181 8.18 65.34 91.70
CA GLN N 181 7.79 64.62 90.49
C GLN N 181 8.08 65.45 89.24
N GLN N 182 7.82 66.76 89.30
CA GLN N 182 8.07 67.59 88.13
C GLN N 182 9.56 67.70 87.85
N ALA N 183 10.39 67.72 88.90
CA ALA N 183 11.84 67.72 88.70
C ALA N 183 12.30 66.43 88.03
N ALA N 184 11.79 65.28 88.49
CA ALA N 184 12.14 64.01 87.88
C ALA N 184 11.69 63.94 86.43
N ILE N 185 10.46 64.40 86.16
CA ILE N 185 9.93 64.36 84.80
C ILE N 185 10.69 65.31 83.89
N GLY N 186 11.10 66.47 84.41
CA GLY N 186 11.90 67.39 83.61
C GLY N 186 13.26 66.81 83.26
N LEU N 187 13.90 66.13 84.22
CA LEU N 187 15.14 65.45 83.91
C LEU N 187 14.94 64.35 82.88
N GLU N 188 13.82 63.63 82.98
CA GLU N 188 13.51 62.58 82.00
C GLU N 188 13.29 63.16 80.61
N ILE N 189 12.61 64.31 80.54
CA ILE N 189 12.40 64.99 79.26
C ILE N 189 13.73 65.46 78.68
N PHE N 190 14.61 65.96 79.53
CA PHE N 190 15.96 66.35 79.08
C PHE N 190 16.70 65.15 78.50
N ARG N 191 16.63 64.01 79.18
CA ARG N 191 17.29 62.80 78.70
C ARG N 191 16.71 62.34 77.37
N ASN N 192 15.38 62.36 77.24
CA ASN N 192 14.73 61.95 76.00
C ASN N 192 15.09 62.88 74.85
N ALA N 193 15.11 64.19 75.10
CA ALA N 193 15.47 65.15 74.06
C ALA N 193 16.91 64.98 73.62
N ILE N 194 17.82 64.72 74.59
CA ILE N 194 19.20 64.46 74.23
C ILE N 194 19.31 63.17 73.41
N GLY N 195 18.58 62.13 73.79
CA GLY N 195 18.60 60.89 73.04
C GLY N 195 18.06 61.03 71.63
N PHE N 196 17.09 61.93 71.44
CA PHE N 196 16.45 62.07 70.14
C PHE N 196 17.18 63.04 69.22
N TYR N 197 17.63 64.19 69.73
CA TYR N 197 18.24 65.22 68.91
C TYR N 197 19.71 65.50 69.21
N GLY N 198 20.31 64.81 70.18
CA GLY N 198 21.66 65.13 70.58
C GLY N 198 21.69 66.39 71.42
N TRP N 199 22.90 66.82 71.79
CA TRP N 199 23.08 68.02 72.58
C TRP N 199 24.22 68.84 72.00
N GLN N 200 23.87 69.96 71.38
CA GLN N 200 24.83 70.95 70.87
C GLN N 200 25.82 70.34 69.88
N SER N 201 25.35 69.42 69.04
CA SER N 201 26.21 68.84 68.03
C SER N 201 26.67 69.88 67.01
N GLY N 202 25.89 70.94 66.81
CA GLY N 202 26.30 72.00 65.90
C GLY N 202 27.49 72.79 66.43
N LEU N 203 27.51 73.08 67.73
CA LEU N 203 28.58 73.89 68.31
C LEU N 203 29.92 73.18 68.32
N GLY N 204 29.92 71.85 68.27
CA GLY N 204 31.17 71.11 68.33
C GLY N 204 31.14 70.02 69.37
N ASN N 205 30.12 70.05 70.23
CA ASN N 205 29.95 69.01 71.23
C ASN N 205 29.62 67.68 70.54
N ARG N 206 30.07 66.59 71.14
CA ARG N 206 30.07 65.28 70.49
C ARG N 206 29.01 64.37 71.09
N THR N 207 27.85 64.93 71.42
CA THR N 207 26.68 64.16 71.87
C THR N 207 25.66 64.19 70.75
N TYR N 208 25.54 63.09 70.04
CA TYR N 208 24.65 62.98 68.90
C TYR N 208 23.38 62.23 69.29
N GLY N 209 22.31 62.49 68.54
CA GLY N 209 21.03 61.88 68.78
C GLY N 209 20.61 60.91 67.68
N PHE N 210 19.37 60.43 67.82
CA PHE N 210 18.81 59.51 66.82
C PHE N 210 18.52 60.20 65.50
N LEU N 211 18.33 61.52 65.52
CA LEU N 211 17.97 62.28 64.31
C LEU N 211 18.94 63.41 64.01
N ASN N 212 20.11 63.44 64.66
CA ASN N 212 21.03 64.55 64.44
C ASN N 212 22.49 64.11 64.34
N ASP N 213 22.74 62.84 64.08
CA ASP N 213 24.12 62.36 63.95
C ASP N 213 24.66 62.79 62.59
N PRO N 214 25.77 63.53 62.54
CA PRO N 214 26.35 63.88 61.23
C PRO N 214 26.80 62.68 60.41
N ASN N 215 27.17 61.57 61.06
CA ASN N 215 27.54 60.37 60.33
C ASN N 215 26.35 59.72 59.63
N LEU N 216 25.13 60.02 60.07
CA LEU N 216 23.95 59.43 59.47
C LEU N 216 23.74 59.96 58.06
N PRO N 217 23.16 59.16 57.16
CA PRO N 217 22.88 59.66 55.81
C PRO N 217 21.77 60.69 55.82
N ALA N 218 21.79 61.54 54.79
CA ALA N 218 20.80 62.61 54.69
C ALA N 218 19.41 62.04 54.42
N PHE N 219 18.39 62.81 54.81
CA PHE N 219 17.02 62.43 54.54
C PHE N 219 16.76 62.39 53.04
N GLN N 220 15.97 61.40 52.63
CA GLN N 220 15.68 61.18 51.21
C GLN N 220 14.19 61.39 50.94
N THR N 221 13.89 61.84 49.74
CA THR N 221 12.50 62.06 49.33
C THR N 221 11.86 60.72 48.96
N PRO N 222 10.71 60.39 49.55
CA PRO N 222 10.05 59.12 49.21
C PRO N 222 9.49 59.16 47.80
N PRO N 223 9.26 57.99 47.18
CA PRO N 223 8.62 57.99 45.85
C PRO N 223 7.26 58.66 45.85
N SER N 224 6.37 58.27 46.76
CA SER N 224 5.12 58.99 46.93
C SER N 224 5.38 60.33 47.62
N GLN N 225 4.70 61.38 47.14
CA GLN N 225 4.91 62.71 47.71
C GLN N 225 4.44 62.77 49.16
N GLY N 226 3.32 62.11 49.47
CA GLY N 226 2.84 62.07 50.84
C GLY N 226 1.87 60.94 51.02
N TRP N 227 1.86 60.36 52.23
CA TRP N 227 0.99 59.22 52.50
C TRP N 227 -0.47 59.63 52.61
N SER N 228 -0.75 60.87 52.98
CA SER N 228 -2.13 61.33 53.10
C SER N 228 -2.85 61.28 51.76
N THR N 229 -2.19 61.72 50.70
CA THR N 229 -2.78 61.65 49.37
C THR N 229 -2.61 60.28 48.73
N ALA N 230 -1.55 59.57 49.08
CA ALA N 230 -1.28 58.27 48.47
C ALA N 230 -2.24 57.22 49.01
N ASP N 231 -2.41 56.17 48.21
CA ASP N 231 -3.25 55.04 48.54
C ASP N 231 -2.43 53.94 49.19
N TRP N 232 -3.01 52.75 49.29
CA TRP N 232 -2.33 51.59 49.86
C TRP N 232 -1.05 51.26 49.09
N ALA N 233 -1.14 51.28 47.75
CA ALA N 233 0.00 50.93 46.91
C ALA N 233 1.15 51.92 47.10
N GLY N 234 0.85 53.20 47.23
CA GLY N 234 1.89 54.19 47.45
C GLY N 234 2.62 53.99 48.77
N ILE N 235 1.87 53.66 49.83
CA ILE N 235 2.49 53.46 51.14
C ILE N 235 3.39 52.24 51.12
N ILE N 236 2.89 51.12 50.56
CA ILE N 236 3.73 49.92 50.49
C ILE N 236 4.91 50.15 49.56
N GLY N 237 4.75 51.00 48.54
CA GLY N 237 5.87 51.31 47.67
C GLY N 237 6.94 52.12 48.38
N ASP N 238 6.53 53.07 49.24
CA ASP N 238 7.50 53.83 50.02
C ASP N 238 8.26 52.93 50.99
N ILE N 239 7.54 52.03 51.67
CA ILE N 239 8.21 51.10 52.57
C ILE N 239 9.16 50.17 51.81
N ARG N 240 8.73 49.72 50.63
CA ARG N 240 9.57 48.87 49.78
C ARG N 240 10.81 49.62 49.33
N GLU N 241 10.69 50.91 49.01
CA GLU N 241 11.85 51.69 48.61
C GLU N 241 12.82 51.87 49.77
N ALA N 242 12.30 52.06 50.98
CA ALA N 242 13.17 52.14 52.16
C ALA N 242 13.93 50.84 52.36
N VAL N 243 13.24 49.71 52.23
CA VAL N 243 13.90 48.41 52.35
C VAL N 243 14.92 48.21 51.24
N ARG N 244 14.60 48.70 50.04
CA ARG N 244 15.50 48.60 48.90
C ARG N 244 16.80 49.35 49.16
N GLN N 245 16.69 50.58 49.68
CA GLN N 245 17.87 51.36 50.01
C GLN N 245 18.66 50.71 51.13
N LEU N 246 17.97 50.11 52.10
CA LEU N 246 18.66 49.41 53.19
C LEU N 246 19.46 48.24 52.65
N ARG N 247 18.91 47.49 51.70
CA ARG N 247 19.65 46.37 51.12
C ARG N 247 20.78 46.84 50.23
N ILE N 248 20.58 47.95 49.51
CA ILE N 248 21.63 48.48 48.63
C ILE N 248 22.81 48.98 49.45
N GLN N 249 22.54 49.69 50.54
CA GLN N 249 23.61 50.30 51.34
C GLN N 249 24.52 49.25 51.97
N SER N 250 23.99 48.07 52.28
CA SER N 250 24.77 46.99 52.84
C SER N 250 25.46 46.16 51.77
N GLN N 251 25.21 46.46 50.49
CA GLN N 251 25.73 45.69 49.35
C GLN N 251 25.33 44.22 49.45
N ASP N 252 24.04 44.00 49.73
CA ASP N 252 23.39 42.69 49.83
C ASP N 252 23.93 41.84 50.96
N GLN N 253 24.67 42.42 51.90
CA GLN N 253 25.12 41.67 53.06
C GLN N 253 24.04 41.54 54.12
N ILE N 254 22.94 42.28 54.00
CA ILE N 254 21.82 42.22 54.91
C ILE N 254 20.59 41.80 54.12
N ASP N 255 19.94 40.72 54.55
CA ASP N 255 18.72 40.25 53.91
C ASP N 255 17.54 40.70 54.75
N PRO N 256 16.79 41.72 54.34
CA PRO N 256 15.72 42.25 55.20
C PRO N 256 14.61 41.27 55.50
N LYS N 257 14.44 40.21 54.71
CA LYS N 257 13.42 39.21 54.99
C LYS N 257 13.79 38.33 56.19
N ALA N 258 15.02 38.40 56.68
CA ALA N 258 15.49 37.47 57.71
C ALA N 258 16.09 38.12 58.94
N GLU N 259 16.52 39.38 58.89
CA GLU N 259 17.08 40.04 60.06
C GLU N 259 16.05 40.94 60.73
N LYS N 260 16.29 41.21 62.01
CA LYS N 260 15.41 42.09 62.77
C LYS N 260 15.68 43.53 62.41
N ILE N 261 14.66 44.24 61.93
CA ILE N 261 14.78 45.63 61.50
C ILE N 261 13.68 46.44 62.18
N THR N 262 14.07 47.56 62.79
CA THR N 262 13.12 48.46 63.42
C THR N 262 12.74 49.56 62.44
N LEU N 263 11.43 49.78 62.31
CA LEU N 263 10.87 50.85 61.48
C LEU N 263 10.20 51.86 62.42
N ALA N 264 10.80 53.04 62.53
CA ALA N 264 10.26 54.11 63.37
C ALA N 264 9.54 55.11 62.49
N LEU N 265 8.27 55.34 62.78
CA LEU N 265 7.42 56.24 62.02
C LEU N 265 7.06 57.46 62.86
N ALA N 266 6.81 58.58 62.19
CA ALA N 266 6.16 59.69 62.86
C ALA N 266 4.81 59.25 63.41
N THR N 267 4.47 59.73 64.61
CA THR N 267 3.19 59.39 65.22
C THR N 267 2.00 59.90 64.42
N SER N 268 2.21 60.88 63.54
CA SER N 268 1.15 61.41 62.70
C SER N 268 0.94 60.61 61.42
N LYS N 269 1.74 59.57 61.19
CA LYS N 269 1.59 58.73 60.01
C LYS N 269 1.61 57.25 60.33
N VAL N 270 1.45 56.86 61.59
CA VAL N 270 1.48 55.44 61.92
C VAL N 270 0.13 54.79 61.67
N ASP N 271 -0.97 55.53 61.78
CA ASP N 271 -2.28 54.95 61.53
C ASP N 271 -2.54 54.70 60.06
N TYR N 272 -1.76 55.34 59.18
CA TYR N 272 -1.85 55.08 57.75
C TYR N 272 -1.45 53.65 57.39
N LEU N 273 -0.78 52.94 58.30
CA LEU N 273 -0.53 51.52 58.13
C LEU N 273 -1.80 50.68 58.17
N SER N 274 -2.91 51.24 58.63
CA SER N 274 -4.19 50.54 58.61
C SER N 274 -4.97 50.78 57.33
N VAL N 275 -4.42 51.53 56.37
CA VAL N 275 -5.09 51.76 55.10
C VAL N 275 -5.21 50.44 54.35
N THR N 276 -6.41 50.11 53.92
CA THR N 276 -6.71 48.80 53.36
C THR N 276 -7.38 48.92 52.00
N THR N 277 -7.20 47.89 51.19
CA THR N 277 -7.84 47.75 49.90
C THR N 277 -9.28 47.27 50.09
N PRO N 278 -10.12 47.34 49.06
CA PRO N 278 -11.47 46.76 49.17
C PRO N 278 -11.50 45.27 49.47
N TYR N 279 -10.39 44.56 49.31
CA TYR N 279 -10.32 43.13 49.63
C TYR N 279 -9.79 42.85 51.02
N GLY N 280 -9.57 43.89 51.84
CA GLY N 280 -9.15 43.71 53.21
C GLY N 280 -7.64 43.69 53.42
N ILE N 281 -6.86 43.71 52.36
CA ILE N 281 -5.40 43.72 52.50
C ILE N 281 -4.96 45.11 52.94
N SER N 282 -4.36 45.19 54.12
CA SER N 282 -3.88 46.45 54.67
C SER N 282 -2.38 46.56 54.48
N VAL N 283 -1.87 47.77 54.75
CA VAL N 283 -0.42 47.98 54.75
C VAL N 283 0.23 47.14 55.84
N SER N 284 -0.42 47.08 57.01
CA SER N 284 0.13 46.31 58.13
C SER N 284 0.22 44.82 57.80
N ASP N 285 -0.79 44.28 57.12
CA ASP N 285 -0.76 42.87 56.73
C ASP N 285 0.38 42.60 55.77
N TRP N 286 0.61 43.51 54.80
CA TRP N 286 1.71 43.35 53.87
C TRP N 286 3.05 43.42 54.58
N ILE N 287 3.18 44.32 55.56
CA ILE N 287 4.42 44.42 56.32
C ILE N 287 4.66 43.14 57.12
N GLU N 288 3.63 42.64 57.78
CA GLU N 288 3.78 41.44 58.60
C GLU N 288 4.06 40.20 57.76
N GLN N 289 3.54 40.14 56.53
CA GLN N 289 3.78 38.97 55.70
C GLN N 289 5.12 39.04 54.97
N THR N 290 5.47 40.22 54.44
CA THR N 290 6.72 40.35 53.69
C THR N 290 7.92 40.36 54.62
N TYR N 291 7.83 41.08 55.74
CA TYR N 291 8.94 41.23 56.69
C TYR N 291 8.44 40.81 58.06
N PRO N 292 8.43 39.51 58.34
CA PRO N 292 7.89 39.04 59.63
C PRO N 292 8.67 39.49 60.84
N LYS N 293 9.92 39.91 60.68
CA LYS N 293 10.75 40.36 61.79
C LYS N 293 10.95 41.87 61.79
N MET N 294 10.00 42.61 61.22
CA MET N 294 10.05 44.07 61.22
C MET N 294 9.20 44.61 62.35
N ARG N 295 9.78 45.51 63.14
CA ARG N 295 9.08 46.17 64.23
C ARG N 295 8.64 47.55 63.81
N ILE N 296 7.45 47.96 64.27
CA ILE N 296 6.91 49.27 63.99
C ILE N 296 6.75 50.01 65.30
N VAL N 297 7.36 51.19 65.41
CA VAL N 297 7.28 52.01 66.61
C VAL N 297 7.01 53.45 66.17
N SER N 298 6.35 54.20 67.05
CA SER N 298 6.01 55.59 66.80
C SER N 298 6.67 56.49 67.83
N ALA N 299 6.79 57.77 67.47
CA ALA N 299 7.40 58.75 68.36
C ALA N 299 6.91 60.13 67.96
N PRO N 300 6.52 60.98 68.91
CA PRO N 300 6.14 62.36 68.55
C PRO N 300 7.28 63.17 67.97
N GLU N 301 8.53 62.84 68.34
CA GLU N 301 9.68 63.62 67.87
C GLU N 301 9.93 63.43 66.38
N LEU N 302 9.39 62.39 65.77
CA LEU N 302 9.56 62.16 64.33
C LEU N 302 8.55 62.91 63.49
N SER N 303 7.62 63.63 64.10
CA SER N 303 6.65 64.42 63.36
C SER N 303 7.14 65.86 63.24
N GLY N 304 7.12 66.40 62.03
CA GLY N 304 7.61 67.74 61.79
C GLY N 304 9.10 67.89 62.05
N VAL N 305 9.90 66.95 61.55
CA VAL N 305 11.35 67.01 61.75
C VAL N 305 11.93 68.22 61.04
N GLN N 306 11.47 68.50 59.81
CA GLN N 306 11.91 69.68 59.10
C GLN N 306 10.71 70.37 58.47
N MET N 307 10.89 71.65 58.17
CA MET N 307 9.87 72.50 57.58
C MET N 307 10.28 72.76 56.13
N LYS N 308 9.54 72.19 55.18
CA LYS N 308 9.82 72.46 53.77
C LYS N 308 9.55 73.92 53.45
N ALA N 309 8.29 74.35 53.55
CA ALA N 309 7.94 75.76 53.44
C ALA N 309 6.71 75.98 54.31
N GLN N 310 6.93 76.31 55.58
CA GLN N 310 5.88 76.56 56.57
C GLN N 310 4.91 75.39 56.67
N GLU N 311 5.44 74.18 56.50
CA GLU N 311 4.64 72.96 56.48
C GLU N 311 5.45 71.81 57.06
N PRO N 312 5.01 71.21 58.17
CA PRO N 312 5.79 70.16 58.81
C PRO N 312 5.97 68.93 57.92
N GLU N 313 7.15 68.34 57.98
CA GLU N 313 7.48 67.13 57.23
C GLU N 313 7.80 66.00 58.20
N ASP N 314 7.12 64.89 58.04
CA ASP N 314 7.26 63.75 58.94
C ASP N 314 8.40 62.85 58.50
N ALA N 315 8.75 61.88 59.35
CA ALA N 315 9.96 61.10 59.15
C ALA N 315 9.68 59.61 59.30
N LEU N 316 10.48 58.83 58.58
CA LEU N 316 10.47 57.38 58.63
C LEU N 316 11.92 56.91 58.66
N VAL N 317 12.29 56.17 59.70
CA VAL N 317 13.65 55.67 59.86
C VAL N 317 13.61 54.16 59.89
N LEU N 318 14.29 53.52 58.94
CA LEU N 318 14.36 52.08 58.85
C LEU N 318 15.80 51.67 59.13
N PHE N 319 16.00 50.85 60.17
CA PHE N 319 17.37 50.49 60.49
C PHE N 319 17.45 49.08 61.06
N VAL N 320 18.51 48.38 60.68
CA VAL N 320 18.79 47.05 61.22
C VAL N 320 19.06 47.16 62.71
N GLU N 321 18.47 46.24 63.48
CA GLU N 321 18.67 46.25 64.93
C GLU N 321 20.07 45.78 65.30
N ASP N 322 20.39 44.53 64.98
CA ASP N 322 21.70 43.96 65.27
C ASP N 322 22.27 43.34 64.00
N VAL N 323 23.59 43.41 63.87
CA VAL N 323 24.32 42.82 62.76
C VAL N 323 25.15 41.66 63.30
N ASN N 324 25.02 40.51 62.66
CA ASN N 324 25.74 39.32 63.11
C ASN N 324 27.24 39.53 62.96
N ALA N 325 27.99 39.05 63.96
CA ALA N 325 29.44 39.17 63.93
C ALA N 325 30.05 38.31 62.83
N ALA N 326 29.39 37.20 62.47
CA ALA N 326 29.88 36.36 61.39
C ALA N 326 29.83 37.09 60.05
N VAL N 327 28.74 37.84 59.81
CA VAL N 327 28.58 38.54 58.53
C VAL N 327 29.31 39.86 58.50
N ASP N 328 29.83 40.33 59.63
CA ASP N 328 30.53 41.61 59.72
C ASP N 328 32.01 41.45 60.09
N GLY N 329 32.36 40.45 60.90
CA GLY N 329 33.71 40.30 61.39
C GLY N 329 34.03 41.10 62.63
N SER N 330 33.09 41.88 63.15
CA SER N 330 33.33 42.73 64.29
C SER N 330 33.22 41.94 65.59
N THR N 331 33.71 42.55 66.68
CA THR N 331 33.66 41.94 68.01
C THR N 331 33.03 42.86 69.04
N ASP N 332 32.30 43.89 68.59
CA ASP N 332 31.70 44.86 69.50
C ASP N 332 30.30 44.46 69.94
N GLY N 333 29.56 43.72 69.13
CA GLY N 333 28.21 43.33 69.48
C GLY N 333 27.25 43.44 68.32
N GLY N 334 27.57 44.29 67.35
CA GLY N 334 26.75 44.45 66.18
C GLY N 334 25.58 45.40 66.33
N SER N 335 25.54 46.18 67.40
CA SER N 335 24.44 47.11 67.64
C SER N 335 24.60 48.32 66.73
N VAL N 336 23.66 48.49 65.80
CA VAL N 336 23.69 49.65 64.91
C VAL N 336 23.41 50.92 65.69
N PHE N 337 22.40 50.89 66.57
CA PHE N 337 22.01 52.05 67.36
C PHE N 337 21.98 51.70 68.83
N SER N 338 22.47 52.62 69.66
CA SER N 338 22.47 52.43 71.10
C SER N 338 22.22 53.77 71.79
N GLN N 339 21.75 53.70 73.03
CA GLN N 339 21.60 54.88 73.88
C GLN N 339 22.43 54.68 75.13
N LEU N 340 23.37 55.60 75.37
CA LEU N 340 24.32 55.49 76.47
C LEU N 340 23.85 56.42 77.59
N VAL N 341 23.15 55.86 78.58
CA VAL N 341 22.58 56.64 79.68
C VAL N 341 23.40 56.34 80.92
N GLN N 342 24.05 57.37 81.47
CA GLN N 342 24.89 57.18 82.65
C GLN N 342 24.05 56.85 83.88
N SER N 343 22.98 57.61 84.11
CA SER N 343 22.09 57.39 85.24
C SER N 343 20.78 58.10 84.97
N LYS N 344 19.67 57.47 85.35
CA LYS N 344 18.37 58.06 85.12
C LYS N 344 18.06 59.19 86.10
N PHE N 345 18.50 59.06 87.35
CA PHE N 345 18.10 60.00 88.39
C PHE N 345 19.06 59.91 89.56
N ILE N 346 19.58 61.05 90.00
CA ILE N 346 20.42 61.15 91.19
C ILE N 346 19.88 62.25 92.07
N THR N 347 19.80 61.99 93.37
CA THR N 347 19.48 63.03 94.35
C THR N 347 20.78 63.75 94.69
N LEU N 348 21.00 64.90 94.03
CA LEU N 348 22.24 65.64 94.25
C LEU N 348 22.35 66.15 95.68
N GLY N 349 21.29 66.73 96.21
CA GLY N 349 21.37 67.22 97.58
C GLY N 349 20.09 67.87 98.04
N VAL N 350 20.04 68.13 99.35
CA VAL N 350 18.93 68.79 100.01
C VAL N 350 19.51 69.80 100.99
N GLU N 351 18.94 71.01 101.00
CA GLU N 351 19.34 72.06 101.93
C GLU N 351 18.12 72.56 102.67
N LYS N 352 18.29 72.80 103.97
CA LYS N 352 17.22 73.28 104.83
C LYS N 352 17.53 74.68 105.32
N ARG N 353 16.56 75.58 105.20
CA ARG N 353 16.70 76.96 105.63
C ARG N 353 15.59 77.30 106.62
N ALA N 354 15.57 78.57 107.05
CA ALA N 354 14.64 79.00 108.10
C ALA N 354 13.20 78.98 107.62
N LYS N 355 12.93 79.55 106.44
CA LYS N 355 11.57 79.70 105.95
C LYS N 355 11.26 78.84 104.74
N SER N 356 12.24 78.11 104.21
CA SER N 356 12.03 77.29 103.03
C SER N 356 13.10 76.21 103.00
N TYR N 357 13.02 75.33 102.01
CA TYR N 357 14.05 74.34 101.79
C TYR N 357 14.15 74.02 100.31
N VAL N 358 15.33 73.57 99.89
CA VAL N 358 15.67 73.37 98.49
C VAL N 358 16.10 71.92 98.30
N GLU N 359 15.71 71.32 97.19
CA GLU N 359 16.22 70.02 96.78
C GLU N 359 16.72 70.12 95.34
N ASP N 360 17.79 69.39 95.05
CA ASP N 360 18.41 69.41 93.73
C ASP N 360 18.71 67.98 93.31
N PHE N 361 18.35 67.65 92.05
CA PHE N 361 18.52 66.33 91.48
C PHE N 361 19.17 66.48 90.11
N SER N 362 19.73 65.38 89.60
CA SER N 362 20.47 65.42 88.36
C SER N 362 20.42 64.06 87.66
N ASN N 363 20.80 64.08 86.38
CA ASN N 363 20.93 62.86 85.59
C ASN N 363 22.03 63.07 84.56
N GLY N 364 22.47 61.98 83.95
CA GLY N 364 23.49 62.04 82.92
C GLY N 364 23.14 61.13 81.76
N THR N 365 23.52 61.58 80.56
CA THR N 365 23.27 60.81 79.35
C THR N 365 24.23 61.26 78.27
N ALA N 366 24.59 60.33 77.39
CA ALA N 366 25.54 60.61 76.31
C ALA N 366 24.87 60.60 74.94
N GLY N 367 23.55 60.75 74.89
CA GLY N 367 22.87 60.73 73.61
C GLY N 367 22.82 59.34 73.00
N ALA N 368 22.82 59.30 71.68
CA ALA N 368 22.75 58.06 70.92
C ALA N 368 24.06 57.82 70.17
N LEU N 369 24.40 56.55 70.02
CA LEU N 369 25.58 56.12 69.29
C LEU N 369 25.17 55.28 68.10
N CYS N 370 25.65 55.66 66.92
CA CYS N 370 25.38 54.95 65.67
C CYS N 370 26.68 54.33 65.18
N LYS N 371 26.86 53.04 65.44
CA LYS N 371 28.09 52.36 65.07
C LYS N 371 28.16 52.05 63.58
N ARG N 372 27.02 51.82 62.95
CA ARG N 372 26.96 51.43 61.53
C ARG N 372 25.98 52.33 60.81
N PRO N 373 26.44 53.52 60.37
CA PRO N 373 25.54 54.43 59.63
C PRO N 373 25.03 53.86 58.31
N TRP N 374 25.72 52.88 57.73
CA TRP N 374 25.27 52.28 56.48
C TRP N 374 24.01 51.43 56.66
N ALA N 375 23.62 51.11 57.89
CA ALA N 375 22.45 50.28 58.15
C ALA N 375 21.23 51.10 58.56
N VAL N 376 21.22 52.39 58.26
CA VAL N 376 20.10 53.27 58.60
C VAL N 376 19.69 54.02 57.35
N VAL N 377 18.38 54.03 57.06
CA VAL N 377 17.83 54.80 55.95
C VAL N 377 16.75 55.72 56.51
N ARG N 378 16.84 57.00 56.17
CA ARG N 378 15.92 58.01 56.68
C ARG N 378 15.19 58.68 55.52
N TYR N 379 13.87 58.71 55.61
CA TYR N 379 13.01 59.34 54.61
C TYR N 379 12.22 60.46 55.27
N LEU N 380 12.13 61.60 54.58
CA LEU N 380 11.45 62.77 55.09
C LEU N 380 10.42 63.22 54.07
N GLY N 381 9.18 63.42 54.54
CA GLY N 381 8.10 63.83 53.67
C GLY N 381 7.02 62.80 53.46
N ILE N 382 6.93 61.78 54.30
CA ILE N 382 5.91 60.75 54.14
C ILE N 382 4.54 61.34 54.40
N ALA O 286 -1.35 -32.89 -16.17
CA ALA O 286 -2.54 -32.25 -15.61
C ALA O 286 -3.70 -33.23 -15.54
N VAL O 287 -4.67 -33.04 -16.44
CA VAL O 287 -5.84 -33.93 -16.50
C VAL O 287 -5.60 -35.08 -17.46
N ALA O 288 -4.82 -34.86 -18.52
CA ALA O 288 -4.37 -35.82 -19.53
C ALA O 288 -5.49 -36.34 -20.41
N ALA O 289 -6.74 -35.96 -20.17
CA ALA O 289 -7.86 -36.33 -21.02
C ALA O 289 -8.36 -35.18 -21.87
N ALA O 290 -8.52 -34.00 -21.29
CA ALA O 290 -8.94 -32.82 -22.06
C ALA O 290 -7.90 -32.46 -23.12
N GLU O 291 -6.62 -32.59 -22.78
CA GLU O 291 -5.57 -32.38 -23.77
C GLU O 291 -5.65 -33.42 -24.88
N SER O 292 -6.00 -34.66 -24.53
CA SER O 292 -6.15 -35.71 -25.54
C SER O 292 -7.30 -35.40 -26.49
N GLU O 293 -8.44 -34.94 -25.95
CA GLU O 293 -9.55 -34.58 -26.84
C GLU O 293 -9.24 -33.33 -27.65
N ARG O 294 -8.48 -32.39 -27.09
CA ARG O 294 -8.05 -31.22 -27.87
C ARG O 294 -7.17 -31.63 -29.03
N GLN O 295 -6.23 -32.56 -28.78
CA GLN O 295 -5.39 -33.08 -29.85
C GLN O 295 -6.20 -33.86 -30.87
N GLU O 296 -7.21 -34.60 -30.41
CA GLU O 296 -8.10 -35.32 -31.32
C GLU O 296 -8.85 -34.37 -32.24
N SER O 297 -9.42 -33.31 -31.68
CA SER O 297 -10.13 -32.32 -32.48
C SER O 297 -9.16 -31.68 -33.48
N ALA O 298 -7.99 -31.28 -33.01
CA ALA O 298 -6.99 -30.67 -33.88
C ALA O 298 -6.62 -31.60 -35.02
N ALA O 299 -6.31 -32.86 -34.71
CA ALA O 299 -5.90 -33.81 -35.75
C ALA O 299 -7.02 -34.06 -36.75
N SER O 300 -8.26 -34.22 -36.29
CA SER O 300 -9.36 -34.40 -37.21
C SER O 300 -9.59 -33.17 -38.08
N GLU O 301 -9.15 -31.99 -37.62
CA GLU O 301 -9.40 -30.78 -38.39
C GLU O 301 -8.39 -30.59 -39.53
N MET O 302 -7.18 -31.17 -39.45
CA MET O 302 -6.20 -31.02 -40.51
C MET O 302 -6.45 -32.06 -41.60
N SER O 303 -5.51 -32.17 -42.54
CA SER O 303 -5.65 -33.10 -43.67
C SER O 303 -5.32 -34.53 -43.23
N GLY O 304 -5.44 -35.46 -44.19
CA GLY O 304 -5.39 -36.87 -43.85
C GLY O 304 -4.05 -37.36 -43.35
N GLU O 305 -2.97 -37.00 -44.05
CA GLU O 305 -1.64 -37.43 -43.64
C GLU O 305 -1.26 -36.85 -42.29
N GLY O 306 -1.53 -35.56 -42.08
CA GLY O 306 -1.28 -34.96 -40.79
C GLY O 306 -2.11 -35.56 -39.69
N GLU O 307 -3.38 -35.89 -39.99
CA GLU O 307 -4.25 -36.52 -39.01
C GLU O 307 -3.71 -37.88 -38.60
N VAL O 308 -3.31 -38.70 -39.58
CA VAL O 308 -2.83 -40.03 -39.26
C VAL O 308 -1.50 -39.93 -38.49
N ALA O 309 -0.67 -38.95 -38.84
CA ALA O 309 0.61 -38.76 -38.14
C ALA O 309 0.38 -38.38 -36.69
N GLU O 310 -0.50 -37.40 -36.43
CA GLU O 310 -0.75 -36.99 -35.05
C GLU O 310 -1.47 -38.07 -34.25
N LEU O 311 -2.38 -38.83 -34.89
CA LEU O 311 -3.03 -39.91 -34.17
C LEU O 311 -2.04 -40.99 -33.76
N ILE O 312 -1.12 -41.35 -34.65
CA ILE O 312 -0.13 -42.34 -34.27
C ILE O 312 0.84 -41.77 -33.23
N SER O 313 1.12 -40.47 -33.28
CA SER O 313 1.95 -39.85 -32.25
C SER O 313 1.27 -39.91 -30.88
N GLN O 314 -0.03 -39.64 -30.82
CA GLN O 314 -0.76 -39.73 -29.56
C GLN O 314 -0.85 -41.17 -29.08
N VAL O 315 -1.01 -42.12 -30.00
CA VAL O 315 -0.96 -43.54 -29.65
C VAL O 315 0.38 -43.89 -29.04
N LYS O 316 1.47 -43.37 -29.61
CA LYS O 316 2.79 -43.61 -29.07
C LYS O 316 2.95 -43.01 -27.68
N ALA O 317 2.39 -41.82 -27.48
CA ALA O 317 2.45 -41.18 -26.16
C ALA O 317 1.70 -42.01 -25.11
N ILE O 318 0.53 -42.53 -25.47
CA ILE O 318 -0.22 -43.38 -24.54
C ILE O 318 0.54 -44.67 -24.27
N LEU O 319 1.17 -45.25 -25.29
CA LEU O 319 1.96 -46.46 -25.09
C LEU O 319 3.16 -46.20 -24.19
N ALA O 320 3.81 -45.05 -24.35
CA ALA O 320 4.92 -44.69 -23.48
C ALA O 320 4.47 -44.50 -22.05
N ARG O 321 3.29 -43.89 -21.85
CA ARG O 321 2.76 -43.76 -20.50
C ARG O 321 2.39 -45.12 -19.91
N LEU O 322 1.89 -46.03 -20.74
CA LEU O 322 1.64 -47.40 -20.30
C LEU O 322 2.93 -48.07 -19.85
N GLU O 323 4.01 -47.87 -20.60
CA GLU O 323 5.31 -48.39 -20.19
C GLU O 323 5.77 -47.77 -18.87
N GLY O 324 5.53 -46.46 -18.71
CA GLY O 324 5.93 -45.78 -17.48
C GLY O 324 5.18 -46.27 -16.26
N THR O 325 3.89 -46.60 -16.43
CA THR O 325 3.10 -47.10 -15.31
C THR O 325 3.65 -48.43 -14.79
N ALA O 326 4.02 -49.33 -15.69
CA ALA O 326 4.55 -50.63 -15.29
C ALA O 326 6.07 -50.57 -15.14
N ALA P 286 13.72 -42.45 -18.37
CA ALA P 286 15.01 -41.74 -18.14
C ALA P 286 15.73 -41.52 -19.46
N VAL P 287 16.92 -42.11 -19.62
CA VAL P 287 17.69 -41.99 -20.89
C VAL P 287 16.84 -42.56 -22.03
N ALA P 288 16.18 -43.69 -21.80
CA ALA P 288 15.31 -44.31 -22.83
C ALA P 288 14.24 -43.29 -23.25
N ALA P 289 13.53 -42.70 -22.28
CA ALA P 289 12.47 -41.71 -22.59
C ALA P 289 13.07 -40.55 -23.39
N ALA P 290 14.24 -40.06 -22.98
CA ALA P 290 14.90 -38.94 -23.70
C ALA P 290 15.11 -39.34 -25.16
N GLU P 291 15.74 -40.49 -25.40
CA GLU P 291 16.00 -40.97 -26.79
C GLU P 291 14.66 -41.02 -27.55
N SER P 292 13.62 -41.58 -26.93
CA SER P 292 12.29 -41.65 -27.58
C SER P 292 11.85 -40.25 -28.02
N GLU P 293 11.77 -39.31 -27.10
CA GLU P 293 11.33 -37.93 -27.43
C GLU P 293 12.18 -37.39 -28.58
N ARG P 294 13.48 -37.66 -28.57
CA ARG P 294 14.39 -37.11 -29.60
C ARG P 294 14.03 -37.67 -30.97
N GLN P 295 13.97 -39.00 -31.07
CA GLN P 295 13.66 -39.62 -32.39
C GLN P 295 12.26 -39.20 -32.83
N GLU P 296 11.38 -38.87 -31.87
CA GLU P 296 10.01 -38.41 -32.22
C GLU P 296 10.08 -37.05 -32.93
N SER P 297 10.90 -36.13 -32.42
CA SER P 297 10.96 -34.80 -33.03
C SER P 297 11.62 -34.86 -34.40
N ALA P 298 12.56 -35.80 -34.59
CA ALA P 298 13.09 -36.04 -35.93
C ALA P 298 12.02 -36.61 -36.84
N ALA P 299 11.19 -37.53 -36.34
CA ALA P 299 10.14 -38.15 -37.14
C ALA P 299 8.93 -37.24 -37.36
N SER P 300 9.09 -35.97 -36.97
CA SER P 300 8.02 -34.98 -37.26
C SER P 300 8.43 -34.00 -38.38
N GLU P 301 9.65 -34.11 -38.92
CA GLU P 301 10.11 -33.13 -39.94
C GLU P 301 10.49 -33.83 -41.24
N MET P 302 9.93 -35.01 -41.53
CA MET P 302 10.34 -35.78 -42.73
C MET P 302 9.13 -36.29 -43.51
N SER P 303 8.58 -35.48 -44.42
CA SER P 303 7.44 -35.91 -45.30
C SER P 303 6.30 -36.54 -44.49
N GLY P 304 5.34 -37.15 -45.18
CA GLY P 304 4.27 -37.85 -44.49
C GLY P 304 4.46 -39.34 -44.38
N GLU P 305 4.86 -39.99 -45.49
CA GLU P 305 5.11 -41.43 -45.45
C GLU P 305 6.26 -41.76 -44.52
N GLY P 306 7.35 -40.97 -44.59
CA GLY P 306 8.46 -41.19 -43.70
C GLY P 306 8.10 -40.97 -42.24
N GLU P 307 7.32 -39.92 -41.96
CA GLU P 307 6.87 -39.66 -40.60
C GLU P 307 6.03 -40.81 -40.07
N VAL P 308 5.08 -41.29 -40.88
CA VAL P 308 4.19 -42.35 -40.40
C VAL P 308 4.97 -43.66 -40.21
N ALA P 309 5.94 -43.93 -41.09
CA ALA P 309 6.75 -45.14 -40.94
C ALA P 309 7.62 -45.08 -39.69
N GLU P 310 8.28 -43.94 -39.47
CA GLU P 310 9.14 -43.81 -38.29
C GLU P 310 8.33 -43.86 -37.00
N LEU P 311 7.15 -43.22 -36.99
CA LEU P 311 6.31 -43.28 -35.79
C LEU P 311 5.85 -44.70 -35.51
N ILE P 312 5.46 -45.45 -36.55
CA ILE P 312 5.04 -46.83 -36.33
C ILE P 312 6.21 -47.69 -35.87
N SER P 313 7.42 -47.41 -36.37
CA SER P 313 8.61 -48.13 -35.91
C SER P 313 8.90 -47.85 -34.43
N GLN P 314 8.80 -46.59 -34.01
CA GLN P 314 9.00 -46.28 -32.59
C GLN P 314 7.91 -46.90 -31.73
N VAL P 315 6.67 -46.91 -32.23
CA VAL P 315 5.57 -47.59 -31.54
C VAL P 315 5.91 -49.05 -31.33
N LYS P 316 6.39 -49.72 -32.38
CA LYS P 316 6.77 -51.12 -32.29
C LYS P 316 7.93 -51.34 -31.33
N ALA P 317 8.88 -50.41 -31.28
CA ALA P 317 9.95 -50.49 -30.28
C ALA P 317 9.39 -50.44 -28.87
N ILE P 318 8.41 -49.57 -28.65
CA ILE P 318 7.75 -49.50 -27.33
C ILE P 318 7.04 -50.81 -27.01
N LEU P 319 6.36 -51.40 -27.99
CA LEU P 319 5.70 -52.69 -27.74
C LEU P 319 6.70 -53.80 -27.48
N ALA P 320 7.85 -53.78 -28.16
CA ALA P 320 8.89 -54.76 -27.88
C ALA P 320 9.42 -54.61 -26.47
N ARG P 321 9.58 -53.37 -26.01
CA ARG P 321 9.96 -53.15 -24.62
C ARG P 321 8.90 -53.65 -23.66
N LEU P 322 7.61 -53.45 -24.00
CA LEU P 322 6.53 -53.96 -23.17
C LEU P 322 6.56 -55.48 -23.08
N GLU P 323 6.83 -56.15 -24.19
CA GLU P 323 7.02 -57.60 -24.17
C GLU P 323 8.22 -57.99 -23.31
N GLY P 324 9.30 -57.24 -23.41
CA GLY P 324 10.49 -57.55 -22.61
C GLY P 324 10.27 -57.40 -21.12
N THR P 325 9.46 -56.41 -20.71
CA THR P 325 9.18 -56.22 -19.29
C THR P 325 8.44 -57.41 -18.69
N ALA P 326 7.45 -57.94 -19.42
CA ALA P 326 6.68 -59.08 -18.93
C ALA P 326 7.28 -60.40 -19.43
N ALA Q 286 15.30 -64.10 -27.83
CA ALA Q 286 16.33 -63.64 -28.76
C ALA Q 286 15.95 -64.00 -30.19
N VAL Q 287 15.19 -65.08 -30.36
CA VAL Q 287 14.74 -65.49 -31.69
C VAL Q 287 13.75 -64.47 -32.23
N ALA Q 288 12.78 -64.08 -31.41
CA ALA Q 288 11.79 -63.08 -31.83
C ALA Q 288 12.46 -61.74 -32.10
N ALA Q 289 13.46 -61.37 -31.29
CA ALA Q 289 14.20 -60.13 -31.54
C ALA Q 289 14.95 -60.20 -32.88
N ALA Q 290 15.54 -61.35 -33.19
CA ALA Q 290 16.23 -61.51 -34.47
C ALA Q 290 15.25 -61.40 -35.63
N GLU Q 291 14.08 -62.03 -35.51
CA GLU Q 291 13.07 -61.92 -36.55
C GLU Q 291 12.61 -60.49 -36.73
N SER Q 292 12.36 -59.78 -35.61
CA SER Q 292 11.90 -58.40 -35.67
C SER Q 292 12.93 -57.49 -36.30
N GLU Q 293 14.22 -57.67 -35.95
CA GLU Q 293 15.25 -56.79 -36.51
C GLU Q 293 15.50 -57.11 -37.99
N ARG Q 294 15.43 -58.38 -38.39
CA ARG Q 294 15.58 -58.71 -39.80
C ARG Q 294 14.41 -58.16 -40.60
N GLN Q 295 13.20 -58.24 -40.05
CA GLN Q 295 12.03 -57.71 -40.73
C GLN Q 295 12.07 -56.19 -40.83
N GLU Q 296 12.58 -55.52 -39.79
CA GLU Q 296 12.76 -54.07 -39.87
C GLU Q 296 13.76 -53.70 -40.96
N SER Q 297 14.89 -54.41 -41.02
CA SER Q 297 15.87 -54.11 -42.06
C SER Q 297 15.31 -54.37 -43.46
N ALA Q 298 14.52 -55.44 -43.60
CA ALA Q 298 13.90 -55.73 -44.89
C ALA Q 298 12.87 -54.67 -45.27
N ALA Q 299 12.05 -54.25 -44.31
CA ALA Q 299 10.99 -53.28 -44.58
C ALA Q 299 11.50 -51.85 -44.69
N SER Q 300 12.75 -51.59 -44.30
CA SER Q 300 13.29 -50.23 -44.37
C SER Q 300 13.36 -49.72 -45.80
N GLU Q 301 13.74 -50.58 -46.75
CA GLU Q 301 13.95 -50.16 -48.12
C GLU Q 301 12.84 -50.57 -49.08
N MET Q 302 11.78 -51.20 -48.60
CA MET Q 302 10.57 -51.26 -49.40
C MET Q 302 9.93 -49.88 -49.43
N SER Q 303 9.07 -49.66 -50.43
CA SER Q 303 8.42 -48.36 -50.57
C SER Q 303 7.49 -48.08 -49.39
N GLY Q 304 6.96 -46.86 -49.37
CA GLY Q 304 6.28 -46.36 -48.18
C GLY Q 304 5.08 -47.19 -47.78
N GLU Q 305 4.23 -47.54 -48.75
CA GLU Q 305 3.08 -48.39 -48.44
C GLU Q 305 3.50 -49.76 -47.93
N GLY Q 306 4.50 -50.36 -48.59
CA GLY Q 306 5.01 -51.64 -48.13
C GLY Q 306 5.65 -51.58 -46.76
N GLU Q 307 6.41 -50.50 -46.50
CA GLU Q 307 7.03 -50.33 -45.20
C GLU Q 307 5.99 -50.21 -44.10
N VAL Q 308 4.96 -49.37 -44.33
CA VAL Q 308 3.90 -49.21 -43.33
C VAL Q 308 3.17 -50.52 -43.11
N ALA Q 309 2.87 -51.25 -44.19
CA ALA Q 309 2.16 -52.52 -44.07
C ALA Q 309 2.98 -53.53 -43.27
N GLU Q 310 4.27 -53.66 -43.58
CA GLU Q 310 5.11 -54.63 -42.87
C GLU Q 310 5.28 -54.24 -41.40
N LEU Q 311 5.46 -52.94 -41.12
CA LEU Q 311 5.61 -52.51 -39.74
C LEU Q 311 4.33 -52.76 -38.94
N ILE Q 312 3.16 -52.51 -39.55
CA ILE Q 312 1.91 -52.76 -38.84
C ILE Q 312 1.69 -54.26 -38.65
N SER Q 313 2.11 -55.07 -39.62
CA SER Q 313 2.01 -56.53 -39.46
C SER Q 313 2.89 -57.01 -38.31
N GLN Q 314 4.11 -56.47 -38.19
CA GLN Q 314 4.98 -56.83 -37.07
C GLN Q 314 4.40 -56.35 -35.74
N VAL Q 315 3.79 -55.16 -35.73
CA VAL Q 315 3.13 -54.66 -34.52
C VAL Q 315 2.02 -55.61 -34.11
N LYS Q 316 1.24 -56.09 -35.08
CA LYS Q 316 0.15 -57.01 -34.77
C LYS Q 316 0.70 -58.35 -34.28
N ALA Q 317 1.82 -58.80 -34.84
CA ALA Q 317 2.45 -60.02 -34.34
C ALA Q 317 2.86 -59.88 -32.88
N ILE Q 318 3.43 -58.72 -32.52
CA ILE Q 318 3.81 -58.49 -31.13
C ILE Q 318 2.57 -58.41 -30.23
N LEU Q 319 1.48 -57.79 -30.72
CA LEU Q 319 0.23 -57.79 -29.96
C LEU Q 319 -0.33 -59.20 -29.77
N ALA Q 320 -0.27 -60.04 -30.80
CA ALA Q 320 -0.76 -61.41 -30.67
C ALA Q 320 0.08 -62.19 -29.67
N ARG Q 321 1.40 -61.97 -29.68
CA ARG Q 321 2.26 -62.61 -28.69
C ARG Q 321 1.95 -62.12 -27.28
N LEU Q 322 1.68 -60.81 -27.13
CA LEU Q 322 1.30 -60.27 -25.83
C LEU Q 322 -0.02 -60.88 -25.35
N GLU Q 323 -0.97 -61.06 -26.27
CA GLU Q 323 -2.22 -61.73 -25.93
C GLU Q 323 -1.99 -63.16 -25.50
N GLY Q 324 -1.09 -63.87 -26.20
CA GLY Q 324 -0.82 -65.25 -25.86
C GLY Q 324 -0.13 -65.40 -24.52
N THR Q 325 0.74 -64.44 -24.16
CA THR Q 325 1.43 -64.52 -22.88
C THR Q 325 0.47 -64.40 -21.70
N ALA Q 326 -0.51 -63.49 -21.79
CA ALA Q 326 -1.47 -63.31 -20.72
C ALA Q 326 -2.71 -64.18 -20.95
N ALA R 286 -4.60 -71.65 -31.73
CA ALA R 286 -5.97 -71.39 -31.24
C ALA R 286 -6.89 -71.05 -32.42
N VAL R 287 -8.21 -71.18 -32.23
CA VAL R 287 -9.18 -70.82 -33.30
C VAL R 287 -8.98 -69.35 -33.65
N ALA R 288 -8.96 -68.47 -32.65
CA ALA R 288 -8.75 -67.02 -32.88
C ALA R 288 -7.44 -66.80 -33.63
N ALA R 289 -6.37 -67.50 -33.21
CA ALA R 289 -5.05 -67.36 -33.87
C ALA R 289 -5.20 -67.69 -35.36
N ALA R 290 -5.78 -68.84 -35.68
CA ALA R 290 -5.96 -69.26 -37.09
C ALA R 290 -6.76 -68.20 -37.84
N GLU R 291 -7.83 -67.68 -37.22
CA GLU R 291 -8.69 -66.66 -37.89
C GLU R 291 -7.83 -65.44 -38.23
N SER R 292 -7.04 -64.95 -37.27
CA SER R 292 -6.17 -63.77 -37.49
C SER R 292 -5.17 -64.06 -38.61
N GLU R 293 -4.59 -65.27 -38.62
CA GLU R 293 -3.64 -65.66 -39.70
C GLU R 293 -4.35 -65.56 -41.05
N ARG R 294 -5.56 -66.09 -41.16
CA ARG R 294 -6.32 -66.05 -42.43
C ARG R 294 -6.54 -64.60 -42.82
N GLN R 295 -6.93 -63.77 -41.85
CA GLN R 295 -7.17 -62.33 -42.11
C GLN R 295 -5.90 -61.72 -42.73
N GLU R 296 -4.75 -61.94 -42.09
CA GLU R 296 -3.46 -61.41 -42.59
C GLU R 296 -3.26 -61.89 -44.04
N SER R 297 -3.35 -63.20 -44.27
CA SER R 297 -3.11 -63.76 -45.62
C SER R 297 -3.99 -63.05 -46.65
N ALA R 298 -5.29 -62.86 -46.34
CA ALA R 298 -6.22 -62.21 -47.29
C ALA R 298 -5.83 -60.74 -47.46
N ALA R 299 -5.46 -60.06 -46.37
CA ALA R 299 -5.09 -58.63 -46.44
C ALA R 299 -3.86 -58.46 -47.32
N SER R 300 -2.94 -59.43 -47.30
CA SER R 300 -1.67 -59.32 -48.08
C SER R 300 -1.96 -59.22 -49.58
N GLU R 301 -3.15 -59.60 -50.02
CA GLU R 301 -3.45 -59.61 -51.49
C GLU R 301 -4.33 -58.40 -51.85
N MET R 302 -4.81 -57.65 -50.86
CA MET R 302 -5.59 -56.41 -51.16
C MET R 302 -4.60 -55.26 -51.33
N SER R 303 -4.98 -54.20 -52.05
CA SER R 303 -4.04 -53.10 -52.31
C SER R 303 -3.61 -52.41 -51.01
N GLY R 304 -2.69 -51.45 -51.13
CA GLY R 304 -2.00 -50.93 -49.95
C GLY R 304 -2.93 -50.28 -48.94
N GLU R 305 -3.88 -49.48 -49.41
CA GLU R 305 -4.84 -48.87 -48.51
C GLU R 305 -5.72 -49.92 -47.83
N GLY R 306 -6.20 -50.89 -48.62
CA GLY R 306 -6.94 -52.00 -48.03
C GLY R 306 -6.09 -52.83 -47.09
N GLU R 307 -4.81 -53.01 -47.45
CA GLU R 307 -3.87 -53.71 -46.56
C GLU R 307 -3.79 -53.04 -45.21
N VAL R 308 -3.51 -51.74 -45.20
CA VAL R 308 -3.31 -51.04 -43.94
C VAL R 308 -4.62 -50.96 -43.16
N ALA R 309 -5.75 -50.83 -43.86
CA ALA R 309 -7.05 -50.80 -43.18
C ALA R 309 -7.34 -52.12 -42.49
N GLU R 310 -7.15 -53.24 -43.19
CA GLU R 310 -7.42 -54.55 -42.60
C GLU R 310 -6.46 -54.86 -41.47
N LEU R 311 -5.18 -54.51 -41.62
CA LEU R 311 -4.22 -54.76 -40.56
C LEU R 311 -4.55 -53.94 -39.31
N ILE R 312 -4.93 -52.68 -39.48
CA ILE R 312 -5.30 -51.88 -38.32
C ILE R 312 -6.60 -52.39 -37.69
N SER R 313 -7.54 -52.89 -38.50
CA SER R 313 -8.75 -53.47 -37.93
C SER R 313 -8.44 -54.72 -37.10
N GLN R 314 -7.52 -55.56 -37.59
CA GLN R 314 -7.11 -56.72 -36.82
C GLN R 314 -6.37 -56.33 -35.55
N VAL R 315 -5.55 -55.28 -35.62
CA VAL R 315 -4.89 -54.73 -34.43
C VAL R 315 -5.93 -54.28 -33.42
N LYS R 316 -6.97 -53.60 -33.88
CA LYS R 316 -8.05 -53.16 -33.01
C LYS R 316 -8.76 -54.35 -32.37
N ALA R 317 -8.99 -55.41 -33.14
CA ALA R 317 -9.63 -56.61 -32.59
C ALA R 317 -8.77 -57.23 -31.49
N ILE R 318 -7.46 -57.30 -31.71
CA ILE R 318 -6.56 -57.85 -30.70
C ILE R 318 -6.56 -56.99 -29.45
N LEU R 319 -6.56 -55.66 -29.62
CA LEU R 319 -6.61 -54.76 -28.47
C LEU R 319 -7.93 -54.88 -27.71
N ALA R 320 -9.03 -55.07 -28.44
CA ALA R 320 -10.33 -55.28 -27.80
C ALA R 320 -10.34 -56.58 -26.99
N ARG R 321 -9.73 -57.63 -27.53
CA ARG R 321 -9.63 -58.88 -26.77
C ARG R 321 -8.74 -58.70 -25.54
N LEU R 322 -7.67 -57.91 -25.67
CA LEU R 322 -6.83 -57.59 -24.52
C LEU R 322 -7.62 -56.87 -23.44
N GLU R 323 -8.47 -55.92 -23.84
CA GLU R 323 -9.34 -55.24 -22.89
C GLU R 323 -10.32 -56.21 -22.25
N GLY R 324 -10.84 -57.15 -23.04
CA GLY R 324 -11.79 -58.12 -22.51
C GLY R 324 -11.18 -59.06 -21.49
N THR R 325 -9.92 -59.47 -21.71
CA THR R 325 -9.26 -60.37 -20.77
C THR R 325 -9.06 -59.71 -19.40
N ALA R 326 -8.67 -58.44 -19.38
CA ALA R 326 -8.45 -57.73 -18.12
C ALA R 326 -9.73 -57.04 -17.66
N ALA S 286 -22.56 -55.72 -25.47
CA ALA S 286 -22.35 -54.59 -24.51
C ALA S 286 -22.53 -53.27 -25.25
N VAL S 287 -22.81 -52.18 -24.51
CA VAL S 287 -22.96 -50.84 -25.13
C VAL S 287 -21.65 -50.50 -25.87
N ALA S 288 -20.51 -50.62 -25.19
CA ALA S 288 -19.20 -50.32 -25.81
C ALA S 288 -19.02 -51.18 -27.06
N ALA S 289 -19.34 -52.48 -26.97
CA ALA S 289 -19.21 -53.38 -28.13
C ALA S 289 -20.02 -52.84 -29.31
N ALA S 290 -21.29 -52.54 -29.10
CA ALA S 290 -22.16 -51.99 -30.16
C ALA S 290 -21.51 -50.72 -30.75
N GLU S 291 -21.05 -49.82 -29.88
CA GLU S 291 -20.42 -48.55 -30.34
C GLU S 291 -19.26 -48.89 -31.29
N SER S 292 -18.33 -49.75 -30.85
CA SER S 292 -17.16 -50.13 -31.68
C SER S 292 -17.64 -50.71 -33.02
N GLU S 293 -18.62 -51.61 -32.99
CA GLU S 293 -19.14 -52.24 -34.24
C GLU S 293 -19.63 -51.15 -35.19
N ARG S 294 -20.43 -50.22 -34.69
CA ARG S 294 -20.96 -49.11 -35.53
C ARG S 294 -19.77 -48.37 -36.13
N GLN S 295 -18.84 -47.94 -35.27
CA GLN S 295 -17.65 -47.18 -35.73
C GLN S 295 -17.01 -47.92 -36.90
N GLU S 296 -16.80 -49.23 -36.76
CA GLU S 296 -16.18 -50.05 -37.83
C GLU S 296 -17.04 -49.96 -39.10
N SER S 297 -18.32 -50.34 -39.01
CA SER S 297 -19.21 -50.34 -40.19
C SER S 297 -19.09 -49.00 -40.93
N ALA S 298 -19.06 -47.88 -40.21
CA ALA S 298 -18.97 -46.55 -40.79
C ALA S 298 -17.62 -46.32 -41.45
N ALA S 299 -16.53 -46.57 -40.71
CA ALA S 299 -15.19 -46.41 -41.24
C ALA S 299 -14.94 -47.31 -42.45
N SER S 300 -15.54 -48.50 -42.47
CA SER S 300 -15.37 -49.38 -43.63
C SER S 300 -15.97 -48.76 -44.88
N GLU S 301 -17.08 -48.02 -44.73
CA GLU S 301 -17.67 -47.37 -45.89
C GLU S 301 -17.26 -45.90 -46.07
N MET S 302 -16.37 -45.36 -45.25
CA MET S 302 -15.68 -44.15 -45.66
C MET S 302 -14.52 -44.50 -46.58
N SER S 303 -13.94 -43.49 -47.21
CA SER S 303 -12.82 -43.69 -48.11
C SER S 303 -11.57 -44.10 -47.32
N GLY S 304 -10.48 -44.34 -48.05
CA GLY S 304 -9.26 -44.91 -47.49
C GLY S 304 -8.61 -44.16 -46.35
N GLU S 305 -8.33 -42.87 -46.55
CA GLU S 305 -7.72 -42.08 -45.48
C GLU S 305 -8.67 -41.89 -44.31
N GLY S 306 -9.95 -41.69 -44.60
CA GLY S 306 -10.93 -41.59 -43.53
C GLY S 306 -11.01 -42.86 -42.71
N GLU S 307 -10.96 -44.02 -43.39
CA GLU S 307 -10.96 -45.29 -42.68
C GLU S 307 -9.69 -45.46 -41.85
N VAL S 308 -8.54 -45.13 -42.41
CA VAL S 308 -7.26 -45.35 -41.73
C VAL S 308 -7.07 -44.33 -40.63
N ALA S 309 -7.90 -43.29 -40.61
CA ALA S 309 -7.89 -42.34 -39.51
C ALA S 309 -8.88 -42.73 -38.41
N GLU S 310 -10.08 -43.15 -38.79
CA GLU S 310 -11.08 -43.56 -37.81
C GLU S 310 -10.64 -44.80 -37.06
N LEU S 311 -10.01 -45.76 -37.75
CA LEU S 311 -9.54 -46.97 -37.07
C LEU S 311 -8.47 -46.65 -36.03
N ILE S 312 -7.54 -45.77 -36.36
CA ILE S 312 -6.52 -45.40 -35.38
C ILE S 312 -7.11 -44.57 -34.25
N SER S 313 -8.14 -43.75 -34.53
CA SER S 313 -8.82 -43.06 -33.45
C SER S 313 -9.49 -44.03 -32.49
N GLN S 314 -10.14 -45.07 -33.02
CA GLN S 314 -10.76 -46.07 -32.14
C GLN S 314 -9.69 -46.89 -31.41
N VAL S 315 -8.57 -47.18 -32.06
CA VAL S 315 -7.46 -47.87 -31.40
C VAL S 315 -6.94 -47.03 -30.24
N LYS S 316 -6.82 -45.71 -30.44
CA LYS S 316 -6.38 -44.83 -29.38
C LYS S 316 -7.39 -44.80 -28.24
N ALA S 317 -8.69 -44.85 -28.57
CA ALA S 317 -9.71 -44.92 -27.52
C ALA S 317 -9.57 -46.19 -26.69
N ILE S 318 -9.35 -47.33 -27.36
CA ILE S 318 -9.15 -48.59 -26.65
C ILE S 318 -7.89 -48.53 -25.79
N LEU S 319 -6.84 -47.88 -26.29
CA LEU S 319 -5.61 -47.74 -25.50
C LEU S 319 -5.83 -46.84 -24.29
N ALA S 320 -6.63 -45.79 -24.44
CA ALA S 320 -6.97 -44.94 -23.30
C ALA S 320 -7.76 -45.72 -22.25
N ARG S 321 -8.68 -46.57 -22.70
CA ARG S 321 -9.40 -47.43 -21.75
C ARG S 321 -8.46 -48.41 -21.06
N LEU S 322 -7.48 -48.94 -21.79
CA LEU S 322 -6.48 -49.83 -21.20
C LEU S 322 -5.67 -49.10 -20.14
N GLU S 323 -5.31 -47.85 -20.39
CA GLU S 323 -4.61 -47.05 -19.38
C GLU S 323 -5.51 -46.79 -18.17
N GLY S 324 -6.79 -46.54 -18.41
CA GLY S 324 -7.71 -46.25 -17.32
C GLY S 324 -7.97 -47.43 -16.41
N THR S 325 -8.06 -48.64 -16.98
CA THR S 325 -8.40 -49.81 -16.18
C THR S 325 -7.31 -50.14 -15.17
N ALA S 326 -6.05 -50.08 -15.58
CA ALA S 326 -4.93 -50.41 -14.69
C ALA S 326 -4.65 -49.28 -13.71
#